data_1QGN
#
_entry.id   1QGN
#
_cell.length_a   120.000
_cell.length_b   129.500
_cell.length_c   309.800
_cell.angle_alpha   90.00
_cell.angle_beta   90.00
_cell.angle_gamma   90.00
#
_symmetry.space_group_name_H-M   'P 21 21 21'
#
loop_
_entity.id
_entity.type
_entity.pdbx_description
1 polymer 'PROTEIN (CYSTATHIONINE GAMMA-SYNTHASE)'
2 non-polymer "PYRIDOXAL-5'-PHOSPHATE"
3 water water
#
_entity_poly.entity_id   1
_entity_poly.type   'polypeptide(L)'
_entity_poly.pdbx_seq_one_letter_code
;MAKAVDAAAAAAAAIAPVDTTVVNEDVALVENETCNDQNVQFDSLPSMKYASFLNSDGSVAIHAGERLGRGIVTDAITTP
VVNTSAYFFNKTSELIDFKEKRRASFEYGRYGNPTTVVLEEKISALEGAESTLLMASGMCASTVMLLALVPAGGHIVTTT
DCYRKTRIFIETILPKMGITATVIDPADVGALELALNQKKVNLFFTESPTNPFLRCVDIELVSKLCHEKGALVCIDGTFA
TPLNQKALALGADLVLHSATKFLGGHNDVLAGCISGPLKLVSEIRNLHHILGGALNPNAAYLIIRGMKTLHLRVQQQNST
ALRMAEILEAHPKVRHVYYPGLQSHPEHHIAKKQMTGFGGAVSFEVDGDLLTTAKFVDALKIPYIAPSFGGCESIVDQPA
IMSYWDLSQSDRAKYGIMDNLVRFSFGVEDFDDLKADILQALDSI
;
_entity_poly.pdbx_strand_id   A,B,C,D,E,F,G,H
#
# COMPACT_ATOMS: atom_id res chain seq x y z
CA MET A 48 49.83 5.07 49.47
C MET A 48 48.36 4.79 49.74
N LYS A 49 47.57 5.86 49.86
CA LYS A 49 46.14 5.73 50.12
C LYS A 49 45.35 6.82 49.39
N TYR A 50 44.04 6.60 49.28
CA TYR A 50 43.15 7.54 48.60
C TYR A 50 43.26 8.96 49.17
N ALA A 51 42.53 9.21 50.26
CA ALA A 51 42.53 10.52 50.89
C ALA A 51 43.19 10.51 52.26
N SER A 52 43.87 11.60 52.57
CA SER A 52 44.55 11.75 53.85
C SER A 52 43.53 12.07 54.93
N PHE A 53 42.35 12.53 54.49
CA PHE A 53 41.28 12.88 55.42
C PHE A 53 40.29 11.73 55.58
N LEU A 54 40.63 10.57 55.02
CA LEU A 54 39.79 9.38 55.13
C LEU A 54 40.66 8.29 55.71
N ASN A 55 40.52 8.05 57.01
CA ASN A 55 41.34 7.05 57.70
C ASN A 55 40.63 5.77 58.08
N SER A 56 39.35 5.66 57.77
CA SER A 56 38.62 4.45 58.11
C SER A 56 38.08 3.75 56.87
N ASP A 57 38.13 2.42 56.89
CA ASP A 57 37.66 1.60 55.76
C ASP A 57 36.23 1.95 55.36
N GLY A 58 35.41 2.34 56.33
CA GLY A 58 34.05 2.70 56.04
C GLY A 58 34.01 3.96 55.17
N SER A 59 34.75 4.98 55.58
CA SER A 59 34.81 6.23 54.82
C SER A 59 35.43 5.99 53.46
N VAL A 60 36.36 5.04 53.38
CA VAL A 60 37.00 4.76 52.11
C VAL A 60 36.06 3.99 51.18
N ALA A 61 35.43 2.95 51.70
CA ALA A 61 34.50 2.14 50.91
C ALA A 61 33.46 3.05 50.26
N ILE A 62 33.20 4.18 50.89
CA ILE A 62 32.23 5.13 50.38
C ILE A 62 32.78 6.08 49.33
N HIS A 63 33.77 6.88 49.70
CA HIS A 63 34.33 7.86 48.79
C HIS A 63 35.50 7.46 47.91
N ALA A 64 36.16 6.35 48.21
CA ALA A 64 37.30 5.95 47.39
C ALA A 64 36.91 5.82 45.93
N GLY A 65 37.67 6.49 45.07
CA GLY A 65 37.41 6.44 43.65
C GLY A 65 36.35 7.41 43.14
N GLU A 66 35.83 8.25 44.03
CA GLU A 66 34.80 9.20 43.64
C GLU A 66 34.99 10.58 44.22
N ARG A 67 35.02 10.69 45.55
CA ARG A 67 35.16 11.97 46.22
C ARG A 67 36.16 12.96 45.64
N LEU A 68 37.34 12.50 45.28
CA LEU A 68 38.38 13.38 44.76
C LEU A 68 38.39 13.57 43.25
N GLY A 69 37.53 12.85 42.53
CA GLY A 69 37.50 12.96 41.09
C GLY A 69 37.13 11.62 40.48
N ARG A 70 36.57 11.63 39.27
CA ARG A 70 36.16 10.39 38.66
C ARG A 70 36.75 10.05 37.30
N GLY A 71 37.09 11.07 36.51
CA GLY A 71 37.61 10.79 35.18
C GLY A 71 36.46 11.13 34.25
N ILE A 72 35.25 10.75 34.65
CA ILE A 72 34.06 11.07 33.90
C ILE A 72 33.49 12.25 34.72
N VAL A 73 33.93 13.45 34.35
CA VAL A 73 33.54 14.67 35.05
C VAL A 73 32.05 14.92 35.20
N THR A 74 31.65 15.24 36.44
CA THR A 74 30.27 15.55 36.77
C THR A 74 30.17 16.35 38.06
N ASP A 75 29.02 16.99 38.26
CA ASP A 75 28.77 17.76 39.45
C ASP A 75 27.71 16.97 40.19
N ALA A 76 27.56 15.71 39.81
CA ALA A 76 26.59 14.84 40.44
C ALA A 76 27.29 14.22 41.64
N ILE A 77 26.51 13.69 42.57
CA ILE A 77 27.07 13.07 43.75
C ILE A 77 27.53 11.64 43.46
N THR A 78 26.77 10.95 42.62
CA THR A 78 27.04 9.57 42.26
C THR A 78 27.75 9.35 40.93
N THR A 79 28.21 8.13 40.69
CA THR A 79 28.90 7.77 39.46
C THR A 79 27.90 7.47 38.33
N PRO A 80 28.09 8.06 37.14
CA PRO A 80 27.16 7.82 36.03
C PRO A 80 27.37 6.46 35.36
N VAL A 81 26.26 5.79 35.02
CA VAL A 81 26.36 4.51 34.33
C VAL A 81 26.53 4.83 32.85
N VAL A 82 27.67 4.45 32.30
CA VAL A 82 27.97 4.70 30.90
C VAL A 82 27.76 3.46 30.02
N ASN A 83 26.59 3.40 29.38
CA ASN A 83 26.21 2.28 28.51
C ASN A 83 26.70 2.47 27.07
N THR A 84 27.95 2.14 26.81
CA THR A 84 28.52 2.29 25.47
C THR A 84 29.38 1.08 25.18
N SER A 85 29.46 0.69 23.91
CA SER A 85 30.26 -0.46 23.51
C SER A 85 31.56 0.01 22.88
N ALA A 86 31.64 1.31 22.59
CA ALA A 86 32.82 1.89 21.97
C ALA A 86 32.99 3.36 22.32
N TYR A 87 34.23 3.82 22.26
CA TYR A 87 34.56 5.21 22.54
C TYR A 87 35.14 5.82 21.28
N PHE A 88 34.76 7.06 20.99
CA PHE A 88 35.23 7.72 19.78
C PHE A 88 36.39 8.69 19.97
N PHE A 89 37.01 9.04 18.84
CA PHE A 89 38.13 9.97 18.84
C PHE A 89 37.73 11.17 17.97
N ASN A 90 38.26 12.35 18.30
CA ASN A 90 37.92 13.55 17.56
C ASN A 90 38.56 13.62 16.18
N LYS A 91 39.78 13.12 16.06
CA LYS A 91 40.47 13.11 14.79
C LYS A 91 41.54 12.05 14.78
N THR A 92 41.81 11.50 13.60
CA THR A 92 42.82 10.47 13.46
C THR A 92 44.07 10.83 14.24
N SER A 93 44.38 12.10 14.28
CA SER A 93 45.55 12.58 15.00
C SER A 93 45.54 12.08 16.45
N GLU A 94 44.43 12.34 17.15
CA GLU A 94 44.29 11.94 18.54
C GLU A 94 44.24 10.42 18.71
N LEU A 95 43.76 9.72 17.69
CA LEU A 95 43.70 8.27 17.76
C LEU A 95 45.12 7.74 17.79
N ILE A 96 46.01 8.36 17.01
CA ILE A 96 47.39 7.93 16.99
C ILE A 96 48.06 8.25 18.32
N ASP A 97 47.82 9.46 18.85
CA ASP A 97 48.39 9.84 20.13
C ASP A 97 48.13 8.71 21.09
N PHE A 98 46.86 8.39 21.28
CA PHE A 98 46.44 7.31 22.17
C PHE A 98 47.15 6.01 21.85
N LYS A 99 47.31 5.72 20.57
CA LYS A 99 47.97 4.49 20.15
C LYS A 99 49.46 4.49 20.48
N GLU A 100 50.01 5.69 20.66
CA GLU A 100 51.42 5.83 20.99
C GLU A 100 51.56 6.25 22.45
N LYS A 101 50.55 5.87 23.23
CA LYS A 101 50.50 6.16 24.66
C LYS A 101 50.69 7.63 25.01
N ARG A 102 50.18 8.51 24.16
CA ARG A 102 50.29 9.94 24.40
C ARG A 102 48.93 10.50 24.81
N ARG A 103 47.92 9.62 24.76
CA ARG A 103 46.55 9.97 25.15
C ARG A 103 45.93 8.75 25.79
N ALA A 104 44.87 8.96 26.57
CA ALA A 104 44.20 7.86 27.25
C ALA A 104 42.80 7.63 26.71
N SER A 105 42.42 6.35 26.63
CA SER A 105 41.11 5.97 26.14
C SER A 105 40.90 4.48 26.37
N PHE A 106 39.64 4.09 26.50
CA PHE A 106 39.31 2.68 26.71
C PHE A 106 39.22 2.04 25.33
N GLU A 107 38.98 2.89 24.33
CA GLU A 107 38.84 2.49 22.93
C GLU A 107 37.61 1.63 22.70
N TYR A 108 37.65 0.40 23.19
CA TYR A 108 36.55 -0.53 23.04
C TYR A 108 36.02 -0.96 24.40
N GLY A 109 34.73 -1.28 24.47
CA GLY A 109 34.13 -1.71 25.71
C GLY A 109 34.75 -2.93 26.39
N ARG A 110 35.34 -3.84 25.62
CA ARG A 110 35.95 -5.04 26.19
C ARG A 110 37.23 -4.68 26.91
N TYR A 111 37.71 -3.45 26.72
CA TYR A 111 38.96 -3.00 27.35
C TYR A 111 38.81 -2.03 28.51
N GLY A 112 37.57 -1.66 28.84
CA GLY A 112 37.37 -0.73 29.93
C GLY A 112 36.11 0.09 29.86
N ASN A 113 35.82 0.82 30.93
CA ASN A 113 34.62 1.64 30.96
C ASN A 113 34.73 2.58 32.15
N PRO A 114 34.27 3.83 31.98
CA PRO A 114 34.31 4.85 33.04
C PRO A 114 33.60 4.48 34.32
N THR A 115 32.35 4.02 34.22
CA THR A 115 31.60 3.65 35.40
C THR A 115 32.16 2.41 36.08
N THR A 116 33.13 1.73 35.44
CA THR A 116 33.71 0.53 36.02
C THR A 116 35.05 0.79 36.71
N VAL A 117 35.90 1.67 36.13
CA VAL A 117 37.18 1.96 36.75
C VAL A 117 36.96 2.48 38.16
N VAL A 118 35.90 3.27 38.34
CA VAL A 118 35.60 3.78 39.65
C VAL A 118 35.58 2.62 40.65
N LEU A 119 34.81 1.59 40.33
CA LEU A 119 34.73 0.42 41.20
C LEU A 119 36.07 -0.28 41.34
N GLU A 120 36.92 -0.14 40.33
CA GLU A 120 38.23 -0.77 40.36
C GLU A 120 39.12 -0.03 41.35
N GLU A 121 39.10 1.30 41.27
CA GLU A 121 39.91 2.12 42.14
C GLU A 121 39.40 2.09 43.57
N LYS A 122 38.09 1.92 43.73
CA LYS A 122 37.49 1.87 45.04
C LYS A 122 37.94 0.64 45.81
N ILE A 123 37.92 -0.52 45.16
CA ILE A 123 38.35 -1.76 45.79
C ILE A 123 39.85 -1.76 46.01
N SER A 124 40.59 -1.23 45.05
CA SER A 124 42.04 -1.17 45.17
C SER A 124 42.43 -0.40 46.42
N ALA A 125 41.62 0.59 46.77
CA ALA A 125 41.88 1.40 47.95
C ALA A 125 41.69 0.56 49.21
N LEU A 126 40.54 -0.09 49.32
CA LEU A 126 40.25 -0.93 50.47
C LEU A 126 41.36 -1.94 50.70
N GLU A 127 41.75 -2.66 49.65
CA GLU A 127 42.79 -3.67 49.76
C GLU A 127 44.19 -3.09 49.79
N GLY A 128 44.30 -1.78 49.57
CA GLY A 128 45.62 -1.19 49.55
C GLY A 128 46.43 -1.80 48.42
N ALA A 129 45.73 -2.21 47.37
CA ALA A 129 46.37 -2.82 46.20
C ALA A 129 46.88 -1.76 45.22
N GLU A 130 47.74 -2.18 44.32
CA GLU A 130 48.31 -1.29 43.32
C GLU A 130 47.34 -1.15 42.15
N SER A 131 46.56 -2.19 41.90
CA SER A 131 45.60 -2.20 40.80
C SER A 131 44.59 -3.34 40.97
N THR A 132 43.38 -3.14 40.47
CA THR A 132 42.35 -4.16 40.58
C THR A 132 41.67 -4.41 39.23
N LEU A 133 41.25 -5.65 39.00
CA LEU A 133 40.60 -6.01 37.76
C LEU A 133 39.23 -6.62 38.04
N LEU A 134 38.17 -6.05 37.46
CA LEU A 134 36.82 -6.57 37.68
C LEU A 134 36.36 -7.45 36.52
N MET A 135 35.69 -8.55 36.85
CA MET A 135 35.20 -9.48 35.84
C MET A 135 33.71 -9.84 35.94
N ALA A 136 33.26 -10.69 35.01
CA ALA A 136 31.86 -11.11 34.97
C ALA A 136 31.42 -11.88 36.19
N SER A 137 32.36 -12.55 36.85
CA SER A 137 32.03 -13.34 38.05
C SER A 137 33.26 -13.81 38.83
N GLY A 138 33.01 -14.41 39.99
CA GLY A 138 34.10 -14.92 40.80
C GLY A 138 34.88 -15.98 40.07
N MET A 139 34.16 -16.95 39.49
CA MET A 139 34.74 -18.05 38.75
C MET A 139 35.50 -17.52 37.54
N CYS A 140 35.06 -16.38 37.02
CA CYS A 140 35.73 -15.78 35.87
C CYS A 140 37.08 -15.23 36.32
N ALA A 141 37.11 -14.64 37.52
CA ALA A 141 38.33 -14.06 38.06
C ALA A 141 39.37 -15.14 38.40
N SER A 142 38.95 -16.21 39.06
CA SER A 142 39.86 -17.29 39.44
C SER A 142 40.46 -17.92 38.20
N THR A 143 39.57 -18.29 37.28
CA THR A 143 39.92 -18.95 36.02
C THR A 143 40.87 -18.18 35.12
N VAL A 144 40.56 -16.93 34.82
CA VAL A 144 41.43 -16.14 33.95
C VAL A 144 42.79 -15.97 34.59
N MET A 145 42.80 -15.81 35.92
CA MET A 145 44.04 -15.63 36.66
C MET A 145 44.93 -16.87 36.59
N LEU A 146 44.33 -18.04 36.79
CA LEU A 146 45.10 -19.28 36.73
C LEU A 146 45.68 -19.48 35.33
N LEU A 147 44.87 -19.24 34.30
CA LEU A 147 45.30 -19.41 32.91
C LEU A 147 46.40 -18.42 32.52
N ALA A 148 46.39 -17.24 33.13
CA ALA A 148 47.36 -16.21 32.82
C ALA A 148 48.66 -16.28 33.61
N LEU A 149 48.59 -16.76 34.85
CA LEU A 149 49.77 -16.83 35.71
C LEU A 149 50.52 -18.17 35.74
N VAL A 150 49.79 -19.27 35.67
CA VAL A 150 50.42 -20.59 35.68
C VAL A 150 50.79 -21.02 34.26
N PRO A 151 52.07 -21.28 34.00
CA PRO A 151 52.47 -21.70 32.65
C PRO A 151 52.03 -23.12 32.34
N ALA A 152 52.17 -23.54 31.10
CA ALA A 152 51.78 -24.89 30.71
C ALA A 152 52.77 -25.86 31.33
N GLY A 153 52.26 -26.90 31.97
CA GLY A 153 53.13 -27.89 32.59
C GLY A 153 53.45 -27.56 34.04
N GLY A 154 53.56 -26.27 34.33
CA GLY A 154 53.87 -25.83 35.69
C GLY A 154 53.06 -26.51 36.76
N HIS A 155 53.51 -26.37 38.01
CA HIS A 155 52.80 -26.96 39.14
C HIS A 155 52.00 -25.94 39.94
N ILE A 156 50.90 -26.40 40.53
CA ILE A 156 50.03 -25.56 41.34
C ILE A 156 49.81 -26.27 42.69
N VAL A 157 49.54 -25.51 43.75
CA VAL A 157 49.31 -26.10 45.07
C VAL A 157 48.10 -25.44 45.74
N THR A 158 47.14 -26.26 46.19
CA THR A 158 45.94 -25.76 46.86
C THR A 158 45.47 -26.76 47.90
N THR A 159 44.55 -26.33 48.76
CA THR A 159 44.02 -27.18 49.82
C THR A 159 42.92 -28.13 49.36
N THR A 160 42.53 -29.03 50.26
CA THR A 160 41.48 -30.01 49.98
C THR A 160 40.13 -29.36 50.11
N ASP A 161 40.10 -28.12 50.60
CA ASP A 161 38.86 -27.40 50.80
C ASP A 161 38.59 -26.40 49.70
N CYS A 162 39.38 -26.47 48.63
CA CYS A 162 39.24 -25.60 47.48
C CYS A 162 37.80 -25.61 46.96
N TYR A 163 37.30 -24.45 46.55
CA TYR A 163 35.95 -24.33 46.02
C TYR A 163 35.78 -25.40 44.95
N ARG A 164 34.75 -26.24 45.10
CA ARG A 164 34.48 -27.33 44.15
C ARG A 164 34.68 -26.98 42.68
N LYS A 165 33.84 -26.09 42.16
CA LYS A 165 33.95 -25.68 40.77
C LYS A 165 35.40 -25.44 40.40
N THR A 166 36.12 -24.69 41.23
CA THR A 166 37.52 -24.39 40.95
C THR A 166 38.39 -25.64 41.00
N ARG A 167 38.05 -26.58 41.87
CA ARG A 167 38.82 -27.81 41.95
C ARG A 167 38.67 -28.51 40.61
N ILE A 168 37.42 -28.61 40.15
CA ILE A 168 37.08 -29.24 38.89
C ILE A 168 37.89 -28.63 37.74
N PHE A 169 37.91 -27.30 37.68
CA PHE A 169 38.64 -26.63 36.63
C PHE A 169 40.12 -26.99 36.71
N ILE A 170 40.63 -27.07 37.94
CA ILE A 170 42.03 -27.38 38.16
C ILE A 170 42.36 -28.84 37.86
N GLU A 171 41.38 -29.70 37.99
CA GLU A 171 41.62 -31.12 37.75
C GLU A 171 41.18 -31.68 36.40
N THR A 172 40.46 -30.88 35.61
CA THR A 172 40.00 -31.35 34.30
C THR A 172 40.44 -30.48 33.13
N ILE A 173 40.54 -29.17 33.32
CA ILE A 173 40.95 -28.30 32.24
C ILE A 173 42.45 -28.05 32.25
N LEU A 174 42.95 -27.54 33.36
CA LEU A 174 44.36 -27.23 33.50
C LEU A 174 45.32 -28.35 33.10
N PRO A 175 44.96 -29.62 33.39
CA PRO A 175 45.86 -30.70 33.01
C PRO A 175 46.14 -30.75 31.50
N LYS A 176 45.18 -30.28 30.71
CA LYS A 176 45.31 -30.24 29.26
C LYS A 176 46.56 -29.48 28.84
N MET A 177 47.14 -28.71 29.75
CA MET A 177 48.33 -27.93 29.45
C MET A 177 49.55 -28.39 30.25
N GLY A 178 49.47 -29.61 30.78
CA GLY A 178 50.59 -30.14 31.54
C GLY A 178 50.60 -29.64 32.97
N ILE A 179 49.73 -28.69 33.28
CA ILE A 179 49.68 -28.15 34.64
C ILE A 179 49.25 -29.23 35.62
N THR A 180 50.15 -29.58 36.52
CA THR A 180 49.89 -30.60 37.52
C THR A 180 49.81 -29.92 38.89
N ALA A 181 49.15 -30.55 39.84
CA ALA A 181 49.00 -29.95 41.17
C ALA A 181 49.29 -30.84 42.37
N THR A 182 49.11 -30.24 43.55
CA THR A 182 49.30 -30.89 44.84
C THR A 182 48.23 -30.35 45.78
N VAL A 183 47.32 -31.22 46.20
CA VAL A 183 46.25 -30.81 47.10
C VAL A 183 46.58 -31.17 48.53
N ILE A 184 46.79 -30.15 49.35
CA ILE A 184 47.15 -30.32 50.77
C ILE A 184 46.01 -29.93 51.70
N ASP A 185 46.27 -30.02 53.01
CA ASP A 185 45.27 -29.64 54.01
C ASP A 185 45.46 -28.16 54.27
N PRO A 186 44.37 -27.43 54.53
CA PRO A 186 44.53 -25.99 54.78
C PRO A 186 45.59 -25.71 55.84
N ALA A 187 45.57 -26.51 56.91
CA ALA A 187 46.50 -26.36 58.03
C ALA A 187 47.91 -26.89 57.77
N ASP A 188 48.00 -28.07 57.17
CA ASP A 188 49.28 -28.70 56.89
C ASP A 188 50.30 -27.83 56.15
N VAL A 189 51.05 -27.03 56.90
CA VAL A 189 52.07 -26.18 56.30
C VAL A 189 53.29 -27.03 55.98
N GLY A 190 53.39 -28.17 56.65
CA GLY A 190 54.51 -29.06 56.41
C GLY A 190 54.39 -29.55 54.98
N ALA A 191 53.18 -29.90 54.59
CA ALA A 191 52.90 -30.38 53.25
C ALA A 191 53.35 -29.30 52.27
N LEU A 192 52.83 -28.10 52.46
CA LEU A 192 53.19 -26.99 51.60
C LEU A 192 54.71 -26.89 51.49
N GLU A 193 55.36 -26.85 52.65
CA GLU A 193 56.81 -26.73 52.75
C GLU A 193 57.51 -27.72 51.82
N LEU A 194 57.12 -28.99 51.92
CA LEU A 194 57.72 -30.04 51.10
C LEU A 194 57.47 -29.89 49.61
N ALA A 195 56.20 -29.74 49.24
CA ALA A 195 55.82 -29.59 47.85
C ALA A 195 56.62 -28.47 47.20
N LEU A 196 56.99 -27.48 48.00
CA LEU A 196 57.76 -26.33 47.52
C LEU A 196 59.17 -26.76 47.10
N ASN A 197 59.62 -27.91 47.59
CA ASN A 197 60.96 -28.39 47.29
C ASN A 197 61.09 -29.48 46.21
N GLN A 198 60.23 -30.50 46.26
CA GLN A 198 60.29 -31.55 45.25
C GLN A 198 59.87 -30.99 43.89
N LYS A 199 58.62 -30.56 43.78
CA LYS A 199 58.11 -29.97 42.54
C LYS A 199 58.50 -28.48 42.56
N LYS A 200 58.44 -27.83 41.41
CA LYS A 200 58.76 -26.40 41.34
C LYS A 200 57.45 -25.64 41.26
N VAL A 201 56.88 -25.34 42.41
CA VAL A 201 55.60 -24.65 42.50
C VAL A 201 55.58 -23.27 41.84
N ASN A 202 54.55 -23.03 41.05
CA ASN A 202 54.39 -21.78 40.32
C ASN A 202 53.50 -20.82 41.11
N LEU A 203 52.49 -21.38 41.78
CA LEU A 203 51.57 -20.57 42.54
C LEU A 203 50.80 -21.38 43.55
N PHE A 204 50.62 -20.81 44.75
CA PHE A 204 49.87 -21.46 45.82
C PHE A 204 48.54 -20.70 45.89
N PHE A 205 47.45 -21.39 45.63
CA PHE A 205 46.14 -20.76 45.64
C PHE A 205 45.24 -21.33 46.72
N THR A 206 44.70 -20.45 47.56
CA THR A 206 43.81 -20.89 48.61
C THR A 206 42.91 -19.78 49.08
N GLU A 207 41.77 -20.17 49.61
CA GLU A 207 40.81 -19.22 50.13
C GLU A 207 41.02 -19.24 51.64
N SER A 208 40.58 -18.19 52.31
CA SER A 208 40.74 -18.09 53.75
C SER A 208 39.95 -16.92 54.31
N PRO A 209 38.89 -17.20 55.08
CA PRO A 209 38.39 -18.53 55.45
C PRO A 209 38.07 -19.43 54.26
N THR A 210 37.84 -20.70 54.57
CA THR A 210 37.54 -21.73 53.59
C THR A 210 36.06 -22.08 53.60
N ASN A 211 35.57 -22.74 52.53
CA ASN A 211 34.17 -23.14 52.48
C ASN A 211 34.10 -24.66 52.53
N PRO A 212 33.18 -25.22 53.34
CA PRO A 212 32.20 -24.61 54.22
C PRO A 212 32.62 -24.64 55.69
N PHE A 213 33.80 -25.22 55.96
CA PHE A 213 34.30 -25.33 57.33
C PHE A 213 35.08 -24.12 57.83
N LEU A 214 35.21 -23.11 56.97
CA LEU A 214 35.90 -21.88 57.32
C LEU A 214 37.33 -22.02 57.86
N ARG A 215 38.07 -22.99 57.35
CA ARG A 215 39.45 -23.20 57.78
C ARG A 215 40.25 -21.97 57.38
N CYS A 216 41.21 -21.58 58.22
CA CYS A 216 42.02 -20.42 57.91
C CYS A 216 43.48 -20.79 57.64
N VAL A 217 44.17 -19.93 56.91
CA VAL A 217 45.56 -20.15 56.55
C VAL A 217 46.38 -18.96 57.05
N ASP A 218 47.60 -19.23 57.51
CA ASP A 218 48.45 -18.16 57.99
C ASP A 218 49.06 -17.46 56.80
N ILE A 219 48.33 -16.50 56.24
CA ILE A 219 48.79 -15.77 55.06
C ILE A 219 50.23 -15.33 55.13
N GLU A 220 50.62 -14.78 56.28
CA GLU A 220 51.99 -14.29 56.47
C GLU A 220 53.06 -15.38 56.44
N LEU A 221 52.80 -16.51 57.10
CA LEU A 221 53.75 -17.61 57.15
C LEU A 221 53.84 -18.27 55.80
N VAL A 222 52.68 -18.64 55.28
CA VAL A 222 52.57 -19.28 53.98
C VAL A 222 53.22 -18.42 52.89
N SER A 223 52.98 -17.12 52.97
CA SER A 223 53.54 -16.18 51.99
C SER A 223 55.07 -16.21 52.03
N LYS A 224 55.62 -16.34 53.24
CA LYS A 224 57.07 -16.37 53.43
C LYS A 224 57.70 -17.59 52.79
N LEU A 225 57.14 -18.76 53.07
CA LEU A 225 57.66 -20.00 52.52
C LEU A 225 57.68 -19.96 50.99
N CYS A 226 56.51 -19.72 50.40
CA CYS A 226 56.38 -19.67 48.95
C CYS A 226 57.39 -18.74 48.28
N HIS A 227 57.37 -17.48 48.66
CA HIS A 227 58.29 -16.50 48.09
C HIS A 227 59.74 -16.92 48.23
N GLU A 228 60.01 -17.77 49.22
CA GLU A 228 61.37 -18.25 49.45
C GLU A 228 61.77 -19.14 48.28
N LYS A 229 60.81 -19.97 47.84
CA LYS A 229 61.04 -20.87 46.73
C LYS A 229 60.48 -20.30 45.43
N GLY A 230 60.28 -18.99 45.41
CA GLY A 230 59.78 -18.32 44.22
C GLY A 230 58.32 -18.46 43.82
N ALA A 231 57.54 -19.21 44.60
CA ALA A 231 56.12 -19.38 44.29
C ALA A 231 55.33 -18.09 44.50
N LEU A 232 54.17 -18.02 43.86
CA LEU A 232 53.29 -16.86 43.99
C LEU A 232 52.19 -17.25 44.97
N VAL A 233 51.64 -16.28 45.67
CA VAL A 233 50.57 -16.58 46.61
C VAL A 233 49.33 -15.77 46.28
N CYS A 234 48.20 -16.47 46.14
CA CYS A 234 46.94 -15.82 45.86
C CYS A 234 45.91 -16.28 46.88
N ILE A 235 45.29 -15.32 47.55
CA ILE A 235 44.30 -15.62 48.58
C ILE A 235 42.90 -15.14 48.20
N ASP A 236 41.93 -16.03 48.31
CA ASP A 236 40.55 -15.71 47.99
C ASP A 236 39.86 -15.28 49.28
N GLY A 237 39.78 -13.98 49.51
CA GLY A 237 39.17 -13.51 50.74
C GLY A 237 37.68 -13.32 50.71
N THR A 238 36.99 -14.06 49.84
CA THR A 238 35.54 -13.93 49.73
C THR A 238 34.80 -13.92 51.05
N PHE A 239 35.08 -14.89 51.91
CA PHE A 239 34.40 -14.97 53.20
C PHE A 239 34.87 -13.89 54.18
N ALA A 240 36.13 -13.49 54.05
CA ALA A 240 36.70 -12.49 54.93
C ALA A 240 36.17 -11.11 54.66
N THR A 241 36.45 -10.61 53.46
CA THR A 241 36.04 -9.28 53.03
C THR A 241 37.27 -8.43 53.22
N PRO A 242 37.44 -7.37 52.40
CA PRO A 242 38.64 -6.52 52.57
C PRO A 242 38.61 -5.71 53.87
N LEU A 243 37.58 -5.94 54.69
CA LEU A 243 37.42 -5.23 55.96
C LEU A 243 37.87 -6.06 57.15
N ASN A 244 37.71 -7.37 57.07
CA ASN A 244 38.09 -8.25 58.16
C ASN A 244 39.52 -8.73 58.05
N GLN A 245 40.19 -8.41 56.94
CA GLN A 245 41.58 -8.82 56.77
C GLN A 245 42.20 -8.22 55.51
N LYS A 246 43.52 -8.02 55.54
CA LYS A 246 44.23 -7.45 54.41
C LYS A 246 45.25 -8.42 53.88
N ALA A 247 44.80 -9.40 53.12
CA ALA A 247 45.67 -10.43 52.58
C ALA A 247 46.92 -9.85 51.92
N LEU A 248 46.78 -8.69 51.29
CA LEU A 248 47.92 -8.09 50.63
C LEU A 248 48.93 -7.63 51.65
N ALA A 249 48.44 -7.03 52.73
CA ALA A 249 49.30 -6.55 53.81
C ALA A 249 50.07 -7.72 54.45
N LEU A 250 49.38 -8.84 54.65
CA LEU A 250 50.00 -10.00 55.27
C LEU A 250 51.01 -10.70 54.37
N GLY A 251 51.18 -10.21 53.14
CA GLY A 251 52.15 -10.83 52.25
C GLY A 251 51.69 -11.47 50.95
N ALA A 252 50.42 -11.85 50.85
CA ALA A 252 49.90 -12.46 49.62
C ALA A 252 50.18 -11.54 48.44
N ASP A 253 50.46 -12.13 47.27
CA ASP A 253 50.75 -11.35 46.05
C ASP A 253 49.46 -10.86 45.42
N LEU A 254 48.44 -11.70 45.46
CA LEU A 254 47.15 -11.37 44.88
C LEU A 254 46.01 -11.82 45.78
N VAL A 255 44.99 -10.97 45.89
CA VAL A 255 43.82 -11.29 46.68
C VAL A 255 42.62 -11.15 45.76
N LEU A 256 41.81 -12.19 45.66
CA LEU A 256 40.66 -12.15 44.79
C LEU A 256 39.36 -12.39 45.57
N HIS A 257 38.28 -11.82 45.08
CA HIS A 257 36.99 -11.95 45.73
C HIS A 257 35.92 -12.30 44.72
N SER A 258 34.75 -12.66 45.24
CA SER A 258 33.61 -12.96 44.43
C SER A 258 32.63 -11.89 44.88
N ALA A 259 32.70 -10.71 44.26
CA ALA A 259 31.82 -9.59 44.61
C ALA A 259 30.34 -9.93 44.61
N THR A 260 30.01 -11.12 44.13
CA THR A 260 28.63 -11.58 44.09
C THR A 260 28.08 -11.72 45.50
N LYS A 261 28.97 -11.95 46.46
CA LYS A 261 28.61 -12.15 47.85
C LYS A 261 28.49 -10.92 48.74
N PHE A 262 29.54 -10.65 49.52
CA PHE A 262 29.54 -9.53 50.46
C PHE A 262 29.68 -8.15 49.83
N LEU A 263 30.61 -8.00 48.89
CA LEU A 263 30.84 -6.70 48.28
C LEU A 263 29.54 -6.09 47.76
N GLY A 264 28.85 -6.82 46.88
CA GLY A 264 27.59 -6.32 46.35
C GLY A 264 26.60 -6.29 47.49
N GLY A 265 26.59 -7.37 48.26
CA GLY A 265 25.74 -7.49 49.44
C GLY A 265 24.23 -7.47 49.32
N HIS A 266 23.68 -7.49 48.12
CA HIS A 266 22.23 -7.48 48.00
C HIS A 266 21.64 -8.62 47.19
N ASN A 267 22.44 -9.67 47.00
CA ASN A 267 22.01 -10.86 46.27
C ASN A 267 21.40 -10.54 44.90
N ASP A 268 21.84 -9.45 44.29
CA ASP A 268 21.28 -9.07 43.00
C ASP A 268 22.29 -8.77 41.90
N VAL A 269 23.51 -9.42 41.92
CA VAL A 269 24.46 -9.20 40.90
C VAL A 269 25.71 -10.06 41.08
N LEU A 270 26.24 -10.58 39.98
CA LEU A 270 27.45 -11.40 40.01
C LEU A 270 28.64 -10.58 39.58
N ALA A 271 29.83 -10.91 40.07
CA ALA A 271 31.04 -10.19 39.71
C ALA A 271 32.27 -10.83 40.32
N GLY A 272 33.41 -10.62 39.66
CA GLY A 272 34.67 -11.17 40.13
C GLY A 272 35.57 -10.04 40.56
N CYS A 273 36.65 -10.38 41.27
CA CYS A 273 37.58 -9.38 41.80
C CYS A 273 39.00 -9.94 41.87
N ILE A 274 39.99 -9.12 41.53
CA ILE A 274 41.38 -9.54 41.63
C ILE A 274 42.22 -8.30 41.81
N SER A 275 42.78 -8.12 43.00
CA SER A 275 43.61 -6.96 43.27
C SER A 275 45.04 -7.38 43.54
N GLY A 276 45.97 -6.45 43.30
CA GLY A 276 47.38 -6.73 43.51
C GLY A 276 48.26 -5.72 42.82
N PRO A 277 49.53 -6.04 42.57
CA PRO A 277 50.46 -5.12 41.90
C PRO A 277 50.19 -5.02 40.41
N LEU A 278 50.46 -3.84 39.83
CA LEU A 278 50.26 -3.62 38.42
C LEU A 278 50.93 -4.72 37.59
N LYS A 279 52.22 -4.91 37.80
CA LYS A 279 52.98 -5.92 37.07
C LYS A 279 52.28 -7.27 36.95
N LEU A 280 51.58 -7.68 38.00
CA LEU A 280 50.88 -8.95 37.99
C LEU A 280 49.45 -8.86 37.46
N VAL A 281 48.67 -7.97 38.04
CA VAL A 281 47.28 -7.81 37.64
C VAL A 281 47.11 -7.40 36.18
N SER A 282 48.11 -6.76 35.60
CA SER A 282 48.01 -6.34 34.21
C SER A 282 48.24 -7.53 33.26
N GLU A 283 48.93 -8.55 33.76
CA GLU A 283 49.18 -9.73 32.95
C GLU A 283 47.88 -10.50 32.80
N ILE A 284 47.03 -10.40 33.81
CA ILE A 284 45.73 -11.07 33.79
C ILE A 284 44.77 -10.22 32.97
N ARG A 285 44.87 -8.92 33.14
CA ARG A 285 44.02 -7.99 32.42
C ARG A 285 44.15 -8.20 30.92
N ASN A 286 45.34 -8.60 30.47
CA ASN A 286 45.58 -8.84 29.05
C ASN A 286 44.78 -10.04 28.55
N LEU A 287 44.99 -11.19 29.18
CA LEU A 287 44.25 -12.39 28.79
C LEU A 287 42.76 -12.14 28.94
N HIS A 288 42.40 -11.15 29.75
CA HIS A 288 41.01 -10.81 29.99
C HIS A 288 40.44 -10.12 28.75
N HIS A 289 41.28 -9.33 28.09
CA HIS A 289 40.86 -8.61 26.89
C HIS A 289 40.65 -9.54 25.71
N ILE A 290 41.10 -10.79 25.84
CA ILE A 290 40.94 -11.78 24.78
C ILE A 290 39.78 -12.71 25.08
N LEU A 291 39.70 -13.18 26.33
CA LEU A 291 38.62 -14.07 26.72
C LEU A 291 37.34 -13.28 26.92
N GLY A 292 37.48 -11.97 27.02
CA GLY A 292 36.36 -11.07 27.19
C GLY A 292 35.20 -11.40 28.12
N GLY A 293 35.48 -11.64 29.39
CA GLY A 293 34.41 -11.92 30.35
C GLY A 293 34.11 -10.61 31.05
N ALA A 294 33.98 -9.55 30.27
CA ALA A 294 33.72 -8.19 30.77
C ALA A 294 32.53 -8.04 31.71
N LEU A 295 32.56 -6.98 32.50
CA LEU A 295 31.50 -6.67 33.46
C LEU A 295 30.64 -5.52 32.94
N ASN A 296 29.33 -5.69 32.99
CA ASN A 296 28.42 -4.67 32.51
C ASN A 296 28.39 -3.48 33.46
N PRO A 297 28.37 -2.26 32.90
CA PRO A 297 28.34 -1.03 33.69
C PRO A 297 27.21 -1.03 34.71
N ASN A 298 26.07 -1.60 34.35
CA ASN A 298 24.94 -1.64 35.26
C ASN A 298 25.25 -2.50 36.46
N ALA A 299 26.12 -3.49 36.26
CA ALA A 299 26.51 -4.39 37.35
C ALA A 299 27.52 -3.63 38.20
N ALA A 300 28.47 -2.98 37.55
CA ALA A 300 29.48 -2.23 38.26
C ALA A 300 28.83 -1.19 39.18
N TYR A 301 27.70 -0.63 38.75
CA TYR A 301 27.04 0.37 39.57
C TYR A 301 26.31 -0.24 40.76
N LEU A 302 25.64 -1.37 40.54
CA LEU A 302 24.91 -2.01 41.62
C LEU A 302 25.86 -2.42 42.74
N ILE A 303 27.12 -2.65 42.38
CA ILE A 303 28.13 -3.02 43.36
C ILE A 303 28.65 -1.75 43.99
N ILE A 304 28.96 -0.75 43.17
CA ILE A 304 29.46 0.52 43.69
C ILE A 304 28.48 1.00 44.76
N ARG A 305 27.19 0.90 44.45
CA ARG A 305 26.15 1.31 45.35
C ARG A 305 26.12 0.43 46.60
N GLY A 306 26.25 -0.87 46.40
CA GLY A 306 26.24 -1.81 47.51
C GLY A 306 27.37 -1.62 48.49
N MET A 307 28.50 -1.11 48.01
CA MET A 307 29.65 -0.89 48.85
C MET A 307 29.57 0.38 49.71
N LYS A 308 28.54 1.19 49.50
CA LYS A 308 28.39 2.41 50.29
C LYS A 308 28.00 2.06 51.72
N THR A 309 27.65 0.80 51.94
CA THR A 309 27.26 0.32 53.27
C THR A 309 27.98 -0.98 53.58
N LEU A 310 29.12 -1.21 52.94
CA LEU A 310 29.87 -2.42 53.18
C LEU A 310 30.18 -2.53 54.67
N HIS A 311 30.76 -1.47 55.24
CA HIS A 311 31.11 -1.48 56.65
C HIS A 311 29.92 -1.71 57.57
N LEU A 312 28.84 -0.97 57.38
CA LEU A 312 27.68 -1.15 58.23
C LEU A 312 27.17 -2.59 58.16
N ARG A 313 27.15 -3.15 56.96
CA ARG A 313 26.69 -4.51 56.78
C ARG A 313 27.61 -5.55 57.44
N VAL A 314 28.88 -5.56 57.05
CA VAL A 314 29.84 -6.50 57.59
C VAL A 314 29.87 -6.48 59.13
N GLN A 315 29.86 -5.28 59.71
CA GLN A 315 29.85 -5.15 61.16
C GLN A 315 28.69 -5.91 61.76
N GLN A 316 27.48 -5.67 61.26
CA GLN A 316 26.31 -6.35 61.77
C GLN A 316 26.35 -7.86 61.57
N GLN A 317 26.88 -8.30 60.44
CA GLN A 317 26.95 -9.75 60.20
C GLN A 317 27.93 -10.36 61.20
N ASN A 318 29.09 -9.73 61.37
CA ASN A 318 30.11 -10.22 62.29
C ASN A 318 29.56 -10.53 63.68
N SER A 319 28.77 -9.61 64.22
CA SER A 319 28.16 -9.82 65.52
C SER A 319 27.21 -10.99 65.39
N THR A 320 26.03 -10.73 64.84
CA THR A 320 25.02 -11.76 64.66
C THR A 320 25.65 -13.13 64.42
N ALA A 321 26.74 -13.17 63.66
CA ALA A 321 27.43 -14.43 63.39
C ALA A 321 28.05 -15.01 64.66
N LEU A 322 29.06 -14.32 65.18
CA LEU A 322 29.72 -14.75 66.41
C LEU A 322 28.71 -15.14 67.48
N ARG A 323 27.88 -14.17 67.86
CA ARG A 323 26.82 -14.36 68.85
C ARG A 323 25.97 -15.62 68.62
N MET A 324 25.60 -15.88 67.38
CA MET A 324 24.79 -17.06 67.05
C MET A 324 25.66 -18.30 67.14
N ALA A 325 26.95 -18.14 66.81
CA ALA A 325 27.85 -19.28 66.88
C ALA A 325 27.74 -19.88 68.29
N GLU A 326 28.16 -19.10 69.28
CA GLU A 326 28.11 -19.51 70.69
C GLU A 326 26.78 -20.15 71.09
N ILE A 327 25.68 -19.50 70.77
CA ILE A 327 24.38 -20.04 71.13
C ILE A 327 24.25 -21.46 70.59
N LEU A 328 24.59 -21.63 69.31
CA LEU A 328 24.49 -22.93 68.67
C LEU A 328 25.44 -23.95 69.27
N GLU A 329 26.73 -23.62 69.29
CA GLU A 329 27.73 -24.52 69.85
C GLU A 329 27.31 -25.06 71.22
N ALA A 330 26.51 -24.28 71.93
CA ALA A 330 26.05 -24.67 73.26
C ALA A 330 24.62 -25.19 73.28
N HIS A 331 24.16 -25.70 72.13
CA HIS A 331 22.81 -26.22 72.02
C HIS A 331 22.87 -27.73 72.06
N PRO A 332 21.88 -28.36 72.70
CA PRO A 332 21.85 -29.82 72.81
C PRO A 332 21.72 -30.50 71.46
N LYS A 333 20.91 -29.92 70.59
CA LYS A 333 20.67 -30.48 69.27
C LYS A 333 21.69 -30.13 68.20
N VAL A 334 22.76 -29.44 68.57
CA VAL A 334 23.79 -29.09 67.59
C VAL A 334 25.09 -29.83 67.97
N ARG A 335 25.48 -30.77 67.12
CA ARG A 335 26.66 -31.56 67.35
C ARG A 335 27.96 -30.76 67.32
N HIS A 336 28.26 -30.13 66.20
CA HIS A 336 29.49 -29.35 66.06
C HIS A 336 29.25 -27.98 65.40
N VAL A 337 30.15 -27.03 65.65
CA VAL A 337 30.03 -25.70 65.07
C VAL A 337 31.36 -25.16 64.56
N TYR A 338 31.37 -24.75 63.29
CA TYR A 338 32.56 -24.20 62.66
C TYR A 338 32.42 -22.68 62.53
N TYR A 339 33.40 -21.96 63.07
CA TYR A 339 33.43 -20.50 63.01
C TYR A 339 34.78 -20.04 63.53
N PRO A 340 35.53 -19.27 62.72
CA PRO A 340 36.85 -18.81 63.18
C PRO A 340 36.81 -18.03 64.50
N GLY A 341 35.62 -17.67 64.95
CA GLY A 341 35.50 -16.92 66.18
C GLY A 341 35.56 -17.80 67.40
N LEU A 342 34.94 -18.98 67.30
CA LEU A 342 34.91 -19.92 68.41
C LEU A 342 36.31 -20.38 68.80
N GLN A 343 36.43 -20.89 70.02
CA GLN A 343 37.70 -21.36 70.51
C GLN A 343 37.94 -22.77 69.97
N SER A 344 36.85 -23.41 69.56
CA SER A 344 36.92 -24.75 69.00
C SER A 344 37.69 -24.76 67.67
N HIS A 345 37.53 -23.71 66.87
CA HIS A 345 38.18 -23.63 65.58
C HIS A 345 39.69 -23.86 65.61
N PRO A 346 40.15 -24.89 64.88
CA PRO A 346 41.55 -25.31 64.74
C PRO A 346 42.55 -24.18 64.54
N GLU A 347 42.16 -23.17 63.79
CA GLU A 347 43.08 -22.06 63.56
C GLU A 347 42.53 -20.77 64.14
N HIS A 348 41.68 -20.91 65.16
CA HIS A 348 41.10 -19.75 65.82
C HIS A 348 42.21 -18.87 66.33
N HIS A 349 43.40 -19.44 66.46
CA HIS A 349 44.53 -18.66 66.94
C HIS A 349 45.04 -17.79 65.80
N ILE A 350 44.88 -18.29 64.58
CA ILE A 350 45.30 -17.56 63.39
C ILE A 350 44.27 -16.48 63.09
N ALA A 351 43.00 -16.79 63.34
CA ALA A 351 41.91 -15.86 63.09
C ALA A 351 42.05 -14.56 63.90
N LYS A 352 42.45 -14.67 65.16
CA LYS A 352 42.61 -13.48 66.00
C LYS A 352 43.87 -12.74 65.58
N LYS A 353 44.90 -13.49 65.22
CA LYS A 353 46.17 -12.90 64.83
C LYS A 353 46.18 -12.23 63.45
N GLN A 354 45.26 -12.60 62.56
CA GLN A 354 45.25 -11.98 61.23
C GLN A 354 43.93 -11.31 60.81
N MET A 355 42.83 -11.63 61.50
CA MET A 355 41.54 -11.03 61.18
C MET A 355 41.05 -10.13 62.29
N THR A 356 40.14 -9.22 61.95
CA THR A 356 39.57 -8.29 62.91
C THR A 356 38.09 -8.64 63.11
N GLY A 357 37.57 -9.45 62.20
CA GLY A 357 36.19 -9.88 62.27
C GLY A 357 36.22 -11.32 61.81
N PHE A 358 35.19 -12.08 62.14
CA PHE A 358 35.20 -13.49 61.75
C PHE A 358 34.21 -13.88 60.66
N GLY A 359 33.55 -12.89 60.09
CA GLY A 359 32.61 -13.16 59.01
C GLY A 359 31.17 -13.35 59.43
N GLY A 360 30.29 -13.51 58.44
CA GLY A 360 28.89 -13.69 58.73
C GLY A 360 28.39 -15.07 58.41
N ALA A 361 29.30 -15.96 58.03
CA ALA A 361 28.95 -17.34 57.70
C ALA A 361 29.30 -18.32 58.82
N VAL A 362 28.34 -19.18 59.18
CA VAL A 362 28.54 -20.15 60.25
C VAL A 362 28.03 -21.52 59.81
N SER A 363 28.90 -22.52 59.87
CA SER A 363 28.51 -23.89 59.50
C SER A 363 28.42 -24.76 60.75
N PHE A 364 27.36 -25.54 60.85
CA PHE A 364 27.18 -26.42 62.00
C PHE A 364 26.47 -27.71 61.62
N GLU A 365 26.67 -28.75 62.42
CA GLU A 365 26.05 -30.04 62.15
C GLU A 365 24.92 -30.31 63.12
N VAL A 366 23.73 -30.55 62.61
CA VAL A 366 22.59 -30.84 63.46
C VAL A 366 22.72 -32.27 63.96
N ASP A 367 22.04 -32.57 65.06
CA ASP A 367 22.09 -33.89 65.64
C ASP A 367 21.07 -34.79 64.97
N GLY A 368 21.38 -35.24 63.75
CA GLY A 368 20.45 -36.10 63.04
C GLY A 368 21.00 -36.63 61.74
N ASP A 369 20.13 -36.81 60.76
CA ASP A 369 20.54 -37.32 59.46
C ASP A 369 20.04 -36.43 58.32
N LEU A 370 20.32 -36.82 57.09
CA LEU A 370 19.90 -36.05 55.93
C LEU A 370 18.48 -35.56 56.14
N LEU A 371 17.58 -36.49 56.44
CA LEU A 371 16.18 -36.17 56.65
C LEU A 371 15.87 -35.26 57.82
N THR A 372 16.46 -35.54 58.97
CA THR A 372 16.24 -34.73 60.17
C THR A 372 16.80 -33.34 59.98
N THR A 373 18.05 -33.26 59.54
CA THR A 373 18.70 -31.99 59.29
C THR A 373 17.80 -31.18 58.36
N ALA A 374 17.29 -31.86 57.33
CA ALA A 374 16.41 -31.23 56.37
C ALA A 374 15.19 -30.66 57.07
N LYS A 375 14.58 -31.45 57.94
CA LYS A 375 13.40 -31.00 58.68
C LYS A 375 13.66 -29.69 59.40
N PHE A 376 14.91 -29.52 59.83
CA PHE A 376 15.32 -28.31 60.54
C PHE A 376 15.31 -27.11 59.59
N VAL A 377 16.06 -27.18 58.50
CA VAL A 377 16.12 -26.07 57.55
C VAL A 377 14.75 -25.78 56.95
N ASP A 378 13.91 -26.80 56.86
CA ASP A 378 12.59 -26.58 56.31
C ASP A 378 11.76 -25.82 57.35
N ALA A 379 12.15 -25.93 58.61
CA ALA A 379 11.43 -25.28 59.72
C ALA A 379 11.71 -23.79 59.85
N LEU A 380 12.90 -23.36 59.41
CA LEU A 380 13.28 -21.95 59.46
C LEU A 380 12.27 -21.12 58.67
N LYS A 381 12.10 -19.85 59.03
CA LYS A 381 11.11 -19.00 58.36
C LYS A 381 11.65 -17.74 57.70
N ILE A 382 12.85 -17.32 58.09
CA ILE A 382 13.40 -16.10 57.52
C ILE A 382 14.38 -16.30 56.38
N PRO A 383 15.32 -17.23 56.53
CA PRO A 383 16.27 -17.44 55.44
C PRO A 383 15.70 -18.19 54.25
N TYR A 384 16.30 -17.97 53.07
CA TYR A 384 15.88 -18.63 51.85
C TYR A 384 16.74 -19.87 51.70
N ILE A 385 16.15 -20.98 51.28
CA ILE A 385 16.95 -22.18 51.05
C ILE A 385 17.52 -21.93 49.67
N ALA A 386 18.80 -21.58 49.59
CA ALA A 386 19.40 -21.27 48.30
C ALA A 386 20.91 -21.17 48.37
N PRO A 387 21.57 -21.10 47.20
CA PRO A 387 23.04 -20.99 47.20
C PRO A 387 23.47 -19.55 47.45
N SER A 388 24.79 -19.32 47.47
CA SER A 388 25.34 -17.99 47.71
C SER A 388 25.20 -17.53 49.17
N PHE A 389 25.82 -16.39 49.47
CA PHE A 389 25.79 -15.83 50.82
C PHE A 389 26.36 -14.42 50.81
N GLY A 390 26.27 -13.76 51.96
CA GLY A 390 26.80 -12.42 52.09
C GLY A 390 25.87 -11.24 51.87
N GLY A 391 24.59 -11.51 51.63
CA GLY A 391 23.68 -10.42 51.38
C GLY A 391 22.74 -10.13 52.52
N CYS A 392 22.04 -9.00 52.43
CA CYS A 392 21.10 -8.59 53.45
C CYS A 392 20.08 -9.67 53.82
N GLU A 393 19.73 -10.53 52.87
CA GLU A 393 18.78 -11.60 53.16
C GLU A 393 19.52 -12.83 53.66
N SER A 394 19.00 -13.46 54.70
CA SER A 394 19.66 -14.65 55.23
C SER A 394 19.39 -15.86 54.33
N ILE A 395 20.37 -16.74 54.22
CA ILE A 395 20.25 -17.92 53.38
C ILE A 395 20.79 -19.20 54.04
N VAL A 396 20.07 -20.31 53.88
CA VAL A 396 20.49 -21.60 54.44
C VAL A 396 20.61 -22.61 53.32
N ASP A 397 21.44 -23.63 53.54
CA ASP A 397 21.62 -24.68 52.55
C ASP A 397 22.39 -25.88 53.13
N GLN A 398 22.13 -27.06 52.59
CA GLN A 398 22.80 -28.27 53.03
C GLN A 398 23.81 -28.64 51.96
N PRO A 399 25.07 -28.19 52.09
CA PRO A 399 26.11 -28.49 51.11
C PRO A 399 26.07 -29.89 50.49
N ALA A 400 25.57 -30.87 51.25
CA ALA A 400 25.49 -32.24 50.77
C ALA A 400 24.48 -32.34 49.64
N ILE A 401 23.31 -31.75 49.84
CA ILE A 401 22.26 -31.78 48.84
C ILE A 401 22.46 -30.72 47.77
N MET A 402 22.86 -29.52 48.20
CA MET A 402 23.05 -28.40 47.29
C MET A 402 24.26 -28.43 46.38
N SER A 403 25.30 -29.19 46.71
CA SER A 403 26.49 -29.18 45.86
C SER A 403 27.29 -30.47 45.74
N TYR A 404 26.80 -31.54 46.36
CA TYR A 404 27.51 -32.80 46.26
C TYR A 404 26.55 -33.94 46.05
N TRP A 405 25.29 -33.60 45.80
CA TRP A 405 24.27 -34.62 45.57
C TRP A 405 24.64 -35.52 44.41
N ASP A 406 25.51 -35.03 43.54
CA ASP A 406 25.96 -35.78 42.38
C ASP A 406 26.91 -36.90 42.77
N LEU A 407 27.46 -36.82 43.99
CA LEU A 407 28.38 -37.82 44.49
C LEU A 407 27.67 -38.84 45.37
N SER A 408 28.34 -39.99 45.57
CA SER A 408 27.80 -41.04 46.42
C SER A 408 28.09 -40.68 47.87
N GLN A 409 27.20 -41.06 48.77
CA GLN A 409 27.38 -40.76 50.20
C GLN A 409 28.82 -41.00 50.63
N SER A 410 29.43 -42.04 50.09
CA SER A 410 30.81 -42.40 50.43
C SER A 410 31.80 -41.42 49.83
N ASP A 411 31.50 -40.93 48.63
CA ASP A 411 32.37 -39.97 47.96
C ASP A 411 32.22 -38.59 48.58
N ARG A 412 31.03 -38.30 49.07
CA ARG A 412 30.76 -37.02 49.71
C ARG A 412 31.56 -37.00 51.01
N ALA A 413 31.28 -37.97 51.87
CA ALA A 413 31.97 -38.08 53.14
C ALA A 413 33.47 -38.20 52.87
N LYS A 414 33.83 -38.59 51.66
CA LYS A 414 35.23 -38.73 51.30
C LYS A 414 35.93 -37.38 51.41
N TYR A 415 35.15 -36.34 51.65
CA TYR A 415 35.72 -35.01 51.80
C TYR A 415 34.96 -34.08 52.74
N GLY A 416 34.71 -34.59 53.95
CA GLY A 416 34.05 -33.82 54.98
C GLY A 416 32.58 -33.48 54.89
N ILE A 417 32.01 -33.52 53.69
CA ILE A 417 30.61 -33.18 53.57
C ILE A 417 29.67 -34.26 54.10
N MET A 418 28.87 -33.89 55.09
CA MET A 418 27.94 -34.82 55.70
C MET A 418 26.51 -34.35 55.52
N ASP A 419 25.57 -35.28 55.54
CA ASP A 419 24.16 -34.95 55.38
C ASP A 419 23.71 -34.10 56.57
N ASN A 420 24.59 -34.03 57.57
CA ASN A 420 24.35 -33.27 58.79
C ASN A 420 24.63 -31.79 58.60
N LEU A 421 25.79 -31.52 58.00
CA LEU A 421 26.28 -30.17 57.76
C LEU A 421 25.29 -29.18 57.18
N VAL A 422 25.17 -28.04 57.87
CA VAL A 422 24.31 -26.95 57.45
C VAL A 422 25.18 -25.70 57.35
N ARG A 423 24.97 -24.90 56.32
CA ARG A 423 25.74 -23.68 56.13
C ARG A 423 24.79 -22.51 56.23
N PHE A 424 25.01 -21.67 57.24
CA PHE A 424 24.16 -20.52 57.46
C PHE A 424 24.85 -19.21 57.15
N SER A 425 24.23 -18.42 56.27
CA SER A 425 24.75 -17.11 55.91
C SER A 425 23.83 -16.14 56.61
N PHE A 426 24.35 -15.51 57.65
CA PHE A 426 23.55 -14.58 58.41
C PHE A 426 23.33 -13.27 57.69
N GLY A 427 22.07 -12.91 57.57
CA GLY A 427 21.69 -11.69 56.90
C GLY A 427 21.98 -10.48 57.73
N VAL A 428 21.15 -9.46 57.57
CA VAL A 428 21.31 -8.21 58.27
C VAL A 428 20.01 -7.93 59.06
N GLU A 429 19.16 -8.93 59.14
CA GLU A 429 17.90 -8.82 59.87
C GLU A 429 18.27 -8.70 61.35
N ASP A 430 17.28 -8.41 62.19
CA ASP A 430 17.54 -8.27 63.61
C ASP A 430 17.99 -9.57 64.25
N PHE A 431 19.03 -9.48 65.09
CA PHE A 431 19.56 -10.65 65.77
C PHE A 431 18.51 -11.43 66.54
N ASP A 432 17.65 -10.70 67.25
CA ASP A 432 16.61 -11.34 68.05
C ASP A 432 15.61 -12.09 67.20
N ASP A 433 15.27 -11.52 66.05
CA ASP A 433 14.32 -12.15 65.14
C ASP A 433 14.91 -13.43 64.59
N LEU A 434 16.17 -13.36 64.20
CA LEU A 434 16.87 -14.51 63.66
C LEU A 434 16.98 -15.61 64.72
N LYS A 435 17.68 -15.33 65.81
CA LYS A 435 17.88 -16.29 66.89
C LYS A 435 16.59 -17.01 67.25
N ALA A 436 15.53 -16.25 67.52
CA ALA A 436 14.25 -16.85 67.85
C ALA A 436 13.87 -17.91 66.83
N ASP A 437 14.03 -17.55 65.56
CA ASP A 437 13.73 -18.44 64.44
C ASP A 437 14.57 -19.71 64.45
N ILE A 438 15.88 -19.56 64.62
CA ILE A 438 16.78 -20.71 64.65
C ILE A 438 16.42 -21.66 65.80
N LEU A 439 16.09 -21.11 66.96
CA LEU A 439 15.74 -21.94 68.10
C LEU A 439 14.39 -22.62 67.87
N GLN A 440 13.39 -21.87 67.45
CA GLN A 440 12.07 -22.43 67.19
C GLN A 440 12.18 -23.61 66.23
N ALA A 441 13.08 -23.51 65.27
CA ALA A 441 13.30 -24.55 64.29
C ALA A 441 13.98 -25.77 64.89
N LEU A 442 15.01 -25.55 65.69
CA LEU A 442 15.74 -26.64 66.31
C LEU A 442 14.83 -27.46 67.24
N ASP A 443 13.73 -26.86 67.66
CA ASP A 443 12.79 -27.54 68.56
C ASP A 443 11.98 -28.60 67.83
N SER A 444 11.65 -28.34 66.57
CA SER A 444 10.87 -29.27 65.77
C SER A 444 11.65 -30.56 65.52
N ILE A 445 12.98 -30.45 65.56
CA ILE A 445 13.84 -31.61 65.36
C ILE A 445 13.58 -32.63 66.46
CA MET B 48 17.84 27.64 13.48
C MET B 48 17.59 26.15 13.72
N LYS B 49 18.48 25.32 13.19
CA LYS B 49 18.37 23.87 13.34
C LYS B 49 19.58 23.33 14.08
N TYR B 50 19.51 22.05 14.46
CA TYR B 50 20.60 21.40 15.18
C TYR B 50 21.89 21.44 14.36
N ALA B 51 21.99 20.55 13.38
CA ALA B 51 23.17 20.49 12.52
C ALA B 51 22.82 20.82 11.09
N SER B 52 23.75 21.51 10.42
CA SER B 52 23.55 21.89 9.03
C SER B 52 23.76 20.68 8.12
N PHE B 53 24.45 19.67 8.63
CA PHE B 53 24.72 18.46 7.88
C PHE B 53 23.68 17.37 8.14
N LEU B 54 22.64 17.71 8.87
CA LEU B 54 21.58 16.77 9.19
C LEU B 54 20.29 17.41 8.71
N ASN B 55 19.83 17.02 7.53
CA ASN B 55 18.62 17.59 6.97
C ASN B 55 17.38 16.72 7.02
N SER B 56 17.50 15.51 7.54
CA SER B 56 16.34 14.64 7.63
C SER B 56 15.94 14.32 9.07
N ASP B 57 14.63 14.25 9.32
CA ASP B 57 14.13 13.96 10.66
C ASP B 57 14.69 12.67 11.22
N GLY B 58 15.03 11.75 10.33
CA GLY B 58 15.61 10.49 10.79
C GLY B 58 16.97 10.72 11.39
N SER B 59 17.82 11.44 10.66
CA SER B 59 19.16 11.75 11.12
C SER B 59 19.12 12.62 12.37
N VAL B 60 18.09 13.45 12.48
CA VAL B 60 17.95 14.33 13.62
C VAL B 60 17.52 13.53 14.86
N ALA B 61 16.47 12.72 14.69
CA ALA B 61 15.97 11.91 15.79
C ALA B 61 17.12 11.13 16.41
N ILE B 62 18.12 10.82 15.59
CA ILE B 62 19.25 10.06 16.08
C ILE B 62 20.30 10.89 16.79
N HIS B 63 20.87 11.86 16.09
CA HIS B 63 21.93 12.68 16.65
C HIS B 63 21.59 13.99 17.35
N ALA B 64 20.36 14.47 17.22
CA ALA B 64 20.01 15.73 17.87
C ALA B 64 20.22 15.63 19.37
N GLY B 65 20.94 16.59 19.92
CA GLY B 65 21.19 16.62 21.35
C GLY B 65 22.36 15.78 21.81
N GLU B 66 23.08 15.18 20.86
CA GLU B 66 24.20 14.33 21.19
C GLU B 66 25.43 14.49 20.30
N ARG B 67 25.24 14.27 19.00
CA ARG B 67 26.36 14.35 18.06
C ARG B 67 27.31 15.52 18.20
N LEU B 68 26.78 16.70 18.48
CA LEU B 68 27.61 17.90 18.60
C LEU B 68 28.09 18.23 20.01
N GLY B 69 27.66 17.46 20.99
CA GLY B 69 28.03 17.72 22.36
C GLY B 69 26.88 17.42 23.28
N ARG B 70 27.17 17.14 24.56
CA ARG B 70 26.10 16.79 25.49
C ARG B 70 26.00 17.60 26.77
N GLY B 71 27.09 18.20 27.20
CA GLY B 71 27.05 18.94 28.44
C GLY B 71 27.70 18.05 29.48
N ILE B 72 27.38 16.76 29.39
CA ILE B 72 27.98 15.78 30.28
C ILE B 72 29.03 15.15 29.36
N VAL B 73 30.22 15.76 29.37
CA VAL B 73 31.33 15.32 28.52
C VAL B 73 31.73 13.86 28.60
N THR B 74 31.83 13.22 27.43
CA THR B 74 32.24 11.82 27.30
C THR B 74 32.79 11.54 25.91
N ASP B 75 33.50 10.42 25.80
CA ASP B 75 34.05 9.98 24.54
C ASP B 75 33.26 8.72 24.21
N ALA B 76 32.12 8.59 24.88
CA ALA B 76 31.23 7.47 24.66
C ALA B 76 30.33 7.85 23.49
N ILE B 77 29.73 6.85 22.85
CA ILE B 77 28.84 7.11 21.73
C ILE B 77 27.43 7.46 22.21
N THR B 78 27.04 6.86 23.33
CA THR B 78 25.72 7.07 23.92
C THR B 78 25.69 8.02 25.12
N THR B 79 24.49 8.43 25.52
CA THR B 79 24.30 9.33 26.65
C THR B 79 24.35 8.55 27.97
N PRO B 80 25.13 9.04 28.95
CA PRO B 80 25.21 8.34 30.23
C PRO B 80 24.00 8.57 31.12
N VAL B 81 23.62 7.53 31.86
CA VAL B 81 22.49 7.63 32.77
C VAL B 81 23.03 8.16 34.09
N VAL B 82 22.59 9.36 34.48
CA VAL B 82 23.05 9.98 35.71
C VAL B 82 22.03 9.85 36.82
N ASN B 83 22.25 8.86 37.68
CA ASN B 83 21.38 8.57 38.82
C ASN B 83 21.82 9.36 40.05
N THR B 84 21.37 10.61 40.15
CA THR B 84 21.71 11.44 41.31
C THR B 84 20.50 12.27 41.68
N SER B 85 20.37 12.57 42.97
CA SER B 85 19.23 13.36 43.45
C SER B 85 19.68 14.78 43.73
N ALA B 86 20.98 15.01 43.69
CA ALA B 86 21.50 16.32 43.96
C ALA B 86 22.83 16.55 43.26
N TYR B 87 23.12 17.82 42.99
CA TYR B 87 24.35 18.21 42.32
C TYR B 87 25.13 19.07 43.31
N PHE B 88 26.44 18.87 43.38
CA PHE B 88 27.25 19.62 44.33
C PHE B 88 28.03 20.77 43.73
N PHE B 89 28.50 21.65 44.61
CA PHE B 89 29.29 22.82 44.22
C PHE B 89 30.66 22.74 44.88
N ASN B 90 31.68 23.22 44.19
CA ASN B 90 33.04 23.16 44.69
C ASN B 90 33.30 24.07 45.88
N LYS B 91 32.68 25.24 45.89
CA LYS B 91 32.85 26.16 46.99
C LYS B 91 31.68 27.12 47.02
N THR B 92 31.33 27.58 48.20
CA THR B 92 30.22 28.50 48.36
C THR B 92 30.27 29.57 47.29
N SER B 93 31.48 29.98 46.94
CA SER B 93 31.67 31.01 45.92
C SER B 93 30.89 30.66 44.66
N GLU B 94 31.17 29.50 44.11
CA GLU B 94 30.52 29.05 42.89
C GLU B 94 29.02 28.85 43.07
N LEU B 95 28.59 28.49 44.27
CA LEU B 95 27.18 28.31 44.53
C LEU B 95 26.47 29.66 44.34
N ILE B 96 27.11 30.72 44.81
CA ILE B 96 26.53 32.06 44.68
C ILE B 96 26.50 32.42 43.19
N ASP B 97 27.61 32.20 42.50
CA ASP B 97 27.67 32.51 41.08
C ASP B 97 26.42 31.96 40.42
N PHE B 98 26.25 30.65 40.55
CA PHE B 98 25.09 29.99 40.00
C PHE B 98 23.79 30.68 40.44
N LYS B 99 23.70 31.03 41.71
CA LYS B 99 22.50 31.67 42.24
C LYS B 99 22.27 33.03 41.62
N GLU B 100 23.35 33.64 41.11
CA GLU B 100 23.27 34.96 40.49
C GLU B 100 23.36 34.82 38.98
N LYS B 101 23.00 33.62 38.51
CA LYS B 101 22.98 33.32 37.09
C LYS B 101 24.31 33.55 36.40
N ARG B 102 25.40 33.33 37.13
CA ARG B 102 26.72 33.51 36.55
C ARG B 102 27.34 32.14 36.26
N ARG B 103 26.65 31.10 36.73
CA ARG B 103 27.09 29.72 36.54
C ARG B 103 25.84 28.87 36.29
N ALA B 104 26.02 27.69 35.71
CA ALA B 104 24.90 26.81 35.44
C ALA B 104 24.93 25.54 36.27
N SER B 105 23.75 25.10 36.71
CA SER B 105 23.65 23.89 37.51
C SER B 105 22.20 23.49 37.66
N PHE B 106 21.94 22.20 37.82
CA PHE B 106 20.57 21.73 37.99
C PHE B 106 20.24 21.87 39.45
N GLU B 107 21.29 21.93 40.29
CA GLU B 107 21.16 22.06 41.73
C GLU B 107 20.50 20.84 42.36
N TYR B 108 19.19 20.70 42.16
CA TYR B 108 18.45 19.57 42.69
C TYR B 108 17.85 18.73 41.57
N GLY B 109 17.62 17.46 41.84
CA GLY B 109 17.06 16.57 40.85
C GLY B 109 15.66 16.93 40.34
N ARG B 110 14.87 17.59 41.17
CA ARG B 110 13.52 17.97 40.76
C ARG B 110 13.57 19.09 39.73
N TYR B 111 14.75 19.67 39.56
CA TYR B 111 14.93 20.79 38.62
C TYR B 111 15.69 20.48 37.35
N GLY B 112 16.10 19.24 37.18
CA GLY B 112 16.83 18.91 35.97
C GLY B 112 17.79 17.75 36.11
N ASN B 113 18.35 17.32 35.00
CA ASN B 113 19.28 16.21 35.00
C ASN B 113 19.99 16.12 33.65
N PRO B 114 21.28 15.77 33.65
CA PRO B 114 22.07 15.66 32.43
C PRO B 114 21.53 14.69 31.39
N THR B 115 21.23 13.47 31.80
CA THR B 115 20.73 12.48 30.87
C THR B 115 19.31 12.78 30.37
N THR B 116 18.65 13.77 30.97
CA THR B 116 17.31 14.14 30.57
C THR B 116 17.28 15.32 29.60
N VAL B 117 18.14 16.33 29.81
CA VAL B 117 18.15 17.49 28.89
C VAL B 117 18.43 17.04 27.47
N VAL B 118 19.26 16.02 27.31
CA VAL B 118 19.57 15.52 26.00
C VAL B 118 18.24 15.20 25.30
N LEU B 119 17.40 14.42 25.97
CA LEU B 119 16.11 14.07 25.40
C LEU B 119 15.24 15.31 25.18
N GLU B 120 15.47 16.34 25.97
CA GLU B 120 14.71 17.58 25.84
C GLU B 120 15.14 18.33 24.60
N GLU B 121 16.45 18.34 24.35
CA GLU B 121 17.00 19.03 23.20
C GLU B 121 16.77 18.22 21.93
N LYS B 122 16.65 16.90 22.08
CA LYS B 122 16.43 16.04 20.94
C LYS B 122 15.03 16.27 20.36
N ILE B 123 14.02 16.24 21.23
CA ILE B 123 12.64 16.44 20.79
C ILE B 123 12.43 17.87 20.30
N SER B 124 13.07 18.83 20.96
CA SER B 124 12.91 20.23 20.56
C SER B 124 13.36 20.39 19.11
N ALA B 125 14.39 19.63 18.74
CA ALA B 125 14.92 19.69 17.38
C ALA B 125 13.87 19.18 16.40
N LEU B 126 13.34 17.98 16.66
CA LEU B 126 12.33 17.41 15.79
C LEU B 126 11.16 18.36 15.57
N GLU B 127 10.63 18.91 16.66
CA GLU B 127 9.49 19.83 16.55
C GLU B 127 9.88 21.23 16.16
N GLY B 128 11.19 21.48 16.07
CA GLY B 128 11.65 22.81 15.72
C GLY B 128 11.18 23.79 16.78
N ALA B 129 11.07 23.29 18.01
CA ALA B 129 10.62 24.11 19.13
C ALA B 129 11.78 24.87 19.75
N GLU B 130 11.44 25.87 20.55
CA GLU B 130 12.43 26.72 21.22
C GLU B 130 12.91 26.05 22.51
N SER B 131 12.05 25.22 23.08
CA SER B 131 12.37 24.52 24.31
C SER B 131 11.34 23.41 24.56
N THR B 132 11.76 22.34 25.24
CA THR B 132 10.85 21.23 25.54
C THR B 132 10.98 20.83 27.00
N LEU B 133 9.86 20.38 27.57
CA LEU B 133 9.81 19.97 28.98
C LEU B 133 9.33 18.54 29.07
N LEU B 134 10.11 17.67 29.74
CA LEU B 134 9.73 16.27 29.90
C LEU B 134 9.15 15.98 31.28
N MET B 135 8.10 15.17 31.33
CA MET B 135 7.44 14.85 32.59
C MET B 135 7.25 13.36 32.86
N ALA B 136 6.64 13.04 33.99
CA ALA B 136 6.42 11.65 34.38
C ALA B 136 5.49 10.90 33.45
N SER B 137 4.58 11.62 32.80
CA SER B 137 3.64 10.97 31.89
C SER B 137 2.91 11.98 31.02
N GLY B 138 2.12 11.48 30.08
CA GLY B 138 1.36 12.35 29.21
C GLY B 138 0.35 13.17 29.98
N MET B 139 -0.38 12.49 30.87
CA MET B 139 -1.40 13.13 31.70
C MET B 139 -0.74 14.19 32.58
N CYS B 140 0.51 13.94 32.95
CA CYS B 140 1.24 14.89 33.78
C CYS B 140 1.52 16.16 32.97
N ALA B 141 1.90 15.97 31.71
CA ALA B 141 2.19 17.10 30.83
C ALA B 141 0.95 17.93 30.57
N SER B 142 -0.16 17.27 30.21
CA SER B 142 -1.40 17.97 29.91
C SER B 142 -1.87 18.76 31.12
N THR B 143 -1.90 18.07 32.26
CA THR B 143 -2.37 18.65 33.52
C THR B 143 -1.57 19.84 34.07
N VAL B 144 -0.25 19.69 34.15
CA VAL B 144 0.57 20.79 34.65
C VAL B 144 0.42 22.01 33.74
N MET B 145 0.34 21.77 32.43
CA MET B 145 0.21 22.84 31.45
C MET B 145 -1.08 23.62 31.61
N LEU B 146 -2.19 22.90 31.76
CA LEU B 146 -3.48 23.55 31.95
C LEU B 146 -3.46 24.38 33.23
N LEU B 147 -2.92 23.82 34.30
CA LEU B 147 -2.86 24.52 35.59
C LEU B 147 -1.95 25.73 35.54
N ALA B 148 -0.92 25.68 34.71
CA ALA B 148 0.03 26.78 34.61
C ALA B 148 -0.35 27.90 33.64
N LEU B 149 -1.04 27.55 32.55
CA LEU B 149 -1.43 28.55 31.54
C LEU B 149 -2.83 29.14 31.65
N VAL B 150 -3.81 28.35 32.10
CA VAL B 150 -5.17 28.85 32.22
C VAL B 150 -5.38 29.44 33.61
N PRO B 151 -5.70 30.75 33.69
CA PRO B 151 -5.92 31.42 34.97
C PRO B 151 -7.19 31.00 35.67
N ALA B 152 -7.31 31.36 36.93
CA ALA B 152 -8.50 31.03 37.69
C ALA B 152 -9.63 31.81 37.03
N GLY B 153 -10.80 31.19 36.92
CA GLY B 153 -11.93 31.86 36.30
C GLY B 153 -11.86 31.93 34.78
N GLY B 154 -10.69 31.60 34.23
CA GLY B 154 -10.50 31.62 32.79
C GLY B 154 -11.39 30.68 32.00
N HIS B 155 -11.32 30.79 30.68
CA HIS B 155 -12.12 29.96 29.80
C HIS B 155 -11.25 29.11 28.89
N ILE B 156 -11.70 27.88 28.68
CA ILE B 156 -11.00 26.93 27.83
C ILE B 156 -11.94 26.40 26.76
N VAL B 157 -11.38 25.96 25.63
CA VAL B 157 -12.19 25.41 24.55
C VAL B 157 -11.56 24.15 23.99
N THR B 158 -12.34 23.07 23.94
CA THR B 158 -11.86 21.80 23.42
C THR B 158 -12.99 21.02 22.74
N THR B 159 -12.63 20.00 21.97
CA THR B 159 -13.59 19.17 21.25
C THR B 159 -14.30 18.14 22.10
N THR B 160 -15.29 17.48 21.53
CA THR B 160 -16.04 16.47 22.23
C THR B 160 -15.26 15.17 22.25
N ASP B 161 -14.18 15.13 21.49
CA ASP B 161 -13.35 13.93 21.39
C ASP B 161 -12.11 13.98 22.27
N CYS B 162 -12.07 14.96 23.16
CA CYS B 162 -10.97 15.15 24.08
C CYS B 162 -10.71 13.88 24.88
N TYR B 163 -9.44 13.56 25.09
CA TYR B 163 -9.06 12.37 25.85
C TYR B 163 -9.89 12.33 27.15
N ARG B 164 -10.59 11.23 27.40
CA ARG B 164 -11.44 11.11 28.58
C ARG B 164 -10.83 11.64 29.88
N LYS B 165 -9.74 11.02 30.32
CA LYS B 165 -9.08 11.43 31.55
C LYS B 165 -8.95 12.96 31.58
N THR B 166 -8.45 13.51 30.49
CA THR B 166 -8.28 14.97 30.41
C THR B 166 -9.61 15.70 30.49
N ARG B 167 -10.65 15.12 29.91
CA ARG B 167 -11.97 15.75 29.95
C ARG B 167 -12.41 15.81 31.41
N ILE B 168 -12.22 14.70 32.11
CA ILE B 168 -12.58 14.61 33.53
C ILE B 168 -11.84 15.67 34.34
N PHE B 169 -10.54 15.83 34.06
CA PHE B 169 -9.75 16.82 34.77
C PHE B 169 -10.29 18.21 34.48
N ILE B 170 -10.69 18.44 33.24
CA ILE B 170 -11.20 19.74 32.83
C ILE B 170 -12.60 20.00 33.38
N GLU B 171 -13.34 18.93 33.66
CA GLU B 171 -14.70 19.09 34.14
C GLU B 171 -14.93 18.92 35.63
N THR B 172 -13.93 18.44 36.36
CA THR B 172 -14.10 18.26 37.80
C THR B 172 -13.09 19.03 38.65
N ILE B 173 -11.86 19.17 38.15
CA ILE B 173 -10.83 19.90 38.90
C ILE B 173 -10.77 21.37 38.55
N LEU B 174 -10.56 21.66 37.26
CA LEU B 174 -10.46 23.04 36.78
C LEU B 174 -11.58 23.97 37.23
N PRO B 175 -12.83 23.47 37.31
CA PRO B 175 -13.92 24.35 37.74
C PRO B 175 -13.73 24.89 39.17
N LYS B 176 -13.05 24.11 40.00
CA LYS B 176 -12.80 24.51 41.39
C LYS B 176 -12.20 25.89 41.44
N MET B 177 -11.38 26.23 40.45
CA MET B 177 -10.73 27.53 40.39
C MET B 177 -11.52 28.42 39.44
N GLY B 178 -12.75 28.01 39.16
CA GLY B 178 -13.62 28.77 38.29
C GLY B 178 -13.29 28.72 36.81
N ILE B 179 -12.42 27.79 36.41
CA ILE B 179 -12.06 27.70 35.01
C ILE B 179 -13.18 26.98 34.28
N THR B 180 -13.90 27.73 33.47
CA THR B 180 -15.04 27.20 32.71
C THR B 180 -14.61 26.76 31.31
N ALA B 181 -15.29 25.75 30.75
CA ALA B 181 -14.93 25.24 29.42
C ALA B 181 -16.05 25.18 28.37
N THR B 182 -15.64 25.19 27.11
CA THR B 182 -16.57 25.12 25.96
C THR B 182 -16.17 23.93 25.08
N VAL B 183 -17.06 22.94 24.99
CA VAL B 183 -16.81 21.75 24.20
C VAL B 183 -17.53 21.80 22.85
N ILE B 184 -16.75 21.85 21.77
CA ILE B 184 -17.30 21.89 20.43
C ILE B 184 -16.98 20.60 19.66
N ASP B 185 -17.38 20.56 18.40
CA ASP B 185 -17.10 19.40 17.56
C ASP B 185 -15.74 19.63 16.90
N PRO B 186 -14.96 18.56 16.71
CA PRO B 186 -13.64 18.77 16.09
C PRO B 186 -13.73 19.57 14.81
N ALA B 187 -14.74 19.28 14.00
CA ALA B 187 -14.94 19.95 12.72
C ALA B 187 -15.58 21.34 12.82
N ASP B 188 -16.60 21.46 13.65
CA ASP B 188 -17.31 22.74 13.82
C ASP B 188 -16.42 23.95 14.09
N VAL B 189 -15.93 24.59 13.03
CA VAL B 189 -15.08 25.76 13.18
C VAL B 189 -15.94 26.98 13.49
N GLY B 190 -17.20 26.90 13.12
CA GLY B 190 -18.10 28.02 13.38
C GLY B 190 -18.24 28.22 14.87
N ALA B 191 -18.37 27.10 15.57
CA ALA B 191 -18.53 27.12 17.03
C ALA B 191 -17.27 27.67 17.68
N LEU B 192 -16.11 27.37 17.10
CA LEU B 192 -14.86 27.86 17.65
C LEU B 192 -14.78 29.36 17.46
N GLU B 193 -15.40 29.84 16.39
CA GLU B 193 -15.38 31.28 16.12
C GLU B 193 -16.37 32.03 17.00
N LEU B 194 -17.46 31.36 17.36
CA LEU B 194 -18.46 31.97 18.21
C LEU B 194 -17.96 32.04 19.65
N ALA B 195 -17.51 30.89 20.16
CA ALA B 195 -16.99 30.83 21.53
C ALA B 195 -15.81 31.76 21.64
N LEU B 196 -15.08 31.92 20.55
CA LEU B 196 -13.93 32.79 20.54
C LEU B 196 -14.41 34.23 20.56
N ASN B 197 -15.72 34.42 20.44
CA ASN B 197 -16.31 35.76 20.42
C ASN B 197 -17.32 36.07 21.51
N GLN B 198 -17.84 35.04 22.17
CA GLN B 198 -18.80 35.27 23.24
C GLN B 198 -18.02 35.44 24.54
N LYS B 199 -17.42 34.35 25.01
CA LYS B 199 -16.62 34.37 26.22
C LYS B 199 -15.17 34.60 25.83
N LYS B 200 -14.35 35.06 26.77
CA LYS B 200 -12.94 35.28 26.50
C LYS B 200 -12.23 33.94 26.60
N VAL B 201 -11.71 33.46 25.48
CA VAL B 201 -11.00 32.19 25.48
C VAL B 201 -9.53 32.40 25.80
N ASN B 202 -9.04 31.61 26.76
CA ASN B 202 -7.65 31.69 27.20
C ASN B 202 -6.78 30.74 26.40
N LEU B 203 -7.31 29.56 26.11
CA LEU B 203 -6.55 28.57 25.39
C LEU B 203 -7.46 27.53 24.73
N PHE B 204 -7.11 27.14 23.51
CA PHE B 204 -7.86 26.13 22.78
C PHE B 204 -6.99 24.88 22.81
N PHE B 205 -7.51 23.82 23.41
CA PHE B 205 -6.73 22.60 23.51
C PHE B 205 -7.40 21.46 22.78
N THR B 206 -6.63 20.80 21.94
CA THR B 206 -7.16 19.68 21.19
C THR B 206 -6.05 18.81 20.66
N GLU B 207 -6.37 17.53 20.47
CA GLU B 207 -5.43 16.57 19.93
C GLU B 207 -5.77 16.48 18.45
N SER B 208 -4.85 15.97 17.65
CA SER B 208 -5.07 15.83 16.21
C SER B 208 -3.94 15.00 15.57
N PRO B 209 -4.24 13.78 15.10
CA PRO B 209 -5.55 13.12 15.12
C PRO B 209 -6.14 12.97 16.53
N THR B 210 -7.42 12.63 16.57
CA THR B 210 -8.17 12.46 17.80
C THR B 210 -8.33 10.98 18.15
N ASN B 211 -8.73 10.69 19.39
CA ASN B 211 -8.94 9.31 19.82
C ASN B 211 -10.44 9.13 20.10
N PRO B 212 -11.03 8.02 19.63
CA PRO B 212 -10.45 6.92 18.86
C PRO B 212 -10.78 7.05 17.37
N PHE B 213 -11.59 8.05 17.04
CA PHE B 213 -12.03 8.25 15.67
C PHE B 213 -11.05 8.99 14.76
N LEU B 214 -9.92 9.36 15.32
CA LEU B 214 -8.87 10.05 14.57
C LEU B 214 -9.30 11.30 13.80
N ARG B 215 -10.21 12.08 14.37
CA ARG B 215 -10.65 13.32 13.72
C ARG B 215 -9.48 14.29 13.68
N CYS B 216 -9.38 15.07 12.60
CA CYS B 216 -8.30 16.02 12.49
C CYS B 216 -8.80 17.45 12.54
N VAL B 217 -7.91 18.35 12.94
CA VAL B 217 -8.23 19.77 13.08
C VAL B 217 -7.25 20.58 12.23
N ASP B 218 -7.76 21.57 11.50
CA ASP B 218 -6.89 22.38 10.66
C ASP B 218 -6.05 23.28 11.56
N ILE B 219 -4.91 22.76 12.01
CA ILE B 219 -4.04 23.53 12.89
C ILE B 219 -3.80 24.97 12.44
N GLU B 220 -3.52 25.15 11.15
CA GLU B 220 -3.26 26.48 10.60
C GLU B 220 -4.44 27.43 10.67
N LEU B 221 -5.62 26.96 10.29
CA LEU B 221 -6.81 27.78 10.31
C LEU B 221 -7.19 28.11 11.75
N VAL B 222 -7.30 27.08 12.56
CA VAL B 222 -7.67 27.20 13.97
C VAL B 222 -6.69 28.11 14.70
N SER B 223 -5.40 27.97 14.38
CA SER B 223 -4.38 28.80 15.00
C SER B 223 -4.60 30.26 14.67
N LYS B 224 -5.01 30.52 13.44
CA LYS B 224 -5.25 31.88 12.97
C LYS B 224 -6.40 32.54 13.72
N LEU B 225 -7.53 31.84 13.82
CA LEU B 225 -8.70 32.38 14.51
C LEU B 225 -8.42 32.72 15.97
N CYS B 226 -7.85 31.75 16.69
CA CYS B 226 -7.53 31.93 18.10
C CYS B 226 -6.63 33.15 18.34
N HIS B 227 -5.45 33.15 17.72
CA HIS B 227 -4.52 34.24 17.88
C HIS B 227 -5.13 35.60 17.56
N GLU B 228 -6.14 35.61 16.71
CA GLU B 228 -6.83 36.84 16.34
C GLU B 228 -7.50 37.38 17.59
N LYS B 229 -8.11 36.49 18.35
CA LYS B 229 -8.80 36.84 19.57
C LYS B 229 -7.92 36.63 20.80
N GLY B 230 -6.60 36.56 20.58
CA GLY B 230 -5.67 36.39 21.66
C GLY B 230 -5.57 35.02 22.34
N ALA B 231 -6.38 34.06 21.93
CA ALA B 231 -6.33 32.73 22.54
C ALA B 231 -5.02 32.02 22.20
N LEU B 232 -4.68 31.01 23.00
CA LEU B 232 -3.47 30.23 22.81
C LEU B 232 -3.88 28.93 22.18
N VAL B 233 -2.99 28.32 21.41
CA VAL B 233 -3.33 27.05 20.77
C VAL B 233 -2.34 25.97 21.15
N CYS B 234 -2.86 24.87 21.70
CA CYS B 234 -2.03 23.74 22.08
C CYS B 234 -2.57 22.48 21.40
N ILE B 235 -1.70 21.80 20.66
CA ILE B 235 -2.08 20.59 19.94
C ILE B 235 -1.38 19.34 20.47
N ASP B 236 -2.16 18.30 20.73
CA ASP B 236 -1.64 17.04 21.23
C ASP B 236 -1.35 16.13 20.04
N GLY B 237 -0.11 16.14 19.56
CA GLY B 237 0.23 15.31 18.41
C GLY B 237 0.60 13.87 18.71
N THR B 238 0.10 13.33 19.82
CA THR B 238 0.42 11.95 20.21
C THR B 238 0.29 10.94 19.07
N PHE B 239 -0.88 10.91 18.43
CA PHE B 239 -1.15 9.97 17.33
C PHE B 239 -0.36 10.30 16.07
N ALA B 240 -0.11 11.57 15.85
CA ALA B 240 0.63 11.99 14.65
C ALA B 240 2.12 11.67 14.73
N THR B 241 2.80 12.22 15.73
CA THR B 241 4.24 12.02 15.92
C THR B 241 4.91 13.27 15.32
N PRO B 242 6.08 13.67 15.85
CA PRO B 242 6.70 14.86 15.26
C PRO B 242 7.23 14.61 13.84
N LEU B 243 6.96 13.42 13.33
CA LEU B 243 7.42 13.05 11.99
C LEU B 243 6.33 13.21 10.93
N ASN B 244 5.08 12.92 11.31
CA ASN B 244 3.98 13.03 10.37
C ASN B 244 3.38 14.43 10.29
N GLN B 245 3.81 15.32 11.18
CA GLN B 245 3.30 16.69 11.18
C GLN B 245 4.07 17.60 12.12
N LYS B 246 4.10 18.88 11.81
CA LYS B 246 4.80 19.87 12.63
C LYS B 246 3.82 20.92 13.14
N ALA B 247 3.07 20.57 14.20
CA ALA B 247 2.06 21.45 14.77
C ALA B 247 2.58 22.85 15.04
N LEU B 248 3.85 22.96 15.40
CA LEU B 248 4.44 24.27 15.67
C LEU B 248 4.54 25.07 14.39
N ALA B 249 4.99 24.42 13.32
CA ALA B 249 5.14 25.05 12.02
C ALA B 249 3.79 25.53 11.49
N LEU B 250 2.76 24.74 11.72
CA LEU B 250 1.42 25.09 11.26
C LEU B 250 0.79 26.21 12.06
N GLY B 251 1.50 26.70 13.08
CA GLY B 251 0.96 27.80 13.86
C GLY B 251 0.67 27.59 15.32
N ALA B 252 0.46 26.34 15.75
CA ALA B 252 0.16 26.05 17.15
C ALA B 252 1.26 26.65 18.06
N ASP B 253 0.86 27.13 19.23
CA ASP B 253 1.82 27.71 20.18
C ASP B 253 2.59 26.61 20.92
N LEU B 254 1.87 25.58 21.31
CA LEU B 254 2.48 24.46 22.03
C LEU B 254 2.00 23.13 21.45
N VAL B 255 2.92 22.17 21.37
CA VAL B 255 2.60 20.83 20.88
C VAL B 255 3.06 19.85 21.96
N LEU B 256 2.13 19.05 22.46
CA LEU B 256 2.46 18.08 23.50
C LEU B 256 2.24 16.65 23.08
N HIS B 257 3.04 15.75 23.64
CA HIS B 257 2.95 14.34 23.32
C HIS B 257 2.95 13.48 24.57
N SER B 258 2.61 12.22 24.39
CA SER B 258 2.63 11.27 25.47
C SER B 258 3.69 10.28 25.00
N ALA B 259 4.95 10.57 25.29
CA ALA B 259 6.06 9.71 24.87
C ALA B 259 5.88 8.25 25.24
N THR B 260 4.86 7.95 26.04
CA THR B 260 4.58 6.58 26.44
C THR B 260 4.23 5.71 25.24
N LYS B 261 3.75 6.36 24.18
CA LYS B 261 3.31 5.69 22.96
C LYS B 261 4.37 5.53 21.86
N PHE B 262 4.34 6.40 20.86
CA PHE B 262 5.25 6.30 19.73
C PHE B 262 6.70 6.65 19.96
N LEU B 263 6.95 7.77 20.64
CA LEU B 263 8.32 8.21 20.90
C LEU B 263 9.16 7.10 21.54
N GLY B 264 8.70 6.59 22.68
CA GLY B 264 9.42 5.51 23.33
C GLY B 264 9.31 4.30 22.43
N GLY B 265 8.10 4.06 21.94
CA GLY B 265 7.83 2.97 21.03
C GLY B 265 8.06 1.52 21.40
N HIS B 266 8.40 1.22 22.66
CA HIS B 266 8.61 -0.17 23.04
C HIS B 266 7.72 -0.66 24.17
N ASN B 267 6.65 0.08 24.44
CA ASN B 267 5.69 -0.28 25.49
C ASN B 267 6.34 -0.56 26.85
N ASP B 268 7.48 0.08 27.13
CA ASP B 268 8.15 -0.14 28.39
C ASP B 268 8.51 1.11 29.19
N VAL B 269 7.73 2.18 29.04
CA VAL B 269 8.02 3.41 29.78
C VAL B 269 6.98 4.51 29.55
N LEU B 270 6.68 5.26 30.62
CA LEU B 270 5.72 6.35 30.53
C LEU B 270 6.48 7.68 30.54
N ALA B 271 5.91 8.70 29.90
CA ALA B 271 6.54 10.02 29.84
C ALA B 271 5.64 11.02 29.15
N GLY B 272 5.77 12.28 29.54
CA GLY B 272 4.97 13.35 28.95
C GLY B 272 5.90 14.22 28.13
N CYS B 273 5.30 15.11 27.34
CA CYS B 273 6.07 15.98 26.46
C CYS B 273 5.36 17.29 26.22
N ILE B 274 6.13 18.39 26.18
CA ILE B 274 5.56 19.71 25.88
C ILE B 274 6.66 20.56 25.27
N SER B 275 6.51 20.90 24.00
CA SER B 275 7.50 21.73 23.32
C SER B 275 6.87 23.05 22.89
N GLY B 276 7.70 24.06 22.72
CA GLY B 276 7.19 25.36 22.32
C GLY B 276 8.22 26.43 22.58
N PRO B 277 7.79 27.70 22.63
CA PRO B 277 8.71 28.83 22.89
C PRO B 277 9.13 28.90 24.34
N LEU B 278 10.36 29.34 24.57
CA LEU B 278 10.88 29.47 25.91
C LEU B 278 9.91 30.23 26.81
N LYS B 279 9.48 31.41 26.36
CA LYS B 279 8.59 32.24 27.14
C LYS B 279 7.38 31.49 27.70
N LEU B 280 6.86 30.55 26.92
CA LEU B 280 5.69 29.79 27.33
C LEU B 280 6.04 28.52 28.12
N VAL B 281 6.89 27.68 27.53
CA VAL B 281 7.28 26.43 28.15
C VAL B 281 7.96 26.61 29.52
N SER B 282 8.66 27.72 29.70
CA SER B 282 9.33 28.00 30.97
C SER B 282 8.34 28.36 32.07
N GLU B 283 7.16 28.81 31.70
CA GLU B 283 6.15 29.15 32.69
C GLU B 283 5.60 27.85 33.25
N ILE B 284 5.58 26.81 32.42
CA ILE B 284 5.08 25.51 32.85
C ILE B 284 6.17 24.82 33.65
N ARG B 285 7.39 24.96 33.18
CA ARG B 285 8.54 24.36 33.83
C ARG B 285 8.59 24.81 35.29
N ASN B 286 8.20 26.03 35.57
CA ASN B 286 8.21 26.54 36.94
C ASN B 286 7.23 25.78 37.82
N LEU B 287 5.96 25.76 37.43
CA LEU B 287 4.95 25.04 38.19
C LEU B 287 5.35 23.57 38.31
N HIS B 288 6.17 23.13 37.36
CA HIS B 288 6.63 21.76 37.35
C HIS B 288 7.59 21.51 38.51
N HIS B 289 8.40 22.51 38.81
CA HIS B 289 9.38 22.43 39.88
C HIS B 289 8.73 22.40 41.26
N ILE B 290 7.45 22.75 41.30
CA ILE B 290 6.71 22.76 42.57
C ILE B 290 5.87 21.49 42.70
N LEU B 291 5.20 21.11 41.61
CA LEU B 291 4.38 19.91 41.61
C LEU B 291 5.26 18.66 41.50
N GLY B 292 6.51 18.87 41.11
CA GLY B 292 7.49 17.82 40.98
C GLY B 292 7.13 16.43 40.45
N GLY B 293 6.65 16.36 39.21
CA GLY B 293 6.33 15.08 38.61
C GLY B 293 7.48 14.76 37.68
N ALA B 294 8.68 14.88 38.21
CA ALA B 294 9.90 14.67 37.44
C ALA B 294 10.02 13.32 36.75
N LEU B 295 10.89 13.27 35.73
CA LEU B 295 11.13 12.06 34.96
C LEU B 295 12.44 11.43 35.42
N ASN B 296 12.44 10.13 35.66
CA ASN B 296 13.64 9.40 36.09
C ASN B 296 14.62 9.23 34.94
N PRO B 297 15.91 9.45 35.19
CA PRO B 297 16.96 9.33 34.18
C PRO B 297 16.94 8.01 33.41
N ASN B 298 16.53 6.95 34.09
CA ASN B 298 16.46 5.64 33.45
C ASN B 298 15.36 5.66 32.41
N ALA B 299 14.30 6.40 32.68
CA ALA B 299 13.19 6.52 31.75
C ALA B 299 13.67 7.36 30.58
N ALA B 300 14.27 8.50 30.89
CA ALA B 300 14.76 9.38 29.84
C ALA B 300 15.65 8.62 28.86
N TYR B 301 16.43 7.68 29.37
CA TYR B 301 17.33 6.92 28.51
C TYR B 301 16.60 5.89 27.65
N LEU B 302 15.60 5.25 28.22
CA LEU B 302 14.85 4.25 27.49
C LEU B 302 14.17 4.92 26.30
N ILE B 303 13.81 6.19 26.47
CA ILE B 303 13.17 6.93 25.39
C ILE B 303 14.21 7.41 24.39
N ILE B 304 15.28 8.01 24.88
CA ILE B 304 16.35 8.47 23.99
C ILE B 304 16.71 7.31 23.06
N ARG B 305 16.87 6.12 23.64
CA ARG B 305 17.22 4.92 22.89
C ARG B 305 16.10 4.56 21.91
N GLY B 306 14.87 4.62 22.40
CA GLY B 306 13.73 4.30 21.55
C GLY B 306 13.57 5.21 20.35
N MET B 307 14.10 6.42 20.45
CA MET B 307 13.99 7.39 19.36
C MET B 307 15.06 7.23 18.28
N LYS B 308 16.00 6.31 18.49
CA LYS B 308 17.05 6.11 17.49
C LYS B 308 16.49 5.39 16.25
N THR B 309 15.26 4.90 16.38
CA THR B 309 14.59 4.21 15.28
C THR B 309 13.17 4.73 15.14
N LEU B 310 12.93 5.95 15.59
CA LEU B 310 11.60 6.54 15.49
C LEU B 310 11.16 6.52 14.04
N HIS B 311 12.03 7.02 13.16
CA HIS B 311 11.69 7.08 11.75
C HIS B 311 11.44 5.70 11.15
N LEU B 312 12.32 4.74 11.37
CA LEU B 312 12.12 3.40 10.83
C LEU B 312 10.79 2.82 11.31
N ARG B 313 10.45 3.03 12.59
CA ARG B 313 9.21 2.48 13.14
C ARG B 313 7.96 3.16 12.62
N VAL B 314 7.92 4.49 12.64
CA VAL B 314 6.76 5.24 12.17
C VAL B 314 6.46 4.94 10.70
N GLN B 315 7.50 4.73 9.91
CA GLN B 315 7.33 4.40 8.50
C GLN B 315 6.45 3.14 8.34
N GLN B 316 6.92 2.03 8.88
CA GLN B 316 6.19 0.78 8.79
C GLN B 316 4.77 0.86 9.34
N GLN B 317 4.61 1.59 10.45
CA GLN B 317 3.29 1.72 11.05
C GLN B 317 2.41 2.55 10.13
N ASN B 318 3.02 3.53 9.48
CA ASN B 318 2.30 4.40 8.56
C ASN B 318 1.75 3.57 7.39
N SER B 319 2.59 2.74 6.80
CA SER B 319 2.16 1.88 5.70
C SER B 319 1.13 0.89 6.18
N THR B 320 1.60 -0.14 6.89
CA THR B 320 0.75 -1.18 7.44
C THR B 320 -0.63 -0.67 7.85
N ALA B 321 -0.68 0.50 8.49
CA ALA B 321 -1.95 1.07 8.92
C ALA B 321 -2.82 1.36 7.71
N LEU B 322 -2.40 2.37 6.95
CA LEU B 322 -3.12 2.79 5.75
C LEU B 322 -3.58 1.63 4.90
N ARG B 323 -2.64 0.79 4.49
CA ARG B 323 -2.98 -0.35 3.67
C ARG B 323 -4.10 -1.18 4.27
N MET B 324 -3.90 -1.65 5.50
CA MET B 324 -4.91 -2.47 6.17
C MET B 324 -6.24 -1.75 6.35
N ALA B 325 -6.21 -0.42 6.33
CA ALA B 325 -7.44 0.35 6.49
C ALA B 325 -8.32 0.10 5.27
N GLU B 326 -7.71 0.19 4.09
CA GLU B 326 -8.39 -0.04 2.84
C GLU B 326 -8.99 -1.44 2.86
N ILE B 327 -8.14 -2.45 3.02
CA ILE B 327 -8.57 -3.84 3.06
C ILE B 327 -9.74 -4.05 4.01
N LEU B 328 -9.70 -3.35 5.13
CA LEU B 328 -10.74 -3.46 6.13
C LEU B 328 -12.06 -2.87 5.66
N GLU B 329 -11.98 -1.69 5.06
CA GLU B 329 -13.17 -1.00 4.57
C GLU B 329 -13.83 -1.78 3.44
N ALA B 330 -13.04 -2.58 2.75
CA ALA B 330 -13.52 -3.37 1.64
C ALA B 330 -14.04 -4.73 2.09
N HIS B 331 -13.96 -5.00 3.40
CA HIS B 331 -14.42 -6.26 3.95
C HIS B 331 -15.93 -6.23 4.23
N PRO B 332 -16.62 -7.35 3.95
CA PRO B 332 -18.08 -7.43 4.17
C PRO B 332 -18.49 -7.47 5.64
N LYS B 333 -17.51 -7.70 6.51
CA LYS B 333 -17.79 -7.81 7.94
C LYS B 333 -17.44 -6.58 8.77
N VAL B 334 -16.82 -5.59 8.14
CA VAL B 334 -16.45 -4.36 8.82
C VAL B 334 -17.44 -3.25 8.47
N ARG B 335 -18.27 -2.88 9.43
CA ARG B 335 -19.28 -1.84 9.22
C ARG B 335 -18.72 -0.46 8.84
N HIS B 336 -17.63 -0.04 9.49
CA HIS B 336 -17.05 1.26 9.21
C HIS B 336 -15.57 1.32 9.57
N VAL B 337 -14.83 2.23 8.95
CA VAL B 337 -13.39 2.37 9.21
C VAL B 337 -12.94 3.82 9.33
N TYR B 338 -12.30 4.15 10.46
CA TYR B 338 -11.79 5.50 10.72
C TYR B 338 -10.27 5.56 10.52
N TYR B 339 -9.83 6.44 9.61
CA TYR B 339 -8.42 6.62 9.34
C TYR B 339 -8.28 7.87 8.46
N PRO B 340 -7.45 8.82 8.89
CA PRO B 340 -7.29 10.05 8.11
C PRO B 340 -6.77 9.83 6.69
N GLY B 341 -6.09 8.71 6.46
CA GLY B 341 -5.55 8.44 5.15
C GLY B 341 -6.56 7.94 4.13
N LEU B 342 -7.71 7.47 4.62
CA LEU B 342 -8.76 6.96 3.77
C LEU B 342 -9.44 8.15 3.10
N GLN B 343 -10.16 7.89 2.02
CA GLN B 343 -10.84 8.97 1.31
C GLN B 343 -12.22 9.19 1.91
N SER B 344 -12.66 8.25 2.74
CA SER B 344 -13.98 8.34 3.37
C SER B 344 -13.95 9.14 4.68
N HIS B 345 -12.75 9.55 5.09
CA HIS B 345 -12.56 10.31 6.32
C HIS B 345 -12.97 11.79 6.19
N PRO B 346 -13.90 12.25 7.04
CA PRO B 346 -14.40 13.62 7.07
C PRO B 346 -13.35 14.74 6.95
N GLU B 347 -12.12 14.49 7.38
CA GLU B 347 -11.10 15.52 7.25
C GLU B 347 -9.88 15.00 6.51
N HIS B 348 -10.10 14.00 5.65
CA HIS B 348 -9.01 13.43 4.88
C HIS B 348 -8.34 14.51 4.05
N HIS B 349 -9.10 15.56 3.75
CA HIS B 349 -8.58 16.66 2.95
C HIS B 349 -7.65 17.54 3.76
N ILE B 350 -7.87 17.59 5.07
CA ILE B 350 -7.04 18.40 5.94
C ILE B 350 -5.82 17.58 6.34
N ALA B 351 -6.03 16.29 6.52
CA ALA B 351 -4.94 15.39 6.89
C ALA B 351 -3.89 15.45 5.80
N LYS B 352 -4.29 15.11 4.59
CA LYS B 352 -3.40 15.10 3.44
C LYS B 352 -2.62 16.39 3.29
N LYS B 353 -3.28 17.50 3.62
CA LYS B 353 -2.66 18.81 3.48
C LYS B 353 -1.64 19.21 4.55
N GLN B 354 -1.79 18.69 5.77
CA GLN B 354 -0.86 19.03 6.85
C GLN B 354 -0.23 17.83 7.51
N MET B 355 -0.08 16.74 6.77
CA MET B 355 0.50 15.51 7.32
C MET B 355 1.21 14.70 6.23
N THR B 356 2.38 14.16 6.54
CA THR B 356 3.12 13.34 5.58
C THR B 356 2.89 11.84 5.81
N GLY B 357 2.09 11.53 6.83
CA GLY B 357 1.79 10.16 7.16
C GLY B 357 0.50 10.21 7.95
N PHE B 358 -0.18 9.09 8.12
CA PHE B 358 -1.45 9.12 8.83
C PHE B 358 -1.49 8.34 10.14
N GLY B 359 -0.32 7.95 10.63
CA GLY B 359 -0.25 7.22 11.88
C GLY B 359 -0.31 5.70 11.76
N GLY B 360 -0.23 5.03 12.90
CA GLY B 360 -0.27 3.58 12.93
C GLY B 360 -1.52 3.06 13.61
N ALA B 361 -2.42 3.96 13.98
CA ALA B 361 -3.64 3.55 14.65
C ALA B 361 -4.84 3.58 13.71
N VAL B 362 -5.64 2.54 13.77
CA VAL B 362 -6.84 2.44 12.92
C VAL B 362 -8.02 1.94 13.74
N SER B 363 -9.12 2.69 13.71
CA SER B 363 -10.31 2.29 14.43
C SER B 363 -11.39 1.88 13.43
N PHE B 364 -12.07 0.77 13.71
CA PHE B 364 -13.13 0.31 12.82
C PHE B 364 -14.22 -0.40 13.61
N GLU B 365 -15.42 -0.46 13.05
CA GLU B 365 -16.54 -1.14 13.71
C GLU B 365 -16.86 -2.45 13.03
N VAL B 366 -16.85 -3.54 13.79
CA VAL B 366 -17.15 -4.84 13.22
C VAL B 366 -18.66 -4.94 13.04
N ASP B 367 -19.09 -5.82 12.14
CA ASP B 367 -20.51 -6.01 11.90
C ASP B 367 -21.03 -6.99 12.93
N GLY B 368 -21.38 -6.50 14.11
CA GLY B 368 -21.91 -7.37 15.15
C GLY B 368 -22.25 -6.58 16.40
N ASP B 369 -22.15 -7.24 17.55
CA ASP B 369 -22.45 -6.62 18.83
C ASP B 369 -21.29 -6.81 19.81
N LEU B 370 -21.46 -6.29 21.02
CA LEU B 370 -20.43 -6.40 22.05
C LEU B 370 -19.83 -7.80 22.03
N LEU B 371 -20.69 -8.80 22.08
CA LEU B 371 -20.27 -10.18 22.10
C LEU B 371 -19.57 -10.67 20.84
N THR B 372 -20.12 -10.31 19.69
CA THR B 372 -19.54 -10.73 18.42
C THR B 372 -18.22 -10.03 18.19
N THR B 373 -18.21 -8.72 18.37
CA THR B 373 -17.00 -7.95 18.18
C THR B 373 -15.91 -8.56 19.07
N ALA B 374 -16.30 -8.90 20.30
CA ALA B 374 -15.38 -9.50 21.25
C ALA B 374 -14.80 -10.79 20.70
N LYS B 375 -15.67 -11.64 20.14
CA LYS B 375 -15.24 -12.91 19.56
C LYS B 375 -14.18 -12.68 18.50
N PHE B 376 -14.24 -11.53 17.85
CA PHE B 376 -13.25 -11.19 16.82
C PHE B 376 -11.90 -10.93 17.47
N VAL B 377 -11.83 -9.94 18.35
CA VAL B 377 -10.58 -9.60 19.01
C VAL B 377 -10.01 -10.80 19.76
N ASP B 378 -10.89 -11.66 20.27
CA ASP B 378 -10.41 -12.84 20.98
C ASP B 378 -9.77 -13.81 20.00
N ALA B 379 -10.16 -13.71 18.73
CA ALA B 379 -9.64 -14.60 17.70
C ALA B 379 -8.25 -14.22 17.19
N LEU B 380 -7.89 -12.93 17.31
CA LEU B 380 -6.57 -12.45 16.86
C LEU B 380 -5.48 -13.18 17.63
N LYS B 381 -4.32 -13.35 17.00
CA LYS B 381 -3.24 -14.08 17.67
C LYS B 381 -1.95 -13.31 17.91
N ILE B 382 -1.76 -12.20 17.22
CA ILE B 382 -0.53 -11.44 17.39
C ILE B 382 -0.62 -10.27 18.36
N PRO B 383 -1.67 -9.45 18.24
CA PRO B 383 -1.78 -8.32 19.17
C PRO B 383 -2.18 -8.70 20.58
N TYR B 384 -1.82 -7.85 21.54
CA TYR B 384 -2.18 -8.08 22.93
C TYR B 384 -3.47 -7.30 23.17
N ILE B 385 -4.37 -7.85 23.96
CA ILE B 385 -5.59 -7.13 24.26
C ILE B 385 -5.15 -6.28 25.43
N ALA B 386 -4.95 -5.00 25.20
CA ALA B 386 -4.48 -4.10 26.25
C ALA B 386 -4.59 -2.63 25.86
N PRO B 387 -4.36 -1.73 26.83
CA PRO B 387 -4.44 -0.30 26.52
C PRO B 387 -3.14 0.19 25.89
N SER B 388 -3.09 1.48 25.58
CA SER B 388 -1.92 2.07 24.96
C SER B 388 -1.74 1.69 23.50
N PHE B 389 -0.75 2.30 22.86
CA PHE B 389 -0.46 2.05 21.45
C PHE B 389 0.85 2.71 21.05
N GLY B 390 1.27 2.50 19.81
CA GLY B 390 2.49 3.11 19.33
C GLY B 390 3.78 2.32 19.42
N GLY B 391 3.73 1.12 19.97
CA GLY B 391 4.94 0.34 20.10
C GLY B 391 5.10 -0.82 19.14
N CYS B 392 6.31 -1.37 19.09
CA CYS B 392 6.63 -2.49 18.21
C CYS B 392 5.64 -3.65 18.30
N GLU B 393 5.04 -3.88 19.46
CA GLU B 393 4.07 -4.97 19.60
C GLU B 393 2.68 -4.45 19.25
N SER B 394 1.92 -5.21 18.49
CA SER B 394 0.59 -4.76 18.12
C SER B 394 -0.36 -4.90 19.29
N ILE B 395 -1.37 -4.03 19.37
CA ILE B 395 -2.33 -4.05 20.46
C ILE B 395 -3.76 -3.78 19.99
N VAL B 396 -4.73 -4.51 20.54
CA VAL B 396 -6.14 -4.34 20.20
C VAL B 396 -6.93 -4.08 21.47
N ASP B 397 -8.05 -3.37 21.35
CA ASP B 397 -8.90 -3.09 22.49
C ASP B 397 -10.27 -2.58 22.03
N GLN B 398 -11.29 -2.77 22.86
CA GLN B 398 -12.65 -2.33 22.56
C GLN B 398 -12.93 -1.14 23.47
N PRO B 399 -12.68 0.09 22.99
CA PRO B 399 -12.92 1.30 23.79
C PRO B 399 -14.15 1.27 24.70
N ALA B 400 -15.18 0.54 24.30
CA ALA B 400 -16.40 0.44 25.10
C ALA B 400 -16.17 -0.33 26.40
N ILE B 401 -15.46 -1.44 26.32
CA ILE B 401 -15.17 -2.25 27.48
C ILE B 401 -13.95 -1.75 28.23
N MET B 402 -12.92 -1.35 27.49
CA MET B 402 -11.67 -0.87 28.08
C MET B 402 -11.66 0.52 28.70
N SER B 403 -12.61 1.38 28.36
CA SER B 403 -12.58 2.71 28.92
C SER B 403 -13.91 3.42 29.15
N TYR B 404 -15.02 2.72 28.95
CA TYR B 404 -16.30 3.35 29.18
C TYR B 404 -17.23 2.34 29.80
N TRP B 405 -16.69 1.21 30.23
CA TRP B 405 -17.50 0.17 30.84
C TRP B 405 -18.20 0.70 32.08
N ASP B 406 -17.68 1.81 32.60
CA ASP B 406 -18.24 2.43 33.80
C ASP B 406 -19.53 3.17 33.49
N LEU B 407 -19.77 3.46 32.21
CA LEU B 407 -20.98 4.16 31.79
C LEU B 407 -22.05 3.21 31.30
N SER B 408 -23.27 3.72 31.22
CA SER B 408 -24.39 2.92 30.74
C SER B 408 -24.34 2.91 29.22
N GLN B 409 -24.82 1.83 28.61
CA GLN B 409 -24.82 1.72 27.16
C GLN B 409 -25.29 3.01 26.51
N SER B 410 -26.29 3.63 27.12
CA SER B 410 -26.86 4.87 26.61
C SER B 410 -25.91 6.04 26.80
N ASP B 411 -25.17 6.04 27.89
CA ASP B 411 -24.22 7.11 28.17
C ASP B 411 -22.98 6.93 27.30
N ARG B 412 -22.66 5.69 26.97
CA ARG B 412 -21.51 5.40 26.13
C ARG B 412 -21.81 5.91 24.74
N ALA B 413 -22.91 5.41 24.18
CA ALA B 413 -23.33 5.81 22.85
C ALA B 413 -23.57 7.32 22.83
N LYS B 414 -23.78 7.89 24.01
CA LYS B 414 -24.01 9.33 24.13
C LYS B 414 -22.81 10.09 23.60
N TYR B 415 -21.73 9.36 23.31
CA TYR B 415 -20.54 9.99 22.79
C TYR B 415 -19.74 9.13 21.81
N GLY B 416 -20.46 8.57 20.84
CA GLY B 416 -19.83 7.78 19.80
C GLY B 416 -19.28 6.41 20.08
N ILE B 417 -19.04 6.07 21.34
CA ILE B 417 -18.49 4.76 21.65
C ILE B 417 -19.53 3.66 21.57
N MET B 418 -19.28 2.70 20.68
CA MET B 418 -20.19 1.58 20.49
C MET B 418 -19.52 0.26 20.81
N ASP B 419 -20.33 -0.74 21.15
CA ASP B 419 -19.82 -2.05 21.49
C ASP B 419 -19.16 -2.66 20.27
N ASN B 420 -19.37 -2.00 19.13
CA ASN B 420 -18.84 -2.43 17.84
C ASN B 420 -17.39 -1.99 17.66
N LEU B 421 -17.15 -0.72 17.98
CA LEU B 421 -15.84 -0.09 17.85
C LEU B 421 -14.64 -0.87 18.38
N VAL B 422 -13.65 -1.05 17.49
CA VAL B 422 -12.41 -1.73 17.83
C VAL B 422 -11.32 -0.72 17.48
N ARG B 423 -10.27 -0.68 18.29
CA ARG B 423 -9.18 0.24 18.05
C ARG B 423 -7.95 -0.62 17.89
N PHE B 424 -7.29 -0.52 16.75
CA PHE B 424 -6.12 -1.33 16.45
C PHE B 424 -4.87 -0.49 16.33
N SER B 425 -3.85 -0.83 17.10
CA SER B 425 -2.59 -0.12 17.03
C SER B 425 -1.64 -1.06 16.31
N PHE B 426 -1.34 -0.74 15.06
CA PHE B 426 -0.47 -1.61 14.30
C PHE B 426 0.98 -1.57 14.75
N GLY B 427 1.50 -2.76 15.05
CA GLY B 427 2.86 -2.90 15.49
C GLY B 427 3.84 -2.71 14.35
N VAL B 428 4.99 -3.37 14.47
CA VAL B 428 6.04 -3.27 13.47
C VAL B 428 6.30 -4.68 12.88
N GLU B 429 5.40 -5.62 13.23
CA GLU B 429 5.51 -6.97 12.72
C GLU B 429 5.29 -6.91 11.21
N ASP B 430 5.55 -8.02 10.54
CA ASP B 430 5.38 -8.07 9.09
C ASP B 430 3.93 -7.87 8.67
N PHE B 431 3.75 -7.08 7.61
CA PHE B 431 2.40 -6.77 7.11
C PHE B 431 1.59 -8.00 6.78
N ASP B 432 2.21 -9.00 6.18
CA ASP B 432 1.47 -10.20 5.82
C ASP B 432 1.07 -11.04 7.02
N ASP B 433 1.91 -11.05 8.06
CA ASP B 433 1.59 -11.80 9.27
C ASP B 433 0.40 -11.12 9.90
N LEU B 434 0.43 -9.80 9.90
CA LEU B 434 -0.63 -8.99 10.48
C LEU B 434 -1.93 -9.10 9.70
N LYS B 435 -1.85 -8.98 8.38
CA LYS B 435 -3.04 -9.06 7.54
C LYS B 435 -3.69 -10.44 7.62
N ALA B 436 -2.87 -11.49 7.55
CA ALA B 436 -3.37 -12.86 7.62
C ALA B 436 -4.18 -13.07 8.89
N ASP B 437 -3.63 -12.62 10.00
CA ASP B 437 -4.25 -12.74 11.31
C ASP B 437 -5.57 -12.00 11.38
N ILE B 438 -5.60 -10.76 10.92
CA ILE B 438 -6.83 -9.97 10.96
C ILE B 438 -7.93 -10.60 10.10
N LEU B 439 -7.56 -11.13 8.96
CA LEU B 439 -8.55 -11.75 8.07
C LEU B 439 -9.06 -13.03 8.72
N GLN B 440 -8.13 -13.89 9.12
CA GLN B 440 -8.47 -15.15 9.76
C GLN B 440 -9.49 -14.93 10.88
N ALA B 441 -9.30 -13.85 11.64
CA ALA B 441 -10.19 -13.53 12.75
C ALA B 441 -11.55 -13.06 12.26
N LEU B 442 -11.56 -12.22 11.23
CA LEU B 442 -12.81 -11.71 10.70
C LEU B 442 -13.68 -12.82 10.14
N ASP B 443 -13.06 -13.97 9.87
CA ASP B 443 -13.79 -15.11 9.33
C ASP B 443 -14.61 -15.81 10.40
N SER B 444 -14.11 -15.83 11.63
CA SER B 444 -14.81 -16.48 12.75
C SER B 444 -16.09 -15.72 13.09
N ILE B 445 -16.14 -14.45 12.74
CA ILE B 445 -17.33 -13.65 13.00
C ILE B 445 -18.51 -14.16 12.19
CA MET C 48 10.46 -25.96 14.28
C MET C 48 10.35 -24.44 14.37
N LYS C 49 9.17 -23.92 14.04
CA LYS C 49 8.92 -22.48 14.07
C LYS C 49 8.29 -22.09 15.40
N TYR C 50 8.63 -20.89 15.89
CA TYR C 50 8.07 -20.44 17.16
C TYR C 50 6.55 -20.53 17.07
N ALA C 51 5.97 -19.66 16.27
CA ALA C 51 4.53 -19.64 16.11
C ALA C 51 4.17 -19.94 14.66
N SER C 52 3.02 -20.59 14.46
CA SER C 52 2.56 -20.92 13.12
C SER C 52 1.97 -19.67 12.48
N PHE C 53 1.60 -18.69 13.31
CA PHE C 53 1.03 -17.46 12.81
C PHE C 53 2.08 -16.37 12.61
N LEU C 54 3.34 -16.75 12.76
CA LEU C 54 4.44 -15.81 12.58
C LEU C 54 5.34 -16.41 11.53
N ASN C 55 5.23 -15.93 10.30
CA ASN C 55 6.03 -16.47 9.19
C ASN C 55 7.17 -15.58 8.70
N SER C 56 7.34 -14.41 9.30
CA SER C 56 8.42 -13.55 8.86
C SER C 56 9.43 -13.27 9.97
N ASP C 57 10.71 -13.25 9.61
CA ASP C 57 11.78 -13.01 10.55
C ASP C 57 11.57 -11.76 11.39
N GLY C 58 10.88 -10.78 10.82
CA GLY C 58 10.61 -9.55 11.54
C GLY C 58 9.64 -9.83 12.68
N SER C 59 8.55 -10.52 12.37
CA SER C 59 7.57 -10.84 13.39
C SER C 59 8.13 -11.79 14.43
N VAL C 60 9.13 -12.57 14.04
CA VAL C 60 9.75 -13.51 14.96
C VAL C 60 10.72 -12.81 15.88
N ALA C 61 11.58 -11.98 15.32
CA ALA C 61 12.55 -11.24 16.11
C ALA C 61 11.83 -10.50 17.22
N ILE C 62 10.58 -10.12 16.96
CA ILE C 62 9.80 -9.38 17.93
C ILE C 62 9.15 -10.26 19.00
N HIS C 63 8.32 -11.20 18.58
CA HIS C 63 7.59 -12.05 19.53
C HIS C 63 8.22 -13.36 19.96
N ALA C 64 9.23 -13.83 19.22
CA ALA C 64 9.85 -15.10 19.60
C ALA C 64 10.37 -15.07 21.04
N GLY C 65 9.99 -16.08 21.81
CA GLY C 65 10.40 -16.18 23.20
C GLY C 65 9.55 -15.38 24.18
N GLU C 66 8.49 -14.74 23.70
CA GLU C 66 7.65 -13.93 24.57
C GLU C 66 6.15 -14.06 24.33
N ARG C 67 5.72 -13.80 23.09
CA ARG C 67 4.31 -13.86 22.73
C ARG C 67 3.51 -15.04 23.24
N LEU C 68 4.10 -16.22 23.20
CA LEU C 68 3.39 -17.40 23.64
C LEU C 68 3.60 -17.80 25.10
N GLY C 69 4.47 -17.09 25.79
CA GLY C 69 4.73 -17.41 27.18
C GLY C 69 6.18 -17.14 27.52
N ARG C 70 6.49 -16.89 28.79
CA ARG C 70 7.87 -16.58 29.13
C ARG C 70 8.57 -17.45 30.17
N GLY C 71 7.79 -18.07 31.06
CA GLY C 71 8.40 -18.87 32.09
C GLY C 71 8.31 -18.03 33.34
N ILE C 72 8.58 -16.74 33.19
CA ILE C 72 8.45 -15.80 34.29
C ILE C 72 7.10 -15.14 33.99
N VAL C 73 6.05 -15.74 34.54
CA VAL C 73 4.68 -15.27 34.31
C VAL C 73 4.35 -13.81 34.62
N THR C 74 3.72 -13.16 33.65
CA THR C 74 3.31 -11.76 33.78
C THR C 74 2.20 -11.41 32.80
N ASP C 75 1.54 -10.29 33.07
CA ASP C 75 0.47 -9.80 32.23
C ASP C 75 1.05 -8.53 31.61
N ALA C 76 2.36 -8.40 31.71
CA ALA C 76 3.06 -7.26 31.15
C ALA C 76 3.37 -7.58 29.70
N ILE C 77 3.58 -6.55 28.88
CA ILE C 77 3.88 -6.75 27.48
C ILE C 77 5.34 -7.13 27.28
N THR C 78 6.21 -6.54 28.09
CA THR C 78 7.65 -6.78 27.97
C THR C 78 8.19 -7.78 28.98
N THR C 79 9.44 -8.22 28.76
CA THR C 79 10.12 -9.17 29.65
C THR C 79 10.73 -8.47 30.88
N PRO C 80 10.47 -9.00 32.08
CA PRO C 80 11.01 -8.36 33.29
C PRO C 80 12.50 -8.61 33.51
N VAL C 81 13.17 -7.59 34.02
CA VAL C 81 14.59 -7.74 34.32
C VAL C 81 14.67 -8.33 35.71
N VAL C 82 15.22 -9.53 35.80
CA VAL C 82 15.36 -10.22 37.09
C VAL C 82 16.78 -10.10 37.63
N ASN C 83 16.99 -9.17 38.56
CA ASN C 83 18.29 -8.93 39.17
C ASN C 83 18.49 -9.78 40.43
N THR C 84 18.87 -11.04 40.24
CA THR C 84 19.09 -11.91 41.38
C THR C 84 20.35 -12.72 41.11
N SER C 85 21.04 -13.10 42.17
CA SER C 85 22.28 -13.88 42.06
C SER C 85 22.01 -15.33 42.43
N ALA C 86 20.83 -15.58 43.00
CA ALA C 86 20.46 -16.92 43.41
C ALA C 86 18.95 -17.11 43.40
N TYR C 87 18.53 -18.37 43.29
CA TYR C 87 17.12 -18.72 43.25
C TYR C 87 16.86 -19.63 44.45
N PHE C 88 15.74 -19.44 45.12
CA PHE C 88 15.44 -20.24 46.28
C PHE C 88 14.49 -21.39 46.04
N PHE C 89 14.42 -22.28 47.02
CA PHE C 89 13.55 -23.46 46.98
C PHE C 89 12.62 -23.39 48.19
N ASN C 90 11.39 -23.85 48.03
CA ASN C 90 10.42 -23.82 49.11
C ASN C 90 10.72 -24.78 50.26
N LYS C 91 11.26 -25.94 49.93
CA LYS C 91 11.60 -26.93 50.95
C LYS C 91 12.62 -27.88 50.39
N THR C 92 13.46 -28.44 51.26
CA THR C 92 14.49 -29.35 50.84
C THR C 92 13.96 -30.38 49.87
N SER C 93 12.71 -30.79 50.08
CA SER C 93 12.07 -31.77 49.21
C SER C 93 12.16 -31.34 47.75
N GLU C 94 11.71 -30.12 47.46
CA GLU C 94 11.74 -29.59 46.11
C GLU C 94 13.15 -29.39 45.58
N LEU C 95 14.10 -29.16 46.48
CA LEU C 95 15.48 -28.97 46.06
C LEU C 95 16.01 -30.29 45.51
N ILE C 96 15.63 -31.39 46.15
CA ILE C 96 16.06 -32.71 45.72
C ILE C 96 15.40 -33.03 44.38
N ASP C 97 14.10 -32.78 44.28
CA ASP C 97 13.38 -33.01 43.02
C ASP C 97 14.21 -32.41 41.90
N PHE C 98 14.44 -31.12 41.99
CA PHE C 98 15.23 -30.39 41.01
C PHE C 98 16.57 -31.08 40.77
N LYS C 99 17.21 -31.52 41.86
CA LYS C 99 18.51 -32.17 41.74
C LYS C 99 18.42 -33.50 41.00
N GLU C 100 17.25 -34.11 41.03
CA GLU C 100 17.02 -35.39 40.37
C GLU C 100 16.25 -35.18 39.08
N LYS C 101 16.36 -33.96 38.56
CA LYS C 101 15.72 -33.57 37.31
C LYS C 101 14.21 -33.77 37.30
N ARG C 102 13.57 -33.63 38.45
CA ARG C 102 12.13 -33.77 38.54
C ARG C 102 11.48 -32.40 38.65
N ARG C 103 12.32 -31.38 38.74
CA ARG C 103 11.88 -29.99 38.83
C ARG C 103 12.89 -29.12 38.08
N ALA C 104 12.48 -27.90 37.73
CA ALA C 104 13.36 -27.00 37.01
C ALA C 104 13.73 -25.76 37.82
N SER C 105 14.98 -25.32 37.67
CA SER C 105 15.47 -24.15 38.38
C SER C 105 16.84 -23.78 37.84
N PHE C 106 17.18 -22.50 37.93
CA PHE C 106 18.49 -22.04 37.48
C PHE C 106 19.45 -22.24 38.64
N GLU C 107 18.90 -22.34 39.85
CA GLU C 107 19.65 -22.53 41.09
C GLU C 107 20.53 -21.33 41.38
N TYR C 108 21.60 -21.17 40.61
CA TYR C 108 22.52 -20.06 40.80
C TYR C 108 22.57 -19.17 39.55
N GLY C 109 22.90 -17.90 39.74
CA GLY C 109 22.96 -16.98 38.62
C GLY C 109 23.94 -17.30 37.52
N ARG C 110 25.03 -17.99 37.86
CA ARG C 110 26.03 -18.33 36.86
C ARG C 110 25.50 -19.42 35.94
N TYR C 111 24.35 -19.99 36.29
CA TYR C 111 23.76 -21.08 35.52
C TYR C 111 22.51 -20.73 34.72
N GLY C 112 22.03 -19.50 34.84
CA GLY C 112 20.84 -19.14 34.11
C GLY C 112 20.07 -18.00 34.72
N ASN C 113 19.11 -17.49 33.98
CA ASN C 113 18.31 -16.37 34.45
C ASN C 113 17.07 -16.23 33.58
N PRO C 114 15.94 -15.90 34.21
CA PRO C 114 14.67 -15.74 33.49
C PRO C 114 14.67 -14.71 32.37
N THR C 115 15.17 -13.51 32.67
CA THR C 115 15.20 -12.48 31.65
C THR C 115 16.25 -12.77 30.56
N THR C 116 17.08 -13.80 30.73
CA THR C 116 18.08 -14.12 29.72
C THR C 116 17.66 -15.29 28.81
N VAL C 117 16.94 -16.26 29.35
CA VAL C 117 16.50 -17.38 28.51
C VAL C 117 15.65 -16.86 27.38
N VAL C 118 14.82 -15.87 27.67
CA VAL C 118 13.96 -15.28 26.65
C VAL C 118 14.81 -14.91 25.44
N LEU C 119 15.86 -14.15 25.67
CA LEU C 119 16.75 -13.73 24.59
C LEU C 119 17.39 -14.96 23.94
N GLU C 120 17.57 -16.02 24.71
CA GLU C 120 18.17 -17.25 24.20
C GLU C 120 17.22 -17.95 23.25
N GLU C 121 15.95 -18.01 23.63
CA GLU C 121 14.93 -18.67 22.82
C GLU C 121 14.57 -17.82 21.62
N LYS C 122 14.71 -16.52 21.76
CA LYS C 122 14.40 -15.61 20.68
C LYS C 122 15.39 -15.75 19.53
N ILE C 123 16.68 -15.81 19.86
CA ILE C 123 17.70 -15.94 18.83
C ILE C 123 17.66 -17.33 18.23
N SER C 124 17.37 -18.33 19.05
CA SER C 124 17.30 -19.71 18.59
C SER C 124 16.23 -19.82 17.50
N ALA C 125 15.17 -19.03 17.65
CA ALA C 125 14.08 -19.03 16.68
C ALA C 125 14.54 -18.46 15.35
N LEU C 126 15.17 -17.28 15.39
CA LEU C 126 15.67 -16.64 14.18
C LEU C 126 16.60 -17.56 13.41
N GLU C 127 17.52 -18.22 14.10
CA GLU C 127 18.47 -19.11 13.45
C GLU C 127 17.93 -20.50 13.21
N GLY C 128 16.73 -20.77 13.74
CA GLY C 128 16.14 -22.08 13.58
C GLY C 128 17.03 -23.10 14.27
N ALA C 129 17.72 -22.65 15.33
CA ALA C 129 18.61 -23.51 16.08
C ALA C 129 17.87 -24.31 17.14
N GLU C 130 18.53 -25.36 17.62
CA GLU C 130 17.96 -26.22 18.63
C GLU C 130 18.14 -25.62 20.02
N SER C 131 19.17 -24.81 20.17
CA SER C 131 19.46 -24.16 21.45
C SER C 131 20.50 -23.07 21.24
N THR C 132 20.43 -22.02 22.08
CA THR C 132 21.38 -20.92 22.00
C THR C 132 21.97 -20.59 23.39
N LEU C 133 23.21 -20.14 23.40
CA LEU C 133 23.89 -19.80 24.65
C LEU C 133 24.38 -18.36 24.57
N LEU C 134 24.04 -17.55 25.57
CA LEU C 134 24.47 -16.15 25.57
C LEU C 134 25.62 -15.90 26.54
N MET C 135 26.61 -15.13 26.12
CA MET C 135 27.77 -14.85 26.96
C MET C 135 28.08 -13.38 27.15
N ALA C 136 29.11 -13.09 27.93
CA ALA C 136 29.53 -11.73 28.22
C ALA C 136 29.95 -10.93 27.00
N SER C 137 30.42 -11.61 25.97
CA SER C 137 30.86 -10.92 24.76
C SER C 137 31.15 -11.87 23.61
N GLY C 138 31.40 -11.29 22.44
CA GLY C 138 31.69 -12.09 21.26
C GLY C 138 32.91 -12.96 21.46
N MET C 139 34.00 -12.34 21.93
CA MET C 139 35.26 -13.03 22.18
C MET C 139 35.05 -14.11 23.24
N CYS C 140 34.11 -13.90 24.14
CA CYS C 140 33.85 -14.87 25.17
C CYS C 140 33.20 -16.11 24.53
N ALA C 141 32.32 -15.86 23.56
CA ALA C 141 31.62 -16.94 22.87
C ALA C 141 32.57 -17.77 22.02
N SER C 142 33.42 -17.10 21.24
CA SER C 142 34.37 -17.80 20.39
C SER C 142 35.31 -18.65 21.22
N THR C 143 35.89 -18.00 22.24
CA THR C 143 36.86 -18.62 23.13
C THR C 143 36.37 -19.84 23.92
N VAL C 144 35.25 -19.71 24.61
CA VAL C 144 34.72 -20.84 25.38
C VAL C 144 34.39 -22.02 24.46
N MET C 145 33.88 -21.71 23.27
CA MET C 145 33.53 -22.74 22.30
C MET C 145 34.76 -23.50 21.83
N LEU C 146 35.81 -22.78 21.49
CA LEU C 146 37.04 -23.41 21.03
C LEU C 146 37.61 -24.32 22.12
N LEU C 147 37.62 -23.83 23.36
CA LEU C 147 38.14 -24.57 24.50
C LEU C 147 37.29 -25.78 24.86
N ALA C 148 36.00 -25.71 24.56
CA ALA C 148 35.10 -26.81 24.86
C ALA C 148 34.97 -27.88 23.78
N LEU C 149 35.11 -27.49 22.50
CA LEU C 149 34.97 -28.41 21.38
C LEU C 149 36.25 -29.00 20.81
N VAL C 150 37.33 -28.23 20.79
CA VAL C 150 38.59 -28.73 20.26
C VAL C 150 39.40 -29.38 21.39
N PRO C 151 39.71 -30.68 21.26
CA PRO C 151 40.47 -31.40 22.29
C PRO C 151 41.94 -30.98 22.31
N ALA C 152 42.67 -31.40 23.35
CA ALA C 152 44.09 -31.08 23.45
C ALA C 152 44.85 -31.87 22.42
N GLY C 153 45.84 -31.24 21.79
CA GLY C 153 46.63 -31.92 20.78
C GLY C 153 45.91 -31.89 19.44
N GLY C 154 44.61 -31.57 19.48
CA GLY C 154 43.81 -31.53 18.27
C GLY C 154 44.26 -30.54 17.21
N HIS C 155 43.48 -30.48 16.13
CA HIS C 155 43.77 -29.58 15.02
C HIS C 155 42.59 -28.71 14.63
N ILE C 156 42.90 -27.46 14.28
CA ILE C 156 41.91 -26.48 13.90
C ILE C 156 42.27 -25.89 12.54
N VAL C 157 41.26 -25.44 11.80
CA VAL C 157 41.48 -24.84 10.49
C VAL C 157 40.65 -23.56 10.36
N THR C 158 41.31 -22.47 9.98
CA THR C 158 40.63 -21.18 9.79
C THR C 158 41.33 -20.39 8.69
N THR C 159 40.65 -19.35 8.23
CA THR C 159 41.18 -18.49 7.16
C THR C 159 42.22 -17.50 7.65
N THR C 160 42.84 -16.80 6.69
CA THR C 160 43.86 -15.81 7.00
C THR C 160 43.20 -14.50 7.39
N ASP C 161 41.88 -14.45 7.23
CA ASP C 161 41.11 -13.24 7.55
C ASP C 161 40.43 -13.33 8.91
N CYS C 162 40.79 -14.35 9.67
CA CYS C 162 40.23 -14.57 11.00
C CYS C 162 40.39 -13.32 11.86
N TYR C 163 39.38 -13.05 12.69
CA TYR C 163 39.40 -11.89 13.59
C TYR C 163 40.71 -11.89 14.37
N ARG C 164 41.47 -10.80 14.27
CA ARG C 164 42.77 -10.71 14.94
C ARG C 164 42.83 -11.27 16.35
N LYS C 165 42.07 -10.68 17.27
CA LYS C 165 42.06 -11.14 18.64
C LYS C 165 41.95 -12.66 18.69
N THR C 166 41.01 -13.21 17.93
CA THR C 166 40.79 -14.64 17.89
C THR C 166 42.00 -15.37 17.32
N ARG C 167 42.64 -14.78 16.33
CA ARG C 167 43.82 -15.41 15.74
C ARG C 167 44.86 -15.53 16.84
N ILE C 168 45.03 -14.44 17.58
CA ILE C 168 45.98 -14.38 18.67
C ILE C 168 45.71 -15.48 19.69
N PHE C 169 44.45 -15.62 20.08
CA PHE C 169 44.08 -16.66 21.03
C PHE C 169 44.38 -18.05 20.47
N ILE C 170 44.21 -18.21 19.16
CA ILE C 170 44.45 -19.49 18.50
C ILE C 170 45.94 -19.77 18.33
N GLU C 171 46.74 -18.70 18.27
CA GLU C 171 48.17 -18.87 18.07
C GLU C 171 49.06 -18.75 19.31
N THR C 172 48.49 -18.33 20.44
CA THR C 172 49.29 -18.18 21.65
C THR C 172 48.78 -18.98 22.85
N ILE C 173 47.46 -19.11 22.95
CA ILE C 173 46.88 -19.85 24.08
C ILE C 173 46.65 -21.31 23.74
N LEU C 174 45.89 -21.55 22.68
CA LEU C 174 45.57 -22.90 22.26
C LEU C 174 46.77 -23.83 22.12
N PRO C 175 47.92 -23.32 21.64
CA PRO C 175 49.08 -24.19 21.50
C PRO C 175 49.53 -24.89 22.80
N LYS C 176 49.24 -24.26 23.93
CA LYS C 176 49.60 -24.85 25.21
C LYS C 176 48.89 -26.19 25.38
N MET C 177 47.71 -26.31 24.78
CA MET C 177 46.92 -27.54 24.88
C MET C 177 47.34 -28.57 23.84
N GLY C 178 48.37 -28.21 23.06
CA GLY C 178 48.86 -29.11 22.03
C GLY C 178 48.08 -28.99 20.76
N ILE C 179 47.13 -28.06 20.75
CA ILE C 179 46.28 -27.82 19.59
C ILE C 179 47.13 -27.13 18.52
N THR C 180 46.87 -27.47 17.27
CA THR C 180 47.60 -26.88 16.16
C THR C 180 46.60 -26.46 15.09
N ALA C 181 46.88 -25.36 14.40
CA ALA C 181 45.97 -24.85 13.39
C ALA C 181 46.49 -24.78 11.96
N THR C 182 45.55 -24.65 11.02
CA THR C 182 45.83 -24.55 9.60
C THR C 182 45.10 -23.31 9.09
N VAL C 183 45.86 -22.31 8.65
CA VAL C 183 45.27 -21.07 8.15
C VAL C 183 45.28 -21.02 6.63
N ILE C 184 44.10 -21.08 6.03
CA ILE C 184 43.95 -21.05 4.57
C ILE C 184 43.33 -19.73 4.11
N ASP C 185 43.11 -19.62 2.80
CA ASP C 185 42.50 -18.43 2.25
C ASP C 185 40.99 -18.65 2.28
N PRO C 186 40.21 -17.57 2.48
CA PRO C 186 38.75 -17.76 2.53
C PRO C 186 38.24 -18.53 1.32
N ALA C 187 38.74 -18.16 0.15
CA ALA C 187 38.32 -18.79 -1.11
C ALA C 187 38.93 -20.17 -1.36
N ASP C 188 40.22 -20.31 -1.14
CA ASP C 188 40.92 -21.57 -1.38
C ASP C 188 40.26 -22.82 -0.77
N VAL C 189 39.33 -23.42 -1.50
CA VAL C 189 38.64 -24.61 -1.04
C VAL C 189 39.51 -25.84 -1.24
N GLY C 190 40.41 -25.78 -2.21
CA GLY C 190 41.30 -26.90 -2.46
C GLY C 190 42.13 -27.14 -1.21
N ALA C 191 42.63 -26.05 -0.63
CA ALA C 191 43.43 -26.10 0.59
C ALA C 191 42.64 -26.76 1.69
N LEU C 192 41.43 -26.27 1.92
CA LEU C 192 40.55 -26.82 2.95
C LEU C 192 40.45 -28.32 2.74
N GLU C 193 40.42 -28.73 1.48
CA GLU C 193 40.32 -30.14 1.12
C GLU C 193 41.58 -30.90 1.47
N LEU C 194 42.73 -30.32 1.13
CA LEU C 194 44.01 -30.95 1.41
C LEU C 194 44.18 -31.08 2.91
N ALA C 195 44.00 -29.96 3.61
CA ALA C 195 44.12 -29.89 5.05
C ALA C 195 43.16 -30.87 5.71
N LEU C 196 41.94 -30.96 5.18
CA LEU C 196 40.94 -31.87 5.71
C LEU C 196 41.41 -33.31 5.59
N ASN C 197 42.56 -33.51 4.94
CA ASN C 197 43.08 -34.85 4.74
C ASN C 197 44.43 -35.14 5.41
N GLN C 198 45.49 -34.46 4.95
CA GLN C 198 46.82 -34.68 5.52
C GLN C 198 46.80 -34.84 7.03
N LYS C 199 46.05 -33.97 7.71
CA LYS C 199 45.93 -34.03 9.16
C LYS C 199 44.44 -34.09 9.52
N LYS C 200 44.11 -34.76 10.63
CA LYS C 200 42.72 -34.86 11.04
C LYS C 200 42.23 -33.57 11.66
N VAL C 201 41.30 -32.90 10.98
CA VAL C 201 40.74 -31.64 11.44
C VAL C 201 39.56 -31.86 12.38
N ASN C 202 39.56 -31.11 13.48
CA ASN C 202 38.53 -31.21 14.51
C ASN C 202 37.41 -30.23 14.26
N LEU C 203 37.75 -29.06 13.77
CA LEU C 203 36.75 -28.04 13.52
C LEU C 203 37.27 -26.97 12.57
N PHE C 204 36.41 -26.53 11.65
CA PHE C 204 36.75 -25.48 10.71
C PHE C 204 35.99 -24.27 11.19
N PHE C 205 36.73 -23.22 11.55
CA PHE C 205 36.09 -22.02 12.04
C PHE C 205 36.36 -20.84 11.14
N THR C 206 35.29 -20.16 10.75
CA THR C 206 35.42 -18.99 9.90
C THR C 206 34.21 -18.11 9.99
N GLU C 207 34.43 -16.84 9.69
CA GLU C 207 33.38 -15.84 9.69
C GLU C 207 33.00 -15.65 8.22
N SER C 208 31.79 -15.15 7.97
CA SER C 208 31.32 -14.94 6.60
C SER C 208 30.04 -14.11 6.58
N PRO C 209 30.11 -12.87 6.07
CA PRO C 209 31.29 -12.20 5.51
C PRO C 209 32.45 -12.11 6.50
N THR C 210 33.61 -11.74 5.97
CA THR C 210 34.83 -11.64 6.73
C THR C 210 35.16 -10.18 7.04
N ASN C 211 36.10 -9.95 7.95
CA ASN C 211 36.50 -8.58 8.29
C ASN C 211 37.96 -8.37 7.87
N PRO C 212 38.28 -7.22 7.24
CA PRO C 212 37.42 -6.09 6.87
C PRO C 212 37.05 -6.12 5.39
N PHE C 213 37.56 -7.11 4.68
CA PHE C 213 37.32 -7.24 3.24
C PHE C 213 36.04 -7.98 2.89
N LEU C 214 35.28 -8.38 3.90
CA LEU C 214 34.00 -9.05 3.69
C LEU C 214 34.01 -10.27 2.77
N ARG C 215 35.09 -11.03 2.79
CA ARG C 215 35.18 -12.23 1.95
C ARG C 215 34.11 -13.22 2.42
N CYS C 216 33.54 -13.97 1.48
CA CYS C 216 32.50 -14.92 1.83
C CYS C 216 32.95 -16.35 1.59
N VAL C 217 32.33 -17.28 2.32
CA VAL C 217 32.65 -18.70 2.22
C VAL C 217 31.38 -19.47 1.88
N ASP C 218 31.50 -20.44 0.97
CA ASP C 218 30.35 -21.24 0.60
C ASP C 218 30.01 -22.18 1.74
N ILE C 219 29.18 -21.70 2.67
CA ILE C 219 28.81 -22.51 3.82
C ILE C 219 28.37 -23.93 3.48
N GLU C 220 27.54 -24.05 2.45
CA GLU C 220 27.05 -25.37 2.04
C GLU C 220 28.14 -26.31 1.53
N LEU C 221 28.99 -25.81 0.64
CA LEU C 221 30.07 -26.61 0.08
C LEU C 221 31.05 -26.98 1.16
N VAL C 222 31.55 -25.96 1.85
CA VAL C 222 32.52 -26.13 2.94
C VAL C 222 31.98 -27.10 4.00
N SER C 223 30.70 -26.97 4.33
CA SER C 223 30.08 -27.84 5.32
C SER C 223 30.12 -29.29 4.87
N LYS C 224 29.88 -29.51 3.57
CA LYS C 224 29.88 -30.86 3.01
C LYS C 224 31.24 -31.54 3.11
N LEU C 225 32.28 -30.84 2.69
CA LEU C 225 33.64 -31.39 2.74
C LEU C 225 34.02 -31.80 4.16
N CYS C 226 33.92 -30.85 5.08
CA CYS C 226 34.26 -31.08 6.47
C CYS C 226 33.54 -32.30 7.04
N HIS C 227 32.21 -32.27 7.03
CA HIS C 227 31.45 -33.39 7.57
C HIS C 227 31.83 -34.72 6.94
N GLU C 228 32.37 -34.67 5.73
CA GLU C 228 32.79 -35.89 5.04
C GLU C 228 33.96 -36.48 5.80
N LYS C 229 34.84 -35.61 6.25
CA LYS C 229 36.02 -36.02 7.00
C LYS C 229 35.78 -35.86 8.50
N GLY C 230 34.52 -35.80 8.89
CA GLY C 230 34.17 -35.68 10.30
C GLY C 230 34.41 -34.37 11.01
N ALA C 231 34.95 -33.37 10.32
CA ALA C 231 35.22 -32.07 10.95
C ALA C 231 33.91 -31.36 11.30
N LEU C 232 34.00 -30.39 12.20
CA LEU C 232 32.84 -29.63 12.62
C LEU C 232 32.93 -28.27 11.94
N VAL C 233 31.79 -27.65 11.65
CA VAL C 233 31.80 -26.35 10.99
C VAL C 233 31.12 -25.31 11.84
N CYS C 234 31.82 -24.20 12.08
CA CYS C 234 31.28 -23.10 12.87
C CYS C 234 31.45 -21.80 12.08
N ILE C 235 30.33 -21.11 11.87
CA ILE C 235 30.35 -19.87 11.11
C ILE C 235 29.98 -18.66 11.95
N ASP C 236 30.80 -17.62 11.87
CA ASP C 236 30.57 -16.39 12.61
C ASP C 236 29.78 -15.43 11.74
N GLY C 237 28.47 -15.46 11.85
CA GLY C 237 27.64 -14.58 11.03
C GLY C 237 27.48 -13.17 11.53
N THR C 238 28.43 -12.68 12.32
CA THR C 238 28.34 -11.32 12.85
C THR C 238 27.92 -10.27 11.82
N PHE C 239 28.68 -10.17 10.73
CA PHE C 239 28.41 -9.19 9.68
C PHE C 239 27.11 -9.47 8.91
N ALA C 240 26.78 -10.75 8.77
CA ALA C 240 25.57 -11.14 8.03
C ALA C 240 24.29 -10.83 8.79
N THR C 241 24.17 -11.43 9.97
CA THR C 241 22.99 -11.24 10.81
C THR C 241 22.14 -12.46 10.53
N PRO C 242 21.32 -12.90 11.50
CA PRO C 242 20.48 -14.08 11.24
C PRO C 242 19.37 -13.78 10.24
N LEU C 243 19.34 -12.56 9.73
CA LEU C 243 18.33 -12.14 8.77
C LEU C 243 18.82 -12.22 7.32
N ASN C 244 20.09 -11.93 7.11
CA ASN C 244 20.64 -11.98 5.76
C ASN C 244 21.13 -13.37 5.36
N GLN C 245 21.13 -14.31 6.30
CA GLN C 245 21.57 -15.66 5.98
C GLN C 245 21.31 -16.64 7.12
N LYS C 246 21.18 -17.93 6.80
CA LYS C 246 20.93 -18.96 7.81
C LYS C 246 22.02 -20.02 7.77
N ALA C 247 23.18 -19.69 8.33
CA ALA C 247 24.32 -20.60 8.35
C ALA C 247 23.93 -22.00 8.77
N LEU C 248 22.98 -22.10 9.68
CA LEU C 248 22.56 -23.41 10.15
C LEU C 248 21.85 -24.18 9.04
N ALA C 249 20.99 -23.49 8.29
CA ALA C 249 20.25 -24.10 7.19
C ALA C 249 21.19 -24.54 6.09
N LEU C 250 22.22 -23.74 5.81
CA LEU C 250 23.19 -24.07 4.78
C LEU C 250 24.10 -25.23 5.17
N GLY C 251 23.96 -25.74 6.38
CA GLY C 251 24.77 -26.88 6.79
C GLY C 251 25.72 -26.72 7.96
N ALA C 252 26.09 -25.49 8.32
CA ALA C 252 27.00 -25.28 9.44
C ALA C 252 26.44 -25.91 10.72
N ASP C 253 27.33 -26.46 11.54
CA ASP C 253 26.92 -27.09 12.79
C ASP C 253 26.59 -26.04 13.83
N LEU C 254 27.42 -24.99 13.90
CA LEU C 254 27.23 -23.91 14.84
C LEU C 254 27.41 -22.54 14.18
N VAL C 255 26.55 -21.60 14.59
CA VAL C 255 26.64 -20.23 14.08
C VAL C 255 26.77 -19.33 15.32
N LEU C 256 27.78 -18.48 15.33
CA LEU C 256 28.00 -17.60 16.45
C LEU C 256 28.02 -16.14 16.03
N HIS C 257 27.59 -15.27 16.92
CA HIS C 257 27.53 -13.84 16.66
C HIS C 257 28.12 -13.05 17.80
N SER C 258 28.33 -11.77 17.54
CA SER C 258 28.82 -10.86 18.56
C SER C 258 27.66 -9.87 18.68
N ALA C 259 26.68 -10.21 19.52
CA ALA C 259 25.49 -9.36 19.69
C ALA C 259 25.81 -7.91 20.02
N THR C 260 27.08 -7.62 20.23
CA THR C 260 27.52 -6.25 20.53
C THR C 260 27.30 -5.32 19.33
N LYS C 261 27.25 -5.91 18.13
CA LYS C 261 27.09 -5.16 16.89
C LYS C 261 25.64 -4.94 16.40
N PHE C 262 25.19 -5.76 15.45
CA PHE C 262 23.86 -5.64 14.88
C PHE C 262 22.70 -6.07 15.76
N LEU C 263 22.83 -7.21 16.44
CA LEU C 263 21.75 -7.70 17.28
C LEU C 263 21.28 -6.65 18.29
N GLY C 264 22.22 -6.12 19.07
CA GLY C 264 21.86 -5.08 20.03
C GLY C 264 21.54 -3.83 19.24
N GLY C 265 22.39 -3.55 18.25
CA GLY C 265 22.23 -2.43 17.36
C GLY C 265 22.22 -0.99 17.86
N HIS C 266 22.50 -0.77 19.15
CA HIS C 266 22.49 0.60 19.65
C HIS C 266 23.80 1.03 20.26
N ASN C 267 24.86 0.29 19.97
CA ASN C 267 26.19 0.61 20.49
C ASN C 267 26.24 0.83 22.00
N ASP C 268 25.35 0.18 22.75
CA ASP C 268 25.33 0.35 24.20
C ASP C 268 25.37 -0.93 25.02
N VAL C 269 25.97 -2.00 24.49
CA VAL C 269 26.05 -3.26 25.23
C VAL C 269 26.88 -4.35 24.51
N LEU C 270 27.63 -5.12 25.29
CA LEU C 270 28.45 -6.20 24.72
C LEU C 270 27.77 -7.53 24.99
N ALA C 271 27.93 -8.47 24.07
CA ALA C 271 27.34 -9.80 24.25
C ALA C 271 27.83 -10.77 23.19
N GLY C 272 27.84 -12.05 23.54
CA GLY C 272 28.27 -13.11 22.63
C GLY C 272 27.08 -13.99 22.31
N CYS C 273 27.22 -14.81 21.27
CA CYS C 273 26.13 -15.68 20.82
C CYS C 273 26.65 -16.96 20.23
N ILE C 274 25.94 -18.07 20.48
CA ILE C 274 26.31 -19.35 19.90
C ILE C 274 25.06 -20.21 19.83
N SER C 275 24.57 -20.45 18.62
CA SER C 275 23.38 -21.26 18.45
C SER C 275 23.73 -22.55 17.72
N GLY C 276 22.95 -23.59 17.96
CA GLY C 276 23.20 -24.86 17.33
C GLY C 276 22.38 -25.95 17.97
N PRO C 277 22.75 -27.21 17.75
CA PRO C 277 22.03 -28.34 18.33
C PRO C 277 22.35 -28.51 19.81
N LEU C 278 21.35 -28.97 20.56
CA LEU C 278 21.52 -29.18 21.99
C LEU C 278 22.80 -29.93 22.30
N LYS C 279 22.94 -31.11 21.70
CA LYS C 279 24.10 -31.96 21.91
C LYS C 279 25.43 -31.22 21.87
N LEU C 280 25.54 -30.22 21.01
CA LEU C 280 26.77 -29.47 20.87
C LEU C 280 26.83 -28.24 21.78
N VAL C 281 25.80 -27.41 21.68
CA VAL C 281 25.74 -26.19 22.47
C VAL C 281 25.75 -26.42 23.96
N SER C 282 25.25 -27.58 24.39
CA SER C 282 25.23 -27.89 25.82
C SER C 282 26.62 -28.26 26.32
N GLU C 283 27.48 -28.69 25.42
CA GLU C 283 28.83 -29.05 25.80
C GLU C 283 29.61 -27.79 26.12
N ILE C 284 29.24 -26.70 25.44
CA ILE C 284 29.91 -25.41 25.65
C ILE C 284 29.30 -24.76 26.89
N ARG C 285 27.98 -24.93 27.02
CA ARG C 285 27.26 -24.38 28.16
C ARG C 285 27.90 -24.86 29.45
N ASN C 286 28.36 -26.11 29.46
CA ASN C 286 28.99 -26.70 30.64
C ASN C 286 30.28 -25.95 31.01
N LEU C 287 31.23 -25.89 30.08
CA LEU C 287 32.48 -25.19 30.35
C LEU C 287 32.15 -23.75 30.69
N HIS C 288 30.99 -23.28 30.26
CA HIS C 288 30.58 -21.91 30.52
C HIS C 288 30.24 -21.72 31.99
N HIS C 289 29.68 -22.76 32.60
CA HIS C 289 29.30 -22.69 34.00
C HIS C 289 30.52 -22.73 34.93
N ILE C 290 31.69 -23.02 34.37
CA ILE C 290 32.91 -23.07 35.16
C ILE C 290 33.72 -21.81 34.92
N LEU C 291 33.86 -21.40 33.66
CA LEU C 291 34.60 -20.21 33.32
C LEU C 291 33.78 -18.97 33.67
N GLY C 292 32.48 -19.17 33.86
CA GLY C 292 31.55 -18.11 34.24
C GLY C 292 31.61 -16.71 33.66
N GLY C 293 31.50 -16.59 32.34
CA GLY C 293 31.50 -15.27 31.72
C GLY C 293 30.05 -14.91 31.47
N ALA C 294 29.21 -15.13 32.47
CA ALA C 294 27.79 -14.87 32.39
C ALA C 294 27.40 -13.49 31.85
N LEU C 295 26.17 -13.38 31.37
CA LEU C 295 25.64 -12.14 30.83
C LEU C 295 24.68 -11.55 31.85
N ASN C 296 24.80 -10.26 32.12
CA ASN C 296 23.94 -9.60 33.09
C ASN C 296 22.53 -9.40 32.54
N PRO C 297 21.50 -9.61 33.37
CA PRO C 297 20.10 -9.47 32.96
C PRO C 297 19.79 -8.13 32.32
N ASN C 298 20.44 -7.08 32.80
CA ASN C 298 20.22 -5.76 32.25
C ASN C 298 20.74 -5.71 30.82
N ALA C 299 21.79 -6.48 30.53
CA ALA C 299 22.34 -6.50 29.18
C ALA C 299 21.38 -7.29 28.32
N ALA C 300 20.97 -8.45 28.83
CA ALA C 300 20.04 -9.30 28.10
C ALA C 300 18.81 -8.50 27.68
N TYR C 301 18.35 -7.60 28.54
CA TYR C 301 17.16 -6.81 28.20
C TYR C 301 17.45 -5.76 27.14
N LEU C 302 18.60 -5.10 27.24
CA LEU C 302 18.95 -4.07 26.26
C LEU C 302 18.99 -4.67 24.87
N ILE C 303 19.36 -5.94 24.79
CA ILE C 303 19.44 -6.64 23.51
C ILE C 303 18.05 -7.11 23.09
N ILE C 304 17.30 -7.68 24.02
CA ILE C 304 15.94 -8.14 23.72
C ILE C 304 15.21 -6.95 23.11
N ARG C 305 15.36 -5.80 23.74
CA ARG C 305 14.74 -4.57 23.29
C ARG C 305 15.26 -4.15 21.91
N GLY C 306 16.58 -4.24 21.74
CA GLY C 306 17.18 -3.87 20.48
C GLY C 306 16.77 -4.73 19.29
N MET C 307 16.36 -5.96 19.58
CA MET C 307 15.96 -6.87 18.53
C MET C 307 14.52 -6.68 18.09
N LYS C 308 13.79 -5.79 18.75
CA LYS C 308 12.39 -5.52 18.37
C LYS C 308 12.34 -4.77 17.04
N THR C 309 13.49 -4.26 16.63
CA THR C 309 13.60 -3.53 15.37
C THR C 309 14.79 -4.03 14.56
N LEU C 310 15.17 -5.29 14.77
CA LEU C 310 16.30 -5.84 14.04
C LEU C 310 16.02 -5.77 12.54
N HIS C 311 14.85 -6.22 12.15
CA HIS C 311 14.48 -6.23 10.74
C HIS C 311 14.44 -4.83 10.13
N LEU C 312 13.81 -3.88 10.81
CA LEU C 312 13.73 -2.51 10.27
C LEU C 312 15.14 -1.93 10.11
N ARG C 313 16.00 -2.19 11.07
CA ARG C 313 17.35 -1.67 11.05
C ARG C 313 18.23 -2.31 9.97
N VAL C 314 18.27 -3.64 9.93
CA VAL C 314 19.09 -4.32 8.93
C VAL C 314 18.68 -3.94 7.50
N GLN C 315 17.38 -3.82 7.27
CA GLN C 315 16.85 -3.45 5.96
C GLN C 315 17.45 -2.14 5.49
N GLN C 316 17.29 -1.10 6.30
CA GLN C 316 17.81 0.22 5.96
C GLN C 316 19.31 0.20 5.82
N GLN C 317 20.00 -0.45 6.75
CA GLN C 317 21.44 -0.52 6.68
C GLN C 317 21.86 -1.23 5.40
N ASN C 318 21.06 -2.23 5.00
CA ASN C 318 21.32 -3.01 3.80
C ASN C 318 21.25 -2.15 2.53
N SER C 319 20.19 -1.34 2.40
CA SER C 319 20.03 -0.47 1.25
C SER C 319 21.19 0.51 1.18
N THR C 320 21.29 1.37 2.18
CA THR C 320 22.35 2.37 2.23
C THR C 320 23.71 1.77 1.92
N ALA C 321 24.07 0.65 2.56
CA ALA C 321 25.36 0.01 2.30
C ALA C 321 25.55 -0.19 0.80
N LEU C 322 24.66 -0.98 0.21
CA LEU C 322 24.70 -1.28 -1.22
C LEU C 322 24.83 -0.05 -2.11
N ARG C 323 23.81 0.80 -2.09
CA ARG C 323 23.79 2.00 -2.91
C ARG C 323 25.08 2.81 -2.78
N MET C 324 25.44 3.19 -1.56
CA MET C 324 26.66 3.96 -1.33
C MET C 324 27.85 3.14 -1.81
N ALA C 325 27.75 1.82 -1.70
CA ALA C 325 28.84 0.95 -2.16
C ALA C 325 29.05 1.31 -3.63
N GLU C 326 27.96 1.29 -4.38
CA GLU C 326 27.99 1.61 -5.81
C GLU C 326 28.56 3.00 -6.05
N ILE C 327 27.93 4.03 -5.47
CA ILE C 327 28.39 5.40 -5.63
C ILE C 327 29.91 5.53 -5.47
N LEU C 328 30.45 4.96 -4.39
CA LEU C 328 31.88 5.05 -4.15
C LEU C 328 32.72 4.39 -5.22
N GLU C 329 32.32 3.20 -5.64
CA GLU C 329 33.06 2.47 -6.64
C GLU C 329 33.30 3.27 -7.91
N ALA C 330 32.33 4.10 -8.28
CA ALA C 330 32.42 4.92 -9.49
C ALA C 330 33.17 6.24 -9.24
N HIS C 331 33.18 6.68 -7.99
CA HIS C 331 33.87 7.91 -7.64
C HIS C 331 35.34 7.77 -7.99
N PRO C 332 35.94 8.80 -8.61
CA PRO C 332 37.35 8.74 -8.99
C PRO C 332 38.27 8.50 -7.80
N LYS C 333 38.25 9.45 -6.86
CA LYS C 333 39.08 9.40 -5.66
C LYS C 333 39.06 8.09 -4.88
N VAL C 334 38.13 7.21 -5.23
CA VAL C 334 38.01 5.90 -4.58
C VAL C 334 38.72 4.86 -5.45
N ARG C 335 39.69 4.17 -4.87
CA ARG C 335 40.48 3.17 -5.57
C ARG C 335 39.76 1.84 -5.73
N HIS C 336 39.46 1.19 -4.60
CA HIS C 336 38.78 -0.09 -4.62
C HIS C 336 37.68 -0.14 -3.57
N VAL C 337 36.67 -0.98 -3.81
CA VAL C 337 35.55 -1.11 -2.89
C VAL C 337 35.17 -2.56 -2.64
N TYR C 338 35.13 -2.95 -1.37
CA TYR C 338 34.76 -4.31 -0.98
C TYR C 338 33.33 -4.34 -0.44
N TYR C 339 32.50 -5.19 -1.03
CA TYR C 339 31.10 -5.33 -0.63
C TYR C 339 30.51 -6.51 -1.39
N PRO C 340 29.96 -7.50 -0.68
CA PRO C 340 29.38 -8.67 -1.36
C PRO C 340 28.29 -8.31 -2.36
N GLY C 341 27.66 -7.16 -2.17
CA GLY C 341 26.60 -6.75 -3.07
C GLY C 341 27.11 -6.44 -4.47
N LEU C 342 28.23 -5.74 -4.53
CA LEU C 342 28.82 -5.36 -5.82
C LEU C 342 29.09 -6.56 -6.70
N GLN C 343 29.13 -6.31 -8.01
CA GLN C 343 29.38 -7.36 -8.98
C GLN C 343 30.86 -7.71 -9.06
N SER C 344 31.69 -6.82 -8.54
CA SER C 344 33.14 -7.01 -8.55
C SER C 344 33.67 -7.90 -7.42
N HIS C 345 32.87 -8.13 -6.38
CA HIS C 345 33.28 -8.95 -5.24
C HIS C 345 33.61 -10.40 -5.63
N PRO C 346 34.85 -10.83 -5.39
CA PRO C 346 35.34 -12.19 -5.70
C PRO C 346 34.33 -13.30 -5.48
N GLU C 347 33.47 -13.16 -4.47
CA GLU C 347 32.47 -14.18 -4.20
C GLU C 347 31.08 -13.58 -4.23
N HIS C 348 30.87 -12.65 -5.14
CA HIS C 348 29.57 -12.00 -5.26
C HIS C 348 28.53 -13.05 -5.57
N HIS C 349 28.94 -14.10 -6.28
CA HIS C 349 28.03 -15.17 -6.66
C HIS C 349 27.60 -15.97 -5.43
N ILE C 350 28.53 -16.22 -4.51
CA ILE C 350 28.21 -16.98 -3.31
C ILE C 350 27.34 -16.11 -2.42
N ALA C 351 27.64 -14.81 -2.42
CA ALA C 351 26.87 -13.84 -1.64
C ALA C 351 25.45 -13.86 -2.17
N LYS C 352 25.35 -13.75 -3.49
CA LYS C 352 24.08 -13.76 -4.19
C LYS C 352 23.35 -15.05 -3.91
N LYS C 353 24.13 -16.13 -3.81
CA LYS C 353 23.60 -17.46 -3.59
C LYS C 353 23.11 -17.82 -2.19
N GLN C 354 23.76 -17.28 -1.16
CA GLN C 354 23.37 -17.60 0.21
C GLN C 354 22.96 -16.45 1.09
N MET C 355 22.85 -15.25 0.51
CA MET C 355 22.44 -14.10 1.30
C MET C 355 21.32 -13.32 0.65
N THR C 356 20.35 -12.90 1.45
CA THR C 356 19.27 -12.10 0.90
C THR C 356 19.67 -10.65 1.08
N GLY C 357 20.67 -10.42 1.93
CA GLY C 357 21.15 -9.08 2.18
C GLY C 357 22.67 -9.11 2.19
N PHE C 358 23.31 -7.96 2.02
CA PHE C 358 24.77 -7.94 1.99
C PHE C 358 25.44 -7.22 3.14
N GLY C 359 24.66 -6.88 4.17
CA GLY C 359 25.21 -6.22 5.34
C GLY C 359 25.25 -4.71 5.27
N GLY C 360 25.71 -4.08 6.34
CA GLY C 360 25.79 -2.64 6.38
C GLY C 360 27.22 -2.13 6.45
N ALA C 361 28.18 -3.04 6.31
CA ALA C 361 29.57 -2.65 6.36
C ALA C 361 30.17 -2.59 4.96
N VAL C 362 30.94 -1.54 4.70
CA VAL C 362 31.57 -1.36 3.41
C VAL C 362 33.01 -0.91 3.60
N SER C 363 33.94 -1.62 2.99
CA SER C 363 35.34 -1.25 3.09
C SER C 363 35.81 -0.78 1.72
N PHE C 364 36.58 0.31 1.70
CA PHE C 364 37.08 0.85 0.44
C PHE C 364 38.41 1.53 0.65
N GLU C 365 39.20 1.65 -0.42
CA GLU C 365 40.49 2.29 -0.32
C GLU C 365 40.48 3.64 -1.00
N VAL C 366 40.84 4.68 -0.26
CA VAL C 366 40.87 6.02 -0.81
C VAL C 366 42.12 6.16 -1.67
N ASP C 367 42.09 7.09 -2.63
CA ASP C 367 43.23 7.32 -3.49
C ASP C 367 44.22 8.21 -2.76
N GLY C 368 45.10 7.60 -1.96
CA GLY C 368 46.08 8.38 -1.23
C GLY C 368 46.91 7.53 -0.30
N ASP C 369 47.36 8.14 0.81
CA ASP C 369 48.18 7.45 1.79
C ASP C 369 47.62 7.59 3.20
N LEU C 370 48.31 7.00 4.17
CA LEU C 370 47.89 7.07 5.57
C LEU C 370 47.36 8.47 5.89
N LEU C 371 48.17 9.47 5.58
CA LEU C 371 47.82 10.86 5.84
C LEU C 371 46.63 11.39 5.05
N THR C 372 46.59 11.10 3.75
CA THR C 372 45.50 11.56 2.91
C THR C 372 44.19 10.88 3.29
N THR C 373 44.24 9.55 3.41
CA THR C 373 43.07 8.79 3.79
C THR C 373 42.54 9.37 5.10
N ALA C 374 43.46 9.62 6.03
CA ALA C 374 43.11 10.19 7.33
C ALA C 374 42.36 11.51 7.16
N LYS C 375 42.87 12.38 6.29
CA LYS C 375 42.25 13.67 6.02
C LYS C 375 40.79 13.51 5.60
N PHE C 376 40.52 12.39 4.91
CA PHE C 376 39.16 12.08 4.46
C PHE C 376 38.26 11.77 5.66
N VAL C 377 38.64 10.76 6.44
CA VAL C 377 37.83 10.37 7.59
C VAL C 377 37.71 11.51 8.59
N ASP C 378 38.72 12.36 8.64
CA ASP C 378 38.67 13.49 9.55
C ASP C 378 37.66 14.50 9.02
N ALA C 379 37.40 14.45 7.71
CA ALA C 379 36.46 15.37 7.07
C ALA C 379 34.99 15.01 7.25
N LEU C 380 34.70 13.72 7.47
CA LEU C 380 33.33 13.26 7.68
C LEU C 380 32.72 13.97 8.88
N LYS C 381 31.41 14.15 8.89
CA LYS C 381 30.76 14.85 9.98
C LYS C 381 29.72 14.07 10.78
N ILE C 382 29.24 12.98 10.23
CA ILE C 382 28.21 12.19 10.91
C ILE C 382 28.72 11.00 11.68
N PRO C 383 29.58 10.17 11.06
CA PRO C 383 30.07 9.00 11.78
C PRO C 383 31.11 9.34 12.84
N TYR C 384 31.23 8.46 13.83
CA TYR C 384 32.21 8.62 14.90
C TYR C 384 33.45 7.83 14.47
N ILE C 385 34.63 8.37 14.75
CA ILE C 385 35.85 7.63 14.43
C ILE C 385 36.01 6.72 15.63
N ALA C 386 35.70 5.45 15.46
CA ALA C 386 35.78 4.53 16.58
C ALA C 386 35.65 3.07 16.15
N PRO C 387 35.88 2.13 17.08
CA PRO C 387 35.76 0.72 16.72
C PRO C 387 34.30 0.26 16.75
N SER C 388 34.08 -1.02 16.44
CA SER C 388 32.75 -1.60 16.43
C SER C 388 31.93 -1.16 15.23
N PHE C 389 30.74 -1.75 15.09
CA PHE C 389 29.85 -1.45 13.98
C PHE C 389 28.50 -2.11 14.21
N GLY C 390 27.55 -1.83 13.32
CA GLY C 390 26.23 -2.42 13.41
C GLY C 390 25.15 -1.63 14.14
N GLY C 391 25.48 -0.45 14.66
CA GLY C 391 24.49 0.31 15.39
C GLY C 391 23.89 1.49 14.64
N CYS C 392 22.82 2.04 15.20
CA CYS C 392 22.15 3.17 14.60
C CYS C 392 23.07 4.35 14.26
N GLU C 393 24.14 4.52 15.02
CA GLU C 393 25.08 5.61 14.76
C GLU C 393 26.14 5.10 13.79
N SER C 394 26.45 5.87 12.77
CA SER C 394 27.46 5.44 11.80
C SER C 394 28.85 5.56 12.40
N ILE C 395 29.76 4.68 11.96
CA ILE C 395 31.12 4.69 12.49
C ILE C 395 32.16 4.46 11.39
N VAL C 396 33.29 5.17 11.47
CA VAL C 396 34.40 5.01 10.51
C VAL C 396 35.69 4.72 11.25
N ASP C 397 36.61 4.02 10.58
CA ASP C 397 37.89 3.71 11.18
C ASP C 397 38.87 3.21 10.12
N GLN C 398 40.16 3.39 10.39
CA GLN C 398 41.22 2.96 9.48
C GLN C 398 41.87 1.74 10.13
N PRO C 399 41.41 0.53 9.76
CA PRO C 399 41.97 -0.70 10.34
C PRO C 399 43.48 -0.69 10.55
N ALA C 400 44.22 0.04 9.73
CA ALA C 400 45.66 0.11 9.86
C ALA C 400 46.08 0.80 11.15
N ILE C 401 45.43 1.92 11.45
CA ILE C 401 45.73 2.69 12.65
C ILE C 401 45.01 2.14 13.87
N MET C 402 43.75 1.78 13.68
CA MET C 402 42.91 1.27 14.77
C MET C 402 43.17 -0.14 15.27
N SER C 403 43.83 -0.98 14.48
CA SER C 403 44.04 -2.36 14.94
C SER C 403 45.32 -3.05 14.50
N TYR C 404 46.20 -2.34 13.82
CA TYR C 404 47.46 -2.95 13.39
C TYR C 404 48.61 -1.98 13.55
N TRP C 405 48.34 -0.85 14.21
CA TRP C 405 49.37 0.15 14.41
C TRP C 405 50.56 -0.44 15.15
N ASP C 406 50.31 -1.51 15.88
CA ASP C 406 51.35 -2.18 16.65
C ASP C 406 52.33 -2.92 15.75
N LEU C 407 51.95 -3.11 14.49
CA LEU C 407 52.80 -3.81 13.54
C LEU C 407 53.53 -2.84 12.63
N SER C 408 54.56 -3.35 11.97
CA SER C 408 55.35 -2.54 11.04
C SER C 408 54.60 -2.48 9.71
N GLN C 409 54.74 -1.37 9.00
CA GLN C 409 54.07 -1.20 7.72
C GLN C 409 54.19 -2.45 6.86
N SER C 410 55.35 -3.10 6.95
CA SER C 410 55.61 -4.31 6.19
C SER C 410 54.82 -5.50 6.74
N ASP C 411 54.68 -5.55 8.06
CA ASP C 411 53.95 -6.62 8.69
C ASP C 411 52.46 -6.43 8.49
N ARG C 412 52.04 -5.17 8.42
CA ARG C 412 50.63 -4.86 8.23
C ARG C 412 50.26 -5.31 6.83
N ALA C 413 50.97 -4.76 5.85
CA ALA C 413 50.73 -5.11 4.45
C ALA C 413 50.91 -6.60 4.27
N LYS C 414 51.62 -7.22 5.21
CA LYS C 414 51.86 -8.66 5.15
C LYS C 414 50.54 -9.41 5.23
N TYR C 415 49.47 -8.68 5.48
CA TYR C 415 48.16 -9.29 5.54
C TYR C 415 47.01 -8.40 5.07
N GLY C 416 47.19 -7.81 3.89
CA GLY C 416 46.16 -6.98 3.28
C GLY C 416 45.83 -5.61 3.85
N ILE C 417 46.21 -5.35 5.10
CA ILE C 417 45.91 -4.06 5.70
C ILE C 417 46.79 -2.93 5.16
N MET C 418 46.16 -1.94 4.53
CA MET C 418 46.87 -0.81 3.97
C MET C 418 46.45 0.50 4.62
N ASP C 419 47.35 1.48 4.61
CA ASP C 419 47.06 2.77 5.19
C ASP C 419 45.91 3.43 4.43
N ASN C 420 45.57 2.82 3.30
CA ASN C 420 44.49 3.29 2.41
C ASN C 420 43.11 2.83 2.90
N LEU C 421 43.04 1.55 3.25
CA LEU C 421 41.81 0.91 3.71
C LEU C 421 41.02 1.65 4.77
N VAL C 422 39.74 1.86 4.47
CA VAL C 422 38.81 2.53 5.36
C VAL C 422 37.65 1.54 5.55
N ARG C 423 37.13 1.47 6.76
CA ARG C 423 36.01 0.58 7.03
C ARG C 423 34.85 1.45 7.50
N PHE C 424 33.75 1.40 6.75
CA PHE C 424 32.59 2.20 7.07
C PHE C 424 31.39 1.39 7.50
N SER C 425 30.89 1.66 8.70
CA SER C 425 29.73 0.95 9.20
C SER C 425 28.59 1.92 9.03
N PHE C 426 27.71 1.63 8.09
CA PHE C 426 26.59 2.51 7.82
C PHE C 426 25.53 2.42 8.89
N GLY C 427 25.19 3.59 9.43
CA GLY C 427 24.18 3.69 10.46
C GLY C 427 22.78 3.54 9.91
N VAL C 428 21.84 4.20 10.57
CA VAL C 428 20.45 4.14 10.16
C VAL C 428 19.96 5.55 9.82
N GLU C 429 20.93 6.48 9.76
CA GLU C 429 20.62 7.86 9.42
C GLU C 429 20.10 7.86 7.98
N ASP C 430 19.62 9.02 7.53
CA ASP C 430 19.09 9.14 6.18
C ASP C 430 20.16 8.98 5.13
N PHE C 431 19.85 8.21 4.09
CA PHE C 431 20.79 7.93 3.01
C PHE C 431 21.42 9.18 2.41
N ASP C 432 20.61 10.23 2.22
CA ASP C 432 21.13 11.48 1.65
C ASP C 432 22.13 12.12 2.58
N ASP C 433 21.70 12.41 3.80
CA ASP C 433 22.56 13.04 4.82
C ASP C 433 23.92 12.37 4.81
N LEU C 434 23.92 11.06 4.64
CA LEU C 434 25.16 10.31 4.62
C LEU C 434 25.93 10.47 3.30
N LYS C 435 25.23 10.32 2.18
CA LYS C 435 25.86 10.46 0.86
C LYS C 435 26.52 11.82 0.73
N ALA C 436 25.77 12.85 1.07
CA ALA C 436 26.26 14.22 1.02
C ALA C 436 27.57 14.33 1.79
N ASP C 437 27.53 13.86 3.03
CA ASP C 437 28.69 13.88 3.91
C ASP C 437 29.89 13.16 3.32
N ILE C 438 29.69 11.93 2.85
CA ILE C 438 30.80 11.18 2.27
C ILE C 438 31.40 11.87 1.05
N LEU C 439 30.55 12.47 0.22
CA LEU C 439 31.04 13.16 -0.96
C LEU C 439 31.78 14.43 -0.58
N GLN C 440 31.17 15.22 0.28
CA GLN C 440 31.78 16.47 0.74
C GLN C 440 33.19 16.20 1.27
N ALA C 441 33.34 15.09 1.97
CA ALA C 441 34.64 14.71 2.55
C ALA C 441 35.62 14.30 1.48
N LEU C 442 35.16 13.51 0.51
CA LEU C 442 36.04 13.05 -0.56
C LEU C 442 36.56 14.20 -1.39
N ASP C 443 35.88 15.35 -1.32
CA ASP C 443 36.29 16.52 -2.08
C ASP C 443 37.52 17.20 -1.47
N SER C 444 37.61 17.17 -0.14
CA SER C 444 38.73 17.78 0.56
C SER C 444 40.03 17.05 0.23
N ILE C 445 39.91 15.78 -0.12
CA ILE C 445 41.09 15.00 -0.46
C ILE C 445 41.76 15.61 -1.68
CA MET D 48 -1.95 -6.68 61.01
C MET D 48 -0.47 -6.58 60.63
N LYS D 49 0.36 -7.33 61.32
CA LYS D 49 1.81 -7.34 61.07
C LYS D 49 2.13 -8.24 59.88
N TYR D 50 3.11 -7.82 59.07
CA TYR D 50 3.52 -8.60 57.91
C TYR D 50 3.74 -10.06 58.33
N ALA D 51 4.80 -10.31 59.07
CA ALA D 51 5.09 -11.65 59.53
C ALA D 51 5.15 -11.70 61.06
N SER D 52 4.67 -12.81 61.61
CA SER D 52 4.67 -13.01 63.05
C SER D 52 6.07 -13.34 63.53
N PHE D 53 6.92 -13.78 62.61
CA PHE D 53 8.29 -14.14 62.92
C PHE D 53 9.26 -12.98 62.69
N LEU D 54 8.70 -11.82 62.35
CA LEU D 54 9.49 -10.63 62.10
C LEU D 54 8.98 -9.57 63.07
N ASN D 55 9.69 -9.37 64.17
CA ASN D 55 9.27 -8.41 65.19
C ASN D 55 10.06 -7.11 65.24
N SER D 56 11.09 -6.99 64.42
CA SER D 56 11.89 -5.78 64.44
C SER D 56 11.82 -5.03 63.11
N ASP D 57 11.75 -3.70 63.19
CA ASP D 57 11.68 -2.85 62.01
C ASP D 57 12.76 -3.15 61.00
N GLY D 58 13.91 -3.59 61.49
CA GLY D 58 15.01 -3.90 60.59
C GLY D 58 14.65 -5.10 59.74
N SER D 59 14.15 -6.15 60.39
CA SER D 59 13.76 -7.36 59.69
C SER D 59 12.60 -7.07 58.75
N VAL D 60 11.72 -6.15 59.16
CA VAL D 60 10.57 -5.79 58.35
C VAL D 60 10.99 -4.98 57.13
N ALA D 61 11.79 -3.94 57.34
CA ALA D 61 12.25 -3.11 56.24
C ALA D 61 12.87 -4.00 55.16
N ILE D 62 13.40 -5.15 55.56
CA ILE D 62 14.03 -6.05 54.61
C ILE D 62 13.07 -6.99 53.91
N HIS D 63 12.31 -7.78 54.66
CA HIS D 63 11.42 -8.76 54.06
C HIS D 63 9.97 -8.35 53.83
N ALA D 64 9.53 -7.25 54.43
CA ALA D 64 8.14 -6.85 54.24
C ALA D 64 7.86 -6.65 52.74
N GLY D 65 6.75 -7.23 52.29
CA GLY D 65 6.35 -7.12 50.89
C GLY D 65 7.05 -8.06 49.94
N GLU D 66 7.91 -8.95 50.47
CA GLU D 66 8.64 -9.88 49.62
C GLU D 66 8.74 -11.31 50.15
N ARG D 67 9.29 -11.47 51.36
CA ARG D 67 9.47 -12.79 51.97
C ARG D 67 8.31 -13.75 51.85
N LEU D 68 7.10 -13.28 52.12
CA LEU D 68 5.93 -14.13 52.08
C LEU D 68 5.24 -14.25 50.74
N GLY D 69 5.70 -13.51 49.75
CA GLY D 69 5.06 -13.57 48.44
C GLY D 69 5.10 -12.22 47.78
N ARG D 70 5.08 -12.18 46.46
CA ARG D 70 5.15 -10.91 45.78
C ARG D 70 4.01 -10.53 44.85
N GLY D 71 3.35 -11.51 44.27
CA GLY D 71 2.29 -11.20 43.33
C GLY D 71 2.89 -11.47 41.96
N ILE D 72 4.14 -11.09 41.80
CA ILE D 72 4.85 -11.36 40.56
C ILE D 72 5.72 -12.55 40.97
N VAL D 73 5.15 -13.74 40.81
CA VAL D 73 5.81 -14.98 41.18
C VAL D 73 7.20 -15.23 40.62
N THR D 74 8.12 -15.58 41.51
CA THR D 74 9.52 -15.89 41.16
C THR D 74 10.18 -16.75 42.23
N ASP D 75 11.29 -17.35 41.84
CA ASP D 75 12.07 -18.16 42.74
C ASP D 75 13.35 -17.37 42.97
N ALA D 76 13.30 -16.10 42.58
CA ALA D 76 14.43 -15.20 42.74
C ALA D 76 14.36 -14.63 44.16
N ILE D 77 15.49 -14.15 44.67
CA ILE D 77 15.53 -13.60 46.02
C ILE D 77 15.02 -12.16 46.03
N THR D 78 15.29 -11.44 44.96
CA THR D 78 14.92 -10.04 44.83
C THR D 78 13.66 -9.78 43.98
N THR D 79 13.17 -8.55 44.01
CA THR D 79 11.99 -8.15 43.24
C THR D 79 12.38 -7.81 41.80
N PRO D 80 11.63 -8.33 40.81
CA PRO D 80 11.95 -8.04 39.42
C PRO D 80 11.47 -6.66 38.98
N VAL D 81 12.29 -5.97 38.18
CA VAL D 81 11.92 -4.66 37.67
C VAL D 81 11.08 -4.91 36.43
N VAL D 82 9.81 -4.55 36.49
CA VAL D 82 8.90 -4.75 35.38
C VAL D 82 8.73 -3.47 34.56
N ASN D 83 9.46 -3.39 33.44
CA ASN D 83 9.40 -2.23 32.54
C ASN D 83 8.30 -2.38 31.48
N THR D 84 7.06 -2.05 31.82
CA THR D 84 5.97 -2.15 30.87
C THR D 84 5.04 -0.95 31.06
N SER D 85 4.41 -0.51 29.99
CA SER D 85 3.51 0.64 30.04
C SER D 85 2.06 0.17 30.08
N ALA D 86 1.86 -1.11 29.77
CA ALA D 86 0.52 -1.66 29.77
C ALA D 86 0.53 -3.16 30.12
N TYR D 87 -0.62 -3.63 30.60
CA TYR D 87 -0.79 -5.03 30.98
C TYR D 87 -1.88 -5.60 30.10
N PHE D 88 -1.67 -6.80 29.60
CA PHE D 88 -2.64 -7.42 28.71
C PHE D 88 -3.58 -8.41 29.37
N PHE D 89 -4.64 -8.75 28.63
CA PHE D 89 -5.66 -9.69 29.09
C PHE D 89 -5.71 -10.85 28.09
N ASN D 90 -6.03 -12.05 28.57
CA ASN D 90 -6.08 -13.23 27.70
C ASN D 90 -7.27 -13.26 26.76
N LYS D 91 -8.40 -12.76 27.23
CA LYS D 91 -9.61 -12.72 26.42
C LYS D 91 -10.56 -11.67 26.96
N THR D 92 -11.32 -11.05 26.08
CA THR D 92 -12.27 -10.03 26.46
C THR D 92 -13.02 -10.45 27.71
N SER D 93 -13.31 -11.74 27.81
CA SER D 93 -14.03 -12.25 28.96
C SER D 93 -13.35 -11.80 30.26
N GLU D 94 -12.06 -12.09 30.37
CA GLU D 94 -11.29 -11.75 31.55
C GLU D 94 -11.16 -10.24 31.76
N LEU D 95 -11.18 -9.48 30.67
CA LEU D 95 -11.08 -8.04 30.79
C LEU D 95 -12.35 -7.52 31.48
N ILE D 96 -13.49 -8.13 31.18
CA ILE D 96 -14.74 -7.73 31.79
C ILE D 96 -14.74 -8.12 33.26
N ASP D 97 -14.29 -9.33 33.56
CA ASP D 97 -14.23 -9.78 34.94
C ASP D 97 -13.55 -8.67 35.72
N PHE D 98 -12.31 -8.37 35.32
CA PHE D 98 -11.52 -7.33 35.96
C PHE D 98 -12.31 -6.02 36.08
N LYS D 99 -13.01 -5.65 35.02
CA LYS D 99 -13.78 -4.42 35.03
C LYS D 99 -14.94 -4.48 36.02
N GLU D 100 -15.36 -5.69 36.34
CA GLU D 100 -16.46 -5.89 37.27
C GLU D 100 -15.92 -6.34 38.62
N LYS D 101 -14.65 -6.02 38.85
CA LYS D 101 -13.98 -6.35 40.09
C LYS D 101 -14.01 -7.83 40.43
N ARG D 102 -13.91 -8.68 39.42
CA ARG D 102 -13.92 -10.11 39.65
C ARG D 102 -12.52 -10.66 39.38
N ARG D 103 -11.64 -9.80 38.90
CA ARG D 103 -10.26 -10.15 38.60
C ARG D 103 -9.40 -8.94 38.94
N ALA D 104 -8.09 -9.17 39.10
CA ALA D 104 -7.19 -8.08 39.44
C ALA D 104 -6.20 -7.78 38.32
N SER D 105 -5.91 -6.50 38.14
CA SER D 105 -4.96 -6.07 37.12
C SER D 105 -4.65 -4.58 37.27
N PHE D 106 -3.45 -4.18 36.86
CA PHE D 106 -3.07 -2.77 36.92
C PHE D 106 -3.62 -2.09 35.67
N GLU D 107 -3.86 -2.90 34.63
CA GLU D 107 -4.39 -2.44 33.36
C GLU D 107 -3.39 -1.54 32.62
N TYR D 108 -3.21 -0.33 33.13
CA TYR D 108 -2.29 0.64 32.54
C TYR D 108 -1.20 1.05 33.55
N GLY D 109 -0.03 1.41 33.03
CA GLY D 109 1.08 1.79 33.87
C GLY D 109 0.83 2.95 34.82
N ARG D 110 -0.03 3.88 34.42
CA ARG D 110 -0.33 5.03 35.27
C ARG D 110 -1.16 4.63 36.49
N TYR D 111 -1.61 3.38 36.50
CA TYR D 111 -2.44 2.90 37.59
C TYR D 111 -1.77 1.89 38.51
N GLY D 112 -0.54 1.53 38.18
CA GLY D 112 0.14 0.57 39.02
C GLY D 112 1.23 -0.23 38.35
N ASN D 113 1.98 -0.98 39.14
CA ASN D 113 3.05 -1.80 38.63
C ASN D 113 3.49 -2.80 39.68
N PRO D 114 3.82 -4.03 39.25
CA PRO D 114 4.25 -5.11 40.13
C PRO D 114 5.47 -4.80 41.01
N THR D 115 6.52 -4.26 40.40
CA THR D 115 7.73 -3.95 41.14
C THR D 115 7.55 -2.73 42.04
N THR D 116 6.42 -2.04 41.92
CA THR D 116 6.18 -0.87 42.77
C THR D 116 5.28 -1.18 43.95
N VAL D 117 4.31 -2.06 43.79
CA VAL D 117 3.43 -2.39 44.92
C VAL D 117 4.26 -2.98 46.05
N VAL D 118 5.28 -3.74 45.69
CA VAL D 118 6.15 -4.33 46.70
C VAL D 118 6.60 -3.22 47.64
N LEU D 119 7.15 -2.14 47.07
CA LEU D 119 7.63 -1.02 47.85
C LEU D 119 6.50 -0.35 48.61
N GLU D 120 5.29 -0.44 48.06
CA GLU D 120 4.13 0.16 48.71
C GLU D 120 3.77 -0.65 49.95
N GLU D 121 3.82 -1.97 49.81
CA GLU D 121 3.48 -2.87 50.90
C GLU D 121 4.57 -2.88 51.95
N LYS D 122 5.80 -2.66 51.51
CA LYS D 122 6.94 -2.65 52.41
C LYS D 122 6.85 -1.47 53.36
N ILE D 123 6.64 -0.27 52.82
CA ILE D 123 6.52 0.93 53.63
C ILE D 123 5.28 0.87 54.52
N SER D 124 4.18 0.37 53.97
CA SER D 124 2.95 0.28 54.74
C SER D 124 3.20 -0.54 56.00
N ALA D 125 4.08 -1.52 55.89
CA ALA D 125 4.40 -2.39 57.02
C ALA D 125 5.13 -1.61 58.11
N LEU D 126 6.22 -0.94 57.72
CA LEU D 126 6.98 -0.15 58.67
C LEU D 126 6.11 0.85 59.42
N GLU D 127 5.28 1.58 58.69
CA GLU D 127 4.43 2.58 59.31
C GLU D 127 3.19 2.00 59.95
N GLY D 128 2.96 0.72 59.72
CA GLY D 128 1.77 0.09 60.27
C GLY D 128 0.54 0.72 59.66
N ALA D 129 0.68 1.17 58.42
CA ALA D 129 -0.43 1.80 57.71
C ALA D 129 -1.28 0.78 56.98
N GLU D 130 -2.51 1.18 56.69
CA GLU D 130 -3.47 0.34 55.98
C GLU D 130 -3.15 0.27 54.50
N SER D 131 -2.57 1.35 53.96
CA SER D 131 -2.22 1.43 52.55
C SER D 131 -1.25 2.58 52.31
N THR D 132 -0.40 2.44 51.30
CA THR D 132 0.59 3.47 50.97
C THR D 132 0.58 3.76 49.46
N LEU D 133 0.83 5.02 49.11
CA LEU D 133 0.86 5.42 47.71
C LEU D 133 2.23 6.04 47.38
N LEU D 134 2.89 5.54 46.34
CA LEU D 134 4.20 6.07 45.96
C LEU D 134 4.08 7.01 44.77
N MET D 135 4.84 8.11 44.78
CA MET D 135 4.80 9.09 43.70
C MET D 135 6.16 9.47 43.12
N ALA D 136 6.15 10.36 42.14
CA ALA D 136 7.37 10.81 41.50
C ALA D 136 8.34 11.51 42.43
N SER D 137 7.81 12.15 43.47
CA SER D 137 8.65 12.87 44.40
C SER D 137 7.91 13.28 45.66
N GLY D 138 8.64 13.87 46.60
CA GLY D 138 8.04 14.30 47.84
C GLY D 138 7.04 15.41 47.61
N MET D 139 7.42 16.38 46.79
CA MET D 139 6.57 17.52 46.46
C MET D 139 5.33 17.03 45.72
N CYS D 140 5.48 15.90 45.04
CA CYS D 140 4.36 15.35 44.29
C CYS D 140 3.34 14.77 45.28
N ALA D 141 3.85 14.15 46.34
CA ALA D 141 3.02 13.54 47.37
C ALA D 141 2.26 14.57 48.18
N SER D 142 2.95 15.63 48.59
CA SER D 142 2.34 16.69 49.38
C SER D 142 1.27 17.40 48.60
N THR D 143 1.61 17.71 47.36
CA THR D 143 0.74 18.43 46.44
C THR D 143 -0.54 17.71 46.01
N VAL D 144 -0.43 16.45 45.61
CA VAL D 144 -1.60 15.68 45.19
C VAL D 144 -2.52 15.43 46.38
N MET D 145 -1.91 15.33 47.55
CA MET D 145 -2.68 15.08 48.77
C MET D 145 -3.51 16.31 49.16
N LEU D 146 -2.90 17.49 49.12
CA LEU D 146 -3.60 18.70 49.47
C LEU D 146 -4.75 18.92 48.49
N LEU D 147 -4.47 18.74 47.20
CA LEU D 147 -5.47 18.93 46.15
C LEU D 147 -6.63 17.94 46.25
N ALA D 148 -6.35 16.75 46.77
CA ALA D 148 -7.38 15.71 46.89
C ALA D 148 -8.19 15.75 48.17
N LEU D 149 -7.56 16.09 49.29
CA LEU D 149 -8.24 16.14 50.59
C LEU D 149 -8.84 17.47 51.01
N VAL D 150 -8.24 18.59 50.63
CA VAL D 150 -8.78 19.90 51.00
C VAL D 150 -9.76 20.38 49.92
N PRO D 151 -11.02 20.62 50.30
CA PRO D 151 -12.02 21.07 49.34
C PRO D 151 -11.82 22.52 48.94
N ALA D 152 -12.57 22.94 47.93
CA ALA D 152 -12.49 24.31 47.47
C ALA D 152 -13.14 25.11 48.59
N GLY D 153 -12.48 26.20 48.99
CA GLY D 153 -13.04 27.02 50.04
C GLY D 153 -12.56 26.60 51.41
N GLY D 154 -12.30 25.30 51.59
CA GLY D 154 -11.83 24.79 52.88
C GLY D 154 -10.67 25.53 53.51
N HIS D 155 -10.46 25.30 54.81
CA HIS D 155 -9.36 25.93 55.53
C HIS D 155 -8.25 24.95 55.92
N ILE D 156 -7.02 25.41 55.88
CA ILE D 156 -5.87 24.58 56.19
C ILE D 156 -5.07 25.25 57.31
N VAL D 157 -4.32 24.48 58.08
CA VAL D 157 -3.50 25.03 59.16
C VAL D 157 -2.13 24.37 59.17
N THR D 158 -1.08 25.20 59.15
CA THR D 158 0.29 24.71 59.18
C THR D 158 1.20 25.68 59.92
N THR D 159 2.40 25.22 60.26
CA THR D 159 3.36 26.03 60.99
C THR D 159 4.12 26.99 60.10
N THR D 160 4.87 27.89 60.73
CA THR D 160 5.65 28.88 60.01
C THR D 160 6.91 28.23 59.46
N ASP D 161 7.18 27.01 59.91
CA ASP D 161 8.38 26.30 59.48
C ASP D 161 8.13 25.33 58.33
N CYS D 162 6.92 25.42 57.77
CA CYS D 162 6.52 24.58 56.64
C CYS D 162 7.55 24.64 55.52
N TYR D 163 7.81 23.51 54.88
CA TYR D 163 8.76 23.44 53.77
C TYR D 163 8.42 24.54 52.78
N ARG D 164 9.42 25.37 52.44
CA ARG D 164 9.19 26.49 51.53
C ARG D 164 8.34 26.23 50.30
N LYS D 165 8.82 25.36 49.43
CA LYS D 165 8.08 25.03 48.22
C LYS D 165 6.64 24.76 48.54
N THR D 166 6.39 23.97 49.58
CA THR D 166 5.02 23.64 49.97
C THR D 166 4.28 24.87 50.47
N ARG D 167 4.97 25.77 51.14
CA ARG D 167 4.33 26.99 51.62
C ARG D 167 3.85 27.77 50.42
N ILE D 168 4.73 27.87 49.42
CA ILE D 168 4.46 28.57 48.17
C ILE D 168 3.22 27.98 47.50
N PHE D 169 3.16 26.66 47.44
CA PHE D 169 2.03 25.99 46.83
C PHE D 169 0.76 26.31 47.59
N ILE D 170 0.87 26.36 48.91
CA ILE D 170 -0.29 26.64 49.76
C ILE D 170 -0.73 28.10 49.71
N GLU D 171 0.21 29.00 49.40
CA GLU D 171 -0.10 30.42 49.35
C GLU D 171 -0.35 31.03 47.97
N THR D 172 -0.06 30.29 46.90
CA THR D 172 -0.27 30.81 45.56
C THR D 172 -1.22 29.97 44.71
N ILE D 173 -1.18 28.66 44.86
CA ILE D 173 -2.05 27.79 44.08
C ILE D 173 -3.36 27.52 44.77
N LEU D 174 -3.28 26.96 45.97
CA LEU D 174 -4.48 26.63 46.72
C LEU D 174 -5.50 27.74 46.84
N PRO D 175 -5.06 29.00 46.99
CA PRO D 175 -6.05 30.08 47.10
C PRO D 175 -6.97 30.20 45.89
N LYS D 176 -6.49 29.75 44.74
CA LYS D 176 -7.29 29.81 43.53
C LYS D 176 -8.55 28.98 43.71
N MET D 177 -8.50 28.02 44.62
CA MET D 177 -9.65 27.15 44.87
C MET D 177 -10.41 27.53 46.13
N GLY D 178 -10.18 28.75 46.62
CA GLY D 178 -10.88 29.19 47.81
C GLY D 178 -10.33 28.66 49.12
N ILE D 179 -9.26 27.88 49.05
CA ILE D 179 -8.66 27.31 50.23
C ILE D 179 -7.85 28.35 51.00
N THR D 180 -8.37 28.76 52.14
CA THR D 180 -7.70 29.74 52.99
C THR D 180 -6.94 29.00 54.09
N ALA D 181 -5.80 29.56 54.52
CA ALA D 181 -4.99 28.89 55.53
C ALA D 181 -4.57 29.73 56.76
N THR D 182 -4.22 29.03 57.83
CA THR D 182 -3.77 29.67 59.07
C THR D 182 -2.36 29.15 59.38
N VAL D 183 -1.42 30.07 59.58
CA VAL D 183 -0.03 29.71 59.89
C VAL D 183 0.33 30.03 61.34
N ILE D 184 0.56 28.98 62.13
CA ILE D 184 0.93 29.10 63.54
C ILE D 184 2.38 28.70 63.78
N ASP D 185 2.79 28.74 65.04
CA ASP D 185 4.14 28.35 65.43
C ASP D 185 4.10 26.86 65.71
N PRO D 186 5.18 26.14 65.35
CA PRO D 186 5.19 24.69 65.59
C PRO D 186 4.75 24.35 67.01
N ALA D 187 5.27 25.11 67.97
CA ALA D 187 4.99 24.90 69.38
C ALA D 187 3.64 25.42 69.87
N ASP D 188 3.26 26.61 69.43
CA ASP D 188 2.00 27.22 69.86
C ASP D 188 0.76 26.34 69.66
N VAL D 189 0.45 25.52 70.67
CA VAL D 189 -0.72 24.64 70.60
C VAL D 189 -2.00 25.42 70.90
N GLY D 190 -1.84 26.60 71.49
CA GLY D 190 -3.00 27.41 71.80
C GLY D 190 -3.61 27.93 70.51
N ALA D 191 -2.78 28.51 69.66
CA ALA D 191 -3.22 29.05 68.39
C ALA D 191 -3.97 27.97 67.63
N LEU D 192 -3.37 26.79 67.59
CA LEU D 192 -3.99 25.66 66.91
C LEU D 192 -5.38 25.44 67.45
N GLU D 193 -5.51 25.47 68.78
CA GLU D 193 -6.79 25.25 69.42
C GLU D 193 -7.82 26.32 69.07
N LEU D 194 -7.36 27.54 68.80
CA LEU D 194 -8.28 28.60 68.46
C LEU D 194 -8.74 28.47 67.01
N ALA D 195 -7.79 28.23 66.10
CA ALA D 195 -8.13 28.07 64.70
C ALA D 195 -9.18 26.96 64.57
N LEU D 196 -8.93 25.86 65.28
CA LEU D 196 -9.84 24.72 65.27
C LEU D 196 -11.22 25.15 65.73
N ASN D 197 -11.26 26.28 66.43
CA ASN D 197 -12.52 26.79 66.97
C ASN D 197 -13.19 27.89 66.14
N GLN D 198 -12.40 28.79 65.58
CA GLN D 198 -12.96 29.88 64.77
C GLN D 198 -13.37 29.36 63.40
N LYS D 199 -12.38 28.96 62.61
CA LYS D 199 -12.65 28.41 61.29
C LYS D 199 -12.93 26.93 61.42
N LYS D 200 -13.45 26.31 60.36
CA LYS D 200 -13.74 24.89 60.37
C LYS D 200 -12.60 24.19 59.64
N VAL D 201 -11.45 24.10 60.31
CA VAL D 201 -10.27 23.47 59.73
C VAL D 201 -10.55 22.12 59.08
N ASN D 202 -10.01 21.95 57.88
CA ASN D 202 -10.19 20.73 57.12
C ASN D 202 -9.04 19.76 57.37
N LEU D 203 -7.84 20.31 57.51
CA LEU D 203 -6.67 19.48 57.73
C LEU D 203 -5.51 20.29 58.30
N PHE D 204 -4.77 19.67 59.22
CA PHE D 204 -3.61 20.28 59.84
C PHE D 204 -2.41 19.56 59.24
N PHE D 205 -1.56 20.30 58.55
CA PHE D 205 -0.39 19.68 57.94
C PHE D 205 0.89 20.23 58.51
N THR D 206 1.77 19.33 58.93
CA THR D 206 3.04 19.75 59.48
C THR D 206 4.07 18.64 59.44
N GLU D 207 5.33 19.03 59.37
CA GLU D 207 6.41 18.09 59.35
C GLU D 207 6.89 18.02 60.80
N SER D 208 7.62 16.96 61.15
CA SER D 208 8.12 16.82 62.52
C SER D 208 9.09 15.66 62.63
N PRO D 209 10.40 15.94 62.83
CA PRO D 209 11.01 17.27 62.97
C PRO D 209 10.75 18.20 61.79
N THR D 210 11.05 19.47 62.00
CA THR D 210 10.85 20.53 61.02
C THR D 210 12.18 20.92 60.36
N ASN D 211 12.12 21.62 59.23
CA ASN D 211 13.34 22.06 58.54
C ASN D 211 13.45 23.58 58.62
N PRO D 212 14.65 24.11 58.94
CA PRO D 212 15.92 23.46 59.23
C PRO D 212 16.22 23.40 60.73
N PHE D 213 15.31 23.98 61.53
CA PHE D 213 15.48 24.03 62.97
C PHE D 213 15.01 22.79 63.72
N LEU D 214 14.51 21.81 62.99
CA LEU D 214 14.08 20.55 63.58
C LEU D 214 13.07 20.66 64.72
N ARG D 215 12.17 21.64 64.64
CA ARG D 215 11.14 21.81 65.66
C ARG D 215 10.24 20.60 65.65
N CYS D 216 9.79 20.16 66.82
CA CYS D 216 8.92 19.00 66.88
C CYS D 216 7.51 19.33 67.32
N VAL D 217 6.56 18.49 66.92
CA VAL D 217 5.16 18.68 67.26
C VAL D 217 4.66 17.47 68.04
N ASP D 218 3.85 17.70 69.06
CA ASP D 218 3.31 16.60 69.85
C ASP D 218 2.22 15.94 69.03
N ILE D 219 2.60 14.99 68.18
CA ILE D 219 1.65 14.31 67.32
C ILE D 219 0.41 13.83 68.04
N GLU D 220 0.57 13.24 69.21
CA GLU D 220 -0.55 12.72 69.97
C GLU D 220 -1.52 13.79 70.47
N LEU D 221 -0.97 14.87 71.01
CA LEU D 221 -1.80 15.97 71.53
C LEU D 221 -2.51 16.67 70.39
N VAL D 222 -1.72 17.10 69.41
CA VAL D 222 -2.21 17.79 68.23
C VAL D 222 -3.29 16.96 67.56
N SER D 223 -3.06 15.66 67.46
CA SER D 223 -4.02 14.76 66.82
C SER D 223 -5.35 14.76 67.57
N LYS D 224 -5.28 14.81 68.89
CA LYS D 224 -6.47 14.80 69.73
C LYS D 224 -7.33 16.04 69.51
N LEU D 225 -6.70 17.21 69.53
CA LEU D 225 -7.42 18.46 69.34
C LEU D 225 -8.13 18.49 67.99
N CYS D 226 -7.36 18.25 66.94
CA CYS D 226 -7.89 18.26 65.58
C CYS D 226 -9.10 17.36 65.44
N HIS D 227 -8.92 16.08 65.73
CA HIS D 227 -10.00 15.12 65.60
C HIS D 227 -11.23 15.51 66.40
N GLU D 228 -11.02 16.30 67.44
CA GLU D 228 -12.13 16.75 68.28
C GLU D 228 -13.00 17.67 67.45
N LYS D 229 -12.34 18.52 66.67
CA LYS D 229 -13.04 19.48 65.81
C LYS D 229 -13.15 18.96 64.38
N GLY D 230 -12.98 17.66 64.21
CA GLY D 230 -13.11 17.06 62.90
C GLY D 230 -11.98 17.27 61.89
N ALA D 231 -10.94 18.00 62.25
CA ALA D 231 -9.84 18.21 61.33
C ALA D 231 -9.04 16.93 61.10
N LEU D 232 -8.30 16.87 60.00
CA LEU D 232 -7.49 15.71 59.67
C LEU D 232 -6.06 16.09 60.00
N VAL D 233 -5.25 15.10 60.37
CA VAL D 233 -3.87 15.37 60.71
C VAL D 233 -2.91 14.61 59.81
N CYS D 234 -2.01 15.34 59.16
CA CYS D 234 -1.02 14.75 58.28
C CYS D 234 0.37 15.19 58.72
N ILE D 235 1.22 14.21 58.99
CA ILE D 235 2.58 14.48 59.45
C ILE D 235 3.61 14.05 58.42
N ASP D 236 4.57 14.93 58.16
CA ASP D 236 5.64 14.65 57.23
C ASP D 236 6.87 14.18 58.03
N GLY D 237 6.99 12.87 58.21
CA GLY D 237 8.11 12.36 58.96
C GLY D 237 9.43 12.22 58.21
N THR D 238 9.62 12.99 57.13
CA THR D 238 10.85 12.89 56.36
C THR D 238 12.12 12.82 57.20
N PHE D 239 12.31 13.79 58.09
CA PHE D 239 13.51 13.84 58.94
C PHE D 239 13.54 12.73 59.98
N ALA D 240 12.36 12.33 60.46
CA ALA D 240 12.26 11.28 61.48
C ALA D 240 12.61 9.91 60.92
N THR D 241 11.81 9.44 59.95
CA THR D 241 11.99 8.13 59.32
C THR D 241 10.96 7.23 60.00
N PRO D 242 10.46 6.20 59.31
CA PRO D 242 9.49 5.35 59.99
C PRO D 242 10.11 4.51 61.09
N LEU D 243 11.40 4.71 61.35
CA LEU D 243 12.11 3.96 62.37
C LEU D 243 12.23 4.74 63.68
N ASN D 244 12.39 6.06 63.58
CA ASN D 244 12.54 6.88 64.77
C ASN D 244 11.21 7.32 65.36
N GLN D 245 10.11 7.03 64.66
CA GLN D 245 8.80 7.40 65.17
C GLN D 245 7.67 6.83 64.33
N LYS D 246 6.50 6.65 64.94
CA LYS D 246 5.35 6.11 64.23
C LYS D 246 4.19 7.09 64.27
N ALA D 247 4.24 8.09 63.39
CA ALA D 247 3.22 9.12 63.35
C ALA D 247 1.80 8.54 63.36
N LEU D 248 1.63 7.40 62.70
CA LEU D 248 0.33 6.80 62.64
C LEU D 248 -0.10 6.31 64.01
N ALA D 249 0.82 5.66 64.72
CA ALA D 249 0.54 5.13 66.06
C ALA D 249 0.19 6.24 67.03
N LEU D 250 0.89 7.37 66.91
CA LEU D 250 0.64 8.50 67.80
C LEU D 250 -0.68 9.22 67.49
N GLY D 251 -1.39 8.78 66.45
CA GLY D 251 -2.66 9.39 66.15
C GLY D 251 -2.85 10.08 64.81
N ALA D 252 -1.77 10.48 64.15
CA ALA D 252 -1.89 11.15 62.86
C ALA D 252 -2.68 10.27 61.88
N ASP D 253 -3.48 10.90 61.03
CA ASP D 253 -4.28 10.18 60.04
C ASP D 253 -3.41 9.72 58.89
N LEU D 254 -2.53 10.59 58.44
CA LEU D 254 -1.64 10.28 57.33
C LEU D 254 -0.21 10.70 57.64
N VAL D 255 0.74 9.89 57.21
CA VAL D 255 2.15 10.23 57.40
C VAL D 255 2.77 10.14 56.02
N LEU D 256 3.47 11.19 55.62
CA LEU D 256 4.09 11.22 54.30
C LEU D 256 5.58 11.45 54.39
N HIS D 257 6.32 10.94 53.42
CA HIS D 257 7.77 11.08 53.40
C HIS D 257 8.25 11.48 52.02
N SER D 258 9.50 11.87 51.97
CA SER D 258 10.13 12.22 50.72
C SER D 258 11.22 11.15 50.61
N ALA D 259 10.86 9.99 50.07
CA ALA D 259 11.79 8.87 49.95
C ALA D 259 13.11 9.24 49.26
N THR D 260 13.18 10.44 48.72
CA THR D 260 14.39 10.91 48.06
C THR D 260 15.55 11.01 49.05
N LYS D 261 15.21 11.18 50.33
CA LYS D 261 16.19 11.34 51.40
C LYS D 261 16.69 10.07 52.11
N PHE D 262 16.09 9.75 53.26
CA PHE D 262 16.52 8.59 54.03
C PHE D 262 16.10 7.22 53.50
N LEU D 263 14.84 7.08 53.11
CA LEU D 263 14.36 5.79 52.61
C LEU D 263 15.25 5.24 51.51
N GLY D 264 15.46 6.02 50.45
CA GLY D 264 16.34 5.58 49.37
C GLY D 264 17.73 5.54 49.93
N GLY D 265 18.09 6.60 50.65
CA GLY D 265 19.39 6.69 51.30
C GLY D 265 20.68 6.70 50.50
N HIS D 266 20.61 6.74 49.18
CA HIS D 266 21.84 6.76 48.38
C HIS D 266 21.99 7.95 47.43
N ASN D 267 21.21 8.99 47.68
CA ASN D 267 21.28 10.20 46.86
C ASN D 267 21.21 9.93 45.37
N ASP D 268 20.49 8.89 44.96
CA ASP D 268 20.40 8.57 43.53
C ASP D 268 18.99 8.32 43.02
N VAL D 269 17.99 8.92 43.65
CA VAL D 269 16.61 8.72 43.21
C VAL D 269 15.59 9.55 43.99
N LEU D 270 14.62 10.12 43.28
CA LEU D 270 13.58 10.91 43.92
C LEU D 270 12.32 10.07 44.05
N ALA D 271 11.53 10.33 45.09
CA ALA D 271 10.28 9.60 45.29
C ALA D 271 9.47 10.20 46.42
N GLY D 272 8.15 10.01 46.34
CA GLY D 272 7.25 10.53 47.35
C GLY D 272 6.60 9.38 48.09
N CYS D 273 5.99 9.67 49.23
CA CYS D 273 5.38 8.65 50.08
C CYS D 273 4.17 9.17 50.81
N ILE D 274 3.14 8.34 50.94
CA ILE D 274 1.95 8.72 51.68
C ILE D 274 1.28 7.45 52.17
N SER D 275 1.33 7.22 53.48
CA SER D 275 0.74 6.02 54.06
C SER D 275 -0.42 6.42 54.96
N GLY D 276 -1.35 5.50 55.15
CA GLY D 276 -2.50 5.78 55.99
C GLY D 276 -3.60 4.77 55.75
N PRO D 277 -4.83 5.08 56.13
CA PRO D 277 -5.95 4.16 55.94
C PRO D 277 -6.41 4.13 54.50
N LEU D 278 -6.90 2.98 54.07
CA LEU D 278 -7.38 2.81 52.70
C LEU D 278 -8.38 3.91 52.32
N LYS D 279 -9.40 4.07 53.15
CA LYS D 279 -10.44 5.07 52.90
C LYS D 279 -9.89 6.43 52.51
N LEU D 280 -8.77 6.81 53.11
CA LEU D 280 -8.16 8.10 52.84
C LEU D 280 -7.14 8.06 51.71
N VAL D 281 -6.17 7.18 51.83
CA VAL D 281 -5.13 7.06 50.83
C VAL D 281 -5.64 6.71 49.45
N SER D 282 -6.80 6.06 49.37
CA SER D 282 -7.38 5.68 48.08
C SER D 282 -7.99 6.90 47.40
N GLU D 283 -8.38 7.88 48.19
CA GLU D 283 -8.97 9.09 47.65
C GLU D 283 -7.89 9.89 46.94
N ILE D 284 -6.67 9.80 47.44
CA ILE D 284 -5.55 10.49 46.84
C ILE D 284 -5.09 9.69 45.62
N ARG D 285 -5.09 8.37 45.78
CA ARG D 285 -4.67 7.48 44.71
C ARG D 285 -5.47 7.78 43.46
N ASN D 286 -6.74 8.11 43.62
CA ASN D 286 -7.60 8.42 42.48
C ASN D 286 -7.12 9.64 41.73
N LEU D 287 -6.99 10.77 42.43
CA LEU D 287 -6.53 11.99 41.79
C LEU D 287 -5.16 11.73 41.17
N HIS D 288 -4.44 10.78 41.75
CA HIS D 288 -3.10 10.43 41.28
C HIS D 288 -3.18 9.82 39.89
N HIS D 289 -4.22 9.03 39.66
CA HIS D 289 -4.39 8.38 38.36
C HIS D 289 -4.74 9.38 37.25
N ILE D 290 -5.13 10.60 37.65
CA ILE D 290 -5.48 11.62 36.67
C ILE D 290 -4.31 12.57 36.47
N LEU D 291 -3.66 12.97 37.55
CA LEU D 291 -2.52 13.87 37.44
C LEU D 291 -1.29 13.10 36.97
N GLY D 292 -1.34 11.78 37.12
CA GLY D 292 -0.27 10.89 36.68
C GLY D 292 1.19 11.18 36.94
N GLY D 293 1.56 11.39 38.20
CA GLY D 293 2.95 11.63 38.53
C GLY D 293 3.53 10.29 38.97
N ALA D 294 3.26 9.27 38.18
CA ALA D 294 3.71 7.92 38.47
C ALA D 294 5.19 7.77 38.77
N LEU D 295 5.53 6.68 39.43
CA LEU D 295 6.92 6.36 39.78
C LEU D 295 7.44 5.23 38.89
N ASN D 296 8.60 5.44 38.28
CA ASN D 296 9.20 4.45 37.39
C ASN D 296 9.68 3.23 38.17
N PRO D 297 9.45 2.04 37.61
CA PRO D 297 9.86 0.78 38.23
C PRO D 297 11.33 0.76 38.64
N ASN D 298 12.17 1.37 37.82
CA ASN D 298 13.60 1.40 38.13
C ASN D 298 13.85 2.21 39.39
N ALA D 299 13.00 3.19 39.65
CA ALA D 299 13.12 4.03 40.83
C ALA D 299 12.62 3.22 42.00
N ALA D 300 11.48 2.58 41.83
CA ALA D 300 10.92 1.77 42.90
C ALA D 300 11.92 0.71 43.35
N TYR D 301 12.72 0.18 42.43
CA TYR D 301 13.70 -0.84 42.81
C TYR D 301 14.92 -0.27 43.54
N LEU D 302 15.40 0.87 43.09
CA LEU D 302 16.55 1.49 43.72
C LEU D 302 16.24 1.84 45.18
N ILE D 303 14.96 2.06 45.47
CA ILE D 303 14.52 2.39 46.82
C ILE D 303 14.34 1.08 47.60
N ILE D 304 13.69 0.11 46.98
CA ILE D 304 13.47 -1.18 47.63
C ILE D 304 14.83 -1.67 48.12
N ARG D 305 15.82 -1.58 47.22
CA ARG D 305 17.18 -2.00 47.53
C ARG D 305 17.75 -1.15 48.66
N GLY D 306 17.54 0.16 48.55
CA GLY D 306 18.04 1.08 49.57
C GLY D 306 17.49 0.81 50.95
N MET D 307 16.28 0.26 51.01
CA MET D 307 15.65 -0.03 52.29
C MET D 307 16.09 -1.33 52.96
N LYS D 308 16.98 -2.08 52.30
CA LYS D 308 17.46 -3.31 52.89
C LYS D 308 18.48 -3.01 54.00
N THR D 309 18.90 -1.75 54.09
CA THR D 309 19.85 -1.32 55.10
C THR D 309 19.37 -0.05 55.79
N LEU D 310 18.08 0.22 55.70
CA LEU D 310 17.54 1.42 56.32
C LEU D 310 17.95 1.47 57.79
N HIS D 311 17.68 0.39 58.52
CA HIS D 311 18.00 0.32 59.93
C HIS D 311 19.50 0.52 60.21
N LEU D 312 20.35 -0.19 59.49
CA LEU D 312 21.78 -0.02 59.72
C LEU D 312 22.18 1.43 59.49
N ARG D 313 21.64 2.05 58.44
CA ARG D 313 21.99 3.42 58.11
C ARG D 313 21.47 4.45 59.12
N VAL D 314 20.18 4.40 59.42
CA VAL D 314 19.60 5.35 60.36
C VAL D 314 20.30 5.24 61.72
N GLN D 315 20.50 4.01 62.18
CA GLN D 315 21.15 3.74 63.47
C GLN D 315 22.48 4.50 63.54
N GLN D 316 23.32 4.32 62.54
CA GLN D 316 24.60 4.98 62.51
C GLN D 316 24.39 6.46 62.50
N GLN D 317 23.58 6.92 61.56
CA GLN D 317 23.31 8.35 61.42
C GLN D 317 22.76 8.95 62.70
N ASN D 318 22.10 8.13 63.52
CA ASN D 318 21.55 8.63 64.76
C ASN D 318 22.64 8.94 65.78
N SER D 319 23.72 8.14 65.77
CA SER D 319 24.85 8.36 66.68
C SER D 319 25.56 9.60 66.21
N THR D 320 26.47 9.41 65.25
CA THR D 320 27.22 10.52 64.67
C THR D 320 26.54 11.88 64.86
N ALA D 321 25.21 11.91 64.66
CA ALA D 321 24.44 13.15 64.82
C ALA D 321 24.39 13.67 66.27
N LEU D 322 23.81 12.88 67.16
CA LEU D 322 23.68 13.26 68.56
C LEU D 322 25.02 13.58 69.20
N ARG D 323 26.01 12.75 68.95
CA ARG D 323 27.32 12.99 69.52
C ARG D 323 27.93 14.26 68.95
N MET D 324 28.00 14.37 67.63
CA MET D 324 28.57 15.56 67.02
C MET D 324 27.78 16.78 67.43
N ALA D 325 26.52 16.58 67.74
CA ALA D 325 25.67 17.70 68.15
C ALA D 325 26.22 18.26 69.45
N GLU D 326 26.65 17.37 70.34
CA GLU D 326 27.20 17.75 71.64
C GLU D 326 28.55 18.44 71.57
N ILE D 327 29.43 17.93 70.70
CA ILE D 327 30.74 18.55 70.52
C ILE D 327 30.57 19.98 70.05
N LEU D 328 29.76 20.14 69.01
CA LEU D 328 29.51 21.45 68.43
C LEU D 328 28.90 22.40 69.45
N GLU D 329 27.97 21.91 70.25
CA GLU D 329 27.31 22.75 71.25
C GLU D 329 28.34 23.30 72.23
N ALA D 330 29.36 22.50 72.51
CA ALA D 330 30.41 22.89 73.44
C ALA D 330 31.59 23.58 72.75
N HIS D 331 31.43 23.94 71.48
CA HIS D 331 32.50 24.60 70.76
C HIS D 331 32.39 26.12 70.90
N PRO D 332 33.53 26.81 71.11
CA PRO D 332 33.59 28.27 71.26
C PRO D 332 33.37 29.06 69.96
N LYS D 333 33.25 28.34 68.85
CA LYS D 333 33.06 28.97 67.55
C LYS D 333 31.68 28.71 66.95
N VAL D 334 30.86 27.95 67.67
CA VAL D 334 29.51 27.63 67.24
C VAL D 334 28.51 28.37 68.12
N ARG D 335 27.83 29.36 67.56
CA ARG D 335 26.87 30.17 68.32
C ARG D 335 25.66 29.44 68.88
N HIS D 336 25.08 28.51 68.12
CA HIS D 336 23.92 27.78 68.60
C HIS D 336 23.79 26.44 67.86
N VAL D 337 23.10 25.49 68.46
CA VAL D 337 22.93 24.18 67.84
C VAL D 337 21.51 23.63 67.98
N TYR D 338 20.89 23.32 66.84
CA TYR D 338 19.54 22.76 66.80
C TYR D 338 19.57 21.26 66.58
N TYR D 339 18.93 20.52 67.49
CA TYR D 339 18.86 19.06 67.43
C TYR D 339 17.91 18.57 68.52
N PRO D 340 16.86 17.85 68.14
CA PRO D 340 15.90 17.37 69.15
C PRO D 340 16.54 16.50 70.21
N GLY D 341 17.71 15.94 69.89
CA GLY D 341 18.39 15.06 70.81
C GLY D 341 19.05 15.81 71.96
N LEU D 342 19.42 17.06 71.73
CA LEU D 342 20.06 17.86 72.76
C LEU D 342 19.05 18.28 73.82
N GLN D 343 19.54 18.79 74.94
CA GLN D 343 18.67 19.21 76.02
C GLN D 343 18.26 20.66 75.85
N SER D 344 19.06 21.41 75.10
CA SER D 344 18.80 22.82 74.84
C SER D 344 17.65 23.04 73.86
N HIS D 345 17.15 21.95 73.28
CA HIS D 345 16.06 22.02 72.32
C HIS D 345 14.72 22.36 72.99
N PRO D 346 13.98 23.31 72.41
CA PRO D 346 12.67 23.71 72.96
C PRO D 346 11.73 22.53 73.21
N GLU D 347 11.73 21.55 72.31
CA GLU D 347 10.87 20.40 72.46
C GLU D 347 11.63 19.09 72.60
N HIS D 348 12.75 19.14 73.30
CA HIS D 348 13.57 17.95 73.54
C HIS D 348 12.75 17.04 74.45
N HIS D 349 11.71 17.60 75.07
CA HIS D 349 10.87 16.80 75.95
C HIS D 349 9.80 16.05 75.17
N ILE D 350 9.32 16.64 74.08
CA ILE D 350 8.31 15.99 73.26
C ILE D 350 9.00 14.99 72.35
N ALA D 351 10.20 15.36 71.89
CA ALA D 351 10.99 14.51 71.01
C ALA D 351 11.44 13.26 71.74
N LYS D 352 11.70 13.41 73.04
CA LYS D 352 12.14 12.28 73.84
C LYS D 352 11.05 11.21 74.00
N LYS D 353 9.81 11.65 74.22
CA LYS D 353 8.70 10.73 74.44
C LYS D 353 8.08 10.09 73.21
N GLN D 354 8.05 10.79 72.08
CA GLN D 354 7.44 10.24 70.87
C GLN D 354 8.43 9.71 69.83
N MET D 355 9.72 9.91 70.06
CA MET D 355 10.73 9.43 69.13
C MET D 355 11.79 8.61 69.84
N THR D 356 12.35 7.64 69.13
CA THR D 356 13.39 6.77 69.67
C THR D 356 14.79 7.22 69.26
N GLY D 357 14.88 7.80 68.07
CA GLY D 357 16.16 8.28 67.58
C GLY D 357 15.91 9.73 67.27
N PHE D 358 16.96 10.49 66.94
CA PHE D 358 16.76 11.91 66.65
C PHE D 358 17.12 12.39 65.25
N GLY D 359 17.36 11.45 64.34
CA GLY D 359 17.67 11.82 62.97
C GLY D 359 19.14 11.98 62.69
N GLY D 360 19.47 12.26 61.43
CA GLY D 360 20.86 12.42 61.05
C GLY D 360 21.17 13.83 60.62
N ALA D 361 20.22 14.73 60.80
CA ALA D 361 20.40 16.13 60.42
C ALA D 361 20.64 17.02 61.64
N VAL D 362 21.63 17.89 61.52
CA VAL D 362 21.97 18.81 62.60
C VAL D 362 22.20 20.19 62.04
N SER D 363 21.53 21.18 62.61
CA SER D 363 21.69 22.57 62.16
C SER D 363 22.34 23.36 63.29
N PHE D 364 23.33 24.19 62.93
CA PHE D 364 24.03 25.00 63.91
C PHE D 364 24.48 26.32 63.32
N GLU D 365 24.69 27.31 64.18
CA GLU D 365 25.12 28.62 63.74
C GLU D 365 26.58 28.84 64.07
N VAL D 366 27.38 29.14 63.06
CA VAL D 366 28.79 29.39 63.28
C VAL D 366 28.94 30.79 63.85
N ASP D 367 30.08 31.03 64.47
CA ASP D 367 30.33 32.33 65.05
C ASP D 367 30.95 33.20 63.97
N GLY D 368 30.09 33.81 63.16
CA GLY D 368 30.59 34.66 62.10
C GLY D 368 29.48 35.24 61.27
N ASP D 369 29.79 35.51 60.01
CA ASP D 369 28.82 36.09 59.10
C ASP D 369 28.75 35.24 57.83
N LEU D 370 27.91 35.67 56.88
CA LEU D 370 27.76 34.96 55.61
C LEU D 370 29.13 34.48 55.11
N LEU D 371 30.07 35.41 55.03
CA LEU D 371 31.42 35.13 54.55
C LEU D 371 32.24 34.19 55.42
N THR D 372 32.22 34.40 56.73
CA THR D 372 32.99 33.55 57.64
C THR D 372 32.40 32.14 57.68
N THR D 373 31.09 32.06 57.83
CA THR D 373 30.41 30.78 57.86
C THR D 373 30.75 30.03 56.57
N ALA D 374 30.74 30.75 55.46
CA ALA D 374 31.07 30.18 54.18
C ALA D 374 32.47 29.60 54.21
N LYS D 375 33.40 30.35 54.78
CA LYS D 375 34.80 29.90 54.87
C LYS D 375 34.89 28.56 55.61
N PHE D 376 33.98 28.36 56.54
CA PHE D 376 33.95 27.13 57.32
C PHE D 376 33.55 25.96 56.42
N VAL D 377 32.38 26.07 55.79
CA VAL D 377 31.88 25.01 54.90
C VAL D 377 32.83 24.75 53.74
N ASP D 378 33.50 25.79 53.29
CA ASP D 378 34.46 25.64 52.20
C ASP D 378 35.66 24.88 52.70
N ALA D 379 35.87 24.89 54.02
CA ALA D 379 37.01 24.21 54.62
C ALA D 379 36.81 22.70 54.79
N LEU D 380 35.56 22.27 54.96
CA LEU D 380 35.23 20.85 55.11
C LEU D 380 35.78 20.07 53.92
N LYS D 381 36.08 18.78 54.13
CA LYS D 381 36.65 17.99 53.05
C LYS D 381 35.85 16.74 52.65
N ILE D 382 34.99 16.27 53.52
CA ILE D 382 34.22 15.07 53.22
C ILE D 382 32.83 15.30 52.63
N PRO D 383 32.04 16.20 53.25
CA PRO D 383 30.70 16.44 52.72
C PRO D 383 30.69 17.23 51.41
N TYR D 384 29.60 17.09 50.66
CA TYR D 384 29.47 17.81 49.40
C TYR D 384 28.63 19.04 49.73
N ILE D 385 28.95 20.15 49.08
CA ILE D 385 28.16 21.35 49.30
C ILE D 385 27.00 21.16 48.32
N ALA D 386 25.83 20.79 48.83
CA ALA D 386 24.72 20.54 47.94
C ALA D 386 23.41 20.40 48.68
N PRO D 387 22.29 20.36 47.95
CA PRO D 387 20.98 20.22 48.61
C PRO D 387 20.69 18.77 48.98
N SER D 388 19.53 18.53 49.58
CA SER D 388 19.13 17.19 50.00
C SER D 388 19.91 16.66 51.21
N PHE D 389 19.51 15.48 51.68
CA PHE D 389 20.14 14.87 52.85
C PHE D 389 19.63 13.45 53.03
N GLY D 390 20.21 12.72 53.98
CA GLY D 390 19.75 11.37 54.27
C GLY D 390 20.49 10.23 53.61
N GLY D 391 21.54 10.53 52.85
CA GLY D 391 22.27 9.47 52.20
C GLY D 391 23.63 9.14 52.78
N CYS D 392 24.20 8.04 52.31
CA CYS D 392 25.51 7.60 52.77
C CYS D 392 26.60 8.68 52.66
N GLU D 393 26.48 9.59 51.69
CA GLU D 393 27.49 10.65 51.54
C GLU D 393 27.04 11.85 52.37
N SER D 394 27.97 12.47 53.08
CA SER D 394 27.60 13.60 53.90
C SER D 394 27.44 14.83 53.05
N ILE D 395 26.54 15.72 53.45
CA ILE D 395 26.26 16.95 52.70
C ILE D 395 26.10 18.16 53.62
N VAL D 396 26.60 19.32 53.19
CA VAL D 396 26.50 20.59 53.93
C VAL D 396 25.93 21.66 53.03
N ASP D 397 25.24 22.61 53.64
CA ASP D 397 24.67 23.72 52.88
C ASP D 397 24.26 24.85 53.81
N GLN D 398 24.23 26.07 53.26
CA GLN D 398 23.86 27.24 54.02
C GLN D 398 22.47 27.64 53.55
N PRO D 399 21.43 27.19 54.25
CA PRO D 399 20.05 27.52 53.88
C PRO D 399 19.81 28.94 53.35
N ALA D 400 20.59 29.91 53.83
CA ALA D 400 20.46 31.29 53.40
C ALA D 400 20.84 31.47 51.93
N ILE D 401 21.96 30.88 51.54
CA ILE D 401 22.43 30.96 50.16
C ILE D 401 21.76 29.93 49.26
N MET D 402 21.60 28.72 49.77
CA MET D 402 21.00 27.62 49.01
C MET D 402 19.49 27.66 48.79
N SER D 403 18.75 28.38 49.62
CA SER D 403 17.30 28.39 49.45
C SER D 403 16.55 29.68 49.74
N TYR D 404 17.27 30.75 50.05
CA TYR D 404 16.61 31.99 50.32
C TYR D 404 17.39 33.15 49.76
N TRP D 405 18.37 32.84 48.93
CA TRP D 405 19.19 33.87 48.33
C TRP D 405 18.31 34.82 47.51
N ASP D 406 17.15 34.33 47.11
CA ASP D 406 16.22 35.12 46.31
C ASP D 406 15.55 36.21 47.15
N LEU D 407 15.63 36.09 48.47
CA LEU D 407 15.03 37.08 49.37
C LEU D 407 16.05 38.06 49.90
N SER D 408 15.58 39.19 50.40
CA SER D 408 16.45 40.21 50.95
C SER D 408 16.87 39.76 52.35
N GLN D 409 18.05 40.17 52.79
CA GLN D 409 18.55 39.80 54.10
C GLN D 409 17.47 40.00 55.17
N SER D 410 16.69 41.07 55.01
CA SER D 410 15.62 41.39 55.96
C SER D 410 14.45 40.42 55.84
N ASP D 411 14.17 39.97 54.61
CA ASP D 411 13.08 39.03 54.38
C ASP D 411 13.50 37.62 54.81
N ARG D 412 14.79 37.34 54.71
CA ARG D 412 15.32 36.04 55.09
C ARG D 412 15.20 35.92 56.60
N ALA D 413 15.81 36.88 57.28
CA ALA D 413 15.77 36.91 58.74
C ALA D 413 14.33 37.02 59.20
N LYS D 414 13.46 37.45 58.29
CA LYS D 414 12.04 37.58 58.60
C LYS D 414 11.47 36.22 58.95
N TYR D 415 12.26 35.18 58.76
CA TYR D 415 11.82 33.84 59.08
C TYR D 415 12.94 32.90 59.54
N GLY D 416 13.69 33.37 60.53
CA GLY D 416 14.76 32.58 61.12
C GLY D 416 16.02 32.26 60.35
N ILE D 417 15.98 32.36 59.03
CA ILE D 417 17.17 32.04 58.26
C ILE D 417 18.24 33.10 58.37
N MET D 418 19.41 32.71 58.89
CA MET D 418 20.53 33.62 59.06
C MET D 418 21.73 33.19 58.22
N ASP D 419 22.57 34.15 57.84
CA ASP D 419 23.75 33.85 57.03
C ASP D 419 24.67 32.95 57.83
N ASN D 420 24.36 32.82 59.12
CA ASN D 420 25.12 32.01 60.08
C ASN D 420 24.77 30.52 59.96
N LEU D 421 23.47 30.25 59.92
CA LEU D 421 22.92 28.91 59.86
C LEU D 421 23.56 27.97 58.85
N VAL D 422 23.94 26.80 59.35
CA VAL D 422 24.54 25.76 58.54
C VAL D 422 23.70 24.50 58.79
N ARG D 423 23.43 23.73 57.75
CA ARG D 423 22.65 22.51 57.88
C ARG D 423 23.57 21.35 57.49
N PHE D 424 23.75 20.42 58.41
CA PHE D 424 24.64 19.30 58.18
C PHE D 424 23.92 17.98 58.19
N SER D 425 24.03 17.26 57.08
CA SER D 425 23.42 15.94 56.97
C SER D 425 24.53 14.95 57.12
N PHE D 426 24.57 14.30 58.28
CA PHE D 426 25.61 13.35 58.57
C PHE D 426 25.48 12.06 57.78
N GLY D 427 26.53 11.77 57.02
CA GLY D 427 26.56 10.59 56.19
C GLY D 427 26.64 9.33 57.03
N VAL D 428 27.34 8.33 56.49
CA VAL D 428 27.49 7.05 57.15
C VAL D 428 28.98 6.75 57.28
N GLU D 429 29.80 7.75 56.94
CA GLU D 429 31.26 7.62 57.03
C GLU D 429 31.60 7.44 58.50
N ASP D 430 32.87 7.15 58.79
CA ASP D 430 33.30 6.95 60.16
C ASP D 430 33.17 8.22 61.00
N PHE D 431 32.66 8.08 62.22
CA PHE D 431 32.47 9.23 63.09
C PHE D 431 33.77 9.98 63.31
N ASP D 432 34.86 9.23 63.44
CA ASP D 432 36.18 9.82 63.66
C ASP D 432 36.57 10.71 62.47
N ASP D 433 36.56 10.14 61.28
CA ASP D 433 36.89 10.89 60.07
C ASP D 433 36.03 12.14 59.98
N LEU D 434 34.76 12.01 60.30
CA LEU D 434 33.84 13.14 60.25
C LEU D 434 34.19 14.22 61.28
N LYS D 435 34.34 13.81 62.53
CA LYS D 435 34.67 14.71 63.63
C LYS D 435 35.95 15.49 63.36
N ALA D 436 36.98 14.79 62.90
CA ALA D 436 38.25 15.41 62.61
C ALA D 436 38.08 16.51 61.58
N ASP D 437 37.36 16.20 60.52
CA ASP D 437 37.11 17.14 59.43
C ASP D 437 36.40 18.41 59.89
N ILE D 438 35.33 18.25 60.66
CA ILE D 438 34.56 19.38 61.14
C ILE D 438 35.42 20.28 62.03
N LEU D 439 36.24 19.68 62.88
CA LEU D 439 37.10 20.47 63.76
C LEU D 439 38.17 21.20 62.95
N GLN D 440 38.87 20.47 62.10
CA GLN D 440 39.91 21.05 61.25
C GLN D 440 39.37 22.28 60.53
N ALA D 441 38.12 22.21 60.10
CA ALA D 441 37.49 23.29 59.37
C ALA D 441 37.18 24.48 60.26
N LEU D 442 36.65 24.19 61.45
CA LEU D 442 36.31 25.25 62.39
C LEU D 442 37.54 26.03 62.82
N ASP D 443 38.72 25.44 62.64
CA ASP D 443 39.98 26.10 63.01
C ASP D 443 40.37 27.19 62.03
N SER D 444 40.05 26.98 60.75
CA SER D 444 40.37 27.96 59.72
C SER D 444 39.58 29.25 59.92
N ILE D 445 38.41 29.13 60.54
CA ILE D 445 37.57 30.29 60.81
C ILE D 445 38.33 31.29 61.69
CA MET E 48 -9.13 -24.88 -13.18
C MET E 48 -9.18 -23.36 -13.32
N LYS E 49 -8.01 -22.74 -13.42
CA LYS E 49 -7.93 -21.29 -13.55
C LYS E 49 -7.47 -20.89 -14.95
N TYR E 50 -7.13 -19.61 -15.10
CA TYR E 50 -6.66 -19.09 -16.38
C TYR E 50 -5.14 -19.04 -16.32
N ALA E 51 -4.62 -18.03 -15.64
CA ALA E 51 -3.19 -17.88 -15.50
C ALA E 51 -2.80 -18.06 -14.03
N SER E 52 -1.64 -18.66 -13.83
CA SER E 52 -1.12 -18.90 -12.49
C SER E 52 -0.56 -17.60 -11.93
N PHE E 53 -0.26 -16.65 -12.82
CA PHE E 53 0.29 -15.37 -12.42
C PHE E 53 -0.79 -14.31 -12.25
N LEU E 54 -2.05 -14.72 -12.35
CA LEU E 54 -3.18 -13.81 -12.19
C LEU E 54 -4.05 -14.38 -11.10
N ASN E 55 -3.90 -13.84 -9.89
CA ASN E 55 -4.65 -14.34 -8.73
C ASN E 55 -5.81 -13.48 -8.26
N SER E 56 -6.04 -12.34 -8.88
CA SER E 56 -7.14 -11.49 -8.46
C SER E 56 -8.18 -11.30 -9.57
N ASP E 57 -9.45 -11.31 -9.19
CA ASP E 57 -10.54 -11.15 -10.15
C ASP E 57 -10.35 -9.94 -11.05
N GLY E 58 -9.71 -8.89 -10.54
CA GLY E 58 -9.48 -7.71 -11.34
C GLY E 58 -8.55 -8.05 -12.50
N SER E 59 -7.42 -8.65 -12.17
CA SER E 59 -6.47 -9.02 -13.19
C SER E 59 -7.07 -10.03 -14.15
N VAL E 60 -7.99 -10.85 -13.68
CA VAL E 60 -8.62 -11.85 -14.53
C VAL E 60 -9.62 -11.21 -15.47
N ALA E 61 -10.52 -10.41 -14.92
CA ALA E 61 -11.53 -9.72 -15.72
C ALA E 61 -10.86 -8.98 -16.88
N ILE E 62 -9.59 -8.63 -16.71
CA ILE E 62 -8.88 -7.90 -17.76
C ILE E 62 -8.24 -8.82 -18.79
N HIS E 63 -7.35 -9.70 -18.35
CA HIS E 63 -6.64 -10.57 -19.27
C HIS E 63 -7.24 -11.93 -19.57
N ALA E 64 -8.19 -12.40 -18.77
CA ALA E 64 -8.77 -13.71 -19.06
C ALA E 64 -9.33 -13.78 -20.49
N GLY E 65 -8.89 -14.80 -21.22
CA GLY E 65 -9.35 -14.99 -22.58
C GLY E 65 -8.60 -14.20 -23.63
N GLU E 66 -7.54 -13.51 -23.22
CA GLU E 66 -6.76 -12.72 -24.17
C GLU E 66 -5.25 -12.81 -23.96
N ARG E 67 -4.79 -12.43 -22.77
CA ARG E 67 -3.38 -12.44 -22.46
C ARG E 67 -2.57 -13.63 -22.95
N LEU E 68 -3.10 -14.83 -22.76
CA LEU E 68 -2.35 -16.03 -23.18
C LEU E 68 -2.61 -16.53 -24.59
N GLY E 69 -3.50 -15.87 -25.32
CA GLY E 69 -3.82 -16.30 -26.67
C GLY E 69 -5.29 -16.12 -26.96
N ARG E 70 -5.66 -15.93 -28.21
CA ARG E 70 -7.05 -15.69 -28.55
C ARG E 70 -7.74 -16.65 -29.51
N GLY E 71 -6.97 -17.29 -30.39
CA GLY E 71 -7.58 -18.18 -31.36
C GLY E 71 -7.56 -17.40 -32.66
N ILE E 72 -7.85 -16.10 -32.56
CA ILE E 72 -7.78 -15.22 -33.72
C ILE E 72 -6.45 -14.51 -33.49
N VAL E 73 -5.39 -15.10 -34.02
CA VAL E 73 -4.04 -14.59 -33.86
C VAL E 73 -3.79 -13.13 -34.26
N THR E 74 -3.12 -12.41 -33.38
CA THR E 74 -2.78 -11.01 -33.62
C THR E 74 -1.66 -10.58 -32.71
N ASP E 75 -1.05 -9.45 -33.06
CA ASP E 75 0.02 -8.88 -32.27
C ASP E 75 -0.57 -7.59 -31.73
N ALA E 76 -1.90 -7.52 -31.76
CA ALA E 76 -2.61 -6.35 -31.27
C ALA E 76 -2.87 -6.60 -29.79
N ILE E 77 -3.07 -5.52 -29.03
CA ILE E 77 -3.32 -5.66 -27.60
C ILE E 77 -4.76 -6.09 -27.34
N THR E 78 -5.69 -5.55 -28.13
CA THR E 78 -7.10 -5.86 -27.96
C THR E 78 -7.67 -6.93 -28.90
N THR E 79 -8.88 -7.37 -28.63
CA THR E 79 -9.56 -8.39 -29.44
C THR E 79 -10.19 -7.76 -30.70
N PRO E 80 -9.97 -8.39 -31.87
CA PRO E 80 -10.54 -7.84 -33.10
C PRO E 80 -12.01 -8.17 -33.29
N VAL E 81 -12.78 -7.18 -33.76
CA VAL E 81 -14.20 -7.40 -34.01
C VAL E 81 -14.31 -8.08 -35.38
N VAL E 82 -14.82 -9.31 -35.39
CA VAL E 82 -14.96 -10.05 -36.64
C VAL E 82 -16.39 -10.03 -37.15
N ASN E 83 -16.65 -9.14 -38.10
CA ASN E 83 -17.99 -8.98 -38.69
C ASN E 83 -18.21 -9.89 -39.88
N THR E 84 -18.53 -11.16 -39.63
CA THR E 84 -18.77 -12.10 -40.72
C THR E 84 -20.00 -12.93 -40.39
N SER E 85 -20.70 -13.39 -41.41
CA SER E 85 -21.90 -14.19 -41.19
C SER E 85 -21.58 -15.66 -41.44
N ALA E 86 -20.42 -15.90 -42.04
CA ALA E 86 -20.01 -17.26 -42.36
C ALA E 86 -18.51 -17.41 -42.38
N TYR E 87 -18.06 -18.64 -42.20
CA TYR E 87 -16.63 -18.97 -42.20
C TYR E 87 -16.39 -19.96 -43.35
N PHE E 88 -15.29 -19.77 -44.06
CA PHE E 88 -15.00 -20.62 -45.20
C PHE E 88 -13.98 -21.71 -44.93
N PHE E 89 -13.92 -22.66 -45.86
CA PHE E 89 -12.99 -23.76 -45.77
C PHE E 89 -12.11 -23.74 -47.01
N ASN E 90 -10.88 -24.21 -46.87
CA ASN E 90 -9.91 -24.22 -47.98
C ASN E 90 -10.21 -25.28 -49.05
N LYS E 91 -10.71 -26.43 -48.63
CA LYS E 91 -11.04 -27.48 -49.58
C LYS E 91 -12.00 -28.43 -48.93
N THR E 92 -12.88 -29.01 -49.74
CA THR E 92 -13.87 -29.94 -49.25
C THR E 92 -13.25 -30.89 -48.25
N SER E 93 -12.00 -31.25 -48.47
CA SER E 93 -11.31 -32.15 -47.57
C SER E 93 -11.39 -31.67 -46.12
N GLU E 94 -10.97 -30.42 -45.91
CA GLU E 94 -10.98 -29.82 -44.59
C GLU E 94 -12.37 -29.63 -44.04
N LEU E 95 -13.35 -29.46 -44.91
CA LEU E 95 -14.74 -29.29 -44.46
C LEU E 95 -15.22 -30.60 -43.84
N ILE E 96 -14.78 -31.71 -44.41
CA ILE E 96 -15.16 -33.01 -43.90
C ILE E 96 -14.45 -33.23 -42.56
N ASP E 97 -13.16 -32.94 -42.51
CA ASP E 97 -12.41 -33.08 -41.26
C ASP E 97 -13.23 -32.45 -40.14
N PHE E 98 -13.52 -31.17 -40.31
CA PHE E 98 -14.29 -30.42 -39.33
C PHE E 98 -15.61 -31.11 -39.04
N LYS E 99 -16.25 -31.63 -40.07
CA LYS E 99 -17.53 -32.32 -39.89
C LYS E 99 -17.36 -33.60 -39.09
N GLU E 100 -16.15 -34.16 -39.12
CA GLU E 100 -15.87 -35.39 -38.40
C GLU E 100 -15.09 -35.08 -37.13
N LYS E 101 -15.22 -33.84 -36.67
CA LYS E 101 -14.56 -33.38 -35.46
C LYS E 101 -13.06 -33.55 -35.49
N ARG E 102 -12.46 -33.41 -36.66
CA ARG E 102 -11.02 -33.53 -36.77
C ARG E 102 -10.41 -32.15 -36.97
N ARG E 103 -11.29 -31.16 -37.13
CA ARG E 103 -10.87 -29.77 -37.31
C ARG E 103 -11.89 -28.89 -36.59
N ALA E 104 -11.50 -27.65 -36.30
CA ALA E 104 -12.40 -26.74 -35.60
C ALA E 104 -12.85 -25.59 -36.48
N SER E 105 -14.10 -25.17 -36.30
CA SER E 105 -14.66 -24.08 -37.06
C SER E 105 -16.03 -23.68 -36.53
N PHE E 106 -16.39 -22.42 -36.67
CA PHE E 106 -17.69 -21.95 -36.23
C PHE E 106 -18.69 -22.25 -37.34
N GLU E 107 -18.16 -22.39 -38.56
CA GLU E 107 -18.96 -22.69 -39.76
C GLU E 107 -19.89 -21.54 -40.12
N TYR E 108 -20.94 -21.36 -39.33
CA TYR E 108 -21.91 -20.30 -39.56
C TYR E 108 -21.96 -19.33 -38.38
N GLY E 109 -22.36 -18.10 -38.65
CA GLY E 109 -22.44 -17.11 -37.59
C GLY E 109 -23.36 -17.41 -36.43
N ARG E 110 -24.44 -18.14 -36.67
CA ARG E 110 -25.37 -18.48 -35.61
C ARG E 110 -24.77 -19.49 -34.64
N TYR E 111 -23.62 -20.05 -35.01
CA TYR E 111 -22.99 -21.06 -34.16
C TYR E 111 -21.74 -20.59 -33.44
N GLY E 112 -21.34 -19.35 -33.64
CA GLY E 112 -20.16 -18.88 -32.96
C GLY E 112 -19.42 -17.75 -33.66
N ASN E 113 -18.42 -17.19 -32.98
CA ASN E 113 -17.66 -16.11 -33.54
C ASN E 113 -16.39 -15.89 -32.71
N PRO E 114 -15.27 -15.59 -33.38
CA PRO E 114 -13.97 -15.37 -32.73
C PRO E 114 -13.98 -14.27 -31.67
N THR E 115 -14.52 -13.11 -32.00
CA THR E 115 -14.56 -12.00 -31.06
C THR E 115 -15.55 -12.24 -29.92
N THR E 116 -16.36 -13.29 -30.00
CA THR E 116 -17.33 -13.57 -28.94
C THR E 116 -16.83 -14.66 -28.00
N VAL E 117 -16.16 -15.69 -28.51
CA VAL E 117 -15.65 -16.74 -27.63
C VAL E 117 -14.76 -16.12 -26.56
N VAL E 118 -13.97 -15.11 -26.95
CA VAL E 118 -13.10 -14.45 -25.99
C VAL E 118 -13.95 -14.05 -24.77
N LEU E 119 -15.04 -13.33 -25.00
CA LEU E 119 -15.90 -12.90 -23.92
C LEU E 119 -16.46 -14.09 -23.16
N GLU E 120 -16.64 -15.20 -23.88
CA GLU E 120 -17.18 -16.40 -23.27
C GLU E 120 -16.16 -17.00 -22.32
N GLU E 121 -14.91 -17.04 -22.73
CA GLU E 121 -13.84 -17.59 -21.92
C GLU E 121 -13.47 -16.65 -20.79
N LYS E 122 -13.64 -15.36 -21.01
CA LYS E 122 -13.32 -14.38 -19.99
C LYS E 122 -14.28 -14.53 -18.81
N ILE E 123 -15.58 -14.59 -19.09
CA ILE E 123 -16.57 -14.72 -18.03
C ILE E 123 -16.47 -16.08 -17.34
N SER E 124 -16.19 -17.12 -18.12
CA SER E 124 -16.07 -18.46 -17.56
C SER E 124 -14.97 -18.46 -16.51
N ALA E 125 -13.95 -17.64 -16.73
CA ALA E 125 -12.82 -17.55 -15.82
C ALA E 125 -13.25 -16.92 -14.50
N LEU E 126 -13.89 -15.76 -14.57
CA LEU E 126 -14.37 -15.08 -13.38
C LEU E 126 -15.26 -16.00 -12.53
N GLU E 127 -16.19 -16.71 -13.17
CA GLU E 127 -17.10 -17.58 -12.44
C GLU E 127 -16.51 -18.95 -12.12
N GLY E 128 -15.32 -19.21 -12.64
CA GLY E 128 -14.71 -20.50 -12.40
C GLY E 128 -15.59 -21.58 -13.00
N ALA E 129 -16.28 -21.22 -14.08
CA ALA E 129 -17.17 -22.15 -14.78
C ALA E 129 -16.42 -22.98 -15.80
N GLU E 130 -17.06 -24.07 -16.22
CA GLU E 130 -16.50 -24.99 -17.21
C GLU E 130 -16.73 -24.46 -18.62
N SER E 131 -17.80 -23.69 -18.78
CA SER E 131 -18.13 -23.12 -20.08
C SER E 131 -19.20 -22.05 -19.93
N THR E 132 -19.19 -21.06 -20.83
CA THR E 132 -20.17 -20.00 -20.80
C THR E 132 -20.82 -19.78 -22.17
N LEU E 133 -22.08 -19.38 -22.18
CA LEU E 133 -22.81 -19.14 -23.40
C LEU E 133 -23.36 -17.71 -23.39
N LEU E 134 -23.09 -16.94 -24.44
CA LEU E 134 -23.55 -15.56 -24.52
C LEU E 134 -24.73 -15.43 -25.49
N MET E 135 -25.72 -14.64 -25.10
CA MET E 135 -26.92 -14.44 -25.91
C MET E 135 -27.27 -12.97 -26.19
N ALA E 136 -28.36 -12.77 -26.92
CA ALA E 136 -28.82 -11.44 -27.29
C ALA E 136 -29.26 -10.58 -26.11
N SER E 137 -29.62 -11.22 -24.99
CA SER E 137 -30.05 -10.48 -23.83
C SER E 137 -30.27 -11.36 -22.61
N GLY E 138 -30.53 -10.72 -21.46
CA GLY E 138 -30.76 -11.46 -20.24
C GLY E 138 -31.96 -12.39 -20.37
N MET E 139 -33.09 -11.83 -20.80
CA MET E 139 -34.32 -12.58 -20.98
C MET E 139 -34.12 -13.70 -21.98
N CYS E 140 -33.19 -13.51 -22.90
CA CYS E 140 -32.90 -14.53 -23.90
C CYS E 140 -32.20 -15.70 -23.23
N ALA E 141 -31.34 -15.38 -22.27
CA ALA E 141 -30.58 -16.40 -21.55
C ALA E 141 -31.48 -17.21 -20.62
N SER E 142 -32.33 -16.52 -19.86
CA SER E 142 -33.23 -17.19 -18.93
C SER E 142 -34.19 -18.11 -19.68
N THR E 143 -34.80 -17.55 -20.72
CA THR E 143 -35.77 -18.25 -21.54
C THR E 143 -35.26 -19.50 -22.28
N VAL E 144 -34.16 -19.36 -23.04
CA VAL E 144 -33.61 -20.50 -23.75
C VAL E 144 -33.22 -21.60 -22.78
N MET E 145 -32.71 -21.20 -21.61
CA MET E 145 -32.29 -22.16 -20.60
C MET E 145 -33.49 -22.95 -20.05
N LEU E 146 -34.55 -22.25 -19.69
CA LEU E 146 -35.74 -22.92 -19.18
C LEU E 146 -36.30 -23.91 -20.21
N LEU E 147 -36.38 -23.47 -21.46
CA LEU E 147 -36.90 -24.29 -22.56
C LEU E 147 -36.01 -25.49 -22.85
N ALA E 148 -34.72 -25.36 -22.56
CA ALA E 148 -33.78 -26.44 -22.83
C ALA E 148 -33.59 -27.44 -21.70
N LEU E 149 -33.69 -26.98 -20.46
CA LEU E 149 -33.48 -27.85 -19.31
C LEU E 149 -34.73 -28.45 -18.67
N VAL E 150 -35.84 -27.70 -18.67
CA VAL E 150 -37.08 -28.22 -18.09
C VAL E 150 -37.91 -28.98 -19.14
N PRO E 151 -38.20 -30.27 -18.90
CA PRO E 151 -38.99 -31.08 -19.83
C PRO E 151 -40.46 -30.71 -19.80
N ALA E 152 -41.24 -31.27 -20.72
CA ALA E 152 -42.67 -30.96 -20.80
C ALA E 152 -43.43 -31.65 -19.68
N GLY E 153 -44.32 -30.92 -19.03
CA GLY E 153 -45.06 -31.48 -17.92
C GLY E 153 -44.29 -31.29 -16.63
N GLY E 154 -42.97 -31.14 -16.76
CA GLY E 154 -42.09 -30.95 -15.61
C GLY E 154 -42.49 -29.83 -14.65
N HIS E 155 -41.92 -29.87 -13.44
CA HIS E 155 -42.21 -28.88 -12.42
C HIS E 155 -41.02 -27.97 -12.16
N ILE E 156 -41.31 -26.71 -11.84
CA ILE E 156 -40.29 -25.70 -11.58
C ILE E 156 -40.61 -25.00 -10.26
N VAL E 157 -39.58 -24.48 -9.59
CA VAL E 157 -39.77 -23.77 -8.32
C VAL E 157 -39.00 -22.45 -8.30
N THR E 158 -39.69 -21.36 -8.01
CA THR E 158 -39.05 -20.05 -7.94
C THR E 158 -39.71 -19.19 -6.86
N THR E 159 -39.08 -18.07 -6.52
CA THR E 159 -39.58 -17.17 -5.49
C THR E 159 -40.67 -16.24 -6.00
N THR E 160 -41.28 -15.49 -5.08
CA THR E 160 -42.33 -14.56 -5.43
C THR E 160 -41.72 -13.28 -5.96
N ASP E 161 -40.40 -13.19 -5.82
CA ASP E 161 -39.69 -12.00 -6.25
C ASP E 161 -39.05 -12.15 -7.62
N CYS E 162 -39.39 -13.23 -8.29
CA CYS E 162 -38.89 -13.53 -9.63
C CYS E 162 -39.09 -12.35 -10.58
N TYR E 163 -38.11 -12.09 -11.43
CA TYR E 163 -38.19 -10.99 -12.40
C TYR E 163 -39.51 -11.09 -13.15
N ARG E 164 -40.31 -10.03 -13.10
CA ARG E 164 -41.63 -10.02 -13.74
C ARG E 164 -41.72 -10.70 -15.10
N LYS E 165 -41.03 -10.16 -16.10
CA LYS E 165 -41.04 -10.73 -17.43
C LYS E 165 -40.87 -12.23 -17.35
N THR E 166 -39.90 -12.67 -16.56
CA THR E 166 -39.65 -14.10 -16.41
C THR E 166 -40.81 -14.81 -15.75
N ARG E 167 -41.47 -14.14 -14.82
CA ARG E 167 -42.61 -14.74 -14.13
C ARG E 167 -43.68 -14.98 -15.18
N ILE E 168 -43.92 -13.96 -16.00
CA ILE E 168 -44.91 -14.03 -17.06
C ILE E 168 -44.61 -15.20 -18.00
N PHE E 169 -43.35 -15.33 -18.41
CA PHE E 169 -42.99 -16.41 -19.30
C PHE E 169 -43.25 -17.75 -18.63
N ILE E 170 -43.00 -17.83 -17.32
CA ILE E 170 -43.19 -19.06 -16.57
C ILE E 170 -44.66 -19.38 -16.34
N GLU E 171 -45.49 -18.34 -16.31
CA GLU E 171 -46.90 -18.54 -16.05
C GLU E 171 -47.84 -18.53 -17.26
N THR E 172 -47.33 -18.18 -18.43
CA THR E 172 -48.16 -18.14 -19.63
C THR E 172 -47.66 -18.99 -20.78
N ILE E 173 -46.35 -19.09 -20.94
CA ILE E 173 -45.80 -19.90 -22.02
C ILE E 173 -45.52 -21.34 -21.59
N LEU E 174 -44.68 -21.49 -20.56
CA LEU E 174 -44.32 -22.80 -20.04
C LEU E 174 -45.49 -23.76 -19.79
N PRO E 175 -46.62 -23.23 -19.27
CA PRO E 175 -47.76 -24.12 -19.03
C PRO E 175 -48.29 -24.84 -20.29
N LYS E 176 -48.16 -24.21 -21.44
CA LYS E 176 -48.61 -24.82 -22.69
C LYS E 176 -47.91 -26.15 -22.86
N MET E 177 -46.73 -26.26 -22.25
CA MET E 177 -45.94 -27.48 -22.32
C MET E 177 -46.18 -28.35 -21.09
N GLY E 178 -47.30 -28.09 -20.43
CA GLY E 178 -47.66 -28.85 -19.24
C GLY E 178 -46.73 -28.63 -18.06
N ILE E 179 -45.85 -27.65 -18.17
CA ILE E 179 -44.90 -27.35 -17.09
C ILE E 179 -45.56 -26.47 -16.03
N THR E 180 -45.52 -26.93 -14.78
CA THR E 180 -46.10 -26.16 -13.68
C THR E 180 -44.99 -25.67 -12.76
N ALA E 181 -45.33 -24.77 -11.85
CA ALA E 181 -44.35 -24.23 -10.93
C ALA E 181 -44.86 -24.08 -9.51
N THR E 182 -43.93 -23.88 -8.58
CA THR E 182 -44.24 -23.69 -7.17
C THR E 182 -43.58 -22.37 -6.81
N VAL E 183 -44.39 -21.38 -6.47
CA VAL E 183 -43.84 -20.07 -6.12
C VAL E 183 -43.76 -19.94 -4.59
N ILE E 184 -42.54 -19.91 -4.08
CA ILE E 184 -42.29 -19.78 -2.64
C ILE E 184 -41.68 -18.43 -2.30
N ASP E 185 -41.43 -18.21 -1.02
CA ASP E 185 -40.81 -16.96 -0.57
C ASP E 185 -39.31 -17.15 -0.66
N PRO E 186 -38.57 -16.09 -1.01
CA PRO E 186 -37.12 -16.24 -1.11
C PRO E 186 -36.50 -16.91 0.11
N ALA E 187 -36.95 -16.49 1.28
CA ALA E 187 -36.44 -17.02 2.54
C ALA E 187 -36.99 -18.39 2.94
N ASP E 188 -38.29 -18.59 2.77
CA ASP E 188 -38.93 -19.85 3.13
C ASP E 188 -38.28 -21.12 2.57
N VAL E 189 -37.27 -21.64 3.28
CA VAL E 189 -36.59 -22.85 2.84
C VAL E 189 -37.41 -24.08 3.15
N GLY E 190 -38.38 -23.93 4.03
CA GLY E 190 -39.22 -25.06 4.38
C GLY E 190 -40.15 -25.33 3.22
N ALA E 191 -40.60 -24.26 2.60
CA ALA E 191 -41.49 -24.34 1.45
C ALA E 191 -40.74 -25.03 0.32
N LEU E 192 -39.47 -24.69 0.15
CA LEU E 192 -38.66 -25.29 -0.90
C LEU E 192 -38.48 -26.77 -0.66
N GLU E 193 -38.25 -27.16 0.59
CA GLU E 193 -38.06 -28.58 0.93
C GLU E 193 -39.35 -29.38 0.82
N LEU E 194 -40.47 -28.75 1.12
CA LEU E 194 -41.76 -29.44 1.04
C LEU E 194 -42.04 -29.79 -0.41
N ALA E 195 -42.17 -28.76 -1.24
CA ALA E 195 -42.45 -28.93 -2.67
C ALA E 195 -41.40 -29.87 -3.25
N LEU E 196 -40.18 -29.75 -2.75
CA LEU E 196 -39.08 -30.59 -3.19
C LEU E 196 -39.43 -32.07 -2.97
N ASN E 197 -40.31 -32.32 -2.01
CA ASN E 197 -40.70 -33.69 -1.67
C ASN E 197 -41.99 -34.21 -2.27
N GLN E 198 -42.94 -33.32 -2.53
CA GLN E 198 -44.21 -33.73 -3.12
C GLN E 198 -44.03 -33.94 -4.62
N LYS E 199 -44.02 -32.86 -5.38
CA LYS E 199 -43.83 -32.95 -6.83
C LYS E 199 -42.36 -33.22 -7.11
N LYS E 200 -42.06 -33.69 -8.32
CA LYS E 200 -40.67 -33.93 -8.70
C LYS E 200 -40.17 -32.65 -9.34
N VAL E 201 -39.41 -31.89 -8.57
CA VAL E 201 -38.86 -30.63 -9.06
C VAL E 201 -37.72 -30.89 -10.03
N ASN E 202 -37.79 -30.23 -11.19
CA ASN E 202 -36.80 -30.37 -12.24
C ASN E 202 -35.68 -29.35 -12.09
N LEU E 203 -36.04 -28.15 -11.65
CA LEU E 203 -35.06 -27.10 -11.48
C LEU E 203 -35.59 -26.00 -10.60
N PHE E 204 -34.72 -25.47 -9.73
CA PHE E 204 -35.09 -24.38 -8.83
C PHE E 204 -34.38 -23.16 -9.41
N PHE E 205 -35.16 -22.16 -9.78
CA PHE E 205 -34.57 -20.97 -10.38
C PHE E 205 -34.86 -19.75 -9.53
N THR E 206 -33.81 -19.00 -9.23
CA THR E 206 -33.99 -17.80 -8.45
C THR E 206 -32.79 -16.90 -8.61
N GLU E 207 -33.04 -15.62 -8.40
CA GLU E 207 -32.01 -14.60 -8.49
C GLU E 207 -31.60 -14.36 -7.04
N SER E 208 -30.44 -13.73 -6.85
CA SER E 208 -29.94 -13.44 -5.51
C SER E 208 -28.68 -12.57 -5.57
N PRO E 209 -28.77 -11.30 -5.14
CA PRO E 209 -29.97 -10.64 -4.60
C PRO E 209 -31.16 -10.66 -5.56
N THR E 210 -32.31 -10.27 -5.02
CA THR E 210 -33.57 -10.25 -5.74
C THR E 210 -33.96 -8.82 -6.11
N ASN E 211 -34.93 -8.67 -7.02
CA ASN E 211 -35.37 -7.35 -7.40
C ASN E 211 -36.82 -7.17 -6.94
N PRO E 212 -37.16 -6.00 -6.37
CA PRO E 212 -36.33 -4.83 -6.12
C PRO E 212 -35.90 -4.76 -4.65
N PHE E 213 -36.38 -5.70 -3.85
CA PHE E 213 -36.10 -5.74 -2.41
C PHE E 213 -34.78 -6.41 -2.02
N LEU E 214 -34.04 -6.85 -3.02
CA LEU E 214 -32.74 -7.48 -2.80
C LEU E 214 -32.69 -8.62 -1.79
N ARG E 215 -33.73 -9.46 -1.81
CA ARG E 215 -33.76 -10.60 -0.91
C ARG E 215 -32.66 -11.56 -1.33
N CYS E 216 -32.04 -12.22 -0.38
CA CYS E 216 -30.97 -13.17 -0.70
C CYS E 216 -31.36 -14.61 -0.38
N VAL E 217 -30.69 -15.53 -1.03
CA VAL E 217 -30.97 -16.95 -0.85
C VAL E 217 -29.66 -17.65 -0.49
N ASP E 218 -29.72 -18.59 0.45
CA ASP E 218 -28.52 -19.32 0.84
C ASP E 218 -28.20 -20.32 -0.26
N ILE E 219 -27.44 -19.87 -1.24
CA ILE E 219 -27.09 -20.73 -2.36
C ILE E 219 -26.62 -22.11 -1.93
N GLU E 220 -25.72 -22.16 -0.94
CA GLU E 220 -25.18 -23.42 -0.46
C GLU E 220 -26.20 -24.35 0.16
N LEU E 221 -27.07 -23.83 1.00
CA LEU E 221 -28.08 -24.66 1.65
C LEU E 221 -29.10 -25.13 0.63
N VAL E 222 -29.62 -24.17 -0.13
CA VAL E 222 -30.61 -24.41 -1.16
C VAL E 222 -30.08 -25.42 -2.18
N SER E 223 -28.80 -25.29 -2.53
CA SER E 223 -28.18 -26.20 -3.50
C SER E 223 -28.13 -27.62 -2.97
N LYS E 224 -27.91 -27.76 -1.66
CA LYS E 224 -27.82 -29.06 -1.01
C LYS E 224 -29.16 -29.79 -1.04
N LEU E 225 -30.22 -29.11 -0.63
CA LEU E 225 -31.55 -29.72 -0.61
C LEU E 225 -31.96 -30.21 -1.99
N CYS E 226 -31.88 -29.32 -2.97
CA CYS E 226 -32.24 -29.64 -4.35
C CYS E 226 -31.51 -30.85 -4.88
N HIS E 227 -30.19 -30.80 -4.89
CA HIS E 227 -29.41 -31.92 -5.39
C HIS E 227 -29.72 -33.21 -4.67
N GLU E 228 -30.26 -33.10 -3.47
CA GLU E 228 -30.62 -34.28 -2.68
C GLU E 228 -31.80 -34.96 -3.37
N LYS E 229 -32.72 -34.14 -3.85
CA LYS E 229 -33.90 -34.65 -4.53
C LYS E 229 -33.72 -34.58 -6.05
N GLY E 230 -32.48 -34.47 -6.49
CA GLY E 230 -32.19 -34.44 -7.92
C GLY E 230 -32.49 -33.17 -8.71
N ALA E 231 -33.01 -32.14 -8.05
CA ALA E 231 -33.31 -30.89 -8.75
C ALA E 231 -32.04 -30.17 -9.15
N LEU E 232 -32.16 -29.26 -10.10
CA LEU E 232 -31.05 -28.47 -10.60
C LEU E 232 -31.19 -27.09 -9.99
N VAL E 233 -30.07 -26.41 -9.77
CA VAL E 233 -30.12 -25.08 -9.20
C VAL E 233 -29.48 -24.06 -10.13
N CYS E 234 -30.24 -23.02 -10.46
CA CYS E 234 -29.75 -21.95 -11.31
C CYS E 234 -29.95 -20.63 -10.60
N ILE E 235 -28.86 -19.88 -10.44
CA ILE E 235 -28.88 -18.61 -9.74
C ILE E 235 -28.59 -17.44 -10.67
N ASP E 236 -29.44 -16.42 -10.62
CA ASP E 236 -29.27 -15.24 -11.45
C ASP E 236 -28.49 -14.19 -10.65
N GLY E 237 -27.17 -14.16 -10.85
CA GLY E 237 -26.35 -13.23 -10.10
C GLY E 237 -26.29 -11.81 -10.63
N THR E 238 -27.26 -11.42 -11.47
CA THR E 238 -27.24 -10.08 -12.05
C THR E 238 -26.85 -8.98 -11.08
N PHE E 239 -27.59 -8.84 -9.98
CA PHE E 239 -27.31 -7.80 -8.99
C PHE E 239 -26.00 -7.99 -8.24
N ALA E 240 -25.62 -9.24 -8.04
CA ALA E 240 -24.40 -9.54 -7.31
C ALA E 240 -23.14 -9.23 -8.12
N THR E 241 -22.99 -9.90 -9.26
CA THR E 241 -21.84 -9.74 -10.14
C THR E 241 -20.92 -10.91 -9.82
N PRO E 242 -20.13 -11.36 -10.79
CA PRO E 242 -19.23 -12.49 -10.47
C PRO E 242 -18.11 -12.09 -9.51
N LEU E 243 -18.14 -10.84 -9.05
CA LEU E 243 -17.12 -10.33 -8.16
C LEU E 243 -17.55 -10.33 -6.69
N ASN E 244 -18.84 -10.09 -6.46
CA ASN E 244 -19.35 -10.08 -5.10
C ASN E 244 -19.79 -11.45 -4.61
N GLN E 245 -19.76 -12.45 -5.48
CA GLN E 245 -20.15 -13.81 -5.08
C GLN E 245 -19.87 -14.83 -6.18
N LYS E 246 -19.69 -16.09 -5.81
CA LYS E 246 -19.42 -17.14 -6.78
C LYS E 246 -20.47 -18.24 -6.67
N ALA E 247 -21.66 -17.97 -7.21
CA ALA E 247 -22.76 -18.92 -7.14
C ALA E 247 -22.35 -20.34 -7.49
N LEU E 248 -21.39 -20.48 -8.39
CA LEU E 248 -20.94 -21.80 -8.79
C LEU E 248 -20.19 -22.48 -7.66
N ALA E 249 -19.33 -21.72 -6.98
CA ALA E 249 -18.57 -22.27 -5.86
C ALA E 249 -19.48 -22.70 -4.71
N LEU E 250 -20.50 -21.90 -4.43
CA LEU E 250 -21.43 -22.18 -3.36
C LEU E 250 -22.32 -23.38 -3.65
N GLY E 251 -22.19 -23.96 -4.85
CA GLY E 251 -23.00 -25.13 -5.17
C GLY E 251 -23.98 -25.08 -6.32
N ALA E 252 -24.41 -23.88 -6.72
CA ALA E 252 -25.35 -23.74 -7.83
C ALA E 252 -24.81 -24.46 -9.07
N ASP E 253 -25.70 -25.02 -9.89
CA ASP E 253 -25.30 -25.71 -11.12
C ASP E 253 -25.03 -24.74 -12.24
N LEU E 254 -25.88 -23.72 -12.34
CA LEU E 254 -25.75 -22.71 -13.37
C LEU E 254 -25.96 -21.32 -12.78
N VAL E 255 -25.14 -20.38 -13.22
CA VAL E 255 -25.25 -19.01 -12.78
C VAL E 255 -25.42 -18.20 -14.06
N LEU E 256 -26.47 -17.38 -14.12
CA LEU E 256 -26.72 -16.56 -15.29
C LEU E 256 -26.79 -15.08 -14.95
N HIS E 257 -26.40 -14.25 -15.90
CA HIS E 257 -26.39 -12.81 -15.73
C HIS E 257 -27.05 -12.08 -16.88
N SER E 258 -27.33 -10.81 -16.66
CA SER E 258 -27.90 -9.97 -17.68
C SER E 258 -26.79 -8.95 -17.91
N ALA E 259 -25.82 -9.30 -18.77
CA ALA E 259 -24.68 -8.44 -19.04
C ALA E 259 -25.05 -7.01 -19.41
N THR E 260 -26.34 -6.78 -19.63
CA THR E 260 -26.83 -5.46 -19.97
C THR E 260 -26.59 -4.45 -18.84
N LYS E 261 -26.50 -4.98 -17.63
CA LYS E 261 -26.32 -4.17 -16.42
C LYS E 261 -24.87 -3.84 -16.00
N PHE E 262 -24.35 -4.61 -15.03
CA PHE E 262 -22.99 -4.39 -14.51
C PHE E 262 -21.83 -4.83 -15.41
N LEU E 263 -21.92 -6.03 -15.97
CA LEU E 263 -20.84 -6.53 -16.83
C LEU E 263 -20.46 -5.51 -17.90
N GLY E 264 -21.42 -5.11 -18.72
CA GLY E 264 -21.14 -4.11 -19.75
C GLY E 264 -20.83 -2.81 -19.05
N GLY E 265 -21.67 -2.49 -18.06
CA GLY E 265 -21.51 -1.31 -17.23
C GLY E 265 -21.56 0.08 -17.82
N HIS E 266 -21.93 0.22 -19.10
CA HIS E 266 -22.00 1.54 -19.69
C HIS E 266 -23.34 1.93 -20.29
N ASN E 267 -24.37 1.18 -19.93
CA ASN E 267 -25.73 1.44 -20.40
C ASN E 267 -25.81 1.56 -21.91
N ASP E 268 -24.95 0.86 -22.62
CA ASP E 268 -24.95 0.94 -24.07
C ASP E 268 -24.91 -0.39 -24.83
N VAL E 269 -25.54 -1.42 -24.26
CA VAL E 269 -25.56 -2.73 -24.92
C VAL E 269 -26.31 -3.79 -24.11
N LEU E 270 -27.10 -4.63 -24.78
CA LEU E 270 -27.83 -5.69 -24.11
C LEU E 270 -27.14 -7.01 -24.38
N ALA E 271 -27.26 -7.95 -23.45
CA ALA E 271 -26.63 -9.26 -23.62
C ALA E 271 -27.03 -10.17 -22.48
N GLY E 272 -27.01 -11.47 -22.75
CA GLY E 272 -27.36 -12.47 -21.74
C GLY E 272 -26.13 -13.25 -21.36
N CYS E 273 -26.21 -14.02 -20.28
CA CYS E 273 -25.07 -14.80 -19.79
C CYS E 273 -25.52 -16.09 -19.11
N ILE E 274 -24.79 -17.17 -19.32
CA ILE E 274 -25.10 -18.44 -18.67
C ILE E 274 -23.83 -19.25 -18.59
N SER E 275 -23.31 -19.41 -17.37
CA SER E 275 -22.08 -20.16 -17.15
C SER E 275 -22.37 -21.41 -16.35
N GLY E 276 -21.56 -22.44 -16.56
CA GLY E 276 -21.73 -23.69 -15.85
C GLY E 276 -20.90 -24.79 -16.47
N PRO E 277 -21.21 -26.06 -16.14
CA PRO E 277 -20.45 -27.19 -16.69
C PRO E 277 -20.80 -27.42 -18.13
N LEU E 278 -19.84 -27.93 -18.89
CA LEU E 278 -20.04 -28.21 -20.30
C LEU E 278 -21.30 -29.03 -20.52
N LYS E 279 -21.38 -30.18 -19.87
CA LYS E 279 -22.51 -31.08 -20.00
C LYS E 279 -23.87 -30.38 -19.96
N LEU E 280 -23.99 -29.34 -19.16
CA LEU E 280 -25.24 -28.62 -19.03
C LEU E 280 -25.35 -27.45 -19.99
N VAL E 281 -24.35 -26.58 -19.98
CA VAL E 281 -24.37 -25.40 -20.84
C VAL E 281 -24.42 -25.74 -22.32
N SER E 282 -23.88 -26.89 -22.70
CA SER E 282 -23.88 -27.30 -24.10
C SER E 282 -25.27 -27.73 -24.55
N GLU E 283 -26.11 -28.13 -23.60
CA GLU E 283 -27.46 -28.56 -23.91
C GLU E 283 -28.29 -27.33 -24.26
N ILE E 284 -27.93 -26.20 -23.67
CA ILE E 284 -28.63 -24.94 -23.92
C ILE E 284 -28.09 -24.35 -25.22
N ARG E 285 -26.78 -24.47 -25.38
CA ARG E 285 -26.11 -23.96 -26.56
C ARG E 285 -26.76 -24.55 -27.79
N ASN E 286 -27.20 -25.80 -27.70
CA ASN E 286 -27.84 -26.47 -28.84
C ASN E 286 -29.15 -25.81 -29.21
N LEU E 287 -30.08 -25.70 -28.25
CA LEU E 287 -31.35 -25.07 -28.53
C LEU E 287 -31.14 -23.62 -28.97
N HIS E 288 -29.97 -23.08 -28.60
CA HIS E 288 -29.61 -21.70 -28.95
C HIS E 288 -29.33 -21.64 -30.45
N HIS E 289 -28.69 -22.69 -30.98
CA HIS E 289 -28.37 -22.73 -32.40
C HIS E 289 -29.61 -22.84 -33.28
N ILE E 290 -30.75 -23.17 -32.67
CA ILE E 290 -31.99 -23.30 -33.40
C ILE E 290 -32.85 -22.05 -33.23
N LEU E 291 -32.96 -21.55 -32.01
CA LEU E 291 -33.76 -20.35 -31.76
C LEU E 291 -32.99 -19.12 -32.21
N GLY E 292 -31.69 -19.29 -32.42
CA GLY E 292 -30.81 -18.23 -32.88
C GLY E 292 -30.91 -16.79 -32.39
N GLY E 293 -30.76 -16.57 -31.08
CA GLY E 293 -30.79 -15.23 -30.54
C GLY E 293 -29.34 -14.84 -30.33
N ALA E 294 -28.54 -15.02 -31.37
CA ALA E 294 -27.11 -14.74 -31.34
C ALA E 294 -26.72 -13.32 -30.95
N LEU E 295 -25.50 -13.18 -30.44
CA LEU E 295 -24.98 -11.89 -30.02
C LEU E 295 -24.04 -11.34 -31.10
N ASN E 296 -24.22 -10.06 -31.44
CA ASN E 296 -23.42 -9.42 -32.46
C ASN E 296 -22.01 -9.14 -31.95
N PRO E 297 -21.00 -9.36 -32.81
CA PRO E 297 -19.60 -9.14 -32.44
C PRO E 297 -19.33 -7.75 -31.89
N ASN E 298 -20.07 -6.77 -32.37
CA ASN E 298 -19.91 -5.39 -31.92
C ASN E 298 -20.39 -5.26 -30.50
N ALA E 299 -21.35 -6.10 -30.12
CA ALA E 299 -21.87 -6.08 -28.75
C ALA E 299 -20.87 -6.81 -27.87
N ALA E 300 -20.42 -7.97 -28.32
CA ALA E 300 -19.45 -8.72 -27.56
C ALA E 300 -18.23 -7.85 -27.23
N TYR E 301 -17.82 -6.99 -28.15
CA TYR E 301 -16.65 -6.15 -27.91
C TYR E 301 -16.92 -5.03 -26.91
N LEU E 302 -18.09 -4.41 -27.01
CA LEU E 302 -18.43 -3.32 -26.10
C LEU E 302 -18.44 -3.84 -24.66
N ILE E 303 -18.77 -5.12 -24.50
CA ILE E 303 -18.81 -5.73 -23.18
C ILE E 303 -17.39 -6.11 -22.77
N ILE E 304 -16.65 -6.74 -23.68
CA ILE E 304 -15.27 -7.13 -23.39
C ILE E 304 -14.55 -5.88 -22.86
N ARG E 305 -14.72 -4.79 -23.58
CA ARG E 305 -14.11 -3.53 -23.21
C ARG E 305 -14.62 -3.06 -21.84
N GLY E 306 -15.94 -3.16 -21.64
CA GLY E 306 -16.54 -2.74 -20.39
C GLY E 306 -16.08 -3.52 -19.18
N MET E 307 -15.61 -4.73 -19.41
CA MET E 307 -15.15 -5.58 -18.33
C MET E 307 -13.70 -5.34 -17.91
N LYS E 308 -13.01 -4.45 -18.62
CA LYS E 308 -11.62 -4.13 -18.30
C LYS E 308 -11.59 -3.25 -17.05
N THR E 309 -12.76 -2.83 -16.59
CA THR E 309 -12.84 -2.00 -15.39
C THR E 309 -13.98 -2.49 -14.50
N LEU E 310 -14.36 -3.74 -14.68
CA LEU E 310 -15.44 -4.29 -13.88
C LEU E 310 -15.13 -4.11 -12.40
N HIS E 311 -13.93 -4.53 -11.99
CA HIS E 311 -13.52 -4.41 -10.60
C HIS E 311 -13.52 -2.98 -10.10
N LEU E 312 -12.90 -2.07 -10.83
CA LEU E 312 -12.87 -0.69 -10.39
C LEU E 312 -14.28 -0.14 -10.23
N ARG E 313 -15.18 -0.52 -11.14
CA ARG E 313 -16.54 -0.01 -11.09
C ARG E 313 -17.35 -0.59 -9.95
N VAL E 314 -17.40 -1.91 -9.86
CA VAL E 314 -18.16 -2.57 -8.80
C VAL E 314 -17.73 -2.10 -7.41
N GLN E 315 -16.43 -1.89 -7.23
CA GLN E 315 -15.91 -1.43 -5.95
C GLN E 315 -16.52 -0.08 -5.58
N GLN E 316 -16.38 0.89 -6.48
CA GLN E 316 -16.93 2.22 -6.24
C GLN E 316 -18.41 2.20 -5.93
N GLN E 317 -19.13 1.23 -6.49
CA GLN E 317 -20.57 1.15 -6.26
C GLN E 317 -20.92 0.43 -4.95
N ASN E 318 -20.14 -0.59 -4.61
CA ASN E 318 -20.37 -1.34 -3.38
C ASN E 318 -20.28 -0.39 -2.20
N SER E 319 -19.37 0.59 -2.29
CA SER E 319 -19.20 1.58 -1.23
C SER E 319 -20.35 2.57 -1.23
N THR E 320 -20.38 3.44 -2.24
CA THR E 320 -21.43 4.41 -2.34
C THR E 320 -22.78 3.86 -1.91
N ALA E 321 -23.16 2.71 -2.46
CA ALA E 321 -24.43 2.12 -2.09
C ALA E 321 -24.46 1.90 -0.58
N LEU E 322 -23.51 1.11 -0.10
CA LEU E 322 -23.41 0.81 1.32
C LEU E 322 -23.48 2.02 2.23
N ARG E 323 -22.75 3.08 1.90
CA ARG E 323 -22.75 4.27 2.71
C ARG E 323 -24.06 5.05 2.64
N MET E 324 -24.63 5.16 1.45
CA MET E 324 -25.89 5.89 1.32
C MET E 324 -27.01 5.12 1.98
N ALA E 325 -26.86 3.81 2.11
CA ALA E 325 -27.89 3.00 2.74
C ALA E 325 -28.04 3.42 4.21
N GLU E 326 -26.92 3.64 4.88
CA GLU E 326 -26.92 4.06 6.28
C GLU E 326 -27.49 5.46 6.41
N ILE E 327 -27.16 6.32 5.47
CA ILE E 327 -27.64 7.69 5.50
C ILE E 327 -29.12 7.77 5.23
N LEU E 328 -29.58 7.02 4.24
CA LEU E 328 -30.99 7.01 3.88
C LEU E 328 -31.85 6.47 5.01
N GLU E 329 -31.44 5.34 5.54
CA GLU E 329 -32.15 4.66 6.62
C GLU E 329 -32.40 5.58 7.82
N ALA E 330 -31.37 6.34 8.19
CA ALA E 330 -31.44 7.26 9.33
C ALA E 330 -32.16 8.56 9.03
N HIS E 331 -32.64 8.73 7.80
CA HIS E 331 -33.35 9.94 7.44
C HIS E 331 -34.81 9.85 7.88
N PRO E 332 -35.38 10.97 8.38
CA PRO E 332 -36.78 11.04 8.84
C PRO E 332 -37.84 10.92 7.74
N LYS E 333 -37.48 11.28 6.51
CA LYS E 333 -38.42 11.20 5.41
C LYS E 333 -38.38 9.84 4.71
N VAL E 334 -37.49 8.96 5.16
CA VAL E 334 -37.35 7.63 4.59
C VAL E 334 -37.95 6.57 5.54
N ARG E 335 -39.02 5.94 5.09
CA ARG E 335 -39.73 4.93 5.87
C ARG E 335 -39.03 3.58 5.98
N HIS E 336 -38.23 3.22 4.98
CA HIS E 336 -37.54 1.93 5.01
C HIS E 336 -36.44 1.84 3.95
N VAL E 337 -35.45 0.99 4.17
CA VAL E 337 -34.36 0.83 3.23
C VAL E 337 -33.96 -0.63 3.05
N TYR E 338 -33.94 -1.07 1.79
CA TYR E 338 -33.57 -2.44 1.42
C TYR E 338 -32.16 -2.48 0.83
N TYR E 339 -31.30 -3.29 1.43
CA TYR E 339 -29.92 -3.43 1.00
C TYR E 339 -29.31 -4.59 1.78
N PRO E 340 -28.78 -5.59 1.09
CA PRO E 340 -28.20 -6.74 1.82
C PRO E 340 -27.09 -6.36 2.81
N GLY E 341 -26.51 -5.17 2.65
CA GLY E 341 -25.44 -4.73 3.53
C GLY E 341 -25.94 -4.32 4.90
N LEU E 342 -27.02 -3.53 4.93
CA LEU E 342 -27.60 -3.08 6.18
C LEU E 342 -27.90 -4.25 7.11
N GLN E 343 -28.01 -3.95 8.41
CA GLN E 343 -28.29 -4.99 9.40
C GLN E 343 -29.78 -5.25 9.48
N SER E 344 -30.57 -4.26 9.08
CA SER E 344 -32.02 -4.39 9.11
C SER E 344 -32.54 -5.29 8.00
N HIS E 345 -31.68 -5.68 7.08
CA HIS E 345 -32.11 -6.53 5.99
C HIS E 345 -32.35 -7.97 6.44
N PRO E 346 -33.55 -8.50 6.11
CA PRO E 346 -34.01 -9.85 6.43
C PRO E 346 -32.98 -10.97 6.30
N GLU E 347 -32.08 -10.89 5.32
CA GLU E 347 -31.08 -11.94 5.19
C GLU E 347 -29.66 -11.38 5.20
N HIS E 348 -29.46 -10.31 5.94
CA HIS E 348 -28.15 -9.72 6.04
C HIS E 348 -27.17 -10.81 6.44
N HIS E 349 -27.62 -11.72 7.30
CA HIS E 349 -26.74 -12.78 7.76
C HIS E 349 -26.33 -13.69 6.63
N ILE E 350 -27.22 -13.87 5.67
CA ILE E 350 -26.90 -14.74 4.55
C ILE E 350 -25.94 -14.01 3.63
N ALA E 351 -26.19 -12.72 3.43
CA ALA E 351 -25.34 -11.93 2.57
C ALA E 351 -23.90 -12.05 3.06
N LYS E 352 -23.69 -11.75 4.34
CA LYS E 352 -22.36 -11.80 4.95
C LYS E 352 -21.54 -13.03 4.65
N LYS E 353 -22.18 -14.19 4.70
CA LYS E 353 -21.47 -15.44 4.49
C LYS E 353 -21.20 -15.83 3.05
N GLN E 354 -21.97 -15.32 2.09
CA GLN E 354 -21.73 -15.70 0.71
C GLN E 354 -21.27 -14.59 -0.20
N MET E 355 -21.43 -13.34 0.23
CA MET E 355 -21.01 -12.22 -0.60
C MET E 355 -19.83 -11.47 -0.01
N THR E 356 -19.11 -10.76 -0.87
CA THR E 356 -17.95 -9.99 -0.43
C THR E 356 -18.24 -8.50 -0.68
N GLY E 357 -19.42 -8.24 -1.22
CA GLY E 357 -19.85 -6.89 -1.51
C GLY E 357 -21.36 -6.92 -1.47
N PHE E 358 -22.03 -5.79 -1.59
CA PHE E 358 -23.48 -5.83 -1.54
C PHE E 358 -24.20 -5.20 -2.72
N GLY E 359 -23.43 -4.86 -3.76
CA GLY E 359 -24.02 -4.28 -4.95
C GLY E 359 -24.15 -2.78 -4.93
N GLY E 360 -24.62 -2.22 -6.04
CA GLY E 360 -24.80 -0.78 -6.13
C GLY E 360 -26.25 -0.35 -6.20
N ALA E 361 -27.16 -1.28 -5.97
CA ALA E 361 -28.58 -0.98 -6.03
C ALA E 361 -29.17 -0.90 -4.63
N VAL E 362 -29.97 0.13 -4.39
CA VAL E 362 -30.60 0.31 -3.09
C VAL E 362 -32.06 0.69 -3.29
N SER E 363 -32.96 -0.02 -2.61
CA SER E 363 -34.39 0.29 -2.71
C SER E 363 -34.85 0.81 -1.36
N PHE E 364 -35.68 1.85 -1.38
CA PHE E 364 -36.20 2.43 -0.14
C PHE E 364 -37.58 3.04 -0.35
N GLU E 365 -38.34 3.17 0.74
CA GLU E 365 -39.67 3.74 0.66
C GLU E 365 -39.72 5.13 1.27
N VAL E 366 -40.15 6.12 0.49
CA VAL E 366 -40.24 7.48 0.98
C VAL E 366 -41.46 7.57 1.89
N ASP E 367 -41.47 8.54 2.79
CA ASP E 367 -42.61 8.69 3.70
C ASP E 367 -43.66 9.58 3.04
N GLY E 368 -44.30 9.07 2.01
CA GLY E 368 -45.32 9.83 1.31
C GLY E 368 -46.19 8.92 0.46
N ASP E 369 -46.67 9.45 -0.66
CA ASP E 369 -47.52 8.67 -1.56
C ASP E 369 -47.00 8.74 -2.98
N LEU E 370 -47.70 8.10 -3.90
CA LEU E 370 -47.32 8.09 -5.31
C LEU E 370 -46.85 9.49 -5.72
N LEU E 371 -47.68 10.49 -5.44
CA LEU E 371 -47.37 11.85 -5.81
C LEU E 371 -46.16 12.45 -5.10
N THR E 372 -46.09 12.29 -3.78
CA THR E 372 -44.97 12.83 -3.00
C THR E 372 -43.67 12.15 -3.38
N THR E 373 -43.68 10.82 -3.37
CA THR E 373 -42.49 10.07 -3.74
C THR E 373 -42.02 10.56 -5.12
N ALA E 374 -42.97 10.79 -6.02
CA ALA E 374 -42.68 11.26 -7.36
C ALA E 374 -41.97 12.61 -7.31
N LYS E 375 -42.47 13.50 -6.47
CA LYS E 375 -41.88 14.83 -6.32
C LYS E 375 -40.40 14.72 -5.91
N PHE E 376 -40.08 13.67 -5.16
CA PHE E 376 -38.72 13.43 -4.71
C PHE E 376 -37.84 13.07 -5.91
N VAL E 377 -38.19 12.00 -6.63
CA VAL E 377 -37.41 11.57 -7.78
C VAL E 377 -37.33 12.65 -8.85
N ASP E 378 -38.35 13.50 -8.91
CA ASP E 378 -38.36 14.57 -9.89
C ASP E 378 -37.37 15.64 -9.44
N ALA E 379 -37.09 15.67 -8.14
CA ALA E 379 -36.17 16.65 -7.58
C ALA E 379 -34.69 16.32 -7.78
N LEU E 380 -34.36 15.03 -7.89
CA LEU E 380 -32.98 14.60 -8.11
C LEU E 380 -32.45 15.26 -9.37
N LYS E 381 -31.14 15.45 -9.46
CA LYS E 381 -30.54 16.11 -10.63
C LYS E 381 -29.50 15.31 -11.40
N ILE E 382 -28.92 14.29 -10.79
CA ILE E 382 -27.89 13.51 -11.44
C ILE E 382 -28.39 12.22 -12.09
N PRO E 383 -29.24 11.45 -11.40
CA PRO E 383 -29.71 10.22 -12.02
C PRO E 383 -30.78 10.41 -13.09
N TYR E 384 -30.86 9.48 -14.03
CA TYR E 384 -31.85 9.54 -15.08
C TYR E 384 -33.05 8.76 -14.60
N ILE E 385 -34.25 9.24 -14.87
CA ILE E 385 -35.44 8.50 -14.49
C ILE E 385 -35.55 7.52 -15.64
N ALA E 386 -35.23 6.26 -15.40
CA ALA E 386 -35.28 5.27 -16.46
C ALA E 386 -35.13 3.84 -15.92
N PRO E 387 -35.39 2.83 -16.77
CA PRO E 387 -35.25 1.44 -16.31
C PRO E 387 -33.78 1.01 -16.34
N SER E 388 -33.52 -0.25 -16.01
CA SER E 388 -32.15 -0.77 -16.00
C SER E 388 -31.31 -0.22 -14.84
N PHE E 389 -30.09 -0.74 -14.73
CA PHE E 389 -29.17 -0.35 -13.66
C PHE E 389 -27.80 -0.97 -13.86
N GLY E 390 -26.85 -0.58 -13.01
CA GLY E 390 -25.51 -1.13 -13.08
C GLY E 390 -24.48 -0.38 -13.87
N GLY E 391 -24.85 0.76 -14.42
CA GLY E 391 -23.90 1.51 -15.22
C GLY E 391 -23.32 2.74 -14.59
N CYS E 392 -22.27 3.28 -15.21
CA CYS E 392 -21.61 4.47 -14.71
C CYS E 392 -22.55 5.64 -14.44
N GLU E 393 -23.68 5.68 -15.13
CA GLU E 393 -24.64 6.76 -14.91
C GLU E 393 -25.67 6.29 -13.88
N SER E 394 -26.02 7.16 -12.96
CA SER E 394 -26.99 6.76 -11.93
C SER E 394 -28.39 6.79 -12.49
N ILE E 395 -29.25 5.90 -12.00
CA ILE E 395 -30.62 5.82 -12.47
C ILE E 395 -31.63 5.63 -11.35
N VAL E 396 -32.78 6.30 -11.43
CA VAL E 396 -33.85 6.17 -10.45
C VAL E 396 -35.14 5.76 -11.13
N ASP E 397 -36.03 5.10 -10.41
CA ASP E 397 -37.30 4.70 -10.96
C ASP E 397 -38.24 4.24 -9.85
N GLN E 398 -39.54 4.38 -10.10
CA GLN E 398 -40.56 3.98 -9.14
C GLN E 398 -41.19 2.68 -9.68
N PRO E 399 -40.67 1.52 -9.24
CA PRO E 399 -41.20 0.24 -9.72
C PRO E 399 -42.73 0.17 -9.91
N ALA E 400 -43.48 0.94 -9.13
CA ALA E 400 -44.93 0.94 -9.24
C ALA E 400 -45.41 1.53 -10.57
N ILE E 401 -44.82 2.66 -10.94
CA ILE E 401 -45.18 3.34 -12.18
C ILE E 401 -44.43 2.74 -13.37
N MET E 402 -43.16 2.42 -13.17
CA MET E 402 -42.32 1.90 -14.23
C MET E 402 -42.55 0.47 -14.66
N SER E 403 -43.17 -0.35 -13.81
CA SER E 403 -43.34 -1.75 -14.20
C SER E 403 -44.60 -2.45 -13.71
N TYR E 404 -45.47 -1.73 -13.01
CA TYR E 404 -46.69 -2.36 -12.53
C TYR E 404 -47.86 -1.42 -12.69
N TRP E 405 -47.66 -0.36 -13.46
CA TRP E 405 -48.72 0.60 -13.69
C TRP E 405 -49.90 -0.07 -14.37
N ASP E 406 -49.63 -1.19 -15.02
CA ASP E 406 -50.68 -1.93 -15.72
C ASP E 406 -51.62 -2.62 -14.75
N LEU E 407 -51.19 -2.76 -13.49
CA LEU E 407 -52.00 -3.41 -12.48
C LEU E 407 -52.74 -2.41 -11.62
N SER E 408 -53.76 -2.89 -10.90
CA SER E 408 -54.54 -2.04 -10.02
C SER E 408 -53.77 -1.89 -8.72
N GLN E 409 -53.94 -0.76 -8.05
CA GLN E 409 -53.25 -0.50 -6.79
C GLN E 409 -53.30 -1.71 -5.86
N SER E 410 -54.44 -2.38 -5.87
CA SER E 410 -54.64 -3.56 -5.03
C SER E 410 -53.83 -4.74 -5.53
N ASP E 411 -53.71 -4.87 -6.85
CA ASP E 411 -52.95 -5.95 -7.45
C ASP E 411 -51.46 -5.70 -7.32
N ARG E 412 -51.08 -4.42 -7.31
CA ARG E 412 -49.68 -4.05 -7.18
C ARG E 412 -49.25 -4.40 -5.77
N ALA E 413 -49.96 -3.84 -4.80
CA ALA E 413 -49.70 -4.09 -3.39
C ALA E 413 -49.83 -5.58 -3.12
N LYS E 414 -50.54 -6.28 -3.99
CA LYS E 414 -50.73 -7.72 -3.84
C LYS E 414 -49.39 -8.42 -3.91
N TYR E 415 -48.34 -7.67 -4.22
CA TYR E 415 -47.02 -8.26 -4.27
C TYR E 415 -45.87 -7.31 -3.90
N GLY E 416 -46.05 -6.63 -2.77
CA GLY E 416 -45.04 -5.74 -2.25
C GLY E 416 -44.77 -4.41 -2.90
N ILE E 417 -45.22 -4.21 -4.14
CA ILE E 417 -44.96 -2.95 -4.80
C ILE E 417 -45.87 -1.82 -4.33
N MET E 418 -45.26 -0.79 -3.76
CA MET E 418 -46.00 0.36 -3.25
C MET E 418 -45.63 1.62 -4.02
N ASP E 419 -46.53 2.58 -4.02
CA ASP E 419 -46.31 3.84 -4.71
C ASP E 419 -45.17 4.58 -4.04
N ASN E 420 -44.77 4.07 -2.87
CA ASN E 420 -43.69 4.63 -2.06
C ASN E 420 -42.33 4.18 -2.55
N LEU E 421 -42.22 2.89 -2.83
CA LEU E 421 -40.98 2.26 -3.26
C LEU E 421 -40.22 2.98 -4.35
N VAL E 422 -38.94 3.21 -4.08
CA VAL E 422 -38.04 3.86 -5.01
C VAL E 422 -36.86 2.92 -5.19
N ARG E 423 -36.36 2.80 -6.41
CA ARG E 423 -35.23 1.92 -6.68
C ARG E 423 -34.11 2.78 -7.21
N PHE E 424 -32.99 2.79 -6.49
CA PHE E 424 -31.85 3.59 -6.87
C PHE E 424 -30.64 2.77 -7.27
N SER E 425 -30.17 3.00 -8.49
CA SER E 425 -29.01 2.31 -9.01
C SER E 425 -27.90 3.32 -8.92
N PHE E 426 -26.99 3.12 -7.97
CA PHE E 426 -25.90 4.05 -7.78
C PHE E 426 -24.84 3.96 -8.86
N GLY E 427 -24.60 5.09 -9.50
CA GLY E 427 -23.62 5.17 -10.56
C GLY E 427 -22.20 5.07 -10.06
N VAL E 428 -21.29 5.75 -10.75
CA VAL E 428 -19.89 5.73 -10.38
C VAL E 428 -19.43 7.17 -10.12
N GLU E 429 -20.40 8.09 -10.13
CA GLU E 429 -20.13 9.48 -9.85
C GLU E 429 -19.57 9.59 -8.45
N ASP E 430 -19.14 10.80 -8.07
CA ASP E 430 -18.59 11.03 -6.74
C ASP E 430 -19.64 10.90 -5.64
N PHE E 431 -19.29 10.16 -4.60
CA PHE E 431 -20.21 9.92 -3.49
C PHE E 431 -20.78 11.20 -2.92
N ASP E 432 -19.93 12.20 -2.80
CA ASP E 432 -20.37 13.46 -2.25
C ASP E 432 -21.38 14.15 -3.13
N ASP E 433 -21.13 14.18 -4.44
CA ASP E 433 -22.04 14.83 -5.38
C ASP E 433 -23.40 14.13 -5.35
N LEU E 434 -23.39 12.81 -5.25
CA LEU E 434 -24.63 12.04 -5.19
C LEU E 434 -25.34 12.23 -3.84
N LYS E 435 -24.57 12.17 -2.76
CA LYS E 435 -25.11 12.33 -1.42
C LYS E 435 -25.84 13.67 -1.33
N ALA E 436 -25.13 14.73 -1.69
CA ALA E 436 -25.68 16.06 -1.66
C ALA E 436 -26.98 16.14 -2.42
N ASP E 437 -26.98 15.55 -3.61
CA ASP E 437 -28.16 15.54 -4.47
C ASP E 437 -29.34 14.82 -3.82
N ILE E 438 -29.10 13.63 -3.28
CA ILE E 438 -30.17 12.88 -2.65
C ILE E 438 -30.78 13.63 -1.47
N LEU E 439 -29.93 14.29 -0.68
CA LEU E 439 -30.42 15.03 0.48
C LEU E 439 -31.19 16.26 0.04
N GLN E 440 -30.62 17.00 -0.89
CA GLN E 440 -31.26 18.20 -1.42
C GLN E 440 -32.68 17.89 -1.91
N ALA E 441 -32.84 16.72 -2.52
CA ALA E 441 -34.12 16.29 -3.06
C ALA E 441 -35.09 15.89 -1.97
N LEU E 442 -34.59 15.20 -0.95
CA LEU E 442 -35.43 14.75 0.15
C LEU E 442 -35.98 15.94 0.93
N ASP E 443 -35.34 17.09 0.78
CA ASP E 443 -35.77 18.30 1.47
C ASP E 443 -37.01 18.91 0.85
N SER E 444 -37.13 18.80 -0.47
CA SER E 444 -38.28 19.34 -1.19
C SER E 444 -39.55 18.60 -0.82
N ILE E 445 -39.41 17.35 -0.42
CA ILE E 445 -40.55 16.54 -0.02
C ILE E 445 -41.25 17.19 1.18
CA MET F 48 1.44 -7.17 -61.43
C MET F 48 -0.03 -7.19 -61.03
N LYS F 49 -0.80 -8.08 -61.66
CA LYS F 49 -2.23 -8.19 -61.37
C LYS F 49 -2.44 -8.98 -60.08
N TYR F 50 -3.43 -8.58 -59.29
CA TYR F 50 -3.70 -9.27 -58.03
C TYR F 50 -3.86 -10.75 -58.32
N ALA F 51 -5.00 -11.10 -58.90
CA ALA F 51 -5.27 -12.48 -59.25
C ALA F 51 -5.37 -12.61 -60.76
N SER F 52 -4.88 -13.73 -61.26
CA SER F 52 -4.90 -14.01 -62.69
C SER F 52 -6.31 -14.45 -63.10
N PHE F 53 -7.11 -14.83 -62.12
CA PHE F 53 -8.47 -15.28 -62.37
C PHE F 53 -9.46 -14.13 -62.17
N LEU F 54 -8.93 -12.94 -61.92
CA LEU F 54 -9.77 -11.76 -61.73
C LEU F 54 -9.34 -10.74 -62.77
N ASN F 55 -10.11 -10.64 -63.85
CA ASN F 55 -9.77 -9.74 -64.94
C ASN F 55 -10.63 -8.49 -65.06
N SER F 56 -11.61 -8.34 -64.17
CA SER F 56 -12.47 -7.16 -64.24
C SER F 56 -12.39 -6.31 -62.98
N ASP F 57 -12.41 -4.99 -63.16
CA ASP F 57 -12.34 -4.06 -62.04
C ASP F 57 -13.40 -4.35 -60.99
N GLY F 58 -14.54 -4.86 -61.42
CA GLY F 58 -15.59 -5.18 -60.48
C GLY F 58 -15.14 -6.31 -59.57
N SER F 59 -14.62 -7.38 -60.16
CA SER F 59 -14.14 -8.53 -59.40
C SER F 59 -12.94 -8.18 -58.55
N VAL F 60 -12.16 -7.18 -58.97
CA VAL F 60 -11.00 -6.77 -58.21
C VAL F 60 -11.41 -5.90 -57.03
N ALA F 61 -12.25 -4.91 -57.28
CA ALA F 61 -12.71 -4.03 -56.22
C ALA F 61 -13.25 -4.86 -55.07
N ILE F 62 -13.74 -6.05 -55.38
CA ILE F 62 -14.30 -6.92 -54.36
C ILE F 62 -13.26 -7.73 -53.62
N HIS F 63 -12.55 -8.60 -54.34
CA HIS F 63 -11.57 -9.49 -53.74
C HIS F 63 -10.13 -9.01 -53.59
N ALA F 64 -9.76 -7.91 -54.24
CA ALA F 64 -8.38 -7.44 -54.13
C ALA F 64 -8.04 -7.16 -52.67
N GLY F 65 -6.94 -7.75 -52.21
CA GLY F 65 -6.48 -7.55 -50.84
C GLY F 65 -7.13 -8.47 -49.81
N GLU F 66 -7.98 -9.39 -50.25
CA GLU F 66 -8.65 -10.28 -49.32
C GLU F 66 -8.70 -11.74 -49.79
N ARG F 67 -9.29 -11.97 -50.96
CA ARG F 67 -9.43 -13.31 -51.50
C ARG F 67 -8.22 -14.23 -51.40
N LEU F 68 -7.04 -13.71 -51.69
CA LEU F 68 -5.83 -14.53 -51.64
C LEU F 68 -5.09 -14.56 -50.32
N GLY F 69 -5.53 -13.75 -49.36
CA GLY F 69 -4.86 -13.71 -48.06
C GLY F 69 -4.93 -12.32 -47.48
N ARG F 70 -4.88 -12.19 -46.16
CA ARG F 70 -4.98 -10.87 -45.54
C ARG F 70 -3.83 -10.42 -44.64
N GLY F 71 -3.07 -11.35 -44.09
CA GLY F 71 -2.01 -10.97 -43.19
C GLY F 71 -2.57 -11.21 -41.80
N ILE F 72 -3.82 -10.83 -41.61
CA ILE F 72 -4.51 -11.05 -40.35
C ILE F 72 -5.35 -12.30 -40.67
N VAL F 73 -4.74 -13.45 -40.45
CA VAL F 73 -5.36 -14.74 -40.73
C VAL F 73 -6.74 -14.98 -40.12
N THR F 74 -7.66 -15.46 -40.96
CA THR F 74 -9.01 -15.79 -40.54
C THR F 74 -9.67 -16.72 -41.52
N ASP F 75 -10.75 -17.35 -41.09
CA ASP F 75 -11.52 -18.25 -41.92
C ASP F 75 -12.85 -17.53 -42.14
N ALA F 76 -12.84 -16.23 -41.86
CA ALA F 76 -14.01 -15.41 -42.04
C ALA F 76 -13.98 -14.90 -43.48
N ILE F 77 -15.14 -14.52 -44.00
CA ILE F 77 -15.24 -14.03 -45.37
C ILE F 77 -14.78 -12.58 -45.46
N THR F 78 -15.07 -11.82 -44.41
CA THR F 78 -14.74 -10.40 -44.37
C THR F 78 -13.47 -10.04 -43.57
N THR F 79 -13.03 -8.79 -43.70
CA THR F 79 -11.85 -8.30 -42.99
C THR F 79 -12.20 -7.85 -41.55
N PRO F 80 -11.46 -8.35 -40.55
CA PRO F 80 -11.73 -7.98 -39.16
C PRO F 80 -11.28 -6.56 -38.81
N VAL F 81 -12.09 -5.87 -38.02
CA VAL F 81 -11.76 -4.51 -37.60
C VAL F 81 -10.85 -4.66 -36.38
N VAL F 82 -9.60 -4.21 -36.51
CA VAL F 82 -8.65 -4.31 -35.41
C VAL F 82 -8.49 -2.98 -34.69
N ASN F 83 -9.20 -2.84 -33.57
CA ASN F 83 -9.18 -1.64 -32.74
C ASN F 83 -8.05 -1.67 -31.71
N THR F 84 -6.84 -1.33 -32.13
CA THR F 84 -5.73 -1.34 -31.20
C THR F 84 -4.89 -0.11 -31.47
N SER F 85 -4.21 0.39 -30.44
CA SER F 85 -3.35 1.58 -30.58
C SER F 85 -1.89 1.16 -30.62
N ALA F 86 -1.62 -0.08 -30.26
CA ALA F 86 -0.26 -0.57 -30.25
C ALA F 86 -0.22 -2.06 -30.53
N TYR F 87 0.93 -2.53 -30.98
CA TYR F 87 1.12 -3.94 -31.28
C TYR F 87 2.26 -4.41 -30.40
N PHE F 88 2.14 -5.62 -29.86
CA PHE F 88 3.15 -6.15 -28.96
C PHE F 88 4.10 -7.16 -29.59
N PHE F 89 5.20 -7.40 -28.88
CA PHE F 89 6.22 -8.34 -29.32
C PHE F 89 6.35 -9.43 -28.25
N ASN F 90 6.70 -10.64 -28.67
CA ASN F 90 6.82 -11.75 -27.75
C ASN F 90 8.03 -11.68 -26.84
N LYS F 91 9.13 -11.16 -27.37
CA LYS F 91 10.35 -11.04 -26.57
C LYS F 91 11.23 -9.99 -27.19
N THR F 92 12.04 -9.34 -26.36
CA THR F 92 12.93 -8.29 -26.84
C THR F 92 13.65 -8.75 -28.09
N SER F 93 13.99 -10.02 -28.14
CA SER F 93 14.69 -10.57 -29.29
C SER F 93 13.98 -10.22 -30.60
N GLU F 94 12.70 -10.58 -30.67
CA GLU F 94 11.89 -10.31 -31.86
C GLU F 94 11.68 -8.83 -32.12
N LEU F 95 11.74 -8.01 -31.06
CA LEU F 95 11.56 -6.57 -31.23
C LEU F 95 12.78 -6.03 -31.98
N ILE F 96 13.94 -6.61 -31.71
CA ILE F 96 15.16 -6.18 -32.37
C ILE F 96 15.10 -6.64 -33.83
N ASP F 97 14.72 -7.90 -34.04
CA ASP F 97 14.61 -8.44 -35.39
C ASP F 97 13.85 -7.41 -36.23
N PHE F 98 12.63 -7.11 -35.79
CA PHE F 98 11.78 -6.15 -36.47
C PHE F 98 12.49 -4.82 -36.68
N LYS F 99 13.23 -4.37 -35.66
CA LYS F 99 13.95 -3.11 -35.75
C LYS F 99 15.08 -3.18 -36.78
N GLU F 100 15.55 -4.40 -37.04
CA GLU F 100 16.62 -4.60 -38.00
C GLU F 100 16.06 -5.16 -39.30
N LYS F 101 14.78 -4.86 -39.53
CA LYS F 101 14.09 -5.29 -40.73
C LYS F 101 14.16 -6.79 -41.00
N ARG F 102 14.16 -7.59 -39.93
CA ARG F 102 14.21 -9.03 -40.07
C ARG F 102 12.84 -9.62 -39.75
N ARG F 103 11.95 -8.75 -39.27
CA ARG F 103 10.58 -9.15 -38.92
C ARG F 103 9.66 -7.98 -39.28
N ALA F 104 8.36 -8.27 -39.42
CA ALA F 104 7.39 -7.25 -39.78
C ALA F 104 6.41 -6.92 -38.65
N SER F 105 6.09 -5.64 -38.51
CA SER F 105 5.17 -5.18 -37.49
C SER F 105 4.80 -3.72 -37.73
N PHE F 106 3.59 -3.34 -37.33
CA PHE F 106 3.15 -1.95 -37.47
C PHE F 106 3.70 -1.17 -36.27
N GLU F 107 4.01 -1.91 -35.20
CA GLU F 107 4.56 -1.36 -33.96
C GLU F 107 3.56 -0.47 -33.23
N TYR F 108 3.29 0.69 -33.81
CA TYR F 108 2.35 1.64 -33.23
C TYR F 108 1.21 1.90 -34.21
N GLY F 109 0.07 2.30 -33.69
CA GLY F 109 -1.09 2.57 -34.52
C GLY F 109 -0.93 3.69 -35.54
N ARG F 110 -0.10 4.69 -35.24
CA ARG F 110 0.12 5.81 -36.15
C ARG F 110 0.91 5.36 -37.38
N TYR F 111 1.46 4.15 -37.31
CA TYR F 111 2.27 3.62 -38.39
C TYR F 111 1.61 2.53 -39.24
N GLY F 112 0.38 2.16 -38.92
CA GLY F 112 -0.28 1.14 -39.70
C GLY F 112 -1.30 0.33 -38.94
N ASN F 113 -2.01 -0.52 -39.65
CA ASN F 113 -3.02 -1.35 -39.03
C ASN F 113 -3.47 -2.44 -40.00
N PRO F 114 -3.74 -3.65 -39.46
CA PRO F 114 -4.17 -4.78 -40.29
C PRO F 114 -5.41 -4.53 -41.12
N THR F 115 -6.48 -4.05 -40.50
CA THR F 115 -7.72 -3.79 -41.23
C THR F 115 -7.62 -2.61 -42.21
N THR F 116 -6.50 -1.89 -42.18
CA THR F 116 -6.32 -0.77 -43.09
C THR F 116 -5.43 -1.11 -44.29
N VAL F 117 -4.42 -1.95 -44.11
CA VAL F 117 -3.57 -2.30 -45.24
C VAL F 117 -4.42 -2.98 -46.31
N VAL F 118 -5.38 -3.79 -45.89
CA VAL F 118 -6.24 -4.46 -46.85
C VAL F 118 -6.81 -3.43 -47.82
N LEU F 119 -7.38 -2.35 -47.28
CA LEU F 119 -7.95 -1.29 -48.11
C LEU F 119 -6.87 -0.64 -48.95
N GLU F 120 -5.65 -0.63 -48.43
CA GLU F 120 -4.52 -0.05 -49.13
C GLU F 120 -4.17 -0.90 -50.34
N GLU F 121 -4.12 -2.21 -50.15
CA GLU F 121 -3.78 -3.12 -51.21
C GLU F 121 -4.92 -3.25 -52.20
N LYS F 122 -6.13 -3.04 -51.72
CA LYS F 122 -7.28 -3.13 -52.60
C LYS F 122 -7.27 -2.01 -53.62
N ILE F 123 -7.11 -0.77 -53.15
CA ILE F 123 -7.08 0.37 -54.04
C ILE F 123 -5.87 0.33 -54.96
N SER F 124 -4.74 -0.12 -54.42
CA SER F 124 -3.52 -0.19 -55.21
C SER F 124 -3.77 -1.08 -56.41
N ALA F 125 -4.59 -2.11 -56.23
CA ALA F 125 -4.90 -3.05 -57.30
C ALA F 125 -5.72 -2.38 -58.39
N LEU F 126 -6.77 -1.68 -57.99
CA LEU F 126 -7.62 -0.99 -58.96
C LEU F 126 -6.80 -0.02 -59.80
N GLU F 127 -5.99 0.81 -59.15
CA GLU F 127 -5.17 1.80 -59.86
C GLU F 127 -3.92 1.21 -60.49
N GLY F 128 -3.68 -0.08 -60.24
CA GLY F 128 -2.49 -0.70 -60.78
C GLY F 128 -1.28 0.03 -60.24
N ALA F 129 -1.40 0.54 -59.01
CA ALA F 129 -0.31 1.27 -58.37
C ALA F 129 0.66 0.33 -57.66
N GLU F 130 1.82 0.85 -57.31
CA GLU F 130 2.85 0.07 -56.64
C GLU F 130 2.58 0.06 -55.13
N SER F 131 1.96 1.13 -54.65
CA SER F 131 1.64 1.26 -53.23
C SER F 131 0.63 2.38 -53.04
N THR F 132 -0.19 2.26 -52.01
CA THR F 132 -1.21 3.27 -51.70
C THR F 132 -1.14 3.66 -50.22
N LEU F 133 -1.46 4.92 -49.93
CA LEU F 133 -1.44 5.42 -48.55
C LEU F 133 -2.80 6.00 -48.20
N LEU F 134 -3.40 5.52 -47.11
CA LEU F 134 -4.71 6.03 -46.70
C LEU F 134 -4.60 7.04 -45.57
N MET F 135 -5.41 8.11 -45.64
CA MET F 135 -5.39 9.15 -44.63
C MET F 135 -6.76 9.48 -44.04
N ALA F 136 -6.78 10.42 -43.12
CA ALA F 136 -8.00 10.86 -42.44
C ALA F 136 -9.00 11.51 -43.38
N SER F 137 -8.53 12.10 -44.46
CA SER F 137 -9.43 12.75 -45.40
C SER F 137 -8.75 13.12 -46.70
N GLY F 138 -9.55 13.61 -47.65
CA GLY F 138 -9.00 14.01 -48.93
C GLY F 138 -8.01 15.14 -48.78
N MET F 139 -8.43 16.19 -48.08
CA MET F 139 -7.58 17.35 -47.84
C MET F 139 -6.31 16.95 -47.10
N CYS F 140 -6.40 15.89 -46.32
CA CYS F 140 -5.24 15.43 -45.58
C CYS F 140 -4.26 14.82 -46.58
N ALA F 141 -4.79 14.11 -47.57
CA ALA F 141 -3.97 13.47 -48.58
C ALA F 141 -3.25 14.48 -49.46
N SER F 142 -4.00 15.48 -49.92
CA SER F 142 -3.43 16.51 -50.79
C SER F 142 -2.36 17.30 -50.07
N THR F 143 -2.68 17.70 -48.84
CA THR F 143 -1.80 18.49 -48.01
C THR F 143 -0.49 17.82 -47.59
N VAL F 144 -0.55 16.61 -47.04
CA VAL F 144 0.67 15.93 -46.64
C VAL F 144 1.56 15.67 -47.86
N MET F 145 0.95 15.37 -49.00
CA MET F 145 1.69 15.11 -50.23
C MET F 145 2.45 16.36 -50.71
N LEU F 146 1.77 17.49 -50.74
CA LEU F 146 2.40 18.73 -51.17
C LEU F 146 3.58 19.06 -50.26
N LEU F 147 3.36 18.95 -48.95
CA LEU F 147 4.39 19.23 -47.95
C LEU F 147 5.57 18.26 -48.04
N ALA F 148 5.30 17.03 -48.45
CA ALA F 148 6.35 16.04 -48.55
C ALA F 148 7.13 16.02 -49.87
N LEU F 149 6.47 16.35 -50.98
CA LEU F 149 7.13 16.33 -52.29
C LEU F 149 7.70 17.66 -52.81
N VAL F 150 7.04 18.77 -52.49
CA VAL F 150 7.53 20.07 -52.94
C VAL F 150 8.48 20.68 -51.93
N PRO F 151 9.74 20.93 -52.34
CA PRO F 151 10.73 21.51 -51.43
C PRO F 151 10.41 22.96 -51.13
N ALA F 152 11.08 23.53 -50.11
CA ALA F 152 10.86 24.91 -49.73
C ALA F 152 11.35 25.80 -50.87
N GLY F 153 10.64 26.88 -51.13
CA GLY F 153 11.03 27.77 -52.21
C GLY F 153 10.78 27.08 -53.53
N GLY F 154 10.18 25.89 -53.48
CA GLY F 154 9.91 25.12 -54.68
C GLY F 154 8.81 25.72 -55.53
N HIS F 155 8.55 25.11 -56.68
CA HIS F 155 7.52 25.61 -57.58
C HIS F 155 6.46 24.59 -57.89
N ILE F 156 5.22 25.08 -57.96
CA ILE F 156 4.06 24.24 -58.21
C ILE F 156 3.21 24.84 -59.33
N VAL F 157 2.51 23.98 -60.07
CA VAL F 157 1.64 24.44 -61.15
C VAL F 157 0.29 23.74 -61.10
N THR F 158 -0.78 24.52 -61.08
CA THR F 158 -2.15 23.99 -61.05
C THR F 158 -3.11 24.89 -61.83
N THR F 159 -4.30 24.36 -62.13
CA THR F 159 -5.31 25.09 -62.87
C THR F 159 -6.09 26.08 -62.02
N THR F 160 -6.91 26.90 -62.68
CA THR F 160 -7.72 27.90 -62.01
C THR F 160 -8.94 27.27 -61.39
N ASP F 161 -9.17 26.01 -61.71
CA ASP F 161 -10.32 25.28 -61.20
C ASP F 161 -9.97 24.38 -60.01
N CYS F 162 -8.76 24.56 -59.47
CA CYS F 162 -8.29 23.80 -58.33
C CYS F 162 -9.30 23.88 -57.19
N TYR F 163 -9.49 22.77 -56.48
CA TYR F 163 -10.41 22.73 -55.35
C TYR F 163 -10.10 23.91 -54.44
N ARG F 164 -11.10 24.73 -54.14
CA ARG F 164 -10.91 25.92 -53.31
C ARG F 164 -10.03 25.73 -52.07
N LYS F 165 -10.45 24.87 -51.16
CA LYS F 165 -9.67 24.63 -49.94
C LYS F 165 -8.21 24.40 -50.27
N THR F 166 -7.96 23.57 -51.28
CA THR F 166 -6.59 23.29 -51.69
C THR F 166 -5.90 24.51 -52.26
N ARG F 167 -6.67 25.37 -52.94
CA ARG F 167 -6.09 26.58 -53.52
C ARG F 167 -5.62 27.44 -52.36
N ILE F 168 -6.48 27.56 -51.35
CA ILE F 168 -6.17 28.34 -50.16
C ILE F 168 -4.91 27.84 -49.48
N PHE F 169 -4.79 26.53 -49.34
CA PHE F 169 -3.62 25.96 -48.71
C PHE F 169 -2.39 26.33 -49.54
N ILE F 170 -2.53 26.24 -50.86
CA ILE F 170 -1.42 26.53 -51.77
C ILE F 170 -1.05 28.02 -51.80
N GLU F 171 -2.02 28.87 -51.50
CA GLU F 171 -1.76 30.31 -51.55
C GLU F 171 -1.52 31.00 -50.22
N THR F 172 -1.71 30.28 -49.12
CA THR F 172 -1.51 30.89 -47.82
C THR F 172 -0.50 30.16 -46.94
N ILE F 173 -0.48 28.84 -47.02
CA ILE F 173 0.46 28.07 -46.20
C ILE F 173 1.77 27.81 -46.92
N LEU F 174 1.69 27.19 -48.09
CA LEU F 174 2.87 26.86 -48.87
C LEU F 174 3.85 28.01 -49.08
N PRO F 175 3.33 29.24 -49.24
CA PRO F 175 4.26 30.36 -49.43
C PRO F 175 5.23 30.55 -48.25
N LYS F 176 4.80 30.11 -47.06
CA LYS F 176 5.61 30.22 -45.85
C LYS F 176 6.95 29.52 -46.03
N MET F 177 6.95 28.45 -46.82
CA MET F 177 8.16 27.70 -47.07
C MET F 177 8.87 28.21 -48.32
N GLY F 178 8.36 29.30 -48.88
CA GLY F 178 8.94 29.89 -50.06
C GLY F 178 8.46 29.24 -51.34
N ILE F 179 7.50 28.33 -51.23
CA ILE F 179 6.95 27.63 -52.39
C ILE F 179 6.04 28.55 -53.20
N THR F 180 6.24 28.56 -54.51
CA THR F 180 5.45 29.41 -55.41
C THR F 180 4.62 28.57 -56.38
N ALA F 181 3.49 29.13 -56.83
CA ALA F 181 2.61 28.41 -57.74
C ALA F 181 2.20 29.19 -58.99
N THR F 182 2.05 28.46 -60.10
CA THR F 182 1.63 29.05 -61.37
C THR F 182 0.25 28.47 -61.72
N VAL F 183 -0.77 29.32 -61.69
CA VAL F 183 -2.14 28.92 -61.98
C VAL F 183 -2.53 29.14 -63.44
N ILE F 184 -2.74 28.05 -64.15
CA ILE F 184 -3.12 28.09 -65.57
C ILE F 184 -4.55 27.60 -65.78
N ASP F 185 -4.99 27.58 -67.03
CA ASP F 185 -6.32 27.09 -67.36
C ASP F 185 -6.19 25.60 -67.57
N PRO F 186 -7.22 24.82 -67.21
CA PRO F 186 -7.12 23.37 -67.39
C PRO F 186 -6.71 22.96 -68.80
N ALA F 187 -7.27 23.67 -69.79
CA ALA F 187 -7.00 23.39 -71.18
C ALA F 187 -5.68 23.96 -71.70
N ASP F 188 -5.39 25.20 -71.35
CA ASP F 188 -4.17 25.87 -71.81
C ASP F 188 -2.88 25.08 -71.59
N VAL F 189 -2.53 24.24 -72.56
CA VAL F 189 -1.31 23.44 -72.47
C VAL F 189 -0.09 24.28 -72.84
N GLY F 190 -0.31 25.41 -73.51
CA GLY F 190 0.80 26.25 -73.90
C GLY F 190 1.42 26.95 -72.69
N ALA F 191 0.57 27.30 -71.73
CA ALA F 191 1.00 27.98 -70.52
C ALA F 191 1.75 27.04 -69.57
N LEU F 192 1.36 25.76 -69.60
CA LEU F 192 2.00 24.75 -68.77
C LEU F 192 3.32 24.32 -69.38
N GLU F 193 3.61 24.78 -70.59
CA GLU F 193 4.86 24.43 -71.25
C GLU F 193 5.80 25.63 -71.16
N LEU F 194 5.22 26.81 -71.02
CA LEU F 194 5.99 28.04 -70.91
C LEU F 194 6.52 28.12 -69.48
N ALA F 195 5.60 28.03 -68.52
CA ALA F 195 5.96 28.07 -67.11
C ALA F 195 6.92 26.93 -66.82
N LEU F 196 6.71 25.81 -67.49
CA LEU F 196 7.55 24.64 -67.33
C LEU F 196 8.96 24.93 -67.85
N ASN F 197 9.11 26.03 -68.57
CA ASN F 197 10.39 26.41 -69.16
C ASN F 197 11.06 27.63 -68.52
N GLN F 198 10.28 28.48 -67.87
CA GLN F 198 10.84 29.63 -67.21
C GLN F 198 11.35 29.17 -65.84
N LYS F 199 10.41 28.78 -64.99
CA LYS F 199 10.72 28.30 -63.63
C LYS F 199 10.84 26.79 -63.59
N LYS F 200 11.76 26.29 -62.77
CA LYS F 200 11.94 24.85 -62.65
C LYS F 200 10.76 24.28 -61.86
N VAL F 201 9.78 23.73 -62.57
CA VAL F 201 8.60 23.16 -61.93
C VAL F 201 8.92 21.86 -61.22
N ASN F 202 8.49 21.77 -59.96
CA ASN F 202 8.72 20.60 -59.12
C ASN F 202 7.61 19.58 -59.28
N LEU F 203 6.38 20.07 -59.39
CA LEU F 203 5.23 19.19 -59.53
C LEU F 203 4.03 19.91 -60.12
N PHE F 204 3.31 19.20 -61.00
CA PHE F 204 2.11 19.72 -61.63
C PHE F 204 0.96 18.98 -60.95
N PHE F 205 0.08 19.72 -60.29
CA PHE F 205 -1.03 19.11 -59.59
C PHE F 205 -2.35 19.59 -60.14
N THR F 206 -3.21 18.66 -60.50
CA THR F 206 -4.51 19.00 -61.02
C THR F 206 -5.47 17.84 -60.89
N GLU F 207 -6.75 18.19 -60.81
CA GLU F 207 -7.82 17.22 -60.73
C GLU F 207 -8.37 17.08 -62.17
N SER F 208 -9.01 15.94 -62.45
CA SER F 208 -9.57 15.69 -63.78
C SER F 208 -10.51 14.48 -63.78
N PRO F 209 -11.82 14.70 -63.96
CA PRO F 209 -12.50 15.99 -64.17
C PRO F 209 -12.22 17.00 -63.07
N THR F 210 -12.60 18.25 -63.33
CA THR F 210 -12.41 19.36 -62.41
C THR F 210 -13.74 19.72 -61.73
N ASN F 211 -13.67 20.52 -60.67
CA ASN F 211 -14.89 20.94 -59.96
C ASN F 211 -15.05 22.45 -60.12
N PRO F 212 -16.27 22.92 -60.40
CA PRO F 212 -17.54 22.20 -60.60
C PRO F 212 -17.86 22.05 -62.08
N PHE F 213 -17.00 22.61 -62.93
CA PHE F 213 -17.20 22.57 -64.37
C PHE F 213 -16.70 21.32 -65.09
N LEU F 214 -16.17 20.39 -64.32
CA LEU F 214 -15.70 19.12 -64.87
C LEU F 214 -14.72 19.20 -66.05
N ARG F 215 -13.85 20.21 -66.05
CA ARG F 215 -12.88 20.34 -67.12
C ARG F 215 -11.92 19.16 -67.06
N CYS F 216 -11.47 18.68 -68.21
CA CYS F 216 -10.55 17.55 -68.23
C CYS F 216 -9.17 17.93 -68.73
N VAL F 217 -8.18 17.15 -68.33
CA VAL F 217 -6.80 17.39 -68.72
C VAL F 217 -6.23 16.14 -69.41
N ASP F 218 -5.51 16.34 -70.50
CA ASP F 218 -4.93 15.21 -71.21
C ASP F 218 -3.79 14.65 -70.38
N ILE F 219 -4.12 13.76 -69.47
CA ILE F 219 -3.10 13.18 -68.59
C ILE F 219 -1.85 12.71 -69.34
N GLU F 220 -2.04 12.01 -70.45
CA GLU F 220 -0.92 11.50 -71.23
C GLU F 220 -0.02 12.57 -71.80
N LEU F 221 -0.62 13.59 -72.41
CA LEU F 221 0.14 14.67 -73.01
C LEU F 221 0.86 15.45 -71.92
N VAL F 222 0.07 15.93 -70.96
CA VAL F 222 0.56 16.70 -69.83
C VAL F 222 1.68 15.95 -69.11
N SER F 223 1.52 14.65 -68.95
CA SER F 223 2.52 13.82 -68.29
C SER F 223 3.82 13.84 -69.07
N LYS F 224 3.72 13.82 -70.40
CA LYS F 224 4.89 13.82 -71.27
C LYS F 224 5.72 15.10 -71.15
N LEU F 225 5.04 16.24 -71.21
CA LEU F 225 5.72 17.52 -71.13
C LEU F 225 6.47 17.67 -69.81
N CYS F 226 5.76 17.44 -68.70
CA CYS F 226 6.33 17.56 -67.37
C CYS F 226 7.57 16.70 -67.20
N HIS F 227 7.42 15.40 -67.40
CA HIS F 227 8.54 14.48 -67.25
C HIS F 227 9.72 14.87 -68.13
N GLU F 228 9.45 15.62 -69.18
CA GLU F 228 10.51 16.06 -70.08
C GLU F 228 11.38 17.07 -69.33
N LYS F 229 10.73 17.95 -68.60
CA LYS F 229 11.41 18.96 -67.82
C LYS F 229 11.60 18.51 -66.38
N GLY F 230 11.46 17.20 -66.14
CA GLY F 230 11.64 16.66 -64.81
C GLY F 230 10.53 16.85 -63.79
N ALA F 231 9.48 17.59 -64.13
CA ALA F 231 8.39 17.81 -63.19
C ALA F 231 7.68 16.51 -62.84
N LEU F 232 6.92 16.54 -61.75
CA LEU F 232 6.17 15.37 -61.31
C LEU F 232 4.70 15.65 -61.65
N VAL F 233 3.94 14.60 -61.89
CA VAL F 233 2.55 14.78 -62.22
C VAL F 233 1.65 14.04 -61.24
N CYS F 234 0.73 14.80 -60.63
CA CYS F 234 -0.22 14.26 -59.67
C CYS F 234 -1.64 14.61 -60.11
N ILE F 235 -2.47 13.58 -60.30
CA ILE F 235 -3.85 13.73 -60.75
C ILE F 235 -4.85 13.30 -59.69
N ASP F 236 -5.82 14.17 -59.42
CA ASP F 236 -6.86 13.91 -58.43
C ASP F 236 -8.08 13.34 -59.16
N GLY F 237 -8.16 12.02 -59.25
CA GLY F 237 -9.28 11.42 -59.95
C GLY F 237 -10.57 11.28 -59.15
N THR F 238 -10.76 12.09 -58.11
CA THR F 238 -11.97 12.00 -57.29
C THR F 238 -13.27 11.84 -58.10
N PHE F 239 -13.51 12.76 -59.03
CA PHE F 239 -14.73 12.71 -59.84
C PHE F 239 -14.76 11.55 -60.80
N ALA F 240 -13.59 11.15 -61.27
CA ALA F 240 -13.48 10.06 -62.23
C ALA F 240 -13.72 8.69 -61.60
N THR F 241 -12.88 8.32 -60.63
CA THR F 241 -12.98 7.04 -59.95
C THR F 241 -11.95 6.14 -60.63
N PRO F 242 -11.36 5.18 -59.90
CA PRO F 242 -10.37 4.31 -60.54
C PRO F 242 -11.00 3.35 -61.55
N LEU F 243 -12.29 3.56 -61.82
CA LEU F 243 -13.02 2.71 -62.77
C LEU F 243 -13.22 3.41 -64.12
N ASN F 244 -13.43 4.73 -64.09
CA ASN F 244 -13.64 5.48 -65.31
C ASN F 244 -12.35 5.93 -65.96
N GLN F 245 -11.22 5.70 -65.31
CA GLN F 245 -9.93 6.11 -65.87
C GLN F 245 -8.74 5.64 -65.04
N LYS F 246 -7.60 5.42 -65.69
CA LYS F 246 -6.41 4.98 -64.99
C LYS F 246 -5.28 6.00 -65.11
N ALA F 247 -5.37 7.08 -64.33
CA ALA F 247 -4.39 8.15 -64.35
C ALA F 247 -2.96 7.62 -64.34
N LEU F 248 -2.72 6.54 -63.61
CA LEU F 248 -1.38 5.98 -63.54
C LEU F 248 -0.96 5.42 -64.89
N ALA F 249 -1.88 4.72 -65.54
CA ALA F 249 -1.60 4.12 -66.84
C ALA F 249 -1.33 5.18 -67.88
N LEU F 250 -2.08 6.27 -67.82
CA LEU F 250 -1.90 7.35 -68.77
C LEU F 250 -0.60 8.12 -68.56
N GLY F 251 0.16 7.77 -67.52
CA GLY F 251 1.41 8.48 -67.30
C GLY F 251 1.62 9.24 -66.01
N ALA F 252 0.55 9.65 -65.34
CA ALA F 252 0.67 10.39 -64.09
C ALA F 252 1.49 9.59 -63.09
N ASP F 253 2.31 10.28 -62.30
CA ASP F 253 3.16 9.63 -61.30
C ASP F 253 2.34 9.22 -60.09
N LEU F 254 1.45 10.12 -59.66
CA LEU F 254 0.59 9.87 -58.50
C LEU F 254 -0.86 10.21 -58.78
N VAL F 255 -1.75 9.35 -58.29
CA VAL F 255 -3.18 9.58 -58.43
C VAL F 255 -3.79 9.57 -57.03
N LEU F 256 -4.48 10.65 -56.67
CA LEU F 256 -5.07 10.72 -55.36
C LEU F 256 -6.57 10.89 -55.42
N HIS F 257 -7.25 10.38 -54.39
CA HIS F 257 -8.71 10.46 -54.32
C HIS F 257 -9.16 10.94 -52.95
N SER F 258 -10.44 11.28 -52.88
CA SER F 258 -11.05 11.68 -51.64
C SER F 258 -12.09 10.60 -51.43
N ALA F 259 -11.69 9.49 -50.82
CA ALA F 259 -12.58 8.34 -50.60
C ALA F 259 -13.89 8.70 -49.92
N THR F 260 -14.00 9.94 -49.46
CA THR F 260 -15.20 10.42 -48.81
C THR F 260 -16.37 10.42 -49.78
N LYS F 261 -16.06 10.52 -51.08
CA LYS F 261 -17.08 10.58 -52.12
C LYS F 261 -17.56 9.25 -52.74
N PHE F 262 -17.00 8.88 -53.88
CA PHE F 262 -17.42 7.67 -54.56
C PHE F 262 -16.94 6.35 -53.95
N LEU F 263 -15.65 6.27 -53.62
CA LEU F 263 -15.10 5.03 -53.06
C LEU F 263 -15.91 4.52 -51.88
N GLY F 264 -16.17 5.40 -50.92
CA GLY F 264 -16.96 5.01 -49.75
C GLY F 264 -18.39 4.85 -50.23
N GLY F 265 -18.81 5.80 -51.05
CA GLY F 265 -20.13 5.77 -51.65
C GLY F 265 -21.38 5.78 -50.81
N HIS F 266 -21.27 5.94 -49.49
CA HIS F 266 -22.48 5.95 -48.68
C HIS F 266 -22.64 7.19 -47.79
N ASN F 267 -21.91 8.25 -48.13
CA ASN F 267 -21.98 9.50 -47.37
C ASN F 267 -21.85 9.34 -45.86
N ASP F 268 -21.12 8.32 -45.42
CA ASP F 268 -20.98 8.09 -43.99
C ASP F 268 -19.54 7.92 -43.50
N VAL F 269 -18.57 8.53 -44.18
CA VAL F 269 -17.16 8.42 -43.77
C VAL F 269 -16.21 9.26 -44.61
N LEU F 270 -15.20 9.86 -43.96
CA LEU F 270 -14.20 10.67 -44.67
C LEU F 270 -12.92 9.85 -44.79
N ALA F 271 -12.14 10.13 -45.84
CA ALA F 271 -10.89 9.42 -46.05
C ALA F 271 -10.13 9.96 -47.26
N GLY F 272 -8.80 9.84 -47.21
CA GLY F 272 -7.95 10.33 -48.27
C GLY F 272 -7.32 9.14 -48.98
N CYS F 273 -6.76 9.39 -50.16
CA CYS F 273 -6.17 8.34 -50.97
C CYS F 273 -4.98 8.84 -51.79
N ILE F 274 -3.92 8.06 -51.86
CA ILE F 274 -2.76 8.44 -52.67
C ILE F 274 -2.05 7.17 -53.11
N SER F 275 -2.15 6.86 -54.39
CA SER F 275 -1.51 5.67 -54.94
C SER F 275 -0.41 6.04 -55.92
N GLY F 276 0.54 5.13 -56.07
CA GLY F 276 1.65 5.39 -56.98
C GLY F 276 2.80 4.44 -56.71
N PRO F 277 4.01 4.78 -57.14
CA PRO F 277 5.18 3.93 -56.92
C PRO F 277 5.71 4.00 -55.48
N LEU F 278 6.25 2.89 -55.01
CA LEU F 278 6.79 2.82 -53.65
C LEU F 278 7.72 3.98 -53.37
N LYS F 279 8.76 4.12 -54.21
CA LYS F 279 9.73 5.18 -54.05
C LYS F 279 9.12 6.54 -53.72
N LEU F 280 7.98 6.84 -54.33
CA LEU F 280 7.34 8.14 -54.11
C LEU F 280 6.36 8.13 -52.94
N VAL F 281 5.42 7.19 -52.97
CA VAL F 281 4.40 7.09 -51.95
C VAL F 281 4.97 6.87 -50.55
N SER F 282 6.14 6.23 -50.47
CA SER F 282 6.78 5.98 -49.19
C SER F 282 7.36 7.25 -48.59
N GLU F 283 7.70 8.20 -49.45
CA GLU F 283 8.24 9.46 -48.98
C GLU F 283 7.16 10.25 -48.28
N ILE F 284 5.92 10.06 -48.72
CA ILE F 284 4.77 10.77 -48.13
C ILE F 284 4.36 10.03 -46.87
N ARG F 285 4.40 8.72 -46.95
CA ARG F 285 4.04 7.88 -45.83
C ARG F 285 4.89 8.28 -44.62
N ASN F 286 6.14 8.65 -44.86
CA ASN F 286 7.04 9.05 -43.78
C ASN F 286 6.54 10.31 -43.06
N LEU F 287 6.34 11.38 -43.81
CA LEU F 287 5.85 12.63 -43.22
C LEU F 287 4.49 12.38 -42.59
N HIS F 288 3.83 11.31 -43.03
CA HIS F 288 2.51 10.97 -42.50
C HIS F 288 2.65 10.44 -41.08
N HIS F 289 3.72 9.67 -40.85
CA HIS F 289 3.96 9.11 -39.54
C HIS F 289 4.30 10.18 -38.51
N ILE F 290 4.62 11.38 -38.98
CA ILE F 290 4.95 12.48 -38.07
C ILE F 290 3.74 13.40 -37.87
N LEU F 291 3.05 13.73 -38.96
CA LEU F 291 1.88 14.59 -38.89
C LEU F 291 0.67 13.80 -38.36
N GLY F 292 0.82 12.48 -38.40
CA GLY F 292 -0.21 11.57 -37.91
C GLY F 292 -1.70 11.81 -38.13
N GLY F 293 -2.12 11.93 -39.39
CA GLY F 293 -3.53 12.11 -39.68
C GLY F 293 -4.07 10.73 -40.04
N ALA F 294 -3.72 9.75 -39.21
CA ALA F 294 -4.10 8.36 -39.41
C ALA F 294 -5.58 8.13 -39.64
N LEU F 295 -5.89 6.97 -40.22
CA LEU F 295 -7.28 6.59 -40.50
C LEU F 295 -7.73 5.49 -39.54
N ASN F 296 -8.88 5.72 -38.89
CA ASN F 296 -9.45 4.78 -37.93
C ASN F 296 -9.90 3.48 -38.61
N PRO F 297 -9.58 2.32 -38.01
CA PRO F 297 -9.96 1.03 -38.58
C PRO F 297 -11.45 0.89 -38.91
N ASN F 298 -12.29 1.56 -38.13
CA ASN F 298 -13.72 1.49 -38.35
C ASN F 298 -14.07 2.19 -39.65
N ALA F 299 -13.29 3.22 -39.99
CA ALA F 299 -13.50 3.96 -41.22
C ALA F 299 -13.00 3.10 -42.37
N ALA F 300 -11.83 2.51 -42.20
CA ALA F 300 -11.26 1.67 -43.24
C ALA F 300 -12.21 0.55 -43.60
N TYR F 301 -12.95 0.05 -42.64
CA TYR F 301 -13.88 -1.03 -42.93
C TYR F 301 -15.13 -0.53 -43.64
N LEU F 302 -15.63 0.64 -43.26
CA LEU F 302 -16.82 1.17 -43.90
C LEU F 302 -16.56 1.43 -45.39
N ILE F 303 -15.30 1.70 -45.71
CA ILE F 303 -14.91 1.94 -47.08
C ILE F 303 -14.72 0.60 -47.78
N ILE F 304 -13.94 -0.29 -47.16
CA ILE F 304 -13.73 -1.62 -47.74
C ILE F 304 -15.09 -2.20 -48.14
N ARG F 305 -16.07 -2.05 -47.24
CA ARG F 305 -17.42 -2.54 -47.45
C ARG F 305 -18.08 -1.76 -48.60
N GLY F 306 -17.89 -0.45 -48.59
CA GLY F 306 -18.49 0.36 -49.63
C GLY F 306 -17.97 0.04 -51.02
N MET F 307 -16.74 -0.46 -51.10
CA MET F 307 -16.16 -0.78 -52.39
C MET F 307 -16.56 -2.13 -52.96
N LYS F 308 -17.36 -2.89 -52.22
CA LYS F 308 -17.81 -4.20 -52.72
C LYS F 308 -18.85 -3.98 -53.83
N THR F 309 -19.34 -2.75 -53.94
CA THR F 309 -20.32 -2.42 -54.96
C THR F 309 -19.93 -1.15 -55.69
N LEU F 310 -18.63 -0.85 -55.70
CA LEU F 310 -18.15 0.34 -56.39
C LEU F 310 -18.60 0.29 -57.85
N HIS F 311 -18.35 -0.84 -58.51
CA HIS F 311 -18.69 -1.00 -59.91
C HIS F 311 -20.19 -0.87 -60.16
N LEU F 312 -21.01 -1.55 -59.38
CA LEU F 312 -22.45 -1.46 -59.57
C LEU F 312 -22.93 -0.03 -59.39
N ARG F 313 -22.34 0.70 -58.45
CA ARG F 313 -22.74 2.06 -58.17
C ARG F 313 -22.30 3.03 -59.25
N VAL F 314 -21.00 3.05 -59.55
CA VAL F 314 -20.48 3.93 -60.58
C VAL F 314 -21.21 3.73 -61.90
N GLN F 315 -21.49 2.47 -62.23
CA GLN F 315 -22.20 2.14 -63.47
C GLN F 315 -23.51 2.90 -63.57
N GLN F 316 -24.45 2.53 -62.72
CA GLN F 316 -25.75 3.18 -62.71
C GLN F 316 -25.61 4.69 -62.69
N GLN F 317 -24.63 5.18 -61.94
CA GLN F 317 -24.45 6.62 -61.85
C GLN F 317 -24.00 7.17 -63.20
N ASN F 318 -23.06 6.50 -63.84
CA ASN F 318 -22.55 6.93 -65.15
C ASN F 318 -23.75 7.21 -66.05
N SER F 319 -24.66 6.24 -66.17
CA SER F 319 -25.86 6.38 -66.99
C SER F 319 -26.67 7.58 -66.55
N THR F 320 -27.45 7.41 -65.48
CA THR F 320 -28.27 8.48 -64.96
C THR F 320 -27.70 9.87 -65.24
N ALA F 321 -26.37 10.01 -65.15
CA ALA F 321 -25.73 11.30 -65.41
C ALA F 321 -25.86 11.65 -66.88
N LEU F 322 -25.27 10.82 -67.73
CA LEU F 322 -25.31 11.02 -69.17
C LEU F 322 -26.70 11.40 -69.65
N ARG F 323 -27.62 10.44 -69.56
CA ARG F 323 -29.00 10.67 -69.98
C ARG F 323 -29.56 12.00 -69.50
N MET F 324 -29.45 12.26 -68.20
CA MET F 324 -29.97 13.51 -67.65
C MET F 324 -29.18 14.74 -68.09
N ALA F 325 -27.92 14.56 -68.49
CA ALA F 325 -27.10 15.68 -68.94
C ALA F 325 -27.58 16.15 -70.30
N GLU F 326 -28.19 15.23 -71.04
CA GLU F 326 -28.70 15.54 -72.35
C GLU F 326 -30.12 16.08 -72.24
N ILE F 327 -30.95 15.39 -71.46
CA ILE F 327 -32.32 15.84 -71.27
C ILE F 327 -32.33 17.28 -70.77
N LEU F 328 -31.43 17.58 -69.85
CA LEU F 328 -31.35 18.91 -69.28
C LEU F 328 -30.92 19.92 -70.34
N GLU F 329 -29.84 19.59 -71.03
CA GLU F 329 -29.30 20.46 -72.07
C GLU F 329 -30.37 20.86 -73.07
N ALA F 330 -31.28 19.94 -73.34
CA ALA F 330 -32.36 20.17 -74.28
C ALA F 330 -33.56 20.88 -73.64
N HIS F 331 -33.41 21.34 -72.41
CA HIS F 331 -34.49 22.02 -71.72
C HIS F 331 -34.44 23.52 -71.99
N PRO F 332 -35.61 24.13 -72.25
CA PRO F 332 -35.66 25.57 -72.53
C PRO F 332 -35.27 26.38 -71.30
N LYS F 333 -35.50 25.78 -70.13
CA LYS F 333 -35.20 26.43 -68.86
C LYS F 333 -33.78 26.23 -68.36
N VAL F 334 -32.99 25.44 -69.08
CA VAL F 334 -31.60 25.21 -68.68
C VAL F 334 -30.68 25.91 -69.67
N ARG F 335 -30.10 27.01 -69.22
CA ARG F 335 -29.20 27.83 -70.03
C ARG F 335 -27.95 27.11 -70.51
N HIS F 336 -27.29 26.37 -69.62
CA HIS F 336 -26.08 25.65 -70.01
C HIS F 336 -25.88 24.38 -69.19
N VAL F 337 -25.13 23.45 -69.74
CA VAL F 337 -24.87 22.18 -69.05
C VAL F 337 -23.42 21.72 -69.19
N TYR F 338 -22.79 21.43 -68.05
CA TYR F 338 -21.41 20.97 -68.01
C TYR F 338 -21.36 19.47 -67.71
N TYR F 339 -20.73 18.72 -68.59
CA TYR F 339 -20.59 17.27 -68.44
C TYR F 339 -19.63 16.76 -69.52
N PRO F 340 -18.55 16.08 -69.11
CA PRO F 340 -17.60 15.60 -70.11
C PRO F 340 -18.22 14.68 -71.13
N GLY F 341 -19.39 14.16 -70.82
CA GLY F 341 -20.06 13.24 -71.73
C GLY F 341 -20.77 13.85 -72.93
N LEU F 342 -21.27 15.08 -72.76
CA LEU F 342 -21.97 15.76 -73.84
C LEU F 342 -20.97 16.20 -74.89
N GLN F 343 -21.44 16.32 -76.13
CA GLN F 343 -20.57 16.75 -77.21
C GLN F 343 -20.27 18.22 -77.08
N SER F 344 -21.08 18.93 -76.31
CA SER F 344 -20.90 20.37 -76.13
C SER F 344 -19.78 20.75 -75.16
N HIS F 345 -19.16 19.74 -74.55
CA HIS F 345 -18.09 19.98 -73.59
C HIS F 345 -16.73 20.27 -74.24
N PRO F 346 -16.05 21.33 -73.77
CA PRO F 346 -14.74 21.77 -74.25
C PRO F 346 -13.74 20.64 -74.46
N GLU F 347 -13.62 19.76 -73.49
CA GLU F 347 -12.67 18.67 -73.61
C GLU F 347 -13.37 17.35 -73.88
N HIS F 348 -14.55 17.41 -74.49
CA HIS F 348 -15.28 16.20 -74.80
C HIS F 348 -14.38 15.21 -75.52
N HIS F 349 -13.46 15.72 -76.33
CA HIS F 349 -12.54 14.86 -77.07
C HIS F 349 -11.50 14.24 -76.14
N ILE F 350 -11.04 15.02 -75.15
CA ILE F 350 -10.07 14.53 -74.19
C ILE F 350 -10.78 13.51 -73.34
N ALA F 351 -11.98 13.87 -72.91
CA ALA F 351 -12.81 13.02 -72.08
C ALA F 351 -12.93 11.64 -72.72
N LYS F 352 -13.59 11.58 -73.86
CA LYS F 352 -13.80 10.31 -74.56
C LYS F 352 -12.58 9.43 -74.76
N LYS F 353 -11.41 10.04 -74.91
CA LYS F 353 -10.21 9.25 -75.15
C LYS F 353 -9.58 8.58 -73.92
N GLN F 354 -9.48 9.31 -72.81
CA GLN F 354 -8.86 8.78 -71.59
C GLN F 354 -9.80 8.23 -70.52
N MET F 355 -11.10 8.23 -70.79
CA MET F 355 -12.07 7.72 -69.85
C MET F 355 -12.89 6.59 -70.47
N THR F 356 -13.78 6.01 -69.67
CA THR F 356 -14.65 4.92 -70.10
C THR F 356 -16.01 5.22 -69.49
N GLY F 357 -16.05 6.29 -68.70
CA GLY F 357 -17.27 6.73 -68.04
C GLY F 357 -17.06 8.20 -67.78
N PHE F 358 -18.13 8.95 -67.57
CA PHE F 358 -17.98 10.38 -67.35
C PHE F 358 -18.37 10.90 -65.96
N GLY F 359 -18.57 9.97 -65.02
CA GLY F 359 -18.92 10.36 -63.66
C GLY F 359 -20.41 10.44 -63.39
N GLY F 360 -20.76 10.80 -62.16
CA GLY F 360 -22.16 10.90 -61.80
C GLY F 360 -22.56 12.32 -61.43
N ALA F 361 -21.62 13.25 -61.59
CA ALA F 361 -21.89 14.64 -61.28
C ALA F 361 -22.15 15.47 -62.54
N VAL F 362 -23.19 16.30 -62.48
CA VAL F 362 -23.54 17.16 -63.61
C VAL F 362 -23.84 18.56 -63.10
N SER F 363 -23.18 19.56 -63.68
CA SER F 363 -23.39 20.95 -63.29
C SER F 363 -24.10 21.69 -64.42
N PHE F 364 -25.12 22.47 -64.08
CA PHE F 364 -25.86 23.20 -65.10
C PHE F 364 -26.39 24.53 -64.57
N GLU F 365 -26.63 25.47 -65.47
CA GLU F 365 -27.14 26.78 -65.09
C GLU F 365 -28.61 26.92 -65.47
N VAL F 366 -29.44 27.24 -64.49
CA VAL F 366 -30.87 27.41 -64.72
C VAL F 366 -31.11 28.79 -65.33
N ASP F 367 -32.29 29.00 -65.91
CA ASP F 367 -32.59 30.28 -66.49
C ASP F 367 -33.23 31.16 -65.44
N GLY F 368 -32.39 31.91 -64.74
CA GLY F 368 -32.91 32.78 -63.71
C GLY F 368 -31.79 33.43 -62.93
N ASP F 369 -32.08 33.75 -61.67
CA ASP F 369 -31.12 34.38 -60.79
C ASP F 369 -30.99 33.59 -59.49
N LEU F 370 -30.14 34.10 -58.59
CA LEU F 370 -29.91 33.46 -57.30
C LEU F 370 -31.23 32.96 -56.72
N LEU F 371 -32.20 33.86 -56.66
CA LEU F 371 -33.52 33.55 -56.12
C LEU F 371 -34.32 32.51 -56.89
N THR F 372 -34.35 32.64 -58.21
CA THR F 372 -35.11 31.69 -59.04
C THR F 372 -34.43 30.33 -59.03
N THR F 373 -33.12 30.32 -59.24
CA THR F 373 -32.37 29.09 -59.21
C THR F 373 -32.66 28.40 -57.90
N ALA F 374 -32.64 29.18 -56.82
CA ALA F 374 -32.91 28.65 -55.49
C ALA F 374 -34.29 28.02 -55.43
N LYS F 375 -35.28 28.68 -56.02
CA LYS F 375 -36.65 28.18 -56.05
C LYS F 375 -36.68 26.79 -56.68
N PHE F 376 -35.81 26.59 -57.65
CA PHE F 376 -35.72 25.32 -58.34
C PHE F 376 -35.25 24.24 -57.38
N VAL F 377 -34.04 24.41 -56.83
CA VAL F 377 -33.48 23.41 -55.91
C VAL F 377 -34.36 23.19 -54.70
N ASP F 378 -35.10 24.22 -54.30
CA ASP F 378 -35.99 24.10 -53.15
C ASP F 378 -37.17 23.24 -53.55
N ALA F 379 -37.44 23.17 -54.85
CA ALA F 379 -38.55 22.39 -55.38
C ALA F 379 -38.27 20.90 -55.43
N LEU F 380 -37.02 20.52 -55.66
CA LEU F 380 -36.64 19.10 -55.73
C LEU F 380 -37.11 18.38 -54.47
N LYS F 381 -37.33 17.06 -54.56
CA LYS F 381 -37.81 16.32 -53.41
C LYS F 381 -36.96 15.11 -52.99
N ILE F 382 -36.09 14.64 -53.88
CA ILE F 382 -35.27 13.48 -53.54
C ILE F 382 -33.87 13.81 -53.02
N PRO F 383 -33.16 14.72 -53.69
CA PRO F 383 -31.81 15.04 -53.23
C PRO F 383 -31.78 15.94 -52.01
N TYR F 384 -30.69 15.86 -51.25
CA TYR F 384 -30.54 16.68 -50.07
C TYR F 384 -29.79 17.93 -50.50
N ILE F 385 -30.12 19.07 -49.91
CA ILE F 385 -29.39 20.29 -50.24
C ILE F 385 -28.20 20.22 -49.30
N ALA F 386 -27.04 19.83 -49.82
CA ALA F 386 -25.86 19.68 -48.98
C ALA F 386 -24.57 19.58 -49.78
N PRO F 387 -23.43 19.63 -49.09
CA PRO F 387 -22.16 19.54 -49.81
C PRO F 387 -21.83 18.08 -50.07
N SER F 388 -20.69 17.82 -50.69
CA SER F 388 -20.26 16.46 -51.01
C SER F 388 -21.04 15.83 -52.16
N PHE F 389 -20.59 14.65 -52.58
CA PHE F 389 -21.21 13.96 -53.70
C PHE F 389 -20.63 12.56 -53.82
N GLY F 390 -21.19 11.76 -54.73
CA GLY F 390 -20.67 10.42 -54.95
C GLY F 390 -21.32 9.27 -54.21
N GLY F 391 -22.36 9.56 -53.43
CA GLY F 391 -23.01 8.51 -52.66
C GLY F 391 -24.39 8.13 -53.15
N CYS F 392 -24.87 7.00 -52.64
CA CYS F 392 -26.19 6.49 -53.02
C CYS F 392 -27.34 7.50 -52.93
N GLU F 393 -27.24 8.47 -52.03
CA GLU F 393 -28.28 9.49 -51.89
C GLU F 393 -27.92 10.65 -52.81
N SER F 394 -28.91 11.20 -53.51
CA SER F 394 -28.64 12.32 -54.41
C SER F 394 -28.52 13.61 -53.63
N ILE F 395 -27.65 14.50 -54.13
CA ILE F 395 -27.40 15.77 -53.46
C ILE F 395 -27.34 16.95 -54.45
N VAL F 396 -27.88 18.09 -54.05
CA VAL F 396 -27.86 19.31 -54.87
C VAL F 396 -27.29 20.44 -54.04
N ASP F 397 -26.69 21.42 -54.71
CA ASP F 397 -26.14 22.58 -54.03
C ASP F 397 -25.83 23.69 -55.04
N GLN F 398 -25.84 24.93 -54.56
CA GLN F 398 -25.56 26.08 -55.41
C GLN F 398 -24.16 26.56 -55.03
N PRO F 399 -23.13 26.09 -55.75
CA PRO F 399 -21.75 26.50 -55.46
C PRO F 399 -21.56 27.97 -55.03
N ALA F 400 -22.43 28.85 -55.52
CA ALA F 400 -22.35 30.27 -55.18
C ALA F 400 -22.67 30.52 -53.71
N ILE F 401 -23.75 29.91 -53.22
CA ILE F 401 -24.18 30.07 -51.85
C ILE F 401 -23.44 29.13 -50.89
N MET F 402 -23.22 27.90 -51.36
CA MET F 402 -22.56 26.87 -50.57
C MET F 402 -21.04 26.98 -50.40
N SER F 403 -20.35 27.69 -51.28
CA SER F 403 -18.90 27.77 -51.16
C SER F 403 -18.22 29.06 -51.58
N TYR F 404 -19.01 30.08 -51.91
CA TYR F 404 -18.42 31.33 -52.32
C TYR F 404 -19.22 32.49 -51.77
N TRP F 405 -20.17 32.18 -50.89
CA TRP F 405 -21.00 33.21 -50.30
C TRP F 405 -20.16 34.25 -49.58
N ASP F 406 -18.93 33.86 -49.23
CA ASP F 406 -18.02 34.75 -48.52
C ASP F 406 -17.44 35.81 -49.44
N LEU F 407 -17.57 35.60 -50.75
CA LEU F 407 -17.05 36.54 -51.73
C LEU F 407 -18.15 37.46 -52.27
N SER F 408 -17.73 38.57 -52.87
CA SER F 408 -18.67 39.51 -53.43
C SER F 408 -19.09 38.98 -54.79
N GLN F 409 -20.32 39.27 -55.19
CA GLN F 409 -20.85 38.80 -56.47
C GLN F 409 -19.82 38.99 -57.58
N SER F 410 -19.08 40.10 -57.50
CA SER F 410 -18.07 40.41 -58.50
C SER F 410 -16.86 39.50 -58.37
N ASP F 411 -16.53 39.14 -57.13
CA ASP F 411 -15.39 38.27 -56.88
C ASP F 411 -15.74 36.84 -57.23
N ARG F 412 -17.01 36.50 -57.04
CA ARG F 412 -17.49 35.15 -57.34
C ARG F 412 -17.40 34.98 -58.85
N ALA F 413 -18.11 35.84 -59.57
CA ALA F 413 -18.12 35.80 -61.02
C ALA F 413 -16.70 35.92 -61.54
N LYS F 414 -15.82 36.47 -60.70
CA LYS F 414 -14.42 36.64 -61.08
C LYS F 414 -13.79 35.29 -61.38
N TYR F 415 -14.54 34.22 -61.10
CA TYR F 415 -14.04 32.88 -61.36
C TYR F 415 -15.10 31.86 -61.75
N GLY F 416 -15.96 32.25 -62.67
CA GLY F 416 -16.99 31.36 -63.18
C GLY F 416 -18.22 31.04 -62.35
N ILE F 417 -18.14 31.20 -61.04
CA ILE F 417 -19.29 30.89 -60.20
C ILE F 417 -20.40 31.90 -60.31
N MET F 418 -21.57 31.42 -60.76
CA MET F 418 -22.72 32.29 -60.93
C MET F 418 -23.88 31.84 -60.03
N ASP F 419 -24.73 32.80 -59.68
CA ASP F 419 -25.88 32.50 -58.83
C ASP F 419 -26.80 31.51 -59.53
N ASN F 420 -26.51 31.28 -60.81
CA ASN F 420 -27.28 30.39 -61.68
C ASN F 420 -26.84 28.93 -61.51
N LEU F 421 -25.53 28.74 -61.49
CA LEU F 421 -24.90 27.43 -61.38
C LEU F 421 -25.43 26.51 -60.29
N VAL F 422 -25.81 25.31 -60.70
CA VAL F 422 -26.33 24.29 -59.81
C VAL F 422 -25.44 23.07 -60.04
N ARG F 423 -25.10 22.38 -58.95
CA ARG F 423 -24.28 21.19 -59.06
C ARG F 423 -25.10 20.03 -58.57
N PHE F 424 -25.29 19.04 -59.43
CA PHE F 424 -26.10 17.88 -59.09
C PHE F 424 -25.28 16.61 -59.04
N SER F 425 -25.36 15.92 -57.92
CA SER F 425 -24.66 14.66 -57.73
C SER F 425 -25.73 13.60 -57.81
N PHE F 426 -25.79 12.90 -58.92
CA PHE F 426 -26.79 11.87 -59.09
C PHE F 426 -26.55 10.65 -58.22
N GLY F 427 -27.57 10.31 -57.44
CA GLY F 427 -27.49 9.18 -56.55
C GLY F 427 -27.57 7.87 -57.29
N VAL F 428 -28.19 6.88 -56.66
CA VAL F 428 -28.31 5.57 -57.26
C VAL F 428 -29.79 5.21 -57.31
N GLU F 429 -30.63 6.20 -57.02
CA GLU F 429 -32.08 6.03 -57.07
C GLU F 429 -32.47 5.72 -58.50
N ASP F 430 -33.73 5.36 -58.70
CA ASP F 430 -34.21 5.03 -60.04
C ASP F 430 -34.19 6.24 -60.96
N PHE F 431 -33.69 6.05 -62.17
CA PHE F 431 -33.61 7.14 -63.14
C PHE F 431 -34.95 7.82 -63.38
N ASP F 432 -35.99 7.02 -63.55
CA ASP F 432 -37.32 7.55 -63.79
C ASP F 432 -37.80 8.43 -62.64
N ASP F 433 -37.48 8.01 -61.41
CA ASP F 433 -37.87 8.74 -60.21
C ASP F 433 -37.13 10.06 -60.16
N LEU F 434 -35.85 10.03 -60.52
CA LEU F 434 -35.05 11.23 -60.52
C LEU F 434 -35.50 12.20 -61.62
N LYS F 435 -35.58 11.69 -62.86
CA LYS F 435 -35.99 12.50 -64.00
C LYS F 435 -37.30 13.25 -63.75
N ALA F 436 -38.30 12.53 -63.25
CA ALA F 436 -39.59 13.15 -62.96
C ALA F 436 -39.45 14.31 -62.00
N ASP F 437 -38.68 14.09 -60.94
CA ASP F 437 -38.44 15.10 -59.91
C ASP F 437 -37.77 16.34 -60.47
N ILE F 438 -36.70 16.18 -61.23
CA ILE F 438 -36.00 17.31 -61.81
C ILE F 438 -36.89 18.12 -62.74
N LEU F 439 -37.73 17.43 -63.51
CA LEU F 439 -38.63 18.12 -64.44
C LEU F 439 -39.73 18.84 -63.67
N GLN F 440 -40.33 18.15 -62.71
CA GLN F 440 -41.40 18.73 -61.89
C GLN F 440 -40.93 20.02 -61.23
N ALA F 441 -39.64 20.04 -60.87
CA ALA F 441 -39.05 21.19 -60.22
C ALA F 441 -38.81 22.33 -61.19
N LEU F 442 -38.29 22.00 -62.37
CA LEU F 442 -38.02 22.99 -63.40
C LEU F 442 -39.29 23.72 -63.83
N ASP F 443 -40.44 23.08 -63.60
CA ASP F 443 -41.71 23.69 -63.97
C ASP F 443 -42.11 24.82 -63.04
N SER F 444 -41.75 24.70 -61.76
CA SER F 444 -42.08 25.73 -60.77
C SER F 444 -41.36 27.03 -61.08
N ILE F 445 -40.19 26.92 -61.71
CA ILE F 445 -39.41 28.09 -62.07
C ILE F 445 -40.25 28.97 -62.99
CA MET G 48 -50.00 3.34 -49.23
C MET G 48 -48.49 3.15 -49.28
N LYS G 49 -47.80 4.06 -49.97
CA LYS G 49 -46.35 4.00 -50.11
C LYS G 49 -45.70 5.10 -49.28
N TYR G 50 -44.38 5.02 -49.14
CA TYR G 50 -43.64 6.01 -48.37
C TYR G 50 -43.88 7.38 -48.97
N ALA G 51 -43.25 7.62 -50.12
CA ALA G 51 -43.35 8.90 -50.79
C ALA G 51 -44.05 8.78 -52.15
N SER G 52 -44.77 9.83 -52.53
CA SER G 52 -45.47 9.86 -53.80
C SER G 52 -44.48 10.16 -54.92
N PHE G 53 -43.32 10.68 -54.55
CA PHE G 53 -42.29 11.00 -55.53
C PHE G 53 -41.28 9.87 -55.66
N LEU G 54 -41.55 8.75 -54.99
CA LEU G 54 -40.66 7.60 -55.06
C LEU G 54 -41.52 6.44 -55.54
N ASN G 55 -41.41 6.12 -56.82
CA ASN G 55 -42.20 5.05 -57.41
C ASN G 55 -41.46 3.75 -57.72
N SER G 56 -40.15 3.73 -57.48
CA SER G 56 -39.41 2.52 -57.76
C SER G 56 -38.78 1.92 -56.51
N ASP G 57 -38.85 0.58 -56.40
CA ASP G 57 -38.31 -0.13 -55.25
C ASP G 57 -36.88 0.27 -54.92
N GLY G 58 -36.11 0.63 -55.94
CA GLY G 58 -34.74 1.04 -55.72
C GLY G 58 -34.71 2.34 -54.95
N SER G 59 -35.51 3.30 -55.39
CA SER G 59 -35.58 4.59 -54.74
C SER G 59 -36.13 4.44 -53.33
N VAL G 60 -37.00 3.45 -53.13
CA VAL G 60 -37.61 3.22 -51.83
C VAL G 60 -36.63 2.54 -50.87
N ALA G 61 -35.99 1.47 -51.33
CA ALA G 61 -35.01 0.76 -50.51
C ALA G 61 -33.99 1.75 -49.97
N ILE G 62 -33.77 2.83 -50.70
CA ILE G 62 -32.82 3.84 -50.27
C ILE G 62 -33.40 4.85 -49.30
N HIS G 63 -34.43 5.58 -49.70
CA HIS G 63 -35.01 6.60 -48.84
C HIS G 63 -36.17 6.23 -47.90
N ALA G 64 -36.75 5.06 -48.06
CA ALA G 64 -37.85 4.68 -47.18
C ALA G 64 -37.40 4.65 -45.73
N GLY G 65 -38.14 5.35 -44.87
CA GLY G 65 -37.83 5.42 -43.46
C GLY G 65 -36.81 6.47 -43.06
N GLU G 66 -36.35 7.27 -44.03
CA GLU G 66 -35.35 8.29 -43.75
C GLU G 66 -35.63 9.63 -44.42
N ARG G 67 -35.64 9.65 -45.74
CA ARG G 67 -35.87 10.88 -46.50
C ARG G 67 -36.91 11.86 -45.97
N LEU G 68 -38.04 11.36 -45.49
CA LEU G 68 -39.08 12.25 -45.00
C LEU G 68 -39.06 12.55 -43.51
N GLY G 69 -38.17 11.90 -42.77
CA GLY G 69 -38.09 12.12 -41.33
C GLY G 69 -37.67 10.83 -40.64
N ARG G 70 -37.06 10.95 -39.47
CA ARG G 70 -36.60 9.75 -38.78
C ARG G 70 -37.13 9.49 -37.39
N GLY G 71 -37.50 10.54 -36.67
CA GLY G 71 -37.95 10.34 -35.30
C GLY G 71 -36.79 10.77 -34.43
N ILE G 72 -35.58 10.40 -34.86
CA ILE G 72 -34.36 10.80 -34.18
C ILE G 72 -33.87 11.94 -35.08
N VAL G 73 -34.33 13.15 -34.77
CA VAL G 73 -34.01 14.34 -35.54
C VAL G 73 -32.53 14.62 -35.78
N THR G 74 -32.19 14.88 -37.04
CA THR G 74 -30.82 15.21 -37.42
C THR G 74 -30.79 15.93 -38.76
N ASP G 75 -29.68 16.60 -39.02
CA ASP G 75 -29.48 17.29 -40.26
C ASP G 75 -28.41 16.49 -40.98
N ALA G 76 -28.23 15.24 -40.53
CA ALA G 76 -27.25 14.35 -41.11
C ALA G 76 -27.95 13.61 -42.25
N ILE G 77 -27.18 13.11 -43.21
CA ILE G 77 -27.75 12.40 -44.34
C ILE G 77 -28.17 10.99 -43.91
N THR G 78 -27.35 10.36 -43.08
CA THR G 78 -27.57 9.01 -42.62
C THR G 78 -28.24 8.86 -41.25
N THR G 79 -28.64 7.62 -40.93
CA THR G 79 -29.28 7.30 -39.65
C THR G 79 -28.21 7.08 -38.56
N PRO G 80 -28.38 7.74 -37.40
CA PRO G 80 -27.39 7.58 -36.33
C PRO G 80 -27.54 6.27 -35.57
N VAL G 81 -26.40 5.69 -35.19
CA VAL G 81 -26.42 4.46 -34.41
C VAL G 81 -26.60 4.85 -32.95
N VAL G 82 -27.72 4.46 -32.36
CA VAL G 82 -27.99 4.81 -30.96
C VAL G 82 -27.69 3.64 -30.03
N ASN G 83 -26.52 3.69 -29.39
CA ASN G 83 -26.09 2.64 -28.47
C ASN G 83 -26.55 2.91 -27.06
N THR G 84 -27.77 2.54 -26.73
CA THR G 84 -28.28 2.76 -25.38
C THR G 84 -29.08 1.55 -24.98
N SER G 85 -29.13 1.28 -23.68
CA SER G 85 -29.86 0.13 -23.17
C SER G 85 -31.13 0.59 -22.52
N ALA G 86 -31.25 1.89 -22.32
CA ALA G 86 -32.44 2.46 -21.70
C ALA G 86 -32.69 3.88 -22.16
N TYR G 87 -33.95 4.31 -22.07
CA TYR G 87 -34.36 5.66 -22.46
C TYR G 87 -34.89 6.34 -21.22
N PHE G 88 -34.56 7.60 -21.03
CA PHE G 88 -35.00 8.31 -19.84
C PHE G 88 -36.19 9.24 -20.06
N PHE G 89 -36.78 9.64 -18.94
CA PHE G 89 -37.93 10.54 -18.95
C PHE G 89 -37.56 11.80 -18.16
N ASN G 90 -38.12 12.94 -18.56
CA ASN G 90 -37.80 14.21 -17.90
C ASN G 90 -38.39 14.34 -16.51
N LYS G 91 -39.59 13.80 -16.31
CA LYS G 91 -40.24 13.87 -15.01
C LYS G 91 -41.27 12.77 -14.91
N THR G 92 -41.48 12.26 -13.71
CA THR G 92 -42.45 11.21 -13.48
C THR G 92 -43.73 11.48 -14.25
N SER G 93 -44.08 12.76 -14.37
CA SER G 93 -45.30 13.16 -15.07
C SER G 93 -45.33 12.58 -16.48
N GLU G 94 -44.29 12.85 -17.24
CA GLU G 94 -44.18 12.35 -18.60
C GLU G 94 -44.08 10.84 -18.65
N LEU G 95 -43.54 10.23 -17.59
CA LEU G 95 -43.42 8.77 -17.56
C LEU G 95 -44.82 8.19 -17.52
N ILE G 96 -45.71 8.82 -16.76
CA ILE G 96 -47.09 8.36 -16.66
C ILE G 96 -47.79 8.55 -18.01
N ASP G 97 -47.64 9.73 -18.61
CA ASP G 97 -48.24 10.02 -19.90
C ASP G 97 -47.97 8.84 -20.81
N PHE G 98 -46.69 8.56 -21.03
CA PHE G 98 -46.25 7.45 -21.86
C PHE G 98 -46.92 6.15 -21.44
N LYS G 99 -47.00 5.91 -20.14
CA LYS G 99 -47.61 4.69 -19.62
C LYS G 99 -49.10 4.62 -19.93
N GLU G 100 -49.70 5.79 -20.12
CA GLU G 100 -51.12 5.87 -20.43
C GLU G 100 -51.31 6.15 -21.90
N LYS G 101 -50.30 5.80 -22.68
CA LYS G 101 -50.33 5.98 -24.12
C LYS G 101 -50.57 7.42 -24.57
N ARG G 102 -50.09 8.37 -23.79
CA ARG G 102 -50.27 9.78 -24.12
C ARG G 102 -48.94 10.35 -24.63
N ARG G 103 -47.89 9.54 -24.52
CA ARG G 103 -46.55 9.91 -24.98
C ARG G 103 -45.90 8.67 -25.58
N ALA G 104 -44.85 8.86 -26.38
CA ALA G 104 -44.17 7.74 -27.00
C ALA G 104 -42.74 7.55 -26.49
N SER G 105 -42.36 6.30 -26.32
CA SER G 105 -41.02 5.99 -25.84
C SER G 105 -40.74 4.50 -25.99
N PHE G 106 -39.48 4.14 -26.18
CA PHE G 106 -39.10 2.73 -26.30
C PHE G 106 -38.94 2.21 -24.88
N GLU G 107 -38.70 3.14 -23.95
CA GLU G 107 -38.52 2.82 -22.54
C GLU G 107 -37.25 2.01 -22.30
N TYR G 108 -37.29 0.74 -22.68
CA TYR G 108 -36.14 -0.13 -22.51
C TYR G 108 -35.66 -0.65 -23.88
N GLY G 109 -34.36 -0.93 -23.98
CA GLY G 109 -33.81 -1.41 -25.22
C GLY G 109 -34.41 -2.68 -25.79
N ARG G 110 -34.91 -3.57 -24.95
CA ARG G 110 -35.50 -4.82 -25.42
C ARG G 110 -36.83 -4.55 -26.12
N TYR G 111 -37.32 -3.31 -26.00
CA TYR G 111 -38.59 -2.94 -26.59
C TYR G 111 -38.50 -2.04 -27.82
N GLY G 112 -37.30 -1.68 -28.21
CA GLY G 112 -37.18 -0.82 -29.38
C GLY G 112 -35.92 0.01 -29.41
N ASN G 113 -35.71 0.71 -30.51
CA ASN G 113 -34.54 1.55 -30.67
C ASN G 113 -34.71 2.44 -31.88
N PRO G 114 -34.26 3.70 -31.78
CA PRO G 114 -34.37 4.65 -32.88
C PRO G 114 -33.70 4.21 -34.18
N THR G 115 -32.45 3.77 -34.09
CA THR G 115 -31.73 3.35 -35.27
C THR G 115 -32.25 2.03 -35.84
N THR G 116 -33.18 1.39 -35.15
CA THR G 116 -33.72 0.13 -35.66
C THR G 116 -35.11 0.31 -36.27
N VAL G 117 -35.91 1.23 -35.74
CA VAL G 117 -37.24 1.44 -36.31
C VAL G 117 -37.11 1.85 -37.77
N VAL G 118 -36.09 2.65 -38.05
CA VAL G 118 -35.87 3.10 -39.42
C VAL G 118 -35.81 1.89 -40.36
N LEU G 119 -35.04 0.87 -39.97
CA LEU G 119 -34.92 -0.33 -40.77
C LEU G 119 -36.26 -1.06 -40.83
N GLU G 120 -37.05 -0.90 -39.79
CA GLU G 120 -38.36 -1.54 -39.72
C GLU G 120 -39.30 -0.89 -40.71
N GLU G 121 -39.30 0.43 -40.73
CA GLU G 121 -40.15 1.19 -41.63
C GLU G 121 -39.69 1.07 -43.07
N LYS G 122 -38.38 0.93 -43.25
CA LYS G 122 -37.82 0.81 -44.59
C LYS G 122 -38.31 -0.48 -45.24
N ILE G 123 -38.14 -1.60 -44.55
CA ILE G 123 -38.58 -2.89 -45.09
C ILE G 123 -40.10 -2.96 -45.25
N SER G 124 -40.83 -2.34 -44.32
CA SER G 124 -42.29 -2.36 -44.39
C SER G 124 -42.74 -1.66 -45.67
N ALA G 125 -41.94 -0.71 -46.12
CA ALA G 125 -42.26 0.03 -47.34
C ALA G 125 -42.09 -0.88 -48.55
N LEU G 126 -40.93 -1.51 -48.65
CA LEU G 126 -40.64 -2.41 -49.76
C LEU G 126 -41.69 -3.51 -49.89
N GLU G 127 -42.08 -4.11 -48.76
CA GLU G 127 -43.07 -5.19 -48.80
C GLU G 127 -44.49 -4.65 -48.84
N GLY G 128 -44.64 -3.35 -48.68
CA GLY G 128 -45.96 -2.75 -48.66
C GLY G 128 -46.71 -3.31 -47.47
N ALA G 129 -45.97 -3.62 -46.40
CA ALA G 129 -46.55 -4.17 -45.17
C ALA G 129 -47.06 -3.08 -44.25
N GLU G 130 -47.90 -3.49 -43.30
CA GLU G 130 -48.48 -2.57 -42.33
C GLU G 130 -47.49 -2.31 -41.19
N SER G 131 -46.66 -3.33 -40.89
CA SER G 131 -45.67 -3.22 -39.84
C SER G 131 -44.63 -4.34 -39.98
N THR G 132 -43.39 -4.06 -39.55
CA THR G 132 -42.31 -5.05 -39.62
C THR G 132 -41.56 -5.15 -38.29
N LEU G 133 -41.13 -6.37 -37.95
CA LEU G 133 -40.44 -6.64 -36.70
C LEU G 133 -39.06 -7.23 -37.00
N LEU G 134 -38.01 -6.61 -36.46
CA LEU G 134 -36.65 -7.10 -36.69
C LEU G 134 -36.12 -7.88 -35.51
N MET G 135 -35.43 -8.98 -35.79
CA MET G 135 -34.88 -9.85 -34.75
C MET G 135 -33.39 -10.16 -34.90
N ALA G 136 -32.88 -10.93 -33.94
CA ALA G 136 -31.47 -11.31 -33.92
C ALA G 136 -31.04 -12.15 -35.11
N SER G 137 -31.97 -12.88 -35.71
CA SER G 137 -31.63 -13.72 -36.86
C SER G 137 -32.85 -14.28 -37.57
N GLY G 138 -32.63 -14.95 -38.69
CA GLY G 138 -33.74 -15.54 -39.43
C GLY G 138 -34.47 -16.57 -38.58
N MET G 139 -33.71 -17.51 -38.02
CA MET G 139 -34.25 -18.57 -37.18
C MET G 139 -35.01 -17.98 -35.99
N CYS G 140 -34.57 -16.81 -35.53
CA CYS G 140 -35.23 -16.17 -34.41
C CYS G 140 -36.60 -15.69 -34.87
N ALA G 141 -36.66 -15.17 -36.09
CA ALA G 141 -37.91 -14.68 -36.65
C ALA G 141 -38.92 -15.80 -36.85
N SER G 142 -38.49 -16.89 -37.46
CA SER G 142 -39.37 -18.01 -37.72
C SER G 142 -39.90 -18.61 -36.44
N THR G 143 -38.97 -18.83 -35.51
CA THR G 143 -39.27 -19.43 -34.22
C THR G 143 -40.23 -18.65 -33.33
N VAL G 144 -39.96 -17.36 -33.13
CA VAL G 144 -40.82 -16.54 -32.30
C VAL G 144 -42.22 -16.45 -32.91
N MET G 145 -42.27 -16.42 -34.23
CA MET G 145 -43.55 -16.33 -34.95
C MET G 145 -44.39 -17.59 -34.74
N LEU G 146 -43.76 -18.76 -34.89
CA LEU G 146 -44.46 -20.01 -34.71
C LEU G 146 -44.98 -20.13 -33.29
N LEU G 147 -44.15 -19.77 -32.32
CA LEU G 147 -44.54 -19.84 -30.90
C LEU G 147 -45.65 -18.87 -30.53
N ALA G 148 -45.71 -17.74 -31.24
CA ALA G 148 -46.71 -16.72 -30.95
C ALA G 148 -48.04 -16.88 -31.68
N LEU G 149 -48.00 -17.45 -32.88
CA LEU G 149 -49.21 -17.62 -33.69
C LEU G 149 -49.90 -18.98 -33.61
N VAL G 150 -49.12 -20.05 -33.49
CA VAL G 150 -49.70 -21.38 -33.40
C VAL G 150 -50.02 -21.72 -31.94
N PRO G 151 -51.31 -21.97 -31.63
CA PRO G 151 -51.69 -22.30 -30.26
C PRO G 151 -51.22 -23.68 -29.84
N ALA G 152 -51.26 -23.96 -28.55
CA ALA G 152 -50.85 -25.25 -28.07
C ALA G 152 -51.89 -26.25 -28.52
N GLY G 153 -51.44 -27.36 -29.10
CA GLY G 153 -52.36 -28.38 -29.58
C GLY G 153 -52.92 -27.95 -30.91
N GLY G 154 -52.24 -27.01 -31.56
CA GLY G 154 -52.69 -26.52 -32.86
C GLY G 154 -52.02 -27.30 -33.97
N HIS G 155 -52.51 -27.13 -35.20
CA HIS G 155 -51.93 -27.84 -36.34
C HIS G 155 -51.22 -26.89 -37.29
N ILE G 156 -50.12 -27.38 -37.87
CA ILE G 156 -49.31 -26.59 -38.79
C ILE G 156 -49.11 -27.40 -40.07
N VAL G 157 -48.91 -26.70 -41.19
CA VAL G 157 -48.70 -27.36 -42.47
C VAL G 157 -47.53 -26.74 -43.22
N THR G 158 -46.56 -27.55 -43.61
CA THR G 158 -45.40 -27.08 -44.36
C THR G 158 -44.94 -28.13 -45.37
N THR G 159 -44.06 -27.72 -46.27
CA THR G 159 -43.55 -28.61 -47.31
C THR G 159 -42.43 -29.50 -46.81
N THR G 160 -42.02 -30.45 -47.65
CA THR G 160 -40.94 -31.37 -47.32
C THR G 160 -39.59 -30.71 -47.52
N ASP G 161 -39.61 -29.53 -48.13
CA ASP G 161 -38.38 -28.80 -48.42
C ASP G 161 -38.08 -27.73 -47.39
N CYS G 162 -38.86 -27.72 -46.31
CA CYS G 162 -38.70 -26.75 -45.23
C CYS G 162 -37.26 -26.69 -44.77
N TYR G 163 -36.80 -25.50 -44.42
CA TYR G 163 -35.44 -25.30 -43.94
C TYR G 163 -35.19 -26.30 -42.81
N ARG G 164 -34.14 -27.10 -42.92
CA ARG G 164 -33.84 -28.13 -41.92
C ARG G 164 -34.00 -27.69 -40.47
N LYS G 165 -33.17 -26.74 -40.03
CA LYS G 165 -33.25 -26.26 -38.66
C LYS G 165 -34.69 -26.01 -38.25
N THR G 166 -35.44 -25.33 -39.12
CA THR G 166 -36.83 -25.03 -38.83
C THR G 166 -37.67 -26.30 -38.74
N ARG G 167 -37.34 -27.30 -39.56
CA ARG G 167 -38.09 -28.55 -39.55
C ARG G 167 -37.87 -29.19 -38.19
N ILE G 168 -36.61 -29.19 -37.77
CA ILE G 168 -36.23 -29.77 -36.48
C ILE G 168 -37.01 -29.10 -35.36
N PHE G 169 -37.07 -27.77 -35.39
CA PHE G 169 -37.79 -27.05 -34.37
C PHE G 169 -39.26 -27.46 -34.37
N ILE G 170 -39.82 -27.60 -35.56
CA ILE G 170 -41.22 -27.98 -35.72
C ILE G 170 -41.49 -29.44 -35.32
N GLU G 171 -40.47 -30.28 -35.41
CA GLU G 171 -40.65 -31.69 -35.09
C GLU G 171 -40.14 -32.14 -33.73
N THR G 172 -39.47 -31.26 -32.99
CA THR G 172 -38.96 -31.63 -31.68
C THR G 172 -39.40 -30.72 -30.56
N ILE G 173 -39.53 -29.42 -30.84
CA ILE G 173 -39.95 -28.49 -29.81
C ILE G 173 -41.44 -28.26 -29.80
N LEU G 174 -41.98 -27.87 -30.94
CA LEU G 174 -43.40 -27.59 -31.05
C LEU G 174 -44.30 -28.70 -30.53
N PRO G 175 -43.92 -29.97 -30.73
CA PRO G 175 -44.77 -31.06 -30.22
C PRO G 175 -44.98 -31.00 -28.70
N LYS G 176 -44.03 -30.38 -28.00
CA LYS G 176 -44.11 -30.23 -26.55
C LYS G 176 -45.35 -29.44 -26.16
N MET G 177 -46.05 -28.90 -27.15
CA MET G 177 -47.25 -28.13 -26.88
C MET G 177 -48.46 -28.69 -27.60
N GLY G 178 -48.36 -29.93 -28.05
CA GLY G 178 -49.48 -30.55 -28.74
C GLY G 178 -49.62 -30.03 -30.15
N ILE G 179 -48.67 -29.20 -30.58
CA ILE G 179 -48.69 -28.64 -31.92
C ILE G 179 -48.24 -29.74 -32.88
N THR G 180 -49.12 -30.11 -33.79
CA THR G 180 -48.81 -31.15 -34.76
C THR G 180 -48.72 -30.58 -36.18
N ALA G 181 -47.83 -31.15 -36.99
CA ALA G 181 -47.65 -30.67 -38.35
C ALA G 181 -48.02 -31.66 -39.45
N THR G 182 -48.26 -31.13 -40.64
CA THR G 182 -48.59 -31.92 -41.82
C THR G 182 -47.63 -31.44 -42.91
N VAL G 183 -46.75 -32.33 -43.36
CA VAL G 183 -45.75 -31.99 -44.38
C VAL G 183 -46.11 -32.48 -45.78
N ILE G 184 -46.38 -31.53 -46.69
CA ILE G 184 -46.75 -31.85 -48.06
C ILE G 184 -45.63 -31.47 -49.04
N ASP G 185 -45.90 -31.68 -50.33
CA ASP G 185 -44.92 -31.34 -51.36
C ASP G 185 -45.19 -29.91 -51.78
N PRO G 186 -44.15 -29.15 -52.10
CA PRO G 186 -44.36 -27.75 -52.49
C PRO G 186 -45.46 -27.59 -53.54
N ALA G 187 -45.42 -28.46 -54.54
CA ALA G 187 -46.38 -28.42 -55.63
C ALA G 187 -47.75 -29.01 -55.29
N ASP G 188 -47.76 -30.14 -54.60
CA ASP G 188 -49.02 -30.79 -54.25
C ASP G 188 -50.08 -29.93 -53.58
N VAL G 189 -50.87 -29.21 -54.38
CA VAL G 189 -51.93 -28.36 -53.84
C VAL G 189 -53.10 -29.24 -53.40
N GLY G 190 -53.09 -30.47 -53.88
CA GLY G 190 -54.14 -31.40 -53.50
C GLY G 190 -53.93 -31.78 -52.05
N ALA G 191 -52.68 -32.10 -51.72
CA ALA G 191 -52.33 -32.47 -50.37
C ALA G 191 -52.76 -31.32 -49.47
N LEU G 192 -52.40 -30.11 -49.88
CA LEU G 192 -52.76 -28.92 -49.13
C LEU G 192 -54.25 -28.94 -48.84
N GLU G 193 -55.06 -28.83 -49.88
CA GLU G 193 -56.52 -28.83 -49.76
C GLU G 193 -57.01 -29.94 -48.83
N LEU G 194 -56.53 -31.16 -49.05
CA LEU G 194 -56.93 -32.30 -48.25
C LEU G 194 -56.74 -32.05 -46.76
N ALA G 195 -55.49 -31.98 -46.33
CA ALA G 195 -55.14 -31.74 -44.93
C ALA G 195 -55.88 -30.52 -44.41
N LEU G 196 -55.91 -29.48 -45.24
CA LEU G 196 -56.58 -28.24 -44.90
C LEU G 196 -58.05 -28.53 -44.63
N ASN G 197 -58.51 -29.67 -45.10
CA ASN G 197 -59.91 -30.05 -44.93
C ASN G 197 -60.17 -31.02 -43.77
N GLN G 198 -59.26 -31.96 -43.55
CA GLN G 198 -59.45 -32.92 -42.46
C GLN G 198 -59.06 -32.28 -41.12
N LYS G 199 -57.76 -32.06 -40.94
CA LYS G 199 -57.24 -31.47 -39.71
C LYS G 199 -57.28 -29.93 -39.74
N LYS G 200 -57.89 -29.34 -38.71
CA LYS G 200 -58.01 -27.88 -38.61
C LYS G 200 -56.64 -27.21 -38.58
N VAL G 201 -56.27 -26.61 -39.72
CA VAL G 201 -54.98 -25.94 -39.88
C VAL G 201 -54.97 -24.51 -39.33
N ASN G 202 -53.95 -24.22 -38.53
CA ASN G 202 -53.78 -22.91 -37.91
C ASN G 202 -52.96 -21.97 -38.79
N LEU G 203 -51.96 -22.53 -39.46
CA LEU G 203 -51.09 -21.73 -40.31
C LEU G 203 -50.30 -22.60 -41.28
N PHE G 204 -50.16 -22.11 -42.50
CA PHE G 204 -49.40 -22.79 -43.53
C PHE G 204 -48.10 -22.01 -43.66
N PHE G 205 -46.99 -22.68 -43.41
CA PHE G 205 -45.71 -22.02 -43.51
C PHE G 205 -44.83 -22.66 -44.56
N THR G 206 -44.33 -21.83 -45.47
CA THR G 206 -43.48 -22.32 -46.53
C THR G 206 -42.63 -21.20 -47.11
N GLU G 207 -41.47 -21.58 -47.61
CA GLU G 207 -40.56 -20.64 -48.24
C GLU G 207 -40.81 -20.76 -49.75
N SER G 208 -40.43 -19.75 -50.51
CA SER G 208 -40.62 -19.76 -51.95
C SER G 208 -39.88 -18.59 -52.61
N PRO G 209 -38.83 -18.89 -53.40
CA PRO G 209 -38.29 -20.22 -53.70
C PRO G 209 -37.90 -21.02 -52.45
N THR G 210 -37.70 -22.32 -52.66
CA THR G 210 -37.36 -23.25 -51.61
C THR G 210 -35.87 -23.56 -51.64
N ASN G 211 -35.34 -24.15 -50.57
CA ASN G 211 -33.92 -24.51 -50.53
C ASN G 211 -33.79 -26.02 -50.51
N PRO G 212 -32.86 -26.59 -51.31
CA PRO G 212 -31.92 -25.97 -52.24
C PRO G 212 -32.38 -26.12 -53.69
N PHE G 213 -33.54 -26.74 -53.88
CA PHE G 213 -34.06 -26.99 -55.22
C PHE G 213 -34.92 -25.85 -55.76
N LEU G 214 -35.04 -24.77 -54.98
CA LEU G 214 -35.77 -23.59 -55.41
C LEU G 214 -37.19 -23.82 -55.89
N ARG G 215 -37.90 -24.76 -55.27
CA ARG G 215 -39.29 -25.05 -55.64
C ARG G 215 -40.14 -23.83 -55.31
N CYS G 216 -41.11 -23.51 -56.16
CA CYS G 216 -41.96 -22.36 -55.90
C CYS G 216 -43.38 -22.77 -55.54
N VAL G 217 -44.07 -21.86 -54.86
CA VAL G 217 -45.43 -22.09 -54.43
C VAL G 217 -46.33 -20.96 -54.95
N ASP G 218 -47.53 -21.30 -55.42
CA ASP G 218 -48.46 -20.30 -55.93
C ASP G 218 -49.05 -19.56 -54.74
N ILE G 219 -48.34 -18.54 -54.29
CA ILE G 219 -48.78 -17.75 -53.15
C ILE G 219 -50.26 -17.35 -53.24
N GLU G 220 -50.68 -16.88 -54.40
CA GLU G 220 -52.07 -16.45 -54.58
C GLU G 220 -53.09 -17.57 -54.43
N LEU G 221 -52.82 -18.71 -55.06
CA LEU G 221 -53.72 -19.84 -55.00
C LEU G 221 -53.75 -20.39 -53.57
N VAL G 222 -52.57 -20.73 -53.09
CA VAL G 222 -52.38 -21.27 -51.74
C VAL G 222 -53.03 -20.35 -50.70
N SER G 223 -52.86 -19.05 -50.87
CA SER G 223 -53.43 -18.07 -49.96
C SER G 223 -54.96 -18.13 -49.97
N LYS G 224 -55.53 -18.40 -51.13
CA LYS G 224 -56.98 -18.47 -51.27
C LYS G 224 -57.57 -19.67 -50.52
N LEU G 225 -56.99 -20.84 -50.74
CA LEU G 225 -57.47 -22.06 -50.09
C LEU G 225 -57.43 -21.91 -48.57
N CYS G 226 -56.27 -21.56 -48.04
CA CYS G 226 -56.08 -21.40 -46.59
C CYS G 226 -57.10 -20.46 -45.96
N HIS G 227 -57.12 -19.22 -46.41
CA HIS G 227 -58.05 -18.25 -45.86
C HIS G 227 -59.49 -18.73 -45.94
N GLU G 228 -59.76 -19.65 -46.86
CA GLU G 228 -61.10 -20.19 -47.03
C GLU G 228 -61.42 -21.01 -45.79
N LYS G 229 -60.44 -21.79 -45.35
CA LYS G 229 -60.60 -22.62 -44.17
C LYS G 229 -60.03 -21.94 -42.93
N GLY G 230 -59.86 -20.62 -43.02
CA GLY G 230 -59.37 -19.85 -41.89
C GLY G 230 -57.89 -19.92 -41.55
N ALA G 231 -57.12 -20.72 -42.29
CA ALA G 231 -55.68 -20.85 -42.02
C ALA G 231 -54.94 -19.56 -42.35
N LEU G 232 -53.77 -19.40 -41.73
CA LEU G 232 -52.93 -18.21 -41.93
C LEU G 232 -51.83 -18.61 -42.87
N VAL G 233 -51.38 -17.68 -43.70
CA VAL G 233 -50.32 -17.99 -44.65
C VAL G 233 -49.09 -17.14 -44.40
N CYS G 234 -47.96 -17.82 -44.22
CA CYS G 234 -46.68 -17.14 -43.99
C CYS G 234 -45.67 -17.63 -45.03
N ILE G 235 -45.10 -16.69 -45.79
CA ILE G 235 -44.12 -17.01 -46.83
C ILE G 235 -42.73 -16.47 -46.53
N ASP G 236 -41.74 -17.35 -46.63
CA ASP G 236 -40.36 -16.99 -46.38
C ASP G 236 -39.71 -16.59 -47.71
N GLY G 237 -39.75 -15.30 -48.04
CA GLY G 237 -39.16 -14.88 -49.29
C GLY G 237 -37.65 -14.69 -49.29
N THR G 238 -36.93 -15.36 -48.40
CA THR G 238 -35.48 -15.18 -48.32
C THR G 238 -34.77 -15.17 -49.68
N PHE G 239 -34.96 -16.24 -50.44
CA PHE G 239 -34.33 -16.37 -51.75
C PHE G 239 -34.85 -15.39 -52.80
N ALA G 240 -36.13 -15.05 -52.71
CA ALA G 240 -36.77 -14.13 -53.64
C ALA G 240 -36.30 -12.69 -53.47
N THR G 241 -36.53 -12.13 -52.28
CA THR G 241 -36.15 -10.75 -51.97
C THR G 241 -37.41 -9.93 -52.17
N PRO G 242 -37.59 -8.85 -51.38
CA PRO G 242 -38.81 -8.07 -51.57
C PRO G 242 -38.84 -7.34 -52.93
N LEU G 243 -37.83 -7.60 -53.77
CA LEU G 243 -37.75 -6.97 -55.06
C LEU G 243 -38.23 -7.88 -56.18
N ASN G 244 -37.99 -9.19 -56.03
CA ASN G 244 -38.40 -10.13 -57.05
C ASN G 244 -39.83 -10.62 -56.88
N GLN G 245 -40.47 -10.24 -55.78
CA GLN G 245 -41.85 -10.67 -55.54
C GLN G 245 -42.44 -9.99 -54.31
N LYS G 246 -43.77 -9.87 -54.28
CA LYS G 246 -44.45 -9.24 -53.14
C LYS G 246 -45.44 -10.22 -52.53
N ALA G 247 -44.93 -11.13 -51.70
CA ALA G 247 -45.75 -12.15 -51.07
C ALA G 247 -47.00 -11.57 -50.43
N LEU G 248 -46.88 -10.36 -49.91
CA LEU G 248 -48.02 -9.73 -49.26
C LEU G 248 -49.10 -9.40 -50.28
N ALA G 249 -48.68 -8.83 -51.40
CA ALA G 249 -49.60 -8.45 -52.49
C ALA G 249 -50.32 -9.66 -53.06
N LEU G 250 -49.59 -10.77 -53.19
CA LEU G 250 -50.16 -12.00 -53.73
C LEU G 250 -51.12 -12.66 -52.75
N GLY G 251 -51.26 -12.12 -51.55
CA GLY G 251 -52.19 -12.70 -50.60
C GLY G 251 -51.69 -13.23 -49.26
N ALA G 252 -50.42 -13.60 -49.18
CA ALA G 252 -49.87 -14.10 -47.93
C ALA G 252 -50.14 -13.12 -46.80
N ASP G 253 -50.36 -13.63 -45.59
CA ASP G 253 -50.62 -12.78 -44.42
C ASP G 253 -49.32 -12.22 -43.86
N LEU G 254 -48.29 -13.06 -43.85
CA LEU G 254 -46.99 -12.66 -43.34
C LEU G 254 -45.87 -13.11 -44.26
N VAL G 255 -44.89 -12.24 -44.45
CA VAL G 255 -43.74 -12.58 -45.26
C VAL G 255 -42.53 -12.34 -44.35
N LEU G 256 -41.65 -13.34 -44.26
CA LEU G 256 -40.47 -13.20 -43.41
C LEU G 256 -39.21 -13.46 -44.19
N HIS G 257 -38.13 -12.81 -43.79
CA HIS G 257 -36.85 -12.95 -44.45
C HIS G 257 -35.73 -13.19 -43.45
N SER G 258 -34.59 -13.59 -43.97
CA SER G 258 -33.40 -13.80 -43.16
C SER G 258 -32.46 -12.74 -43.71
N ALA G 259 -32.58 -11.52 -43.18
CA ALA G 259 -31.75 -10.41 -43.64
C ALA G 259 -30.26 -10.71 -43.67
N THR G 260 -29.86 -11.84 -43.10
CA THR G 260 -28.46 -12.26 -43.08
C THR G 260 -27.93 -12.48 -44.49
N LYS G 261 -28.84 -12.77 -45.40
CA LYS G 261 -28.50 -13.07 -46.80
C LYS G 261 -28.47 -11.88 -47.79
N PHE G 262 -29.56 -11.68 -48.53
CA PHE G 262 -29.61 -10.62 -49.54
C PHE G 262 -29.80 -9.20 -49.02
N LEU G 263 -30.71 -9.01 -48.06
CA LEU G 263 -30.96 -7.69 -47.52
C LEU G 263 -29.69 -7.00 -47.03
N GLY G 264 -28.92 -7.69 -46.19
CA GLY G 264 -27.68 -7.12 -45.70
C GLY G 264 -26.71 -7.15 -46.87
N GLY G 265 -26.68 -8.30 -47.54
CA GLY G 265 -25.86 -8.48 -48.72
C GLY G 265 -24.34 -8.39 -48.66
N HIS G 266 -23.76 -8.30 -47.47
CA HIS G 266 -22.30 -8.21 -47.41
C HIS G 266 -21.66 -9.28 -46.56
N ASN G 267 -22.41 -10.34 -46.26
CA ASN G 267 -21.90 -11.46 -45.47
C ASN G 267 -21.26 -11.04 -44.15
N ASP G 268 -21.73 -9.93 -43.58
CA ASP G 268 -21.16 -9.44 -42.33
C ASP G 268 -22.14 -9.10 -41.20
N VAL G 269 -23.29 -9.77 -41.16
CA VAL G 269 -24.28 -9.52 -40.11
C VAL G 269 -25.49 -10.44 -40.19
N LEU G 270 -26.00 -10.87 -39.04
CA LEU G 270 -27.19 -11.75 -39.03
C LEU G 270 -28.40 -10.92 -38.62
N ALA G 271 -29.58 -11.33 -39.09
CA ALA G 271 -30.80 -10.62 -38.73
C ALA G 271 -32.04 -11.34 -39.27
N GLY G 272 -33.16 -11.16 -38.57
CA GLY G 272 -34.41 -11.77 -38.96
C GLY G 272 -35.38 -10.70 -39.42
N CYS G 273 -36.41 -11.10 -40.13
CA CYS G 273 -37.38 -10.18 -40.68
C CYS G 273 -38.80 -10.74 -40.67
N ILE G 274 -39.80 -9.91 -40.34
CA ILE G 274 -41.18 -10.37 -40.37
C ILE G 274 -42.08 -9.16 -40.62
N SER G 275 -42.68 -9.09 -41.80
CA SER G 275 -43.56 -7.97 -42.14
C SER G 275 -44.99 -8.45 -42.31
N GLY G 276 -45.94 -7.57 -42.05
CA GLY G 276 -47.33 -7.94 -42.19
C GLY G 276 -48.22 -6.88 -41.57
N PRO G 277 -49.48 -7.23 -41.28
CA PRO G 277 -50.41 -6.29 -40.67
C PRO G 277 -50.11 -6.07 -39.20
N LEU G 278 -50.42 -4.88 -38.71
CA LEU G 278 -50.18 -4.56 -37.30
C LEU G 278 -50.77 -5.61 -36.39
N LYS G 279 -52.07 -5.85 -36.53
CA LYS G 279 -52.78 -6.82 -35.72
C LYS G 279 -52.04 -8.15 -35.53
N LEU G 280 -51.36 -8.60 -36.57
CA LEU G 280 -50.64 -9.87 -36.50
C LEU G 280 -49.20 -9.74 -36.03
N VAL G 281 -48.46 -8.83 -36.67
CA VAL G 281 -47.05 -8.61 -36.34
C VAL G 281 -46.84 -8.13 -34.91
N SER G 282 -47.82 -7.43 -34.35
CA SER G 282 -47.72 -6.93 -32.99
C SER G 282 -47.86 -8.07 -31.98
N GLU G 283 -48.55 -9.12 -32.38
CA GLU G 283 -48.74 -10.27 -31.51
C GLU G 283 -47.41 -10.98 -31.34
N ILE G 284 -46.58 -10.90 -32.37
CA ILE G 284 -45.27 -11.53 -32.34
C ILE G 284 -44.31 -10.61 -31.59
N ARG G 285 -44.47 -9.32 -31.84
CA ARG G 285 -43.64 -8.32 -31.20
C ARG G 285 -43.71 -8.47 -29.68
N ASN G 286 -44.89 -8.85 -29.18
CA ASN G 286 -45.09 -9.02 -27.75
C ASN G 286 -44.24 -10.17 -27.22
N LEU G 287 -44.42 -11.36 -27.79
CA LEU G 287 -43.65 -12.51 -27.34
C LEU G 287 -42.15 -12.22 -27.51
N HIS G 288 -41.84 -11.28 -28.41
CA HIS G 288 -40.46 -10.92 -28.68
C HIS G 288 -39.88 -10.16 -27.50
N HIS G 289 -40.70 -9.31 -26.88
CA HIS G 289 -40.27 -8.51 -25.74
C HIS G 289 -40.00 -9.35 -24.51
N ILE G 290 -40.41 -10.62 -24.55
CA ILE G 290 -40.20 -11.53 -23.42
C ILE G 290 -39.02 -12.46 -23.71
N LEU G 291 -38.98 -13.00 -24.92
CA LEU G 291 -37.91 -13.91 -25.30
C LEU G 291 -36.65 -13.11 -25.58
N GLY G 292 -36.82 -11.80 -25.72
CA GLY G 292 -35.72 -10.89 -25.98
C GLY G 292 -34.57 -11.23 -26.91
N GLY G 293 -34.87 -11.52 -28.18
CA GLY G 293 -33.80 -11.81 -29.14
C GLY G 293 -33.57 -10.55 -29.96
N ALA G 294 -33.47 -9.42 -29.26
CA ALA G 294 -33.29 -8.12 -29.87
C ALA G 294 -32.11 -7.99 -30.84
N LEU G 295 -32.22 -7.00 -31.73
CA LEU G 295 -31.20 -6.73 -32.72
C LEU G 295 -30.36 -5.53 -32.32
N ASN G 296 -29.05 -5.69 -32.30
CA ASN G 296 -28.14 -4.61 -31.93
C ASN G 296 -28.16 -3.48 -32.97
N PRO G 297 -28.18 -2.22 -32.51
CA PRO G 297 -28.21 -1.05 -33.41
C PRO G 297 -27.08 -1.05 -34.45
N ASN G 298 -25.94 -1.62 -34.10
CA ASN G 298 -24.81 -1.67 -35.02
C ASN G 298 -25.16 -2.61 -36.16
N ALA G 299 -25.97 -3.61 -35.88
CA ALA G 299 -26.39 -4.56 -36.91
C ALA G 299 -27.42 -3.89 -37.78
N ALA G 300 -28.40 -3.25 -37.15
CA ALA G 300 -29.45 -2.56 -37.87
C ALA G 300 -28.85 -1.57 -38.86
N TYR G 301 -27.76 -0.92 -38.49
CA TYR G 301 -27.15 0.04 -39.39
C TYR G 301 -26.41 -0.64 -40.55
N LEU G 302 -25.73 -1.74 -40.27
CA LEU G 302 -25.01 -2.42 -41.32
C LEU G 302 -25.99 -2.89 -42.38
N ILE G 303 -27.20 -3.18 -41.97
CA ILE G 303 -28.22 -3.63 -42.91
C ILE G 303 -28.82 -2.43 -43.62
N ILE G 304 -29.15 -1.39 -42.87
CA ILE G 304 -29.71 -0.18 -43.47
C ILE G 304 -28.76 0.22 -44.61
N ARG G 305 -27.48 0.25 -44.31
CA ARG G 305 -26.43 0.60 -45.28
C ARG G 305 -26.40 -0.36 -46.48
N GLY G 306 -26.49 -1.65 -46.19
CA GLY G 306 -26.47 -2.65 -47.25
C GLY G 306 -27.68 -2.57 -48.19
N MET G 307 -28.78 -2.02 -47.70
CA MET G 307 -29.98 -1.91 -48.51
C MET G 307 -29.95 -0.68 -49.43
N LYS G 308 -28.91 0.14 -49.33
CA LYS G 308 -28.82 1.32 -50.20
C LYS G 308 -28.49 0.85 -51.62
N THR G 309 -28.07 -0.40 -51.75
CA THR G 309 -27.73 -0.96 -53.05
C THR G 309 -28.41 -2.31 -53.28
N LEU G 310 -29.51 -2.54 -52.57
CA LEU G 310 -30.23 -3.80 -52.71
C LEU G 310 -30.57 -4.02 -54.18
N HIS G 311 -31.17 -3.01 -54.80
CA HIS G 311 -31.59 -3.10 -56.19
C HIS G 311 -30.42 -3.34 -57.15
N LEU G 312 -29.35 -2.57 -56.99
CA LEU G 312 -28.21 -2.75 -57.87
C LEU G 312 -27.66 -4.15 -57.73
N ARG G 313 -27.65 -4.66 -56.50
CA ARG G 313 -27.11 -5.99 -56.25
C ARG G 313 -28.02 -7.10 -56.80
N VAL G 314 -29.28 -7.10 -56.37
CA VAL G 314 -30.21 -8.12 -56.82
C VAL G 314 -30.26 -8.20 -58.33
N GLN G 315 -30.36 -7.04 -58.98
CA GLN G 315 -30.41 -6.94 -60.42
C GLN G 315 -29.27 -7.74 -61.02
N GLN G 316 -28.06 -7.34 -60.67
CA GLN G 316 -26.87 -8.00 -61.16
C GLN G 316 -26.89 -9.49 -60.88
N GLN G 317 -27.49 -9.89 -59.77
CA GLN G 317 -27.53 -11.31 -59.41
C GLN G 317 -28.58 -12.08 -60.17
N ASN G 318 -29.67 -11.40 -60.53
CA ASN G 318 -30.73 -12.06 -61.28
C ASN G 318 -30.18 -12.45 -62.66
N SER G 319 -29.34 -11.57 -63.22
CA SER G 319 -28.75 -11.80 -64.55
C SER G 319 -27.67 -12.88 -64.62
N THR G 320 -26.63 -12.74 -63.80
CA THR G 320 -25.57 -13.73 -63.78
C THR G 320 -26.17 -15.11 -63.56
N ALA G 321 -27.05 -15.23 -62.57
CA ALA G 321 -27.69 -16.51 -62.25
C ALA G 321 -28.37 -17.09 -63.48
N LEU G 322 -29.32 -16.34 -64.02
CA LEU G 322 -30.06 -16.77 -65.21
C LEU G 322 -29.14 -17.30 -66.31
N ARG G 323 -28.19 -16.48 -66.72
CA ARG G 323 -27.24 -16.84 -67.76
C ARG G 323 -26.43 -18.08 -67.39
N MET G 324 -25.86 -18.09 -66.19
CA MET G 324 -25.05 -19.23 -65.77
C MET G 324 -25.93 -20.47 -65.60
N ALA G 325 -27.22 -20.27 -65.33
CA ALA G 325 -28.12 -21.40 -65.17
C ALA G 325 -28.32 -22.10 -66.51
N GLU G 326 -28.33 -21.32 -67.60
CA GLU G 326 -28.50 -21.87 -68.94
C GLU G 326 -27.21 -22.58 -69.39
N ILE G 327 -26.08 -21.89 -69.26
CA ILE G 327 -24.79 -22.46 -69.64
C ILE G 327 -24.60 -23.78 -68.93
N LEU G 328 -24.83 -23.77 -67.62
CA LEU G 328 -24.66 -24.97 -66.82
C LEU G 328 -25.51 -26.11 -67.35
N GLU G 329 -26.75 -25.82 -67.69
CA GLU G 329 -27.64 -26.85 -68.21
C GLU G 329 -27.08 -27.50 -69.46
N ALA G 330 -26.73 -26.67 -70.44
CA ALA G 330 -26.19 -27.14 -71.71
C ALA G 330 -24.87 -27.88 -71.56
N HIS G 331 -24.23 -27.73 -70.40
CA HIS G 331 -22.94 -28.40 -70.17
C HIS G 331 -23.08 -29.91 -70.14
N PRO G 332 -22.13 -30.62 -70.75
CA PRO G 332 -22.12 -32.09 -70.81
C PRO G 332 -21.75 -32.75 -69.47
N LYS G 333 -21.24 -31.95 -68.54
CA LYS G 333 -20.84 -32.48 -67.24
C LYS G 333 -21.79 -32.07 -66.11
N VAL G 334 -22.99 -31.63 -66.48
CA VAL G 334 -23.98 -31.19 -65.49
C VAL G 334 -25.31 -31.95 -65.63
N ARG G 335 -25.42 -33.04 -64.87
CA ARG G 335 -26.61 -33.87 -64.89
C ARG G 335 -27.95 -33.12 -64.80
N HIS G 336 -28.01 -32.06 -64.02
CA HIS G 336 -29.26 -31.30 -63.87
C HIS G 336 -29.05 -29.91 -63.28
N VAL G 337 -29.99 -29.02 -63.56
CA VAL G 337 -29.93 -27.65 -63.07
C VAL G 337 -31.27 -27.15 -62.54
N TYR G 338 -31.23 -26.63 -61.31
CA TYR G 338 -32.43 -26.12 -60.66
C TYR G 338 -32.39 -24.59 -60.60
N TYR G 339 -33.42 -23.96 -61.17
CA TYR G 339 -33.54 -22.51 -61.21
C TYR G 339 -34.92 -22.15 -61.72
N PRO G 340 -35.68 -21.37 -60.94
CA PRO G 340 -37.03 -21.01 -61.39
C PRO G 340 -37.05 -20.29 -62.74
N GLY G 341 -35.91 -19.74 -63.14
CA GLY G 341 -35.83 -19.02 -64.40
C GLY G 341 -35.79 -19.87 -65.66
N LEU G 342 -35.47 -21.15 -65.50
CA LEU G 342 -35.40 -22.07 -66.64
C LEU G 342 -36.77 -22.65 -66.95
N GLN G 343 -37.04 -22.87 -68.23
CA GLN G 343 -38.31 -23.44 -68.67
C GLN G 343 -38.43 -24.86 -68.13
N SER G 344 -37.28 -25.50 -67.91
CA SER G 344 -37.24 -26.86 -67.39
C SER G 344 -37.66 -27.02 -65.94
N HIS G 345 -37.69 -25.93 -65.18
CA HIS G 345 -38.07 -26.00 -63.78
C HIS G 345 -39.56 -26.30 -63.54
N PRO G 346 -39.83 -27.32 -62.70
CA PRO G 346 -41.17 -27.78 -62.33
C PRO G 346 -42.24 -26.72 -62.19
N GLU G 347 -41.89 -25.55 -61.65
CA GLU G 347 -42.89 -24.49 -61.48
C GLU G 347 -42.49 -23.22 -62.15
N HIS G 348 -41.75 -23.34 -63.26
CA HIS G 348 -41.31 -22.18 -64.02
C HIS G 348 -42.48 -21.29 -64.37
N HIS G 349 -43.67 -21.88 -64.51
CA HIS G 349 -44.85 -21.09 -64.87
C HIS G 349 -45.32 -20.18 -63.74
N ILE G 350 -45.19 -20.66 -62.50
CA ILE G 350 -45.58 -19.87 -61.35
C ILE G 350 -44.51 -18.81 -61.13
N ALA G 351 -43.26 -19.21 -61.21
CA ALA G 351 -42.14 -18.31 -61.03
C ALA G 351 -42.32 -17.11 -61.94
N LYS G 352 -42.41 -17.35 -63.24
CA LYS G 352 -42.58 -16.28 -64.21
C LYS G 352 -43.89 -15.53 -63.97
N LYS G 353 -44.85 -16.20 -63.35
CA LYS G 353 -46.15 -15.60 -63.08
C LYS G 353 -46.19 -14.66 -61.87
N GLN G 354 -45.48 -15.02 -60.80
CA GLN G 354 -45.47 -14.21 -59.60
C GLN G 354 -44.15 -13.55 -59.24
N MET G 355 -43.14 -13.73 -60.08
CA MET G 355 -41.83 -13.14 -59.81
C MET G 355 -41.35 -12.30 -60.98
N THR G 356 -40.58 -11.26 -60.68
CA THR G 356 -40.04 -10.39 -61.71
C THR G 356 -38.57 -10.74 -61.90
N GLY G 357 -38.04 -11.52 -60.97
CA GLY G 357 -36.65 -11.94 -61.03
C GLY G 357 -36.60 -13.35 -60.51
N PHE G 358 -35.45 -14.01 -60.61
CA PHE G 358 -35.37 -15.38 -60.12
C PHE G 358 -34.30 -15.65 -59.08
N GLY G 359 -33.71 -14.58 -58.52
CA GLY G 359 -32.71 -14.74 -57.49
C GLY G 359 -31.28 -14.92 -57.96
N GLY G 360 -30.36 -15.08 -57.01
CA GLY G 360 -28.96 -15.25 -57.35
C GLY G 360 -28.42 -16.61 -56.97
N ALA G 361 -29.30 -17.52 -56.56
CA ALA G 361 -28.87 -18.86 -56.17
C ALA G 361 -29.26 -19.89 -57.22
N VAL G 362 -28.31 -20.77 -57.53
CA VAL G 362 -28.51 -21.81 -58.53
C VAL G 362 -27.98 -23.13 -58.01
N SER G 363 -28.81 -24.16 -58.02
CA SER G 363 -28.39 -25.49 -57.57
C SER G 363 -28.32 -26.41 -58.78
N PHE G 364 -27.27 -27.21 -58.88
CA PHE G 364 -27.12 -28.13 -60.00
C PHE G 364 -26.35 -29.38 -59.59
N GLU G 365 -26.57 -30.48 -60.30
CA GLU G 365 -25.89 -31.74 -59.98
C GLU G 365 -24.81 -32.05 -60.98
N VAL G 366 -23.59 -32.24 -60.48
CA VAL G 366 -22.47 -32.56 -61.36
C VAL G 366 -22.60 -34.02 -61.79
N ASP G 367 -21.99 -34.37 -62.92
CA ASP G 367 -22.05 -35.74 -63.43
C ASP G 367 -20.92 -36.55 -62.78
N GLY G 368 -21.10 -36.88 -61.51
CA GLY G 368 -20.09 -37.65 -60.80
C GLY G 368 -20.57 -38.12 -59.44
N ASP G 369 -19.64 -38.20 -58.48
CA ASP G 369 -19.97 -38.64 -57.13
C ASP G 369 -19.45 -37.67 -56.08
N LEU G 370 -19.72 -37.97 -54.82
CA LEU G 370 -19.27 -37.13 -53.71
C LEU G 370 -17.85 -36.62 -53.98
N LEU G 371 -16.96 -37.55 -54.28
CA LEU G 371 -15.56 -37.23 -54.55
C LEU G 371 -15.33 -36.37 -55.77
N THR G 372 -15.96 -36.73 -56.88
CA THR G 372 -15.80 -35.98 -58.13
C THR G 372 -16.39 -34.59 -58.01
N THR G 373 -17.63 -34.53 -57.52
CA THR G 373 -18.31 -33.26 -57.33
C THR G 373 -17.41 -32.36 -56.48
N ALA G 374 -16.84 -32.96 -55.44
CA ALA G 374 -15.95 -32.24 -54.54
C ALA G 374 -14.76 -31.68 -55.30
N LYS G 375 -14.16 -32.49 -56.17
CA LYS G 375 -13.02 -32.06 -56.97
C LYS G 375 -13.36 -30.81 -57.78
N PHE G 376 -14.62 -30.71 -58.19
CA PHE G 376 -15.08 -29.56 -58.95
C PHE G 376 -15.06 -28.30 -58.08
N VAL G 377 -15.81 -28.32 -56.97
CA VAL G 377 -15.87 -27.17 -56.08
C VAL G 377 -14.49 -26.79 -55.54
N ASP G 378 -13.62 -27.79 -55.42
CA ASP G 378 -12.27 -27.52 -54.93
C ASP G 378 -11.50 -26.81 -56.05
N ALA G 379 -11.95 -26.99 -57.28
CA ALA G 379 -11.28 -26.38 -58.43
C ALA G 379 -11.60 -24.89 -58.60
N LEU G 380 -12.81 -24.49 -58.19
CA LEU G 380 -13.22 -23.09 -58.30
C LEU G 380 -12.20 -22.20 -57.62
N LYS G 381 -12.10 -20.95 -58.06
CA LYS G 381 -11.13 -20.03 -57.47
C LYS G 381 -11.69 -18.75 -56.86
N ILE G 382 -12.90 -18.36 -57.24
CA ILE G 382 -13.48 -17.13 -56.73
C ILE G 382 -14.40 -17.30 -55.53
N PRO G 383 -15.34 -18.25 -55.60
CA PRO G 383 -16.25 -18.41 -54.46
C PRO G 383 -15.60 -19.08 -53.25
N TYR G 384 -16.15 -18.81 -52.07
CA TYR G 384 -15.64 -19.40 -50.84
C TYR G 384 -16.46 -20.65 -50.60
N ILE G 385 -15.83 -21.71 -50.12
CA ILE G 385 -16.58 -22.93 -49.81
C ILE G 385 -17.11 -22.62 -48.41
N ALA G 386 -18.39 -22.25 -48.32
CA ALA G 386 -18.95 -21.89 -47.04
C ALA G 386 -20.46 -21.84 -47.04
N PRO G 387 -21.08 -21.70 -45.86
CA PRO G 387 -22.54 -21.64 -45.81
C PRO G 387 -23.02 -20.22 -46.12
N SER G 388 -24.34 -20.04 -46.12
CA SER G 388 -24.95 -18.74 -46.41
C SER G 388 -24.90 -18.39 -47.89
N PHE G 389 -25.54 -17.27 -48.23
CA PHE G 389 -25.60 -16.81 -49.61
C PHE G 389 -26.21 -15.41 -49.68
N GLY G 390 -26.19 -14.83 -50.87
CA GLY G 390 -26.80 -13.51 -51.07
C GLY G 390 -25.89 -12.31 -50.96
N GLY G 391 -24.60 -12.53 -50.75
CA GLY G 391 -23.70 -11.39 -50.60
C GLY G 391 -22.82 -11.14 -51.79
N CYS G 392 -22.16 -9.99 -51.79
CA CYS G 392 -21.28 -9.62 -52.88
C CYS G 392 -20.22 -10.67 -53.21
N GLU G 393 -19.79 -11.45 -52.21
CA GLU G 393 -18.80 -12.49 -52.47
C GLU G 393 -19.53 -13.76 -52.85
N SER G 394 -19.01 -14.48 -53.83
CA SER G 394 -19.67 -15.72 -54.26
C SER G 394 -19.33 -16.84 -53.30
N ILE G 395 -20.27 -17.77 -53.13
CA ILE G 395 -20.11 -18.90 -52.23
C ILE G 395 -20.64 -20.21 -52.83
N VAL G 396 -19.90 -21.30 -52.59
CA VAL G 396 -20.29 -22.63 -53.06
C VAL G 396 -20.31 -23.58 -51.89
N ASP G 397 -21.13 -24.62 -51.98
CA ASP G 397 -21.23 -25.62 -50.93
C ASP G 397 -21.96 -26.87 -51.42
N GLN G 398 -21.67 -28.01 -50.80
CA GLN G 398 -22.29 -29.27 -51.16
C GLN G 398 -23.27 -29.61 -50.04
N PRO G 399 -24.54 -29.19 -50.17
CA PRO G 399 -25.55 -29.46 -49.13
C PRO G 399 -25.46 -30.83 -48.46
N ALA G 400 -24.93 -31.82 -49.17
CA ALA G 400 -24.79 -33.17 -48.61
C ALA G 400 -23.75 -33.18 -47.49
N ILE G 401 -22.61 -32.55 -47.76
CA ILE G 401 -21.52 -32.50 -46.78
C ILE G 401 -21.72 -31.37 -45.77
N MET G 402 -22.17 -30.22 -46.26
CA MET G 402 -22.35 -29.05 -45.41
C MET G 402 -23.55 -29.04 -44.47
N SER G 403 -24.54 -29.88 -44.71
CA SER G 403 -25.73 -29.84 -43.84
C SER G 403 -26.46 -31.15 -43.60
N TYR G 404 -25.96 -32.24 -44.17
CA TYR G 404 -26.63 -33.52 -43.97
C TYR G 404 -25.61 -34.59 -43.74
N TRP G 405 -24.36 -34.19 -43.51
CA TRP G 405 -23.30 -35.16 -43.28
C TRP G 405 -23.61 -36.00 -42.06
N ASP G 406 -24.48 -35.49 -41.20
CA ASP G 406 -24.88 -36.20 -39.98
C ASP G 406 -25.79 -37.38 -40.28
N LEU G 407 -26.39 -37.39 -41.46
CA LEU G 407 -27.29 -38.47 -41.85
C LEU G 407 -26.59 -39.51 -42.70
N SER G 408 -27.21 -40.67 -42.82
CA SER G 408 -26.67 -41.77 -43.63
C SER G 408 -27.02 -41.50 -45.08
N GLN G 409 -26.15 -41.93 -45.99
CA GLN G 409 -26.38 -41.71 -47.40
C GLN G 409 -27.84 -42.01 -47.78
N SER G 410 -28.39 -43.04 -47.16
CA SER G 410 -29.77 -43.45 -47.43
C SER G 410 -30.77 -42.45 -46.85
N ASP G 411 -30.43 -41.90 -45.69
CA ASP G 411 -31.31 -40.93 -45.04
C ASP G 411 -31.21 -39.59 -45.76
N ARG G 412 -30.05 -39.31 -46.34
CA ARG G 412 -29.85 -38.06 -47.06
C ARG G 412 -30.69 -38.13 -48.32
N ALA G 413 -30.42 -39.15 -49.13
CA ALA G 413 -31.16 -39.34 -50.37
C ALA G 413 -32.65 -39.46 -50.04
N LYS G 414 -32.94 -39.82 -48.80
CA LYS G 414 -34.33 -39.97 -48.37
C LYS G 414 -35.07 -38.66 -48.55
N TYR G 415 -34.34 -37.59 -48.86
CA TYR G 415 -34.96 -36.30 -49.06
C TYR G 415 -34.28 -35.41 -50.10
N GLY G 416 -34.03 -36.01 -51.26
CA GLY G 416 -33.45 -35.29 -52.38
C GLY G 416 -31.98 -34.90 -52.37
N ILE G 417 -31.37 -34.85 -51.19
CA ILE G 417 -29.97 -34.46 -51.11
C ILE G 417 -29.01 -35.54 -51.61
N MET G 418 -28.28 -35.21 -52.67
CA MET G 418 -27.32 -36.14 -53.26
C MET G 418 -25.89 -35.60 -53.15
N ASP G 419 -24.93 -36.52 -53.16
CA ASP G 419 -23.51 -36.15 -53.09
C ASP G 419 -23.14 -35.35 -54.33
N ASN G 420 -24.06 -35.34 -55.28
CA ASN G 420 -23.90 -34.65 -56.57
C ASN G 420 -24.23 -33.17 -56.45
N LEU G 421 -25.37 -32.91 -55.82
CA LEU G 421 -25.90 -31.56 -55.62
C LEU G 421 -24.93 -30.51 -55.14
N VAL G 422 -24.84 -29.43 -55.90
CA VAL G 422 -23.98 -28.31 -55.58
C VAL G 422 -24.90 -27.09 -55.51
N ARG G 423 -24.65 -26.20 -54.56
CA ARG G 423 -25.45 -25.00 -54.42
C ARG G 423 -24.53 -23.82 -54.63
N PHE G 424 -24.85 -23.01 -55.64
CA PHE G 424 -24.04 -21.85 -55.96
C PHE G 424 -24.77 -20.53 -55.71
N SER G 425 -24.14 -19.67 -54.92
CA SER G 425 -24.70 -18.37 -54.62
C SER G 425 -23.85 -17.43 -55.43
N PHE G 426 -24.42 -16.88 -56.50
CA PHE G 426 -23.68 -15.99 -57.35
C PHE G 426 -23.46 -14.64 -56.73
N GLY G 427 -22.19 -14.25 -56.67
CA GLY G 427 -21.82 -12.97 -56.10
C GLY G 427 -22.20 -11.80 -56.98
N VAL G 428 -21.40 -10.74 -56.92
CA VAL G 428 -21.66 -9.55 -57.71
C VAL G 428 -20.43 -9.31 -58.57
N GLU G 429 -19.51 -10.28 -58.57
CA GLU G 429 -18.30 -10.19 -59.38
C GLU G 429 -18.72 -10.14 -60.84
N ASP G 430 -17.74 -9.91 -61.72
CA ASP G 430 -18.04 -9.83 -63.15
C ASP G 430 -18.48 -11.17 -63.70
N PHE G 431 -19.53 -11.16 -64.52
CA PHE G 431 -20.05 -12.38 -65.10
C PHE G 431 -19.02 -13.22 -65.84
N ASP G 432 -18.19 -12.58 -66.66
CA ASP G 432 -17.19 -13.32 -67.41
C ASP G 432 -16.19 -14.00 -66.48
N ASP G 433 -15.69 -13.24 -65.52
CA ASP G 433 -14.72 -13.77 -64.56
C ASP G 433 -15.30 -15.02 -63.90
N LEU G 434 -16.56 -14.93 -63.51
CA LEU G 434 -17.24 -16.06 -62.89
C LEU G 434 -17.35 -17.23 -63.89
N LYS G 435 -17.93 -16.96 -65.05
CA LYS G 435 -18.12 -17.98 -66.09
C LYS G 435 -16.84 -18.74 -66.42
N ALA G 436 -15.74 -18.00 -66.56
CA ALA G 436 -14.48 -18.62 -66.87
C ALA G 436 -14.06 -19.61 -65.78
N ASP G 437 -14.24 -19.20 -64.53
CA ASP G 437 -13.88 -20.01 -63.36
C ASP G 437 -14.71 -21.31 -63.29
N ILE G 438 -16.03 -21.19 -63.42
CA ILE G 438 -16.89 -22.36 -63.36
C ILE G 438 -16.55 -23.35 -64.47
N LEU G 439 -16.24 -22.83 -65.66
CA LEU G 439 -15.91 -23.70 -66.77
C LEU G 439 -14.55 -24.38 -66.55
N GLN G 440 -13.55 -23.59 -66.19
CA GLN G 440 -12.21 -24.12 -65.95
C GLN G 440 -12.27 -25.26 -64.94
N ALA G 441 -13.16 -25.14 -63.97
CA ALA G 441 -13.31 -26.14 -62.93
C ALA G 441 -13.98 -27.41 -63.45
N LEU G 442 -15.04 -27.23 -64.22
CA LEU G 442 -15.77 -28.36 -64.79
C LEU G 442 -14.86 -29.20 -65.69
N ASP G 443 -13.79 -28.60 -66.19
CA ASP G 443 -12.86 -29.31 -67.04
C ASP G 443 -12.02 -30.32 -66.27
N SER G 444 -11.65 -29.96 -65.05
CA SER G 444 -10.84 -30.85 -64.21
C SER G 444 -11.58 -32.13 -63.90
N ILE G 445 -12.90 -32.06 -63.88
CA ILE G 445 -13.73 -33.23 -63.60
C ILE G 445 -13.47 -34.30 -64.66
CA MET H 48 -16.44 28.14 -15.50
C MET H 48 -16.57 26.62 -15.35
N LYS H 49 -17.77 26.16 -14.97
CA LYS H 49 -18.02 24.74 -14.78
C LYS H 49 -19.30 24.31 -15.49
N TYR H 50 -19.47 22.99 -15.63
CA TYR H 50 -20.65 22.43 -16.29
C TYR H 50 -21.91 22.60 -15.46
N ALA H 51 -22.08 21.73 -14.47
CA ALA H 51 -23.24 21.76 -13.60
C ALA H 51 -22.86 22.19 -12.20
N SER H 52 -23.80 22.88 -11.53
CA SER H 52 -23.60 23.35 -10.18
C SER H 52 -23.76 22.19 -9.20
N PHE H 53 -24.42 21.13 -9.65
CA PHE H 53 -24.63 19.95 -8.81
C PHE H 53 -23.57 18.90 -9.06
N LEU H 54 -22.55 19.26 -9.84
CA LEU H 54 -21.47 18.34 -10.13
C LEU H 54 -20.17 19.04 -9.71
N ASN H 55 -19.67 18.70 -8.53
CA ASN H 55 -18.47 19.34 -8.03
C ASN H 55 -17.19 18.51 -8.09
N SER H 56 -17.27 17.28 -8.55
CA SER H 56 -16.08 16.45 -8.63
C SER H 56 -15.74 16.01 -10.05
N ASP H 57 -14.45 16.05 -10.37
CA ASP H 57 -13.95 15.67 -11.69
C ASP H 57 -14.51 14.33 -12.15
N GLY H 58 -14.75 13.43 -11.20
CA GLY H 58 -15.27 12.14 -11.58
C GLY H 58 -16.67 12.29 -12.10
N SER H 59 -17.50 13.03 -11.39
CA SER H 59 -18.87 13.26 -11.82
C SER H 59 -18.90 14.04 -13.12
N VAL H 60 -17.91 14.89 -13.31
CA VAL H 60 -17.85 15.71 -14.53
C VAL H 60 -17.42 14.87 -15.72
N ALA H 61 -16.33 14.13 -15.58
CA ALA H 61 -15.84 13.30 -16.66
C ALA H 61 -16.98 12.43 -17.18
N ILE H 62 -17.95 12.14 -16.32
CA ILE H 62 -19.06 11.30 -16.72
C ILE H 62 -20.19 12.05 -17.41
N HIS H 63 -20.74 13.06 -16.75
CA HIS H 63 -21.87 13.79 -17.30
C HIS H 63 -21.59 15.06 -18.09
N ALA H 64 -20.38 15.60 -17.99
CA ALA H 64 -20.08 16.82 -18.74
C ALA H 64 -20.33 16.61 -20.24
N GLY H 65 -21.08 17.55 -20.83
CA GLY H 65 -21.38 17.47 -22.25
C GLY H 65 -22.54 16.56 -22.61
N GLU H 66 -23.20 15.98 -21.61
CA GLU H 66 -24.31 15.08 -21.87
C GLU H 66 -25.51 15.28 -20.95
N ARG H 67 -25.30 15.13 -19.65
CA ARG H 67 -26.38 15.25 -18.67
C ARG H 67 -27.38 16.37 -18.84
N LEU H 68 -26.91 17.55 -19.22
CA LEU H 68 -27.81 18.69 -19.38
C LEU H 68 -28.33 18.94 -20.78
N GLY H 69 -27.89 18.13 -21.74
CA GLY H 69 -28.32 18.32 -23.11
C GLY H 69 -27.19 18.00 -24.06
N ARG H 70 -27.53 17.59 -25.28
CA ARG H 70 -26.49 17.22 -26.23
C ARG H 70 -26.44 17.97 -27.55
N GLY H 71 -27.57 18.50 -27.99
CA GLY H 71 -27.57 19.18 -29.27
C GLY H 71 -28.22 18.20 -30.23
N ILE H 72 -27.85 16.94 -30.09
CA ILE H 72 -28.43 15.88 -30.90
C ILE H 72 -29.44 15.27 -29.92
N VAL H 73 -30.64 15.83 -29.92
CA VAL H 73 -31.71 15.40 -29.02
C VAL H 73 -32.07 13.91 -29.00
N THR H 74 -32.12 13.36 -27.78
CA THR H 74 -32.48 11.96 -27.57
C THR H 74 -32.97 11.72 -26.15
N ASP H 75 -33.65 10.60 -25.97
CA ASP H 75 -34.14 10.21 -24.66
C ASP H 75 -33.28 9.01 -24.29
N ALA H 76 -32.16 8.88 -24.97
CA ALA H 76 -31.24 7.79 -24.71
C ALA H 76 -30.29 8.26 -23.61
N ILE H 77 -29.65 7.32 -22.93
CA ILE H 77 -28.72 7.66 -21.86
C ILE H 77 -27.38 8.08 -22.44
N THR H 78 -26.94 7.38 -23.49
CA THR H 78 -25.66 7.63 -24.13
C THR H 78 -25.72 8.50 -25.39
N THR H 79 -24.56 8.94 -25.84
CA THR H 79 -24.45 9.79 -27.04
C THR H 79 -24.50 8.93 -28.31
N PRO H 80 -25.30 9.34 -29.30
CA PRO H 80 -25.40 8.58 -30.55
C PRO H 80 -24.22 8.79 -31.50
N VAL H 81 -23.75 7.71 -32.12
CA VAL H 81 -22.65 7.81 -33.08
C VAL H 81 -23.27 8.25 -34.39
N VAL H 82 -22.91 9.44 -34.87
CA VAL H 82 -23.46 9.95 -36.12
C VAL H 82 -22.49 9.80 -37.28
N ASN H 83 -22.71 8.75 -38.08
CA ASN H 83 -21.86 8.43 -39.23
C ASN H 83 -22.34 9.12 -40.49
N THR H 84 -21.97 10.39 -40.67
CA THR H 84 -22.37 11.13 -41.85
C THR H 84 -21.19 11.96 -42.32
N SER H 85 -21.10 12.17 -43.64
CA SER H 85 -20.00 12.96 -44.20
C SER H 85 -20.49 14.35 -44.53
N ALA H 86 -21.80 14.53 -44.51
CA ALA H 86 -22.38 15.84 -44.80
C ALA H 86 -23.69 16.06 -44.05
N TYR H 87 -24.05 17.33 -43.87
CA TYR H 87 -25.28 17.69 -43.19
C TYR H 87 -26.11 18.46 -44.21
N PHE H 88 -27.41 18.22 -44.23
CA PHE H 88 -28.29 18.88 -45.18
C PHE H 88 -29.06 20.06 -44.61
N PHE H 89 -29.65 20.84 -45.52
CA PHE H 89 -30.44 22.01 -45.16
C PHE H 89 -31.83 21.84 -45.77
N ASN H 90 -32.85 22.33 -45.08
CA ASN H 90 -34.23 22.20 -45.54
C ASN H 90 -34.57 23.01 -46.77
N LYS H 91 -34.00 24.21 -46.88
CA LYS H 91 -34.23 25.07 -48.02
C LYS H 91 -33.11 26.07 -48.15
N THR H 92 -32.85 26.50 -49.37
CA THR H 92 -31.78 27.46 -49.61
C THR H 92 -31.83 28.58 -48.60
N SER H 93 -33.03 28.97 -48.21
CA SER H 93 -33.19 30.05 -47.25
C SER H 93 -32.39 29.80 -45.98
N GLU H 94 -32.58 28.64 -45.36
CA GLU H 94 -31.87 28.28 -44.15
C GLU H 94 -30.37 28.11 -44.36
N LEU H 95 -29.97 27.71 -45.56
CA LEU H 95 -28.54 27.56 -45.85
C LEU H 95 -27.88 28.94 -45.75
N ILE H 96 -28.58 29.95 -46.24
CA ILE H 96 -28.06 31.32 -46.21
C ILE H 96 -27.99 31.79 -44.77
N ASP H 97 -29.06 31.55 -44.01
CA ASP H 97 -29.10 31.94 -42.60
C ASP H 97 -27.82 31.48 -41.96
N PHE H 98 -27.57 30.18 -42.07
CA PHE H 98 -26.38 29.58 -41.51
C PHE H 98 -25.12 30.28 -42.04
N LYS H 99 -25.09 30.56 -43.34
CA LYS H 99 -23.95 31.23 -43.93
C LYS H 99 -23.76 32.64 -43.39
N GLU H 100 -24.84 33.23 -42.90
CA GLU H 100 -24.80 34.59 -42.34
C GLU H 100 -24.82 34.53 -40.82
N LYS H 101 -24.39 33.40 -40.29
CA LYS H 101 -24.32 33.17 -38.86
C LYS H 101 -25.64 33.40 -38.14
N ARG H 102 -26.74 33.06 -38.80
CA ARG H 102 -28.06 33.23 -38.19
C ARG H 102 -28.62 31.87 -37.81
N ARG H 103 -27.90 30.82 -38.21
CA ARG H 103 -28.28 29.44 -37.94
C ARG H 103 -26.99 28.65 -37.71
N ALA H 104 -27.12 27.50 -37.06
CA ALA H 104 -25.96 26.66 -36.77
C ALA H 104 -25.96 25.35 -37.55
N SER H 105 -24.78 24.94 -37.99
CA SER H 105 -24.63 23.70 -38.73
C SER H 105 -23.16 23.36 -38.89
N PHE H 106 -22.86 22.07 -38.97
CA PHE H 106 -21.49 21.63 -39.17
C PHE H 106 -21.21 21.70 -40.66
N GLU H 107 -22.29 21.66 -41.45
CA GLU H 107 -22.22 21.70 -42.90
C GLU H 107 -21.53 20.47 -43.49
N TYR H 108 -20.22 20.39 -43.34
CA TYR H 108 -19.44 19.27 -43.83
C TYR H 108 -18.75 18.52 -42.69
N GLY H 109 -18.54 17.23 -42.88
CA GLY H 109 -17.90 16.42 -41.85
C GLY H 109 -16.53 16.85 -41.38
N ARG H 110 -15.75 17.47 -42.26
CA ARG H 110 -14.40 17.92 -41.92
C ARG H 110 -14.46 19.10 -40.95
N TYR H 111 -15.66 19.66 -40.78
CA TYR H 111 -15.81 20.83 -39.93
C TYR H 111 -16.50 20.57 -38.61
N GLY H 112 -16.89 19.33 -38.36
CA GLY H 112 -17.55 19.04 -37.10
C GLY H 112 -18.48 17.85 -37.15
N ASN H 113 -19.00 17.46 -35.99
CA ASN H 113 -19.90 16.32 -35.90
C ASN H 113 -20.57 16.28 -34.52
N PRO H 114 -21.85 15.90 -34.49
CA PRO H 114 -22.62 15.82 -33.23
C PRO H 114 -22.01 14.95 -32.15
N THR H 115 -21.64 13.74 -32.51
CA THR H 115 -21.06 12.81 -31.54
C THR H 115 -19.64 13.21 -31.14
N THR H 116 -19.07 14.19 -31.80
CA THR H 116 -17.72 14.62 -31.45
C THR H 116 -17.69 15.88 -30.57
N VAL H 117 -18.61 16.81 -30.80
CA VAL H 117 -18.63 18.01 -29.97
C VAL H 117 -18.85 17.63 -28.52
N VAL H 118 -19.65 16.59 -28.28
CA VAL H 118 -19.88 16.15 -26.91
C VAL H 118 -18.54 15.92 -26.23
N LEU H 119 -17.68 15.11 -26.86
CA LEU H 119 -16.35 14.84 -26.30
C LEU H 119 -15.56 16.13 -26.16
N GLU H 120 -15.81 17.08 -27.06
CA GLU H 120 -15.11 18.36 -27.02
C GLU H 120 -15.52 19.14 -25.78
N GLU H 121 -16.82 19.18 -25.51
CA GLU H 121 -17.35 19.91 -24.37
C GLU H 121 -17.04 19.20 -23.07
N LYS H 122 -16.94 17.88 -23.13
CA LYS H 122 -16.64 17.08 -21.96
C LYS H 122 -15.23 17.40 -21.46
N ILE H 123 -14.25 17.34 -22.35
CA ILE H 123 -12.86 17.63 -21.99
C ILE H 123 -12.68 19.10 -21.60
N SER H 124 -13.37 20.00 -22.29
CA SER H 124 -13.27 21.41 -21.97
C SER H 124 -13.70 21.65 -20.52
N ALA H 125 -14.65 20.86 -20.04
CA ALA H 125 -15.14 20.98 -18.67
C ALA H 125 -14.06 20.56 -17.69
N LEU H 126 -13.51 19.37 -17.89
CA LEU H 126 -12.46 18.87 -17.01
C LEU H 126 -11.31 19.85 -16.88
N GLU H 127 -10.84 20.40 -18.00
CA GLU H 127 -9.73 21.35 -17.98
C GLU H 127 -10.18 22.76 -17.67
N GLY H 128 -11.49 22.95 -17.57
CA GLY H 128 -11.97 24.29 -17.29
C GLY H 128 -11.55 25.22 -18.42
N ALA H 129 -11.47 24.66 -19.63
CA ALA H 129 -11.07 25.42 -20.80
C ALA H 129 -12.27 26.12 -21.44
N GLU H 130 -11.99 27.10 -22.29
CA GLU H 130 -13.02 27.86 -22.98
C GLU H 130 -13.52 27.10 -24.20
N SER H 131 -12.64 26.27 -24.75
CA SER H 131 -12.97 25.48 -25.93
C SER H 131 -11.91 24.42 -26.14
N THR H 132 -12.32 23.29 -26.74
CA THR H 132 -11.40 22.18 -27.01
C THR H 132 -11.54 21.72 -28.46
N LEU H 133 -10.43 21.27 -29.06
CA LEU H 133 -10.43 20.80 -30.43
C LEU H 133 -9.90 19.36 -30.46
N LEU H 134 -10.64 18.44 -31.08
CA LEU H 134 -10.20 17.05 -31.16
C LEU H 134 -9.67 16.69 -32.55
N MET H 135 -8.58 15.93 -32.60
CA MET H 135 -7.95 15.54 -33.85
C MET H 135 -7.71 14.04 -34.00
N ALA H 136 -7.16 13.65 -35.15
CA ALA H 136 -6.90 12.24 -35.43
C ALA H 136 -5.90 11.60 -34.47
N SER H 137 -5.02 12.41 -33.89
CA SER H 137 -4.02 11.87 -32.98
C SER H 137 -3.26 12.93 -32.19
N GLY H 138 -2.43 12.48 -31.25
CA GLY H 138 -1.65 13.40 -30.45
C GLY H 138 -0.72 14.24 -31.30
N MET H 139 0.03 13.56 -32.18
CA MET H 139 0.98 14.19 -33.09
C MET H 139 0.26 15.14 -34.03
N CYS H 140 -1.00 14.85 -34.31
CA CYS H 140 -1.78 15.72 -35.19
C CYS H 140 -2.09 17.00 -34.43
N ALA H 141 -2.37 16.88 -33.14
CA ALA H 141 -2.69 18.04 -32.33
C ALA H 141 -1.47 18.94 -32.13
N SER H 142 -0.33 18.34 -31.81
CA SER H 142 0.88 19.11 -31.59
C SER H 142 1.28 19.86 -32.86
N THR H 143 1.30 19.11 -33.96
CA THR H 143 1.68 19.63 -35.26
C THR H 143 0.82 20.76 -35.84
N VAL H 144 -0.48 20.56 -35.88
CA VAL H 144 -1.38 21.60 -36.41
C VAL H 144 -1.27 22.86 -35.57
N MET H 145 -1.09 22.68 -34.27
CA MET H 145 -0.98 23.80 -33.35
C MET H 145 0.27 24.62 -33.59
N LEU H 146 1.41 23.94 -33.77
CA LEU H 146 2.65 24.64 -34.02
C LEU H 146 2.55 25.44 -35.31
N LEU H 147 2.03 24.79 -36.36
CA LEU H 147 1.87 25.39 -37.68
C LEU H 147 0.90 26.57 -37.68
N ALA H 148 -0.07 26.54 -36.78
CA ALA H 148 -1.06 27.60 -36.72
C ALA H 148 -0.70 28.79 -35.83
N LEU H 149 0.03 28.52 -34.74
CA LEU H 149 0.41 29.57 -33.79
C LEU H 149 1.79 30.20 -33.98
N VAL H 150 2.77 29.42 -34.45
CA VAL H 150 4.10 29.97 -34.66
C VAL H 150 4.24 30.51 -36.09
N PRO H 151 4.50 31.82 -36.24
CA PRO H 151 4.65 32.40 -37.57
C PRO H 151 5.93 31.96 -38.25
N ALA H 152 6.07 32.25 -39.54
CA ALA H 152 7.28 31.89 -40.24
C ALA H 152 8.33 32.88 -39.78
N GLY H 153 9.53 32.38 -39.50
CA GLY H 153 10.58 33.25 -39.03
C GLY H 153 10.53 33.40 -37.52
N GLY H 154 9.46 32.89 -36.91
CA GLY H 154 9.30 32.99 -35.47
C GLY H 154 10.22 32.07 -34.68
N HIS H 155 10.29 32.29 -33.37
CA HIS H 155 11.15 31.50 -32.49
C HIS H 155 10.33 30.61 -31.55
N ILE H 156 10.86 29.43 -31.25
CA ILE H 156 10.20 28.49 -30.35
C ILE H 156 11.19 28.05 -29.27
N VAL H 157 10.68 27.69 -28.10
CA VAL H 157 11.53 27.23 -27.01
C VAL H 157 10.96 25.98 -26.37
N THR H 158 11.78 24.93 -26.28
CA THR H 158 11.37 23.66 -25.66
C THR H 158 12.54 22.98 -24.95
N THR H 159 12.23 21.99 -24.13
CA THR H 159 13.24 21.27 -23.38
C THR H 159 13.94 20.20 -24.22
N THR H 160 14.99 19.62 -23.63
CA THR H 160 15.76 18.58 -24.29
C THR H 160 15.03 17.26 -24.21
N ASP H 161 14.00 17.22 -23.37
CA ASP H 161 13.22 16.01 -23.17
C ASP H 161 11.95 15.94 -24.01
N CYS H 162 11.85 16.87 -24.97
CA CYS H 162 10.72 16.96 -25.88
C CYS H 162 10.48 15.61 -26.58
N TYR H 163 9.21 15.25 -26.77
CA TYR H 163 8.86 13.99 -27.42
C TYR H 163 9.65 13.90 -28.72
N ARG H 164 10.36 12.80 -28.92
CA ARG H 164 11.18 12.61 -30.12
C ARG H 164 10.54 13.04 -31.43
N LYS H 165 9.47 12.36 -31.81
CA LYS H 165 8.79 12.70 -33.05
C LYS H 165 8.58 14.21 -33.16
N THR H 166 8.10 14.83 -32.09
CA THR H 166 7.87 16.28 -32.10
C THR H 166 9.17 17.06 -32.24
N ARG H 167 10.25 16.53 -31.69
CA ARG H 167 11.53 17.21 -31.79
C ARG H 167 11.91 17.23 -33.27
N ILE H 168 11.76 16.06 -33.91
CA ILE H 168 12.08 15.90 -35.32
C ILE H 168 11.28 16.87 -36.16
N PHE H 169 9.99 16.99 -35.87
CA PHE H 169 9.13 17.91 -36.60
C PHE H 169 9.62 19.35 -36.41
N ILE H 170 10.06 19.67 -35.19
CA ILE H 170 10.54 21.02 -34.88
C ILE H 170 11.91 21.30 -35.48
N GLU H 171 12.69 20.26 -35.72
CA GLU H 171 14.03 20.44 -36.25
C GLU H 171 14.22 20.17 -37.73
N THR H 172 13.19 19.64 -38.40
CA THR H 172 13.31 19.36 -39.82
C THR H 172 12.25 20.03 -40.68
N ILE H 173 11.03 20.15 -40.19
CA ILE H 173 9.96 20.77 -40.96
C ILE H 173 9.84 22.26 -40.69
N LEU H 174 9.66 22.60 -39.42
CA LEU H 174 9.51 24.01 -39.02
C LEU H 174 10.59 24.94 -39.56
N PRO H 175 11.85 24.46 -39.65
CA PRO H 175 12.89 25.36 -40.16
C PRO H 175 12.63 25.87 -41.58
N LYS H 176 11.96 25.07 -42.39
CA LYS H 176 11.64 25.46 -43.76
C LYS H 176 10.82 26.75 -43.75
N MET H 177 10.07 26.96 -42.68
CA MET H 177 9.25 28.16 -42.55
C MET H 177 10.10 29.23 -41.89
N GLY H 178 11.41 28.98 -41.88
CA GLY H 178 12.34 29.91 -41.27
C GLY H 178 12.13 29.99 -39.77
N ILE H 179 11.62 28.92 -39.18
CA ILE H 179 11.37 28.89 -37.75
C ILE H 179 12.53 28.25 -36.98
N THR H 180 13.16 29.04 -36.14
CA THR H 180 14.30 28.59 -35.35
C THR H 180 13.91 28.34 -33.86
N ALA H 181 14.51 27.31 -33.26
CA ALA H 181 14.20 26.94 -31.88
C ALA H 181 15.37 26.86 -30.89
N THR H 182 15.07 27.02 -29.60
CA THR H 182 16.06 26.97 -28.51
C THR H 182 15.73 25.81 -27.57
N VAL H 183 16.63 24.84 -27.46
CA VAL H 183 16.41 23.67 -26.62
C VAL H 183 17.12 23.75 -25.27
N ILE H 184 16.34 23.85 -24.20
CA ILE H 184 16.89 23.94 -22.84
C ILE H 184 16.60 22.68 -22.03
N ASP H 185 17.02 22.68 -20.76
CA ASP H 185 16.77 21.56 -19.87
C ASP H 185 15.42 21.81 -19.21
N PRO H 186 14.64 20.75 -18.97
CA PRO H 186 13.32 20.96 -18.35
C PRO H 186 13.40 21.83 -17.09
N ALA H 187 14.41 21.58 -16.27
CA ALA H 187 14.59 22.31 -15.02
C ALA H 187 15.22 23.70 -15.17
N ASP H 188 16.23 23.81 -16.03
CA ASP H 188 16.92 25.08 -16.24
C ASP H 188 16.04 26.29 -16.59
N VAL H 189 15.49 26.94 -15.57
CA VAL H 189 14.64 28.11 -15.79
C VAL H 189 15.50 29.31 -16.17
N GLY H 190 16.81 29.16 -16.01
CA GLY H 190 17.70 30.25 -16.35
C GLY H 190 17.85 30.34 -17.85
N ALA H 191 17.97 29.18 -18.50
CA ALA H 191 18.10 29.16 -19.95
C ALA H 191 16.81 29.71 -20.53
N LEU H 192 15.68 29.26 -20.00
CA LEU H 192 14.38 29.71 -20.47
C LEU H 192 14.25 31.23 -20.29
N GLU H 193 14.76 31.73 -19.17
CA GLU H 193 14.70 33.16 -18.89
C GLU H 193 15.57 33.99 -19.81
N LEU H 194 16.74 33.46 -20.15
CA LEU H 194 17.67 34.16 -21.04
C LEU H 194 17.13 34.30 -22.44
N ALA H 195 16.80 33.16 -23.07
CA ALA H 195 16.26 33.11 -24.42
C ALA H 195 15.03 33.99 -24.54
N LEU H 196 14.23 34.03 -23.48
CA LEU H 196 13.03 34.85 -23.45
C LEU H 196 13.46 36.30 -23.53
N ASN H 197 14.75 36.55 -23.37
CA ASN H 197 15.28 37.90 -23.39
C ASN H 197 16.06 38.30 -24.64
N GLN H 198 16.77 37.36 -25.25
CA GLN H 198 17.53 37.67 -26.46
C GLN H 198 16.59 37.62 -27.66
N LYS H 199 16.31 36.42 -28.16
CA LYS H 199 15.40 36.30 -29.29
C LYS H 199 13.99 36.55 -28.78
N LYS H 200 13.08 36.88 -29.69
CA LYS H 200 11.70 37.11 -29.30
C LYS H 200 10.99 35.77 -29.42
N VAL H 201 10.75 35.14 -28.27
CA VAL H 201 10.08 33.85 -28.25
C VAL H 201 8.60 34.01 -28.55
N ASN H 202 8.11 33.13 -29.43
CA ASN H 202 6.71 33.13 -29.84
C ASN H 202 5.89 32.18 -28.97
N LEU H 203 6.50 31.06 -28.61
CA LEU H 203 5.80 30.08 -27.79
C LEU H 203 6.78 29.12 -27.12
N PHE H 204 6.45 28.76 -25.88
CA PHE H 204 7.26 27.83 -25.11
C PHE H 204 6.40 26.57 -25.07
N PHE H 205 6.94 25.48 -25.60
CA PHE H 205 6.21 24.23 -25.62
C PHE H 205 6.94 23.15 -24.84
N THR H 206 6.24 22.54 -23.90
CA THR H 206 6.82 21.48 -23.10
C THR H 206 5.77 20.59 -22.50
N GLU H 207 6.16 19.35 -22.24
CA GLU H 207 5.29 18.37 -21.65
C GLU H 207 5.67 18.36 -20.16
N SER H 208 4.77 17.86 -19.30
CA SER H 208 5.03 17.82 -17.87
C SER H 208 3.93 17.01 -17.16
N PRO H 209 4.29 15.84 -16.63
CA PRO H 209 5.62 15.23 -16.65
C PRO H 209 6.17 15.03 -18.05
N THR H 210 7.46 14.73 -18.13
CA THR H 210 8.19 14.52 -19.37
C THR H 210 8.42 13.04 -19.66
N ASN H 211 8.80 12.71 -20.88
CA ASN H 211 9.06 11.31 -21.23
C ASN H 211 10.54 11.13 -21.54
N PRO H 212 11.17 10.06 -21.02
CA PRO H 212 10.64 9.00 -20.16
C PRO H 212 11.01 9.21 -18.68
N PHE H 213 11.79 10.25 -18.41
CA PHE H 213 12.25 10.54 -17.06
C PHE H 213 11.28 11.33 -16.18
N LEU H 214 10.10 11.59 -16.72
CA LEU H 214 9.05 12.29 -15.98
C LEU H 214 9.46 13.62 -15.31
N ARG H 215 10.34 14.37 -15.96
CA ARG H 215 10.76 15.65 -15.40
C ARG H 215 9.56 16.57 -15.39
N CYS H 216 9.46 17.43 -14.37
CA CYS H 216 8.33 18.35 -14.28
C CYS H 216 8.76 19.80 -14.40
N VAL H 217 7.83 20.63 -14.88
CA VAL H 217 8.09 22.05 -15.09
C VAL H 217 7.12 22.85 -14.21
N ASP H 218 7.59 23.95 -13.63
CA ASP H 218 6.74 24.78 -12.80
C ASP H 218 5.84 25.61 -13.73
N ILE H 219 4.72 25.03 -14.13
CA ILE H 219 3.79 25.71 -15.02
C ILE H 219 3.52 27.15 -14.61
N GLU H 220 3.26 27.37 -13.33
CA GLU H 220 2.96 28.71 -12.85
C GLU H 220 4.10 29.70 -13.00
N LEU H 221 5.31 29.28 -12.65
CA LEU H 221 6.47 30.15 -12.75
C LEU H 221 6.79 30.40 -14.20
N VAL H 222 6.97 29.31 -14.93
CA VAL H 222 7.27 29.36 -16.34
C VAL H 222 6.25 30.20 -17.10
N SER H 223 4.97 30.09 -16.71
CA SER H 223 3.90 30.84 -17.37
C SER H 223 4.07 32.33 -17.14
N LYS H 224 4.50 32.70 -15.93
CA LYS H 224 4.70 34.09 -15.58
C LYS H 224 5.79 34.75 -16.40
N LEU H 225 6.95 34.09 -16.50
CA LEU H 225 8.07 34.62 -17.25
C LEU H 225 7.72 34.87 -18.71
N CYS H 226 7.21 33.83 -19.37
CA CYS H 226 6.83 33.91 -20.77
C CYS H 226 5.86 35.04 -21.04
N HIS H 227 4.73 35.03 -20.35
CA HIS H 227 3.74 36.07 -20.55
C HIS H 227 4.32 37.45 -20.33
N GLU H 228 5.39 37.53 -19.56
CA GLU H 228 6.03 38.81 -19.29
C GLU H 228 6.66 39.34 -20.56
N LYS H 229 7.25 38.42 -21.31
CA LYS H 229 7.90 38.74 -22.58
C LYS H 229 6.98 38.43 -23.76
N GLY H 230 5.68 38.31 -23.49
CA GLY H 230 4.72 38.04 -24.53
C GLY H 230 4.65 36.64 -25.13
N ALA H 231 5.50 35.73 -24.65
CA ALA H 231 5.49 34.38 -25.19
C ALA H 231 4.23 33.62 -24.77
N LEU H 232 3.90 32.58 -25.53
CA LEU H 232 2.73 31.74 -25.26
C LEU H 232 3.22 30.48 -24.58
N VAL H 233 2.39 29.90 -23.74
CA VAL H 233 2.77 28.69 -23.02
C VAL H 233 1.81 27.55 -23.32
N CYS H 234 2.34 26.44 -23.81
CA CYS H 234 1.55 25.26 -24.12
C CYS H 234 2.14 24.06 -23.38
N ILE H 235 1.30 23.40 -22.58
CA ILE H 235 1.74 22.25 -21.80
C ILE H 235 1.06 20.97 -22.24
N ASP H 236 1.87 19.94 -22.49
CA ASP H 236 1.36 18.65 -22.90
C ASP H 236 1.16 17.81 -21.65
N GLY H 237 -0.08 17.79 -21.14
CA GLY H 237 -0.36 17.03 -19.92
C GLY H 237 -0.63 15.57 -20.12
N THR H 238 -0.16 14.99 -21.22
CA THR H 238 -0.42 13.57 -21.49
C THR H 238 -0.21 12.64 -20.30
N PHE H 239 0.97 12.70 -19.69
CA PHE H 239 1.28 11.83 -18.55
C PHE H 239 0.53 12.21 -17.27
N ALA H 240 0.22 13.49 -17.15
CA ALA H 240 -0.48 14.00 -15.98
C ALA H 240 -1.95 13.61 -15.95
N THR H 241 -2.68 14.05 -16.97
CA THR H 241 -4.13 13.80 -17.10
C THR H 241 -4.83 15.04 -16.56
N PRO H 242 -6.02 15.37 -17.08
CA PRO H 242 -6.68 16.57 -16.55
C PRO H 242 -7.18 16.37 -15.10
N LEU H 243 -6.85 15.23 -14.50
CA LEU H 243 -7.26 14.90 -13.13
C LEU H 243 -6.13 15.12 -12.12
N ASN H 244 -4.90 14.86 -12.52
CA ASN H 244 -3.78 15.05 -11.63
C ASN H 244 -3.24 16.47 -11.64
N GLN H 245 -3.70 17.30 -12.57
CA GLN H 245 -3.24 18.69 -12.65
C GLN H 245 -4.08 19.53 -13.61
N LYS H 246 -4.08 20.84 -13.39
CA LYS H 246 -4.85 21.77 -14.24
C LYS H 246 -3.94 22.83 -14.87
N ALA H 247 -3.18 22.43 -15.88
CA ALA H 247 -2.25 23.31 -16.56
C ALA H 247 -2.83 24.66 -16.89
N LEU H 248 -4.13 24.69 -17.19
CA LEU H 248 -4.77 25.95 -17.53
C LEU H 248 -4.89 26.84 -16.31
N ALA H 249 -5.25 26.22 -15.18
CA ALA H 249 -5.40 26.94 -13.92
C ALA H 249 -4.06 27.52 -13.47
N LEU H 250 -3.00 26.73 -13.65
CA LEU H 250 -1.67 27.17 -13.24
C LEU H 250 -1.11 28.27 -14.13
N GLY H 251 -1.84 28.63 -15.18
CA GLY H 251 -1.36 29.70 -16.04
C GLY H 251 -1.12 29.43 -17.52
N ALA H 252 -0.87 28.18 -17.90
CA ALA H 252 -0.61 27.84 -19.30
C ALA H 252 -1.75 28.31 -20.21
N ASP H 253 -1.40 28.77 -21.41
CA ASP H 253 -2.41 29.25 -22.36
C ASP H 253 -3.15 28.08 -23.00
N LEU H 254 -2.41 27.03 -23.33
CA LEU H 254 -2.98 25.86 -23.96
C LEU H 254 -2.45 24.58 -23.31
N VAL H 255 -3.34 23.60 -23.18
CA VAL H 255 -2.95 22.30 -22.62
C VAL H 255 -3.40 21.29 -23.66
N LEU H 256 -2.49 20.41 -24.07
CA LEU H 256 -2.84 19.42 -25.07
C LEU H 256 -2.55 18.02 -24.57
N HIS H 257 -3.33 17.06 -25.05
CA HIS H 257 -3.18 15.68 -24.64
C HIS H 257 -3.15 14.74 -25.82
N SER H 258 -2.73 13.51 -25.57
CA SER H 258 -2.73 12.48 -26.59
C SER H 258 -3.76 11.48 -26.05
N ALA H 259 -5.04 11.74 -26.33
CA ALA H 259 -6.11 10.88 -25.84
C ALA H 259 -5.89 9.41 -26.12
N THR H 260 -4.88 9.09 -26.92
CA THR H 260 -4.56 7.70 -27.26
C THR H 260 -4.13 6.93 -26.02
N LYS H 261 -3.65 7.66 -25.01
CA LYS H 261 -3.16 7.05 -23.77
C LYS H 261 -4.18 6.89 -22.63
N PHE H 262 -4.17 7.83 -21.68
CA PHE H 262 -5.06 7.77 -20.52
C PHE H 262 -6.53 8.10 -20.76
N LEU H 263 -6.80 9.18 -21.48
CA LEU H 263 -8.19 9.54 -21.74
C LEU H 263 -9.00 8.38 -22.31
N GLY H 264 -8.53 7.79 -23.41
CA GLY H 264 -9.22 6.65 -23.99
C GLY H 264 -9.12 5.50 -23.01
N GLY H 265 -7.90 5.31 -22.50
CA GLY H 265 -7.63 4.27 -21.51
C GLY H 265 -7.77 2.80 -21.82
N HIS H 266 -8.10 2.43 -23.05
CA HIS H 266 -8.26 1.02 -23.35
C HIS H 266 -7.36 0.49 -24.46
N ASN H 267 -6.36 1.28 -24.86
CA ASN H 267 -5.42 0.89 -25.91
C ASN H 267 -6.09 0.50 -27.22
N ASP H 268 -7.23 1.11 -27.53
CA ASP H 268 -7.95 0.76 -28.75
C ASP H 268 -8.41 1.94 -29.60
N VAL H 269 -7.66 3.04 -29.56
CA VAL H 269 -8.01 4.21 -30.37
C VAL H 269 -7.01 5.36 -30.22
N LEU H 270 -6.68 6.03 -31.32
CA LEU H 270 -5.77 7.17 -31.28
C LEU H 270 -6.58 8.46 -31.33
N ALA H 271 -6.02 9.55 -30.81
CA ALA H 271 -6.71 10.83 -30.80
C ALA H 271 -5.83 11.91 -30.20
N GLY H 272 -6.05 13.15 -30.61
CA GLY H 272 -5.27 14.26 -30.10
C GLY H 272 -6.21 15.17 -29.34
N CYS H 273 -5.65 16.12 -28.60
CA CYS H 273 -6.43 17.02 -27.77
C CYS H 273 -5.77 18.39 -27.61
N ILE H 274 -6.56 19.45 -27.67
CA ILE H 274 -6.04 20.79 -27.46
C ILE H 274 -7.13 21.66 -26.87
N SER H 275 -6.96 22.05 -25.62
CA SER H 275 -7.95 22.88 -24.94
C SER H 275 -7.34 24.22 -24.61
N GLY H 276 -8.19 25.23 -24.51
CA GLY H 276 -7.73 26.56 -24.20
C GLY H 276 -8.82 27.59 -24.48
N PRO H 277 -8.45 28.87 -24.60
CA PRO H 277 -9.42 29.93 -24.88
C PRO H 277 -9.88 29.89 -26.33
N LEU H 278 -11.11 30.32 -26.56
CA LEU H 278 -11.67 30.35 -27.90
C LEU H 278 -10.75 31.07 -28.87
N LYS H 279 -10.39 32.29 -28.52
CA LYS H 279 -9.52 33.11 -29.37
C LYS H 279 -8.30 32.37 -29.89
N LEU H 280 -7.75 31.49 -29.07
CA LEU H 280 -6.57 30.73 -29.47
C LEU H 280 -6.89 29.42 -30.16
N VAL H 281 -7.70 28.60 -29.51
CA VAL H 281 -8.06 27.29 -30.04
C VAL H 281 -8.80 27.37 -31.40
N SER H 282 -9.50 28.47 -31.65
CA SER H 282 -10.23 28.61 -32.91
C SER H 282 -9.27 28.90 -34.07
N GLU H 283 -8.12 29.48 -33.76
CA GLU H 283 -7.12 29.77 -34.78
C GLU H 283 -6.53 28.46 -35.28
N ILE H 284 -6.47 27.46 -34.40
CA ILE H 284 -5.94 26.16 -34.76
C ILE H 284 -7.03 25.37 -35.47
N ARG H 285 -8.25 25.53 -34.99
CA ARG H 285 -9.40 24.86 -35.56
C ARG H 285 -9.48 25.19 -37.04
N ASN H 286 -9.15 26.42 -37.39
CA ASN H 286 -9.19 26.84 -38.78
C ASN H 286 -8.21 26.05 -39.62
N LEU H 287 -6.94 26.09 -39.27
CA LEU H 287 -5.92 25.36 -40.03
C LEU H 287 -6.27 23.88 -40.06
N HIS H 288 -7.07 23.46 -39.08
CA HIS H 288 -7.48 22.07 -38.97
C HIS H 288 -8.47 21.74 -40.09
N HIS H 289 -9.34 22.69 -40.40
CA HIS H 289 -10.34 22.49 -41.45
C HIS H 289 -9.70 22.40 -42.84
N ILE H 290 -8.45 22.80 -42.96
CA ILE H 290 -7.75 22.76 -44.24
C ILE H 290 -6.86 21.52 -44.31
N LEU H 291 -6.14 21.23 -43.23
CA LEU H 291 -5.27 20.06 -43.21
C LEU H 291 -6.11 18.79 -43.02
N GLY H 292 -7.35 18.99 -42.56
CA GLY H 292 -8.30 17.91 -42.35
C GLY H 292 -7.86 16.60 -41.73
N GLY H 293 -7.37 16.63 -40.51
CA GLY H 293 -6.97 15.40 -39.83
C GLY H 293 -8.07 15.07 -38.84
N ALA H 294 -9.31 15.17 -39.33
CA ALA H 294 -10.50 14.94 -38.52
C ALA H 294 -10.53 13.64 -37.75
N LEU H 295 -11.36 13.60 -36.71
CA LEU H 295 -11.52 12.41 -35.89
C LEU H 295 -12.84 11.71 -36.24
N ASN H 296 -12.79 10.40 -36.45
CA ASN H 296 -13.98 9.63 -36.81
C ASN H 296 -14.91 9.51 -35.63
N PRO H 297 -16.22 9.63 -35.86
CA PRO H 297 -17.23 9.54 -34.79
C PRO H 297 -17.13 8.28 -33.93
N ASN H 298 -16.71 7.19 -34.55
CA ASN H 298 -16.56 5.92 -33.83
C ASN H 298 -15.42 6.04 -32.85
N ALA H 299 -14.43 6.86 -33.19
CA ALA H 299 -13.30 7.06 -32.30
C ALA H 299 -13.77 7.94 -31.17
N ALA H 300 -14.45 9.03 -31.51
CA ALA H 300 -14.94 9.94 -30.50
C ALA H 300 -15.79 9.19 -29.47
N TYR H 301 -16.56 8.20 -29.92
CA TYR H 301 -17.40 7.46 -28.98
C TYR H 301 -16.59 6.54 -28.08
N LEU H 302 -15.60 5.85 -28.64
CA LEU H 302 -14.79 4.94 -27.85
C LEU H 302 -14.06 5.71 -26.74
N ILE H 303 -13.81 6.99 -26.98
CA ILE H 303 -13.14 7.80 -25.98
C ILE H 303 -14.16 8.29 -24.97
N ILE H 304 -15.27 8.82 -25.47
CA ILE H 304 -16.33 9.28 -24.58
C ILE H 304 -16.62 8.18 -23.57
N ARG H 305 -16.77 6.95 -24.07
CA ARG H 305 -17.05 5.78 -23.25
C ARG H 305 -15.90 5.51 -22.29
N GLY H 306 -14.68 5.62 -22.80
CA GLY H 306 -13.50 5.38 -21.98
C GLY H 306 -13.35 6.38 -20.86
N MET H 307 -13.92 7.57 -21.03
CA MET H 307 -13.84 8.60 -20.00
C MET H 307 -14.87 8.47 -18.90
N LYS H 308 -15.77 7.49 -19.01
CA LYS H 308 -16.77 7.30 -17.96
C LYS H 308 -16.13 6.69 -16.72
N THR H 309 -14.89 6.23 -16.85
CA THR H 309 -14.17 5.64 -15.74
C THR H 309 -12.74 6.22 -15.65
N LEU H 310 -12.58 7.43 -16.18
CA LEU H 310 -11.28 8.07 -16.16
C LEU H 310 -10.79 8.16 -14.72
N HIS H 311 -11.65 8.66 -13.83
CA HIS H 311 -11.29 8.81 -12.42
C HIS H 311 -10.98 7.48 -11.73
N LEU H 312 -11.81 6.47 -11.92
CA LEU H 312 -11.54 5.18 -11.30
C LEU H 312 -10.22 4.60 -11.80
N ARG H 313 -9.93 4.79 -13.08
CA ARG H 313 -8.71 4.25 -13.64
C ARG H 313 -7.46 4.98 -13.16
N VAL H 314 -7.45 6.30 -13.31
CA VAL H 314 -6.30 7.10 -12.89
C VAL H 314 -5.94 6.86 -11.42
N GLN H 315 -6.93 6.73 -10.55
CA GLN H 315 -6.67 6.50 -9.12
C GLN H 315 -5.86 5.21 -8.94
N GLN H 316 -6.39 4.11 -9.42
CA GLN H 316 -5.70 2.85 -9.30
C GLN H 316 -4.31 2.94 -9.87
N GLN H 317 -4.14 3.76 -10.88
CA GLN H 317 -2.83 3.88 -11.52
C GLN H 317 -1.89 4.76 -10.73
N ASN H 318 -2.41 5.78 -10.06
CA ASN H 318 -1.58 6.67 -9.28
C ASN H 318 -1.02 5.91 -8.08
N SER H 319 -1.86 5.09 -7.45
CA SER H 319 -1.47 4.31 -6.29
C SER H 319 -0.50 3.21 -6.65
N THR H 320 -0.93 2.31 -7.53
CA THR H 320 -0.09 1.20 -7.98
C THR H 320 1.28 1.70 -8.39
N ALA H 321 1.35 2.90 -8.96
CA ALA H 321 2.63 3.46 -9.37
C ALA H 321 3.43 3.79 -8.14
N LEU H 322 3.02 4.85 -7.45
CA LEU H 322 3.69 5.29 -6.25
C LEU H 322 4.25 4.14 -5.41
N ARG H 323 3.38 3.25 -4.98
CA ARG H 323 3.83 2.13 -4.15
C ARG H 323 4.96 1.39 -4.83
N MET H 324 4.79 1.03 -6.10
CA MET H 324 5.82 0.29 -6.82
C MET H 324 7.06 1.13 -7.10
N ALA H 325 6.91 2.46 -7.12
CA ALA H 325 8.07 3.30 -7.36
C ALA H 325 8.99 3.12 -6.15
N GLU H 326 8.39 2.94 -4.98
CA GLU H 326 9.13 2.74 -3.73
C GLU H 326 9.72 1.33 -3.65
N ILE H 327 8.88 0.33 -3.82
CA ILE H 327 9.32 -1.05 -3.77
C ILE H 327 10.54 -1.22 -4.67
N LEU H 328 10.51 -0.58 -5.83
CA LEU H 328 11.57 -0.66 -6.83
C LEU H 328 12.83 0.12 -6.48
N GLU H 329 12.68 1.28 -5.85
CA GLU H 329 13.84 2.09 -5.50
C GLU H 329 14.73 1.43 -4.47
N ALA H 330 14.12 0.69 -3.57
CA ALA H 330 14.84 0.00 -2.51
C ALA H 330 14.99 -1.47 -2.87
N HIS H 331 15.42 -1.73 -4.10
CA HIS H 331 15.60 -3.10 -4.56
C HIS H 331 17.03 -3.30 -5.05
N PRO H 332 17.73 -4.31 -4.51
CA PRO H 332 19.11 -4.60 -4.88
C PRO H 332 19.43 -4.55 -6.37
N LYS H 333 18.47 -4.92 -7.21
CA LYS H 333 18.71 -4.93 -8.66
C LYS H 333 18.41 -3.66 -9.45
N VAL H 334 17.68 -2.72 -8.87
CA VAL H 334 17.34 -1.48 -9.56
C VAL H 334 18.35 -0.38 -9.23
N ARG H 335 19.11 0.05 -10.23
CA ARG H 335 20.11 1.09 -10.04
C ARG H 335 19.53 2.50 -9.84
N HIS H 336 18.35 2.76 -10.38
CA HIS H 336 17.70 4.08 -10.22
C HIS H 336 16.22 4.06 -10.59
N VAL H 337 15.44 4.97 -10.01
CA VAL H 337 14.01 5.03 -10.27
C VAL H 337 13.50 6.47 -10.43
N TYR H 338 12.84 6.72 -11.55
CA TYR H 338 12.28 8.04 -11.85
C TYR H 338 10.76 8.04 -11.64
N TYR H 339 10.28 8.96 -10.81
CA TYR H 339 8.86 9.08 -10.51
C TYR H 339 8.65 10.36 -9.69
N PRO H 340 7.81 11.29 -10.16
CA PRO H 340 7.59 12.52 -9.40
C PRO H 340 7.12 12.33 -7.95
N GLY H 341 6.63 11.12 -7.64
CA GLY H 341 6.18 10.86 -6.28
C GLY H 341 7.35 10.64 -5.33
N LEU H 342 8.32 9.84 -5.76
CA LEU H 342 9.50 9.58 -4.95
C LEU H 342 10.15 10.91 -4.57
N GLN H 343 10.77 10.95 -3.40
CA GLN H 343 11.42 12.16 -2.92
C GLN H 343 12.76 12.36 -3.60
N SER H 344 13.21 11.32 -4.30
CA SER H 344 14.48 11.35 -5.02
C SER H 344 14.41 12.13 -6.35
N HIS H 345 13.19 12.38 -6.83
CA HIS H 345 13.01 13.10 -8.08
C HIS H 345 13.46 14.55 -7.93
N PRO H 346 14.14 15.09 -8.95
CA PRO H 346 14.64 16.47 -8.93
C PRO H 346 13.58 17.55 -8.73
N GLU H 347 12.40 17.34 -9.28
CA GLU H 347 11.35 18.34 -9.14
C GLU H 347 10.16 17.74 -8.40
N HIS H 348 10.46 16.81 -7.51
CA HIS H 348 9.42 16.16 -6.73
C HIS H 348 8.71 17.19 -5.87
N HIS H 349 9.34 18.34 -5.64
CA HIS H 349 8.72 19.39 -4.83
C HIS H 349 7.78 20.23 -5.67
N ILE H 350 8.07 20.32 -6.96
CA ILE H 350 7.25 21.07 -7.89
C ILE H 350 5.98 20.27 -8.12
N ALA H 351 6.16 18.96 -8.33
CA ALA H 351 5.06 18.05 -8.58
C ALA H 351 4.14 17.87 -7.39
N LYS H 352 4.47 18.51 -6.27
CA LYS H 352 3.63 18.38 -5.07
C LYS H 352 2.80 19.63 -4.84
N LYS H 353 3.16 20.70 -5.52
CA LYS H 353 2.44 21.96 -5.37
C LYS H 353 1.50 22.20 -6.53
N GLN H 354 1.61 21.40 -7.58
CA GLN H 354 0.76 21.58 -8.75
C GLN H 354 0.06 20.30 -9.19
N MET H 355 0.67 19.16 -8.87
CA MET H 355 0.09 17.87 -9.22
C MET H 355 -0.61 17.35 -7.99
N THR H 356 -1.64 16.52 -8.17
CA THR H 356 -2.37 15.97 -7.03
C THR H 356 -2.22 14.46 -7.05
N GLY H 357 -1.68 13.97 -8.15
CA GLY H 357 -1.43 12.55 -8.33
C GLY H 357 -0.16 12.50 -9.12
N PHE H 358 0.43 11.32 -9.29
CA PHE H 358 1.68 11.28 -10.02
C PHE H 358 1.72 10.42 -11.29
N GLY H 359 0.56 9.95 -11.74
CA GLY H 359 0.50 9.16 -12.95
C GLY H 359 0.70 7.68 -12.76
N GLY H 360 0.57 6.93 -13.85
CA GLY H 360 0.74 5.49 -13.77
C GLY H 360 2.00 4.98 -14.45
N ALA H 361 2.86 5.91 -14.86
CA ALA H 361 4.10 5.56 -15.54
C ALA H 361 5.31 5.69 -14.63
N VAL H 362 6.16 4.67 -14.64
CA VAL H 362 7.37 4.66 -13.83
C VAL H 362 8.55 4.18 -14.67
N SER H 363 9.62 4.95 -14.70
CA SER H 363 10.81 4.57 -15.45
C SER H 363 11.93 4.29 -14.44
N PHE H 364 12.66 3.20 -14.64
CA PHE H 364 13.75 2.83 -13.75
C PHE H 364 14.86 2.11 -14.49
N GLU H 365 16.07 2.17 -13.94
CA GLU H 365 17.22 1.51 -14.58
C GLU H 365 17.59 0.24 -13.84
N VAL H 366 17.68 -0.86 -14.56
CA VAL H 366 18.04 -2.12 -13.94
C VAL H 366 19.56 -2.17 -13.79
N ASP H 367 20.03 -3.01 -12.89
CA ASP H 367 21.45 -3.17 -12.67
C ASP H 367 21.94 -4.23 -13.64
N GLY H 368 22.23 -3.82 -14.87
CA GLY H 368 22.72 -4.74 -15.88
C GLY H 368 23.03 -4.03 -17.18
N ASP H 369 22.93 -4.75 -18.29
CA ASP H 369 23.19 -4.19 -19.61
C ASP H 369 22.03 -4.46 -20.55
N LEU H 370 22.13 -3.97 -21.78
CA LEU H 370 21.09 -4.18 -22.77
C LEU H 370 20.52 -5.59 -22.65
N LEU H 371 21.40 -6.57 -22.68
CA LEU H 371 21.02 -7.98 -22.62
C LEU H 371 20.37 -8.42 -21.31
N THR H 372 20.95 -8.02 -20.18
CA THR H 372 20.40 -8.39 -18.88
C THR H 372 19.06 -7.72 -18.66
N THR H 373 19.01 -6.42 -18.91
CA THR H 373 17.77 -5.66 -18.76
C THR H 373 16.72 -6.34 -19.60
N ALA H 374 17.10 -6.74 -20.81
CA ALA H 374 16.19 -7.43 -21.72
C ALA H 374 15.66 -8.70 -21.09
N LYS H 375 16.55 -9.47 -20.45
CA LYS H 375 16.18 -10.71 -19.80
C LYS H 375 15.11 -10.46 -18.75
N PHE H 376 15.19 -9.30 -18.11
CA PHE H 376 14.21 -8.95 -17.10
C PHE H 376 12.83 -8.78 -17.74
N VAL H 377 12.71 -7.82 -18.67
CA VAL H 377 11.43 -7.56 -19.33
C VAL H 377 10.87 -8.81 -20.01
N ASP H 378 11.76 -9.67 -20.50
CA ASP H 378 11.32 -10.89 -21.15
C ASP H 378 10.73 -11.83 -20.11
N ALA H 379 11.14 -11.64 -18.85
CA ALA H 379 10.66 -12.48 -17.76
C ALA H 379 9.27 -12.12 -17.26
N LEU H 380 8.90 -10.84 -17.38
CA LEU H 380 7.58 -10.39 -16.94
C LEU H 380 6.49 -11.22 -17.63
N LYS H 381 5.33 -11.35 -17.01
CA LYS H 381 4.26 -12.17 -17.58
C LYS H 381 2.94 -11.47 -17.84
N ILE H 382 2.72 -10.33 -17.22
CA ILE H 382 1.47 -9.60 -17.38
C ILE H 382 1.50 -8.47 -18.41
N PRO H 383 2.53 -7.62 -18.35
CA PRO H 383 2.56 -6.52 -19.32
C PRO H 383 2.97 -6.95 -20.73
N TYR H 384 2.54 -6.18 -21.72
CA TYR H 384 2.87 -6.49 -23.11
C TYR H 384 4.12 -5.69 -23.44
N ILE H 385 5.03 -6.27 -24.21
CA ILE H 385 6.23 -5.53 -24.61
C ILE H 385 5.73 -4.72 -25.81
N ALA H 386 5.51 -3.43 -25.61
CA ALA H 386 5.01 -2.62 -26.70
C ALA H 386 5.07 -1.14 -26.38
N PRO H 387 4.81 -0.28 -27.39
CA PRO H 387 4.84 1.16 -27.18
C PRO H 387 3.53 1.65 -26.54
N SER H 388 3.42 2.95 -26.31
CA SER H 388 2.23 3.55 -25.70
C SER H 388 2.10 3.24 -24.21
N PHE H 389 1.09 3.84 -23.59
CA PHE H 389 0.85 3.67 -22.16
C PHE H 389 -0.46 4.32 -21.74
N GLY H 390 -0.85 4.09 -20.50
CA GLY H 390 -2.06 4.69 -19.98
C GLY H 390 -3.33 3.87 -20.01
N GLY H 391 -3.25 2.63 -20.51
CA GLY H 391 -4.45 1.83 -20.58
C GLY H 391 -4.56 0.75 -19.53
N CYS H 392 -5.73 0.13 -19.47
CA CYS H 392 -5.98 -0.93 -18.51
C CYS H 392 -4.97 -2.06 -18.56
N GLU H 393 -4.38 -2.31 -19.72
CA GLU H 393 -3.39 -3.38 -19.81
C GLU H 393 -2.01 -2.80 -19.51
N SER H 394 -1.19 -3.54 -18.79
CA SER H 394 0.14 -3.03 -18.47
C SER H 394 1.07 -3.23 -19.65
N ILE H 395 2.01 -2.30 -19.80
CA ILE H 395 2.96 -2.33 -20.91
C ILE H 395 4.39 -1.98 -20.47
N VAL H 396 5.38 -2.69 -21.03
CA VAL H 396 6.79 -2.46 -20.74
C VAL H 396 7.54 -2.24 -22.03
N ASP H 397 8.65 -1.53 -21.97
CA ASP H 397 9.46 -1.29 -23.16
C ASP H 397 10.80 -0.71 -22.75
N GLN H 398 11.81 -0.92 -23.60
CA GLN H 398 13.16 -0.41 -23.36
C GLN H 398 13.38 0.75 -24.33
N PRO H 399 13.10 1.98 -23.89
CA PRO H 399 13.27 3.14 -24.77
C PRO H 399 14.49 3.11 -25.70
N ALA H 400 15.55 2.44 -25.28
CA ALA H 400 16.77 2.34 -26.09
C ALA H 400 16.55 1.50 -27.35
N ILE H 401 15.84 0.40 -27.19
CA ILE H 401 15.56 -0.50 -28.31
C ILE H 401 14.29 -0.09 -29.05
N MET H 402 13.30 0.36 -28.31
CA MET H 402 12.02 0.74 -28.90
C MET H 402 11.95 2.08 -29.58
N SER H 403 12.88 2.99 -29.30
CA SER H 403 12.79 4.30 -29.93
C SER H 403 14.09 5.00 -30.24
N TYR H 404 15.22 4.35 -30.01
CA TYR H 404 16.48 4.98 -30.30
C TYR H 404 17.45 3.98 -30.88
N TRP H 405 16.93 2.82 -31.26
CA TRP H 405 17.76 1.78 -31.85
C TRP H 405 18.40 2.25 -33.14
N ASP H 406 17.84 3.31 -33.71
CA ASP H 406 18.34 3.87 -34.94
C ASP H 406 19.62 4.68 -34.70
N LEU H 407 19.87 5.04 -33.45
CA LEU H 407 21.06 5.81 -33.09
C LEU H 407 22.17 4.93 -32.55
N SER H 408 23.38 5.47 -32.56
CA SER H 408 24.55 4.74 -32.06
C SER H 408 24.54 4.82 -30.54
N GLN H 409 25.04 3.78 -29.88
CA GLN H 409 25.09 3.76 -28.43
C GLN H 409 25.55 5.10 -27.88
N SER H 410 26.50 5.72 -28.56
CA SER H 410 27.05 7.00 -28.13
C SER H 410 26.06 8.13 -28.34
N ASP H 411 25.28 8.04 -29.41
CA ASP H 411 24.28 9.05 -29.70
C ASP H 411 23.08 8.91 -28.78
N ARG H 412 22.79 7.67 -28.38
CA ARG H 412 21.67 7.40 -27.50
C ARG H 412 22.00 7.98 -26.14
N ALA H 413 23.13 7.56 -25.60
CA ALA H 413 23.59 8.04 -24.31
C ALA H 413 23.78 9.54 -24.39
N LYS H 414 23.90 10.05 -25.61
CA LYS H 414 24.09 11.47 -25.82
C LYS H 414 22.88 12.22 -25.30
N TYR H 415 21.84 11.49 -24.94
CA TYR H 415 20.64 12.12 -24.40
C TYR H 415 19.89 11.29 -23.37
N GLY H 416 20.64 10.81 -22.38
CA GLY H 416 20.09 10.05 -21.28
C GLY H 416 19.59 8.64 -21.48
N ILE H 417 19.31 8.25 -22.72
CA ILE H 417 18.82 6.90 -22.95
C ILE H 417 19.89 5.84 -22.82
N MET H 418 19.70 4.93 -21.87
CA MET H 418 20.64 3.84 -21.62
C MET H 418 19.99 2.49 -21.87
N ASP H 419 20.82 1.50 -22.20
CA ASP H 419 20.34 0.15 -22.46
C ASP H 419 19.73 -0.44 -21.20
N ASN H 420 19.92 0.29 -20.09
CA ASN H 420 19.44 -0.09 -18.77
C ASN H 420 17.99 0.33 -18.55
N LEU H 421 17.70 1.57 -18.94
CA LEU H 421 16.38 2.18 -18.80
C LEU H 421 15.20 1.35 -19.26
N VAL H 422 14.24 1.20 -18.35
CA VAL H 422 13.01 0.46 -18.62
C VAL H 422 11.88 1.43 -18.32
N ARG H 423 10.83 1.39 -19.12
CA ARG H 423 9.68 2.26 -18.91
C ARG H 423 8.50 1.36 -18.67
N PHE H 424 7.89 1.50 -17.50
CA PHE H 424 6.76 0.68 -17.12
C PHE H 424 5.49 1.51 -17.02
N SER H 425 4.47 1.08 -17.74
CA SER H 425 3.19 1.75 -17.69
C SER H 425 2.31 0.82 -16.90
N PHE H 426 1.98 1.22 -15.68
CA PHE H 426 1.18 0.38 -14.82
C PHE H 426 -0.29 0.34 -15.21
N GLY H 427 -0.76 -0.88 -15.46
CA GLY H 427 -2.14 -1.09 -15.86
C GLY H 427 -3.11 -0.86 -14.72
N VAL H 428 -4.23 -1.57 -14.78
CA VAL H 428 -5.27 -1.43 -13.78
C VAL H 428 -5.46 -2.79 -13.10
N GLU H 429 -4.56 -3.72 -13.42
CA GLU H 429 -4.60 -5.04 -12.81
C GLU H 429 -4.36 -4.91 -11.31
N ASP H 430 -4.56 -5.99 -10.58
CA ASP H 430 -4.36 -5.96 -9.13
C ASP H 430 -2.92 -5.69 -8.77
N PHE H 431 -2.71 -4.79 -7.80
CA PHE H 431 -1.37 -4.43 -7.37
C PHE H 431 -0.52 -5.62 -7.00
N ASP H 432 -1.07 -6.56 -6.25
CA ASP H 432 -0.28 -7.71 -5.87
C ASP H 432 0.20 -8.44 -7.09
N ASP H 433 -0.74 -8.88 -7.93
CA ASP H 433 -0.41 -9.60 -9.15
C ASP H 433 0.75 -8.89 -9.84
N LEU H 434 0.65 -7.58 -9.96
CA LEU H 434 1.70 -6.82 -10.61
C LEU H 434 3.00 -7.01 -9.82
N LYS H 435 2.97 -6.63 -8.55
CA LYS H 435 4.13 -6.73 -7.67
C LYS H 435 4.81 -8.09 -7.75
N ALA H 436 4.04 -9.14 -7.54
CA ALA H 436 4.58 -10.48 -7.58
C ALA H 436 5.33 -10.73 -8.88
N ASP H 437 4.71 -10.36 -9.98
CA ASP H 437 5.29 -10.55 -11.31
C ASP H 437 6.61 -9.79 -11.47
N ILE H 438 6.62 -8.50 -11.13
CA ILE H 438 7.82 -7.70 -11.25
C ILE H 438 8.97 -8.28 -10.43
N LEU H 439 8.66 -8.74 -9.22
CA LEU H 439 9.68 -9.30 -8.36
C LEU H 439 10.19 -10.62 -8.94
N GLN H 440 9.26 -11.51 -9.25
CA GLN H 440 9.62 -12.81 -9.81
C GLN H 440 10.59 -12.62 -10.98
N ALA H 441 10.33 -11.59 -11.78
CA ALA H 441 11.15 -11.30 -12.94
C ALA H 441 12.52 -10.79 -12.55
N LEU H 442 12.57 -9.88 -11.58
CA LEU H 442 13.82 -9.31 -11.12
C LEU H 442 14.75 -10.38 -10.53
N ASP H 443 14.16 -11.53 -10.17
CA ASP H 443 14.93 -12.62 -9.60
C ASP H 443 15.73 -13.37 -10.66
N SER H 444 15.17 -13.47 -11.87
CA SER H 444 15.85 -14.17 -12.95
C SER H 444 17.12 -13.45 -13.38
N ILE H 445 17.14 -12.15 -13.17
CA ILE H 445 18.29 -11.33 -13.50
C ILE H 445 19.52 -11.80 -12.71
#